data_7Q6X
#
_entry.id   7Q6X
#
_cell.length_a   248.624
_cell.length_b   110.355
_cell.length_c   160.046
_cell.angle_alpha   90.00
_cell.angle_beta   129.63
_cell.angle_gamma   90.00
#
_symmetry.space_group_name_H-M   'C 1 2 1'
#
loop_
_entity.id
_entity.type
_entity.pdbx_description
1 polymer 'Cytochrome P-450'
2 non-polymer 'PROTOPORPHYRIN IX CONTAINING FE'
3 non-polymer '6-DEOXYERYTHRONOLIDE B'
4 non-polymer 'FORMIC ACID'
5 water water
#
_entity_poly.entity_id   1
_entity_poly.type   'polypeptide(L)'
_entity_poly.pdbx_seq_one_letter_code
;AATHTGPTPADAVPAYPFSLPHALDLDPHYAELRRDEPVSRVRLPYGEGTAWLVTRMSDARIVLGDSRFSTAAATDPATP
RMFPTPPEPDGVLAQDPPDHTRLRRLVGKAFTARRVEEMRPRVRSLVDSLLDDMVAHGSPADLVEFLAVPFPVAVICELL
GVPLEDRDLFRTFSDAMLSSTRLTAAEIQRVQQDFMVYMDGLVAQRRDAPTEDLLGALALATDNDDHLTKGEIVNMGVYL
LIAGHETSVNQITNLVHLLLTERKRYESLVADPALVPAAVEEMLRYTPLVSAGSFVRVATEDVELSTVTVRAGEPCVVHF
ASANRDEEVFDHADELDFHRERNPHIAFGHGAHHCIGAQLGRLELQEALSALVRRFPTLDLAEPVAGLKWKQGMLIRGLE
RQIVSW
;
_entity_poly.pdbx_strand_id   A,B,C,D,E,F
#
loop_
_chem_comp.id
_chem_comp.type
_chem_comp.name
_chem_comp.formula
DEB non-polymer '6-DEOXYERYTHRONOLIDE B' 'C21 H38 O6'
FMT non-polymer 'FORMIC ACID' 'C H2 O2'
HEM non-polymer 'PROTOPORPHYRIN IX CONTAINING FE' 'C34 H32 Fe N4 O4'
#
# COMPACT_ATOMS: atom_id res chain seq x y z
N ALA A 10 -69.12 63.98 -6.81
CA ALA A 10 -67.82 64.38 -6.22
C ALA A 10 -66.85 63.19 -6.15
N ASP A 11 -66.74 62.41 -7.24
CA ASP A 11 -65.71 61.32 -7.37
C ASP A 11 -65.29 61.12 -8.84
N ALA A 12 -64.05 60.67 -9.01
CA ALA A 12 -63.25 60.76 -10.25
C ALA A 12 -62.60 59.41 -10.54
N VAL A 13 -63.21 58.35 -10.03
CA VAL A 13 -62.82 56.95 -10.33
C VAL A 13 -63.40 56.58 -11.69
N PRO A 14 -62.66 55.87 -12.58
CA PRO A 14 -63.20 55.52 -13.89
C PRO A 14 -64.32 54.48 -13.73
N ALA A 15 -65.31 54.57 -14.62
CA ALA A 15 -66.31 53.52 -14.84
C ALA A 15 -65.63 52.26 -15.36
N TYR A 16 -66.00 51.12 -14.75
CA TYR A 16 -65.72 49.74 -15.15
C TYR A 16 -67.03 49.01 -15.41
N PRO A 17 -67.27 48.35 -16.57
CA PRO A 17 -66.27 48.17 -17.62
C PRO A 17 -65.85 49.46 -18.35
N PHE A 18 -64.61 49.46 -18.87
CA PHE A 18 -63.91 50.66 -19.39
C PHE A 18 -64.54 51.04 -20.72
N SER A 19 -64.95 50.03 -21.46
CA SER A 19 -65.52 50.16 -22.83
C SER A 19 -66.53 49.03 -23.07
N LEU A 20 -67.38 49.16 -24.09
CA LEU A 20 -68.21 48.05 -24.66
C LEU A 20 -67.28 47.12 -25.42
N PRO A 21 -67.41 45.78 -25.27
CA PRO A 21 -66.38 44.87 -25.80
C PRO A 21 -66.51 44.65 -27.31
N HIS A 22 -65.39 44.36 -27.97
CA HIS A 22 -65.41 43.95 -29.40
C HIS A 22 -64.86 42.52 -29.51
N ALA A 23 -65.68 41.60 -30.04
CA ALA A 23 -65.30 40.19 -30.23
C ALA A 23 -64.67 39.66 -28.93
N LEU A 24 -63.48 39.05 -29.03
CA LEU A 24 -62.76 38.54 -27.86
C LEU A 24 -61.58 39.47 -27.56
N ASP A 25 -61.62 40.69 -28.12
CA ASP A 25 -60.49 41.66 -28.01
C ASP A 25 -60.46 42.24 -26.60
N LEU A 26 -59.27 42.31 -25.99
CA LEU A 26 -59.05 42.93 -24.67
C LEU A 26 -58.91 44.44 -24.86
N ASP A 27 -59.58 45.22 -24.02
CA ASP A 27 -59.32 46.68 -23.86
C ASP A 27 -57.85 46.81 -23.48
N PRO A 28 -57.09 47.76 -24.07
CA PRO A 28 -55.65 47.87 -23.83
C PRO A 28 -55.29 48.42 -22.44
N HIS A 29 -56.26 49.00 -21.74
CA HIS A 29 -56.06 49.59 -20.39
CA HIS A 29 -56.05 49.60 -20.39
C HIS A 29 -55.58 48.52 -19.41
N TYR A 30 -55.89 47.24 -19.68
CA TYR A 30 -55.52 46.08 -18.83
C TYR A 30 -53.99 45.88 -18.83
N ALA A 31 -53.36 45.91 -20.00
CA ALA A 31 -51.88 45.78 -20.12
C ALA A 31 -51.23 47.02 -19.49
N GLU A 32 -51.78 48.22 -19.72
CA GLU A 32 -51.35 49.47 -19.03
C GLU A 32 -51.44 49.26 -17.52
N LEU A 33 -52.62 48.84 -17.02
CA LEU A 33 -52.89 48.69 -15.56
C LEU A 33 -51.89 47.71 -14.96
N ARG A 34 -51.65 46.58 -15.63
CA ARG A 34 -50.73 45.51 -15.17
C ARG A 34 -49.32 46.05 -14.92
N ARG A 35 -48.79 46.84 -15.87
CA ARG A 35 -47.46 47.49 -15.76
C ARG A 35 -47.46 48.53 -14.63
N ASP A 36 -48.39 49.50 -14.66
CA ASP A 36 -48.25 50.80 -13.95
C ASP A 36 -49.15 50.87 -12.70
N GLU A 37 -50.36 50.30 -12.71
CA GLU A 37 -51.30 50.35 -11.56
CA GLU A 37 -51.28 50.34 -11.54
C GLU A 37 -52.09 49.05 -11.48
N PRO A 38 -51.45 47.89 -11.21
CA PRO A 38 -52.16 46.61 -11.17
C PRO A 38 -53.34 46.48 -10.19
N VAL A 39 -53.43 47.35 -9.18
CA VAL A 39 -54.63 47.44 -8.30
C VAL A 39 -55.11 48.90 -8.29
N SER A 40 -56.23 49.18 -8.97
CA SER A 40 -56.80 50.53 -9.23
C SER A 40 -58.28 50.59 -8.82
N ARG A 41 -58.77 51.76 -8.38
N ARG A 41 -58.76 51.77 -8.41
CA ARG A 41 -60.19 51.93 -7.97
CA ARG A 41 -60.19 51.95 -8.02
C ARG A 41 -61.06 52.06 -9.24
C ARG A 41 -61.05 52.06 -9.26
N VAL A 42 -62.33 51.67 -9.15
CA VAL A 42 -63.31 51.66 -10.28
C VAL A 42 -64.71 51.81 -9.70
N ARG A 43 -65.61 52.31 -10.54
CA ARG A 43 -67.07 52.40 -10.27
C ARG A 43 -67.75 51.33 -11.12
N LEU A 44 -68.28 50.30 -10.47
CA LEU A 44 -68.99 49.19 -11.14
C LEU A 44 -70.37 49.69 -11.51
N PRO A 45 -71.04 49.09 -12.53
CA PRO A 45 -72.27 49.62 -13.10
C PRO A 45 -73.51 49.61 -12.18
N TYR A 46 -73.48 48.79 -11.11
CA TYR A 46 -74.57 48.68 -10.11
C TYR A 46 -73.95 48.57 -8.72
N GLY A 47 -74.77 48.81 -7.68
CA GLY A 47 -74.36 48.98 -6.27
C GLY A 47 -73.76 50.36 -6.01
N GLU A 48 -73.47 50.69 -4.75
CA GLU A 48 -72.95 52.02 -4.35
C GLU A 48 -71.44 51.94 -4.17
N GLY A 49 -70.73 52.99 -4.59
CA GLY A 49 -69.35 53.24 -4.16
C GLY A 49 -68.34 52.70 -5.13
N THR A 50 -67.17 52.33 -4.61
CA THR A 50 -65.97 52.01 -5.42
C THR A 50 -65.42 50.64 -5.00
N ALA A 51 -64.70 49.96 -5.93
CA ALA A 51 -64.07 48.63 -5.73
C ALA A 51 -62.67 48.64 -6.34
N TRP A 52 -61.75 47.88 -5.78
CA TRP A 52 -60.41 47.66 -6.40
C TRP A 52 -60.58 46.73 -7.59
N LEU A 53 -60.15 47.12 -8.79
CA LEU A 53 -60.00 46.17 -9.90
C LEU A 53 -58.63 45.49 -9.78
N VAL A 54 -58.57 44.17 -9.82
CA VAL A 54 -57.29 43.39 -9.78
C VAL A 54 -57.04 42.76 -11.17
N THR A 55 -55.83 42.93 -11.72
CA THR A 55 -55.50 42.68 -13.15
C THR A 55 -54.28 41.75 -13.34
N ARG A 56 -53.52 41.49 -12.28
CA ARG A 56 -52.31 40.61 -12.23
CA ARG A 56 -52.35 40.56 -12.34
C ARG A 56 -52.67 39.27 -11.56
N MET A 57 -52.05 38.18 -11.98
CA MET A 57 -52.28 36.82 -11.41
C MET A 57 -52.03 36.75 -9.88
N SER A 58 -50.85 37.16 -9.40
CA SER A 58 -50.44 37.01 -7.98
CA SER A 58 -50.47 36.94 -7.98
C SER A 58 -51.54 37.55 -7.05
N ASP A 59 -52.14 38.67 -7.45
CA ASP A 59 -53.17 39.39 -6.64
C ASP A 59 -54.49 38.63 -6.80
N ALA A 60 -54.89 38.33 -8.04
CA ALA A 60 -56.07 37.50 -8.38
C ALA A 60 -56.16 36.30 -7.44
N ARG A 61 -55.06 35.56 -7.29
CA ARG A 61 -54.99 34.33 -6.45
C ARG A 61 -55.20 34.66 -4.98
N ILE A 62 -54.87 35.88 -4.52
CA ILE A 62 -55.12 36.28 -3.10
CA ILE A 62 -55.11 36.26 -3.09
C ILE A 62 -56.61 36.59 -2.92
N VAL A 63 -57.19 37.33 -3.86
CA VAL A 63 -58.62 37.75 -3.78
C VAL A 63 -59.50 36.50 -3.84
N LEU A 64 -59.23 35.61 -4.78
CA LEU A 64 -59.96 34.33 -4.97
C LEU A 64 -59.60 33.32 -3.86
N GLY A 65 -58.34 33.30 -3.39
CA GLY A 65 -57.77 32.24 -2.55
C GLY A 65 -58.00 32.44 -1.05
N ASP A 66 -57.83 33.66 -0.57
CA ASP A 66 -57.68 33.95 0.88
C ASP A 66 -59.05 34.00 1.56
N SER A 67 -59.15 33.42 2.76
CA SER A 67 -60.38 33.38 3.59
C SER A 67 -60.82 34.77 4.07
N ARG A 68 -59.98 35.79 3.92
CA ARG A 68 -60.25 37.16 4.42
C ARG A 68 -60.96 37.97 3.33
N PHE A 69 -61.09 37.38 2.12
CA PHE A 69 -62.05 37.80 1.07
C PHE A 69 -63.29 36.91 1.12
N SER A 70 -64.45 37.56 1.28
CA SER A 70 -65.79 36.99 1.52
C SER A 70 -66.66 37.38 0.34
N THR A 71 -67.33 36.41 -0.28
CA THR A 71 -68.40 36.56 -1.30
C THR A 71 -69.78 36.69 -0.63
N ALA A 72 -70.01 36.02 0.50
CA ALA A 72 -71.26 36.15 1.30
C ALA A 72 -71.52 37.64 1.61
N ALA A 73 -70.45 38.41 1.80
CA ALA A 73 -70.52 39.80 2.29
C ALA A 73 -70.99 40.70 1.15
N ALA A 74 -70.76 40.25 -0.08
CA ALA A 74 -71.13 41.00 -1.31
C ALA A 74 -72.62 40.87 -1.61
N THR A 75 -73.43 40.18 -0.79
CA THR A 75 -74.91 40.02 -1.00
C THR A 75 -75.65 41.32 -0.64
N ASP A 76 -74.99 42.22 0.09
CA ASP A 76 -75.55 43.53 0.49
C ASP A 76 -75.80 44.31 -0.81
N PRO A 77 -77.05 44.79 -1.02
CA PRO A 77 -77.41 45.57 -2.20
C PRO A 77 -76.48 46.75 -2.52
N ALA A 78 -75.88 47.35 -1.49
CA ALA A 78 -75.02 48.56 -1.62
C ALA A 78 -73.65 48.21 -2.19
N THR A 79 -73.25 46.93 -2.08
CA THR A 79 -71.96 46.39 -2.58
C THR A 79 -71.94 46.52 -4.10
N PRO A 80 -70.88 47.12 -4.66
CA PRO A 80 -70.68 47.15 -6.10
C PRO A 80 -70.74 45.74 -6.73
N ARG A 81 -71.27 45.66 -7.95
CA ARG A 81 -71.53 44.42 -8.70
C ARG A 81 -71.60 44.73 -10.20
N MET A 82 -71.49 43.71 -11.05
CA MET A 82 -71.34 43.86 -12.52
C MET A 82 -72.70 43.69 -13.18
N PHE A 83 -73.67 43.27 -12.37
CA PHE A 83 -74.99 42.79 -12.85
C PHE A 83 -76.09 43.52 -12.10
N PRO A 84 -77.24 43.74 -12.76
CA PRO A 84 -78.35 44.52 -12.21
C PRO A 84 -78.87 44.07 -10.84
N THR A 85 -79.35 42.84 -10.75
CA THR A 85 -79.92 42.22 -9.52
C THR A 85 -78.88 42.17 -8.41
N PRO A 86 -79.21 42.56 -7.16
CA PRO A 86 -78.41 42.17 -6.00
C PRO A 86 -78.34 40.65 -5.86
N PRO A 87 -77.19 40.07 -5.46
CA PRO A 87 -76.95 38.64 -5.64
C PRO A 87 -77.75 37.78 -4.65
N GLU A 88 -78.10 36.57 -5.07
CA GLU A 88 -78.90 35.62 -4.25
C GLU A 88 -78.00 35.11 -3.13
N PRO A 89 -78.32 35.38 -1.85
CA PRO A 89 -77.60 34.82 -0.70
C PRO A 89 -77.55 33.29 -0.61
N ASP A 90 -78.51 32.58 -1.21
CA ASP A 90 -78.53 31.08 -1.18
C ASP A 90 -77.80 30.53 -2.40
N GLY A 91 -77.27 31.42 -3.24
CA GLY A 91 -76.39 31.05 -4.35
C GLY A 91 -75.05 30.54 -3.84
N VAL A 92 -74.41 29.66 -4.61
CA VAL A 92 -73.09 29.03 -4.30
C VAL A 92 -72.04 30.13 -4.18
N LEU A 93 -71.93 30.96 -5.21
CA LEU A 93 -70.93 32.06 -5.28
C LEU A 93 -71.02 32.97 -4.06
N ALA A 94 -72.15 33.02 -3.34
CA ALA A 94 -72.36 33.93 -2.18
C ALA A 94 -72.26 33.19 -0.84
N GLN A 95 -71.71 31.98 -0.85
CA GLN A 95 -71.33 31.20 0.36
C GLN A 95 -69.82 31.30 0.58
N ASP A 96 -69.39 31.57 1.81
CA ASP A 96 -67.98 31.39 2.28
C ASP A 96 -67.86 30.03 2.95
N PRO A 97 -66.67 29.38 2.87
CA PRO A 97 -66.41 28.16 3.62
C PRO A 97 -66.43 28.50 5.10
N PRO A 98 -66.81 27.55 5.98
CA PRO A 98 -67.09 26.17 5.59
C PRO A 98 -68.52 25.82 5.13
N ASP A 99 -69.45 26.78 5.09
CA ASP A 99 -70.83 26.51 4.60
C ASP A 99 -70.75 26.15 3.12
N HIS A 100 -69.88 26.86 2.40
CA HIS A 100 -69.65 26.65 0.95
CA HIS A 100 -69.63 26.65 0.94
C HIS A 100 -69.18 25.22 0.70
N THR A 101 -68.38 24.67 1.62
CA THR A 101 -67.79 23.32 1.44
C THR A 101 -68.93 22.30 1.53
N ARG A 102 -69.82 22.45 2.52
CA ARG A 102 -71.00 21.57 2.73
C ARG A 102 -71.89 21.60 1.48
N LEU A 103 -72.20 22.79 0.96
CA LEU A 103 -73.02 22.95 -0.27
C LEU A 103 -72.32 22.28 -1.45
N ARG A 104 -71.04 22.56 -1.69
CA ARG A 104 -70.28 21.97 -2.82
C ARG A 104 -70.35 20.44 -2.75
N ARG A 105 -70.51 19.89 -1.55
CA ARG A 105 -70.42 18.44 -1.27
CA ARG A 105 -70.41 18.43 -1.25
C ARG A 105 -71.73 17.75 -1.65
N LEU A 106 -72.82 18.53 -1.70
CA LEU A 106 -74.16 18.09 -2.17
C LEU A 106 -74.04 17.35 -3.51
N VAL A 107 -73.18 17.85 -4.37
CA VAL A 107 -73.22 17.65 -5.85
C VAL A 107 -71.82 17.34 -6.38
N GLY A 108 -70.80 17.44 -5.53
CA GLY A 108 -69.38 17.47 -5.93
C GLY A 108 -68.96 16.18 -6.59
N LYS A 109 -69.43 15.04 -6.06
CA LYS A 109 -69.08 13.66 -6.48
CA LYS A 109 -68.88 13.74 -6.52
C LYS A 109 -69.23 13.52 -7.99
N ALA A 110 -70.29 14.10 -8.53
CA ALA A 110 -70.69 13.97 -9.95
C ALA A 110 -69.65 14.59 -10.91
N PHE A 111 -68.84 15.56 -10.46
CA PHE A 111 -68.03 16.45 -11.34
C PHE A 111 -66.52 16.22 -11.18
N THR A 112 -66.13 15.29 -10.30
CA THR A 112 -64.72 14.81 -10.12
C THR A 112 -64.14 14.37 -11.48
N ALA A 113 -62.88 14.70 -11.74
CA ALA A 113 -62.22 14.34 -13.01
C ALA A 113 -62.50 12.87 -13.36
N ARG A 114 -62.54 11.96 -12.37
CA ARG A 114 -62.76 10.49 -12.56
CA ARG A 114 -62.73 10.50 -12.64
C ARG A 114 -64.11 10.24 -13.26
N ARG A 115 -65.20 10.68 -12.60
CA ARG A 115 -66.59 10.52 -13.13
C ARG A 115 -66.72 11.23 -14.49
N VAL A 116 -66.25 12.46 -14.61
CA VAL A 116 -66.36 13.20 -15.90
C VAL A 116 -65.72 12.35 -17.00
N GLU A 117 -64.57 11.74 -16.73
CA GLU A 117 -63.83 10.96 -17.75
C GLU A 117 -64.72 9.79 -18.16
N GLU A 118 -65.50 9.24 -17.21
CA GLU A 118 -66.46 8.12 -17.46
C GLU A 118 -67.49 8.52 -18.52
N MET A 119 -67.69 9.82 -18.74
CA MET A 119 -68.67 10.36 -19.73
C MET A 119 -68.08 10.45 -21.14
N ARG A 120 -66.76 10.38 -21.33
CA ARG A 120 -66.18 10.66 -22.68
C ARG A 120 -66.97 9.87 -23.73
N PRO A 121 -67.29 8.58 -23.55
CA PRO A 121 -68.02 7.80 -24.57
C PRO A 121 -69.42 8.31 -24.93
N ARG A 122 -70.38 8.40 -24.00
CA ARG A 122 -71.68 9.09 -24.25
CA ARG A 122 -71.69 9.07 -24.28
C ARG A 122 -71.39 10.36 -25.06
N VAL A 123 -70.63 11.27 -24.44
CA VAL A 123 -70.38 12.64 -24.94
C VAL A 123 -69.83 12.58 -26.37
N ARG A 124 -68.98 11.60 -26.68
CA ARG A 124 -68.33 11.48 -28.01
C ARG A 124 -69.35 11.00 -29.05
N SER A 125 -70.21 10.05 -28.68
CA SER A 125 -71.20 9.47 -29.63
CA SER A 125 -71.25 9.44 -29.56
C SER A 125 -72.30 10.50 -29.91
N LEU A 126 -72.47 11.46 -29.00
CA LEU A 126 -73.46 12.57 -29.07
C LEU A 126 -72.92 13.66 -29.99
N VAL A 127 -71.72 14.13 -29.74
CA VAL A 127 -71.03 15.10 -30.64
C VAL A 127 -71.08 14.51 -32.05
N ASP A 128 -70.82 13.22 -32.18
CA ASP A 128 -70.73 12.53 -33.49
C ASP A 128 -72.10 12.64 -34.17
N SER A 129 -73.14 12.25 -33.45
CA SER A 129 -74.55 12.26 -33.92
C SER A 129 -74.93 13.66 -34.46
N LEU A 130 -74.57 14.74 -33.77
CA LEU A 130 -74.96 16.13 -34.14
C LEU A 130 -74.18 16.57 -35.37
N LEU A 131 -72.88 16.23 -35.42
CA LEU A 131 -72.04 16.47 -36.63
C LEU A 131 -72.62 15.72 -37.83
N ASP A 132 -73.35 14.60 -37.63
CA ASP A 132 -74.08 13.87 -38.71
C ASP A 132 -75.20 14.74 -39.26
N ASP A 133 -76.14 15.14 -38.39
CA ASP A 133 -77.27 16.03 -38.72
C ASP A 133 -76.74 17.24 -39.51
N MET A 134 -75.56 17.75 -39.14
CA MET A 134 -74.95 18.94 -39.79
C MET A 134 -74.43 18.61 -41.20
N VAL A 135 -74.09 17.34 -41.50
CA VAL A 135 -73.65 16.95 -42.88
C VAL A 135 -74.87 16.53 -43.69
N ALA A 136 -75.92 16.01 -43.03
CA ALA A 136 -77.25 15.81 -43.65
C ALA A 136 -77.68 17.11 -44.32
N HIS A 137 -77.78 18.20 -43.54
CA HIS A 137 -78.20 19.55 -43.99
C HIS A 137 -77.19 20.11 -45.01
N GLY A 138 -75.93 19.67 -44.95
CA GLY A 138 -74.90 20.02 -45.94
C GLY A 138 -74.42 21.46 -45.81
N SER A 139 -73.24 21.74 -46.35
CA SER A 139 -72.55 23.04 -46.28
C SER A 139 -73.20 24.03 -47.26
N PRO A 140 -73.29 25.34 -46.92
CA PRO A 140 -72.93 25.87 -45.60
C PRO A 140 -74.06 25.75 -44.55
N ALA A 141 -73.68 25.60 -43.27
CA ALA A 141 -74.60 25.52 -42.11
C ALA A 141 -74.07 26.35 -40.94
N ASP A 142 -74.93 26.53 -39.95
CA ASP A 142 -74.71 27.36 -38.74
C ASP A 142 -74.21 26.45 -37.61
N LEU A 143 -72.93 26.59 -37.25
CA LEU A 143 -72.25 25.74 -36.24
C LEU A 143 -72.94 25.87 -34.88
N VAL A 144 -73.57 27.02 -34.62
CA VAL A 144 -74.32 27.30 -33.36
C VAL A 144 -75.60 26.45 -33.34
N GLU A 145 -76.31 26.39 -34.46
CA GLU A 145 -77.58 25.64 -34.54
CA GLU A 145 -77.59 25.64 -34.54
C GLU A 145 -77.29 24.14 -34.38
N PHE A 146 -76.24 23.64 -35.04
CA PHE A 146 -76.04 22.17 -35.24
C PHE A 146 -75.15 21.55 -34.17
N LEU A 147 -74.27 22.32 -33.51
CA LEU A 147 -73.31 21.79 -32.50
C LEU A 147 -73.28 22.62 -31.21
N ALA A 148 -73.12 23.94 -31.29
CA ALA A 148 -72.75 24.77 -30.12
C ALA A 148 -73.85 24.71 -29.05
N VAL A 149 -75.12 24.81 -29.43
CA VAL A 149 -76.26 24.84 -28.47
C VAL A 149 -76.68 23.41 -28.12
N PRO A 150 -76.96 22.52 -29.10
CA PRO A 150 -77.61 21.24 -28.81
C PRO A 150 -76.72 20.25 -28.03
N PHE A 151 -75.39 20.38 -28.11
CA PHE A 151 -74.42 19.42 -27.50
C PHE A 151 -74.27 19.66 -26.00
N PRO A 152 -73.86 20.86 -25.53
CA PRO A 152 -73.85 21.17 -24.10
C PRO A 152 -75.20 21.03 -23.40
N VAL A 153 -76.28 21.32 -24.14
CA VAL A 153 -77.68 21.33 -23.62
C VAL A 153 -78.07 19.87 -23.37
N ALA A 154 -77.73 18.99 -24.31
CA ALA A 154 -77.97 17.52 -24.22
C ALA A 154 -77.26 16.97 -22.98
N VAL A 155 -75.97 17.28 -22.83
CA VAL A 155 -75.11 16.71 -21.76
C VAL A 155 -75.61 17.17 -20.39
N ILE A 156 -75.92 18.44 -20.21
CA ILE A 156 -76.31 18.94 -18.85
C ILE A 156 -77.69 18.37 -18.48
N CYS A 157 -78.54 18.15 -19.48
CA CYS A 157 -79.92 17.65 -19.28
C CYS A 157 -79.85 16.19 -18.83
N GLU A 158 -79.09 15.34 -19.53
CA GLU A 158 -78.90 13.94 -19.08
CA GLU A 158 -78.82 13.94 -19.12
C GLU A 158 -78.28 13.97 -17.68
N LEU A 159 -77.23 14.76 -17.47
CA LEU A 159 -76.50 14.82 -16.18
C LEU A 159 -77.45 15.23 -15.07
N LEU A 160 -78.17 16.32 -15.28
CA LEU A 160 -79.05 16.89 -14.23
C LEU A 160 -80.34 16.08 -14.12
N GLY A 161 -80.82 15.53 -15.24
CA GLY A 161 -82.17 14.96 -15.37
C GLY A 161 -83.20 16.02 -15.69
N VAL A 162 -82.83 16.98 -16.55
CA VAL A 162 -83.79 17.98 -17.09
C VAL A 162 -84.29 17.46 -18.42
N PRO A 163 -85.59 17.62 -18.73
CA PRO A 163 -86.14 17.19 -20.01
C PRO A 163 -85.51 18.03 -21.13
N LEU A 164 -84.88 17.36 -22.10
CA LEU A 164 -84.24 18.04 -23.25
C LEU A 164 -85.28 18.92 -23.95
N GLU A 165 -86.57 18.64 -23.75
CA GLU A 165 -87.68 19.38 -24.44
CA GLU A 165 -87.70 19.37 -24.41
C GLU A 165 -88.00 20.73 -23.77
N ASP A 166 -87.43 21.00 -22.60
CA ASP A 166 -87.66 22.31 -21.95
C ASP A 166 -86.51 23.26 -22.32
N ARG A 167 -85.74 22.92 -23.34
CA ARG A 167 -84.52 23.69 -23.73
C ARG A 167 -84.86 25.17 -23.91
N ASP A 168 -85.85 25.49 -24.73
CA ASP A 168 -86.22 26.90 -25.06
C ASP A 168 -86.60 27.62 -23.77
N LEU A 169 -87.28 26.91 -22.87
CA LEU A 169 -87.71 27.47 -21.56
C LEU A 169 -86.50 27.88 -20.72
N PHE A 170 -85.53 26.98 -20.48
CA PHE A 170 -84.45 27.29 -19.52
C PHE A 170 -83.35 28.09 -20.23
N ARG A 171 -83.17 27.91 -21.53
CA ARG A 171 -82.32 28.82 -22.36
C ARG A 171 -82.78 30.27 -22.19
N THR A 172 -84.08 30.53 -22.34
CA THR A 172 -84.69 31.89 -22.16
C THR A 172 -84.34 32.41 -20.77
N PHE A 173 -84.64 31.61 -19.73
CA PHE A 173 -84.38 31.92 -18.31
C PHE A 173 -82.90 32.27 -18.11
N SER A 174 -82.02 31.53 -18.78
CA SER A 174 -80.56 31.57 -18.57
C SER A 174 -79.94 32.79 -19.25
N ASP A 175 -80.36 33.13 -20.46
CA ASP A 175 -79.83 34.34 -21.18
C ASP A 175 -80.17 35.57 -20.34
N ALA A 176 -81.34 35.61 -19.72
CA ALA A 176 -81.84 36.74 -18.89
C ALA A 176 -80.97 36.90 -17.65
N MET A 177 -80.63 35.80 -16.99
CA MET A 177 -79.88 35.84 -15.71
C MET A 177 -78.39 36.10 -15.96
N LEU A 178 -77.89 35.98 -17.19
CA LEU A 178 -76.48 36.31 -17.56
C LEU A 178 -76.43 37.68 -18.23
N SER A 179 -77.41 38.51 -17.89
CA SER A 179 -77.58 39.92 -18.38
CA SER A 179 -77.55 39.90 -18.40
C SER A 179 -76.65 40.85 -17.59
N SER A 180 -75.92 41.71 -18.30
CA SER A 180 -75.16 42.87 -17.73
C SER A 180 -76.03 44.12 -17.87
N THR A 181 -76.24 44.55 -19.11
CA THR A 181 -76.86 45.85 -19.49
C THR A 181 -78.14 45.63 -20.31
N ARG A 182 -78.37 44.41 -20.82
CA ARG A 182 -79.48 44.06 -21.75
C ARG A 182 -80.84 44.20 -21.08
N LEU A 183 -81.02 43.59 -19.91
CA LEU A 183 -82.28 43.64 -19.13
C LEU A 183 -82.06 44.42 -17.84
N THR A 184 -83.17 44.83 -17.22
CA THR A 184 -83.23 45.67 -15.99
C THR A 184 -83.40 44.77 -14.76
N ALA A 185 -83.18 45.34 -13.58
CA ALA A 185 -83.29 44.62 -12.28
C ALA A 185 -84.61 43.84 -12.24
N ALA A 186 -85.73 44.45 -12.60
CA ALA A 186 -87.07 43.85 -12.46
C ALA A 186 -87.25 42.75 -13.52
N GLU A 187 -86.91 43.03 -14.78
CA GLU A 187 -87.00 42.00 -15.85
C GLU A 187 -86.37 40.71 -15.27
N ILE A 188 -85.21 40.88 -14.62
CA ILE A 188 -84.28 39.78 -14.17
C ILE A 188 -84.83 39.13 -12.89
N GLN A 189 -85.25 39.90 -11.88
N GLN A 189 -85.20 39.94 -11.90
CA GLN A 189 -85.82 39.31 -10.64
CA GLN A 189 -85.88 39.51 -10.64
C GLN A 189 -87.05 38.47 -11.00
C GLN A 189 -87.04 38.56 -10.98
N ARG A 190 -87.86 38.92 -11.98
CA ARG A 190 -89.05 38.18 -12.45
C ARG A 190 -88.64 36.79 -12.97
N VAL A 191 -87.63 36.74 -13.83
CA VAL A 191 -87.12 35.48 -14.43
C VAL A 191 -86.60 34.55 -13.32
N GLN A 192 -85.88 35.10 -12.34
CA GLN A 192 -85.30 34.36 -11.19
C GLN A 192 -86.37 33.55 -10.48
N GLN A 193 -87.49 34.19 -10.18
CA GLN A 193 -88.60 33.59 -9.40
C GLN A 193 -89.24 32.47 -10.21
N ASP A 194 -89.35 32.65 -11.53
CA ASP A 194 -89.89 31.60 -12.44
C ASP A 194 -88.90 30.43 -12.44
N PHE A 195 -87.61 30.69 -12.70
CA PHE A 195 -86.55 29.64 -12.60
C PHE A 195 -86.64 28.93 -11.23
N MET A 196 -86.52 29.65 -10.10
CA MET A 196 -86.60 29.02 -8.75
CA MET A 196 -86.61 29.05 -8.73
C MET A 196 -87.74 28.00 -8.72
N VAL A 197 -88.94 28.46 -9.07
CA VAL A 197 -90.25 27.75 -9.00
C VAL A 197 -90.25 26.56 -9.96
N TYR A 198 -89.76 26.76 -11.19
CA TYR A 198 -89.58 25.70 -12.22
C TYR A 198 -88.62 24.62 -11.71
N MET A 199 -87.45 25.02 -11.22
CA MET A 199 -86.42 24.06 -10.71
C MET A 199 -86.97 23.41 -9.43
N ASP A 200 -87.67 24.19 -8.60
CA ASP A 200 -88.28 23.67 -7.35
C ASP A 200 -89.33 22.61 -7.72
N GLY A 201 -90.06 22.85 -8.81
CA GLY A 201 -91.02 21.89 -9.38
C GLY A 201 -90.35 20.61 -9.83
N LEU A 202 -89.21 20.71 -10.51
CA LEU A 202 -88.51 19.54 -11.11
C LEU A 202 -88.01 18.59 -10.01
N VAL A 203 -87.65 19.11 -8.82
CA VAL A 203 -87.03 18.28 -7.74
C VAL A 203 -88.17 17.59 -6.96
N ALA A 204 -89.33 18.23 -6.88
CA ALA A 204 -90.55 17.68 -6.23
C ALA A 204 -91.08 16.47 -7.02
N GLN A 205 -91.06 16.53 -8.35
CA GLN A 205 -91.45 15.40 -9.26
CA GLN A 205 -91.55 15.38 -9.18
C GLN A 205 -90.81 14.09 -8.75
N ARG A 206 -89.75 14.23 -7.94
CA ARG A 206 -88.93 13.08 -7.43
C ARG A 206 -89.23 12.74 -5.96
N ARG A 207 -90.35 13.25 -5.42
CA ARG A 207 -90.71 13.06 -3.98
CA ARG A 207 -90.73 13.08 -3.99
C ARG A 207 -91.02 11.59 -3.70
N ASP A 208 -91.88 10.97 -4.52
CA ASP A 208 -92.28 9.55 -4.31
CA ASP A 208 -92.35 9.57 -4.36
C ASP A 208 -91.85 8.71 -5.53
N ALA A 209 -90.83 9.20 -6.27
CA ALA A 209 -90.28 8.54 -7.49
C ALA A 209 -88.85 9.03 -7.78
N PRO A 210 -87.84 8.69 -6.94
CA PRO A 210 -86.49 9.22 -7.12
C PRO A 210 -85.84 8.74 -8.42
N THR A 211 -84.73 9.41 -8.80
CA THR A 211 -84.04 9.29 -10.12
C THR A 211 -82.54 9.18 -9.87
N GLU A 212 -81.79 8.54 -10.79
CA GLU A 212 -80.30 8.39 -10.71
CA GLU A 212 -80.32 8.38 -10.71
C GLU A 212 -79.67 9.52 -11.53
N ASP A 213 -79.74 10.73 -10.96
CA ASP A 213 -79.28 11.98 -11.59
C ASP A 213 -79.22 13.05 -10.51
N LEU A 214 -78.51 14.14 -10.76
CA LEU A 214 -78.25 15.17 -9.74
CA LEU A 214 -78.24 15.20 -9.76
C LEU A 214 -79.55 15.66 -9.13
N LEU A 215 -80.59 15.83 -9.95
CA LEU A 215 -81.89 16.35 -9.44
C LEU A 215 -82.42 15.39 -8.36
N GLY A 216 -82.24 14.07 -8.60
CA GLY A 216 -82.37 12.99 -7.60
C GLY A 216 -81.63 13.32 -6.30
N ALA A 217 -80.30 13.48 -6.37
CA ALA A 217 -79.46 13.88 -5.22
C ALA A 217 -80.06 15.13 -4.54
N LEU A 218 -80.49 16.11 -5.32
CA LEU A 218 -81.04 17.37 -4.76
C LEU A 218 -82.34 17.07 -4.01
N ALA A 219 -83.22 16.25 -4.60
CA ALA A 219 -84.48 15.80 -3.98
C ALA A 219 -84.17 15.12 -2.64
N LEU A 220 -83.26 14.16 -2.63
CA LEU A 220 -82.85 13.42 -1.40
C LEU A 220 -82.42 14.40 -0.31
N ALA A 221 -81.57 15.37 -0.66
CA ALA A 221 -81.02 16.35 0.31
C ALA A 221 -82.15 17.15 0.97
N THR A 222 -83.34 17.21 0.34
CA THR A 222 -84.49 18.05 0.74
C THR A 222 -85.00 17.63 2.14
N ASP A 223 -85.13 16.32 2.41
CA ASP A 223 -85.72 15.73 3.64
CA ASP A 223 -85.61 15.92 3.77
C ASP A 223 -84.68 14.90 4.42
N ASN A 224 -83.47 14.70 3.87
CA ASN A 224 -82.41 13.82 4.45
C ASN A 224 -81.15 14.59 4.84
N ASP A 225 -81.17 15.94 4.77
CA ASP A 225 -80.05 16.80 5.22
CA ASP A 225 -80.05 16.81 5.21
C ASP A 225 -80.63 17.98 6.02
N ASP A 226 -80.28 18.04 7.31
CA ASP A 226 -80.85 19.01 8.29
CA ASP A 226 -80.85 19.01 8.29
C ASP A 226 -80.01 20.30 8.31
N HIS A 227 -78.87 20.32 7.61
CA HIS A 227 -77.94 21.50 7.64
CA HIS A 227 -77.89 21.44 7.61
C HIS A 227 -78.07 22.33 6.37
N LEU A 228 -78.56 21.76 5.25
CA LEU A 228 -78.77 22.48 3.96
C LEU A 228 -80.24 22.90 3.81
N THR A 229 -80.46 24.16 3.40
CA THR A 229 -81.81 24.78 3.21
C THR A 229 -82.32 24.49 1.78
N LYS A 230 -83.62 24.66 1.55
CA LYS A 230 -84.29 24.38 0.25
C LYS A 230 -83.79 25.43 -0.75
N GLY A 231 -83.78 26.70 -0.34
CA GLY A 231 -83.09 27.80 -1.06
C GLY A 231 -81.77 27.35 -1.65
N GLU A 232 -80.84 26.91 -0.80
CA GLU A 232 -79.47 26.50 -1.19
C GLU A 232 -79.57 25.34 -2.19
N ILE A 233 -80.34 24.30 -1.86
CA ILE A 233 -80.42 23.06 -2.69
C ILE A 233 -81.01 23.42 -4.06
N VAL A 234 -82.14 24.13 -4.09
CA VAL A 234 -82.84 24.45 -5.37
C VAL A 234 -81.93 25.34 -6.21
N ASN A 235 -81.36 26.39 -5.59
CA ASN A 235 -80.45 27.32 -6.31
C ASN A 235 -79.32 26.54 -6.96
N MET A 236 -78.82 25.47 -6.32
CA MET A 236 -77.76 24.63 -6.93
C MET A 236 -78.28 24.04 -8.26
N GLY A 237 -79.52 23.57 -8.30
CA GLY A 237 -80.10 23.06 -9.56
C GLY A 237 -80.02 24.11 -10.63
N VAL A 238 -80.44 25.34 -10.30
CA VAL A 238 -80.54 26.48 -11.26
C VAL A 238 -79.15 26.83 -11.79
N TYR A 239 -78.18 27.03 -10.88
CA TYR A 239 -76.82 27.55 -11.17
C TYR A 239 -76.07 26.53 -12.03
N LEU A 240 -76.11 25.26 -11.62
CA LEU A 240 -75.60 24.14 -12.46
C LEU A 240 -76.23 24.21 -13.83
N LEU A 241 -77.54 24.40 -13.93
CA LEU A 241 -78.26 24.31 -15.23
C LEU A 241 -77.87 25.50 -16.12
N ILE A 242 -77.81 26.72 -15.58
CA ILE A 242 -77.35 27.93 -16.31
C ILE A 242 -75.91 27.69 -16.76
N ALA A 243 -75.02 27.53 -15.78
CA ALA A 243 -73.56 27.46 -16.00
C ALA A 243 -73.23 26.27 -16.91
N GLY A 244 -73.96 25.17 -16.75
CA GLY A 244 -73.68 23.87 -17.38
C GLY A 244 -73.93 23.86 -18.89
N HIS A 245 -74.58 24.87 -19.44
CA HIS A 245 -74.73 25.00 -20.91
C HIS A 245 -74.24 26.38 -21.39
N GLU A 246 -74.46 27.47 -20.64
CA GLU A 246 -74.16 28.82 -21.15
C GLU A 246 -72.65 28.96 -21.40
N THR A 247 -71.82 28.52 -20.47
CA THR A 247 -70.35 28.55 -20.59
C THR A 247 -69.90 27.78 -21.83
N SER A 248 -70.26 26.51 -21.95
CA SER A 248 -69.70 25.62 -23.01
C SER A 248 -70.18 26.08 -24.38
N VAL A 249 -71.46 26.43 -24.49
CA VAL A 249 -72.10 26.87 -25.78
C VAL A 249 -71.27 28.03 -26.33
N ASN A 250 -71.15 29.10 -25.55
CA ASN A 250 -70.38 30.30 -25.94
C ASN A 250 -68.95 29.88 -26.22
N GLN A 251 -68.40 29.04 -25.36
CA GLN A 251 -66.95 28.76 -25.32
C GLN A 251 -66.54 27.89 -26.52
N ILE A 252 -67.45 27.06 -27.07
CA ILE A 252 -67.21 26.34 -28.35
C ILE A 252 -67.12 27.36 -29.49
N THR A 253 -68.06 28.31 -29.57
CA THR A 253 -68.08 29.33 -30.66
C THR A 253 -66.81 30.16 -30.61
N ASN A 254 -66.28 30.46 -29.41
CA ASN A 254 -65.09 31.32 -29.23
C ASN A 254 -63.84 30.57 -29.71
N LEU A 255 -63.71 29.30 -29.31
CA LEU A 255 -62.57 28.44 -29.72
C LEU A 255 -62.58 28.35 -31.25
N VAL A 256 -63.72 28.00 -31.82
CA VAL A 256 -63.80 27.84 -33.29
C VAL A 256 -63.43 29.19 -33.92
N HIS A 257 -63.92 30.29 -33.38
CA HIS A 257 -63.63 31.64 -33.92
C HIS A 257 -62.13 31.89 -33.89
N LEU A 258 -61.45 31.65 -32.77
CA LEU A 258 -59.98 31.89 -32.70
C LEU A 258 -59.28 31.06 -33.77
N LEU A 259 -59.71 29.82 -33.98
CA LEU A 259 -58.98 28.87 -34.85
C LEU A 259 -59.12 29.32 -36.30
N LEU A 260 -60.35 29.57 -36.76
CA LEU A 260 -60.68 29.82 -38.18
C LEU A 260 -60.26 31.22 -38.65
N THR A 261 -60.04 32.18 -37.75
CA THR A 261 -59.74 33.58 -38.15
C THR A 261 -58.26 33.68 -38.54
N GLU A 262 -57.37 33.03 -37.78
CA GLU A 262 -56.00 32.69 -38.24
CA GLU A 262 -55.98 32.70 -38.19
C GLU A 262 -55.94 31.17 -38.46
N ARG A 263 -56.49 30.74 -39.62
CA ARG A 263 -56.71 29.34 -40.08
C ARG A 263 -55.49 28.46 -39.76
N LYS A 264 -54.29 29.06 -39.81
CA LYS A 264 -53.01 28.47 -39.33
CA LYS A 264 -53.02 28.40 -39.39
C LYS A 264 -53.29 27.54 -38.15
N ARG A 265 -53.93 28.10 -37.12
CA ARG A 265 -54.22 27.45 -35.82
C ARG A 265 -55.01 26.16 -36.06
N TYR A 266 -56.13 26.26 -36.79
CA TYR A 266 -56.98 25.08 -37.09
C TYR A 266 -56.11 24.02 -37.77
N GLU A 267 -55.27 24.44 -38.71
CA GLU A 267 -54.42 23.53 -39.52
C GLU A 267 -53.43 22.79 -38.62
N SER A 268 -52.89 23.46 -37.60
CA SER A 268 -51.97 22.84 -36.60
C SER A 268 -52.69 21.68 -35.92
N LEU A 269 -53.96 21.89 -35.54
CA LEU A 269 -54.78 20.84 -34.86
C LEU A 269 -55.10 19.72 -35.85
N VAL A 270 -55.37 20.05 -37.11
CA VAL A 270 -55.72 19.04 -38.16
C VAL A 270 -54.57 18.04 -38.27
N ALA A 271 -53.33 18.53 -38.31
CA ALA A 271 -52.12 17.67 -38.35
C ALA A 271 -52.07 16.77 -37.12
N ASP A 272 -52.20 17.33 -35.92
CA ASP A 272 -52.03 16.58 -34.64
C ASP A 272 -53.25 16.79 -33.76
N PRO A 273 -54.26 15.89 -33.83
CA PRO A 273 -55.47 16.05 -33.03
C PRO A 273 -55.23 15.71 -31.55
N ALA A 274 -53.95 15.51 -31.17
CA ALA A 274 -53.50 15.28 -29.78
C ALA A 274 -53.09 16.60 -29.13
N LEU A 275 -52.79 17.63 -29.94
CA LEU A 275 -52.57 19.03 -29.49
C LEU A 275 -53.88 19.67 -28.97
N VAL A 276 -55.05 19.09 -29.30
CA VAL A 276 -56.39 19.65 -28.96
C VAL A 276 -56.44 19.98 -27.46
N PRO A 277 -56.21 19.01 -26.54
CA PRO A 277 -56.26 19.30 -25.10
C PRO A 277 -55.44 20.53 -24.65
N ALA A 278 -54.23 20.69 -25.16
CA ALA A 278 -53.30 21.75 -24.73
C ALA A 278 -53.68 23.09 -25.37
N ALA A 279 -54.35 23.04 -26.53
CA ALA A 279 -54.86 24.22 -27.26
C ALA A 279 -56.15 24.72 -26.62
N VAL A 280 -56.99 23.79 -26.12
CA VAL A 280 -58.19 24.12 -25.31
C VAL A 280 -57.72 24.90 -24.08
N GLU A 281 -56.70 24.41 -23.37
CA GLU A 281 -56.13 25.02 -22.15
C GLU A 281 -55.57 26.41 -22.49
N GLU A 282 -54.97 26.54 -23.68
CA GLU A 282 -54.30 27.78 -24.15
C GLU A 282 -55.40 28.77 -24.58
N MET A 283 -56.40 28.28 -25.28
CA MET A 283 -57.55 29.11 -25.72
CA MET A 283 -57.57 29.09 -25.73
C MET A 283 -58.49 29.38 -24.54
N LEU A 284 -58.42 28.57 -23.49
CA LEU A 284 -59.17 28.89 -22.24
C LEU A 284 -58.50 30.08 -21.59
N ARG A 285 -57.17 30.14 -21.64
CA ARG A 285 -56.36 31.26 -21.08
C ARG A 285 -56.61 32.53 -21.88
N TYR A 286 -56.61 32.42 -23.21
CA TYR A 286 -56.61 33.55 -24.17
C TYR A 286 -57.98 34.25 -24.19
N THR A 287 -59.08 33.52 -23.99
CA THR A 287 -60.44 34.01 -24.28
C THR A 287 -61.05 34.67 -23.06
N PRO A 288 -61.54 35.92 -23.17
CA PRO A 288 -62.27 36.56 -22.08
C PRO A 288 -63.73 36.09 -22.13
N LEU A 289 -63.99 34.83 -21.75
CA LEU A 289 -65.37 34.28 -21.73
C LEU A 289 -66.20 35.13 -20.77
N VAL A 290 -65.65 35.46 -19.61
CA VAL A 290 -66.23 36.51 -18.73
C VAL A 290 -65.84 37.85 -19.37
N SER A 291 -66.81 38.69 -19.71
CA SER A 291 -66.59 39.90 -20.54
C SER A 291 -65.77 40.88 -19.71
N ALA A 292 -66.13 41.05 -18.45
CA ALA A 292 -65.44 41.94 -17.51
C ALA A 292 -65.88 41.65 -16.08
N GLY A 293 -64.94 41.89 -15.16
CA GLY A 293 -65.18 41.74 -13.72
C GLY A 293 -65.40 40.30 -13.33
N SER A 294 -66.06 40.13 -12.19
CA SER A 294 -66.17 38.86 -11.46
C SER A 294 -67.20 39.06 -10.36
N PHE A 295 -67.79 37.97 -9.87
CA PHE A 295 -68.49 38.02 -8.58
C PHE A 295 -67.52 38.69 -7.62
N VAL A 296 -68.00 39.66 -6.85
CA VAL A 296 -67.14 40.59 -6.05
C VAL A 296 -66.85 39.94 -4.69
N ARG A 297 -65.62 40.14 -4.19
CA ARG A 297 -65.16 39.74 -2.85
C ARG A 297 -64.92 40.98 -2.00
N VAL A 298 -65.39 40.96 -0.73
CA VAL A 298 -65.19 42.05 0.27
C VAL A 298 -64.18 41.58 1.32
N ALA A 299 -63.11 42.35 1.57
CA ALA A 299 -62.16 42.11 2.68
C ALA A 299 -62.92 42.12 4.00
N THR A 300 -62.61 41.19 4.89
CA THR A 300 -63.14 41.16 6.28
C THR A 300 -62.04 41.58 7.26
N GLU A 301 -60.79 41.63 6.79
CA GLU A 301 -59.59 42.07 7.55
CA GLU A 301 -59.57 42.03 7.55
C GLU A 301 -58.66 42.74 6.53
N ASP A 302 -57.79 43.66 6.96
CA ASP A 302 -56.85 44.33 6.02
C ASP A 302 -56.09 43.19 5.30
N VAL A 303 -55.86 43.28 3.98
CA VAL A 303 -55.16 42.22 3.21
C VAL A 303 -54.12 42.86 2.28
N GLU A 304 -52.90 42.35 2.26
CA GLU A 304 -51.80 42.95 1.46
C GLU A 304 -51.76 42.40 0.03
N LEU A 305 -52.21 43.14 -0.98
CA LEU A 305 -51.94 42.78 -2.41
C LEU A 305 -50.58 43.37 -2.83
N SER A 306 -50.18 43.30 -4.10
CA SER A 306 -48.82 43.74 -4.55
C SER A 306 -48.52 45.16 -4.06
N THR A 307 -49.41 46.10 -4.40
CA THR A 307 -49.13 47.56 -4.39
C THR A 307 -49.97 48.27 -3.32
N VAL A 308 -50.96 47.60 -2.75
CA VAL A 308 -51.92 48.24 -1.81
C VAL A 308 -52.35 47.24 -0.74
N THR A 309 -52.51 47.73 0.51
CA THR A 309 -53.31 47.03 1.56
C THR A 309 -54.80 47.33 1.36
N VAL A 310 -55.56 46.37 0.82
CA VAL A 310 -57.04 46.42 0.79
C VAL A 310 -57.50 46.40 2.25
N ARG A 311 -58.41 47.30 2.63
CA ARG A 311 -58.87 47.46 4.03
C ARG A 311 -60.13 46.61 4.24
N ALA A 312 -60.38 46.16 5.47
CA ALA A 312 -61.64 45.51 5.90
C ALA A 312 -62.84 46.36 5.45
N GLY A 313 -63.72 45.80 4.61
CA GLY A 313 -64.92 46.46 4.07
C GLY A 313 -64.77 46.83 2.60
N GLU A 314 -63.54 46.95 2.10
CA GLU A 314 -63.28 47.41 0.72
C GLU A 314 -63.57 46.25 -0.24
N PRO A 315 -64.49 46.42 -1.20
CA PRO A 315 -64.70 45.43 -2.24
C PRO A 315 -63.50 45.34 -3.20
N CYS A 316 -63.24 44.14 -3.71
CA CYS A 316 -62.41 43.94 -4.91
C CYS A 316 -63.15 43.10 -5.93
N VAL A 317 -62.71 43.23 -7.16
CA VAL A 317 -63.19 42.44 -8.33
C VAL A 317 -61.96 42.13 -9.17
N VAL A 318 -61.96 40.96 -9.82
CA VAL A 318 -60.82 40.39 -10.58
C VAL A 318 -61.22 40.46 -12.05
N HIS A 319 -60.27 40.60 -12.98
CA HIS A 319 -60.56 40.29 -14.41
C HIS A 319 -59.76 39.04 -14.82
N PHE A 320 -60.42 37.88 -14.90
CA PHE A 320 -59.75 36.57 -15.17
C PHE A 320 -58.85 36.71 -16.42
N ALA A 321 -59.35 37.30 -17.50
CA ALA A 321 -58.65 37.32 -18.80
C ALA A 321 -57.38 38.16 -18.70
N SER A 322 -57.33 39.15 -17.80
CA SER A 322 -56.15 40.04 -17.63
C SER A 322 -55.06 39.27 -16.88
N ALA A 323 -55.40 38.62 -15.77
CA ALA A 323 -54.48 37.72 -15.04
C ALA A 323 -53.91 36.66 -16.01
N ASN A 324 -54.71 36.23 -16.99
CA ASN A 324 -54.30 35.22 -18.00
C ASN A 324 -53.37 35.84 -19.06
N ARG A 325 -53.14 37.16 -19.03
CA ARG A 325 -52.16 37.84 -19.93
C ARG A 325 -51.09 38.56 -19.11
N ASP A 326 -50.81 38.13 -17.88
CA ASP A 326 -49.68 38.62 -17.05
C ASP A 326 -48.37 38.14 -17.70
N GLU A 327 -47.46 39.05 -18.07
CA GLU A 327 -46.21 38.70 -18.82
CA GLU A 327 -46.22 38.70 -18.82
C GLU A 327 -45.13 38.22 -17.83
N GLU A 328 -45.37 38.39 -16.52
CA GLU A 328 -44.50 37.85 -15.44
C GLU A 328 -44.73 36.34 -15.28
N VAL A 329 -45.88 35.84 -15.73
CA VAL A 329 -46.33 34.43 -15.52
C VAL A 329 -46.23 33.63 -16.82
N PHE A 330 -46.58 34.23 -17.95
CA PHE A 330 -46.61 33.56 -19.28
C PHE A 330 -45.63 34.26 -20.22
N ASP A 331 -44.71 33.51 -20.83
CA ASP A 331 -43.87 34.07 -21.93
C ASP A 331 -44.79 34.48 -23.09
N HIS A 332 -44.58 35.65 -23.69
CA HIS A 332 -45.35 36.16 -24.87
C HIS A 332 -46.86 35.90 -24.70
N ALA A 333 -47.44 36.53 -23.67
CA ALA A 333 -48.83 36.38 -23.22
C ALA A 333 -49.83 36.84 -24.29
N ASP A 334 -49.47 37.89 -25.04
CA ASP A 334 -50.31 38.54 -26.09
CA ASP A 334 -50.40 38.50 -26.03
C ASP A 334 -50.55 37.57 -27.25
N GLU A 335 -49.73 36.50 -27.36
CA GLU A 335 -49.73 35.52 -28.48
C GLU A 335 -50.26 34.13 -28.08
N LEU A 336 -51.11 33.53 -28.94
CA LEU A 336 -51.60 32.11 -28.86
C LEU A 336 -50.51 31.10 -29.23
N ASP A 337 -50.17 30.20 -28.31
CA ASP A 337 -49.05 29.22 -28.44
C ASP A 337 -49.47 27.88 -27.81
N PHE A 338 -49.70 26.84 -28.63
CA PHE A 338 -50.22 25.51 -28.20
C PHE A 338 -49.10 24.57 -27.75
N HIS A 339 -47.86 25.06 -27.71
CA HIS A 339 -46.66 24.29 -27.25
C HIS A 339 -46.02 24.99 -26.06
N ARG A 340 -46.80 25.68 -25.22
CA ARG A 340 -46.32 26.17 -23.89
C ARG A 340 -46.09 24.97 -22.99
N GLU A 341 -44.93 24.91 -22.32
CA GLU A 341 -44.63 23.82 -21.35
CA GLU A 341 -44.64 23.82 -21.34
C GLU A 341 -45.50 24.02 -20.10
N ARG A 342 -45.64 25.27 -19.65
CA ARG A 342 -46.45 25.61 -18.45
CA ARG A 342 -46.41 25.67 -18.44
C ARG A 342 -47.54 26.62 -18.84
N ASN A 343 -48.73 26.43 -18.24
CA ASN A 343 -49.99 27.18 -18.55
C ASN A 343 -50.85 27.23 -17.29
N PRO A 344 -50.42 27.90 -16.20
CA PRO A 344 -51.16 27.90 -14.94
C PRO A 344 -52.24 28.99 -14.95
N HIS A 345 -53.15 28.90 -15.93
CA HIS A 345 -54.23 29.88 -16.15
CA HIS A 345 -54.24 29.89 -16.15
C HIS A 345 -55.25 29.81 -15.01
N ILE A 346 -56.15 30.80 -14.92
CA ILE A 346 -57.29 30.84 -13.95
C ILE A 346 -58.59 31.12 -14.72
N ALA A 347 -58.67 30.66 -15.96
CA ALA A 347 -59.90 30.65 -16.78
C ALA A 347 -61.04 30.01 -16.00
N PHE A 348 -60.76 29.02 -15.14
CA PHE A 348 -61.78 28.33 -14.30
C PHE A 348 -61.70 28.84 -12.87
N GLY A 349 -61.18 30.04 -12.66
CA GLY A 349 -61.11 30.63 -11.31
C GLY A 349 -60.06 29.94 -10.46
N HIS A 350 -60.24 30.02 -9.13
CA HIS A 350 -59.18 29.71 -8.14
C HIS A 350 -59.76 29.77 -6.73
N GLY A 351 -59.26 28.93 -5.85
CA GLY A 351 -59.74 28.82 -4.46
C GLY A 351 -61.11 28.23 -4.37
N ALA A 352 -61.77 28.47 -3.24
CA ALA A 352 -63.06 27.85 -2.84
C ALA A 352 -63.98 27.73 -4.06
N HIS A 353 -64.14 28.81 -4.83
N HIS A 353 -64.17 28.82 -4.81
CA HIS A 353 -65.19 28.91 -5.87
CA HIS A 353 -65.21 28.89 -5.88
C HIS A 353 -64.71 28.39 -7.22
C HIS A 353 -64.66 28.47 -7.24
N HIS A 354 -63.54 27.74 -7.30
CA HIS A 354 -62.97 27.20 -8.56
CA HIS A 354 -62.97 27.19 -8.56
C HIS A 354 -64.09 26.46 -9.32
N CYS A 355 -64.17 26.61 -10.65
CA CYS A 355 -65.31 26.00 -11.37
C CYS A 355 -65.52 24.54 -10.97
N ILE A 356 -66.76 24.21 -10.62
CA ILE A 356 -67.17 22.82 -10.30
C ILE A 356 -67.23 22.02 -11.60
N GLY A 357 -67.52 22.67 -12.73
CA GLY A 357 -67.64 22.02 -14.04
C GLY A 357 -66.32 21.97 -14.81
N ALA A 358 -65.22 22.32 -14.14
CA ALA A 358 -63.91 22.51 -14.79
C ALA A 358 -63.65 21.33 -15.73
N GLN A 359 -63.83 20.13 -15.20
CA GLN A 359 -63.46 18.88 -15.89
C GLN A 359 -64.48 18.63 -17.00
N LEU A 360 -65.76 18.85 -16.73
CA LEU A 360 -66.84 18.62 -17.73
C LEU A 360 -66.62 19.56 -18.93
N GLY A 361 -66.41 20.85 -18.69
CA GLY A 361 -66.16 21.86 -19.75
C GLY A 361 -64.95 21.51 -20.59
N ARG A 362 -63.87 21.07 -19.93
CA ARG A 362 -62.63 20.60 -20.61
C ARG A 362 -62.94 19.39 -21.50
N LEU A 363 -63.74 18.45 -20.99
CA LEU A 363 -64.18 17.29 -21.80
C LEU A 363 -65.02 17.80 -22.98
N GLU A 364 -66.05 18.61 -22.71
CA GLU A 364 -67.04 19.09 -23.72
C GLU A 364 -66.30 19.78 -24.86
N LEU A 365 -65.34 20.66 -24.56
CA LEU A 365 -64.57 21.39 -25.60
C LEU A 365 -63.64 20.42 -26.33
N GLN A 366 -63.05 19.48 -25.61
CA GLN A 366 -62.05 18.55 -26.19
C GLN A 366 -62.70 17.71 -27.29
N GLU A 367 -63.86 17.15 -26.96
CA GLU A 367 -64.62 16.23 -27.83
C GLU A 367 -65.21 17.00 -29.01
N ALA A 368 -65.66 18.24 -28.79
CA ALA A 368 -66.20 19.14 -29.83
C ALA A 368 -65.11 19.45 -30.87
N LEU A 369 -63.93 19.87 -30.42
CA LEU A 369 -62.82 20.29 -31.30
C LEU A 369 -62.23 19.09 -32.05
N SER A 370 -61.84 18.05 -31.32
CA SER A 370 -61.27 16.80 -31.89
C SER A 370 -62.14 16.41 -33.08
N ALA A 371 -63.43 16.18 -32.83
CA ALA A 371 -64.46 15.81 -33.84
C ALA A 371 -64.37 16.73 -35.05
N LEU A 372 -64.49 18.04 -34.86
CA LEU A 372 -64.39 19.02 -35.98
C LEU A 372 -63.07 18.81 -36.74
N VAL A 373 -61.96 18.74 -36.00
CA VAL A 373 -60.58 18.80 -36.57
C VAL A 373 -60.28 17.52 -37.34
N ARG A 374 -61.05 16.45 -37.12
CA ARG A 374 -60.79 15.10 -37.68
C ARG A 374 -61.71 14.79 -38.87
N ARG A 375 -62.93 15.29 -38.82
CA ARG A 375 -64.01 14.98 -39.79
C ARG A 375 -64.20 16.12 -40.81
N PHE A 376 -63.60 17.29 -40.57
CA PHE A 376 -63.83 18.53 -41.37
C PHE A 376 -62.52 19.29 -41.52
N PRO A 377 -61.50 18.70 -42.18
CA PRO A 377 -60.26 19.43 -42.48
C PRO A 377 -60.49 20.78 -43.18
N THR A 378 -61.57 20.88 -43.94
CA THR A 378 -61.85 21.93 -44.96
C THR A 378 -62.69 23.05 -44.35
N LEU A 379 -62.75 23.14 -43.02
CA LEU A 379 -63.68 24.03 -42.28
C LEU A 379 -63.17 25.46 -42.38
N ASP A 380 -63.98 26.38 -42.91
CA ASP A 380 -63.69 27.84 -42.90
C ASP A 380 -64.95 28.56 -42.45
N LEU A 381 -64.82 29.84 -42.11
CA LEU A 381 -65.97 30.74 -41.86
C LEU A 381 -66.58 31.12 -43.20
N ALA A 382 -67.92 31.10 -43.30
CA ALA A 382 -68.69 31.34 -44.53
C ALA A 382 -69.61 32.55 -44.32
N GLU A 383 -69.16 33.49 -43.50
CA GLU A 383 -69.76 34.84 -43.32
C GLU A 383 -68.61 35.77 -42.96
N PRO A 384 -68.72 37.09 -43.22
CA PRO A 384 -67.58 38.00 -42.99
C PRO A 384 -67.32 38.27 -41.50
N VAL A 385 -66.02 38.37 -41.13
CA VAL A 385 -65.54 38.60 -39.73
C VAL A 385 -66.16 39.89 -39.16
N ALA A 386 -66.65 40.81 -40.00
CA ALA A 386 -67.16 42.15 -39.61
C ALA A 386 -68.66 42.09 -39.26
N GLY A 387 -69.41 41.17 -39.88
CA GLY A 387 -70.88 41.03 -39.71
C GLY A 387 -71.26 40.04 -38.63
N LEU A 388 -70.27 39.51 -37.89
CA LEU A 388 -70.41 38.45 -36.85
C LEU A 388 -71.27 38.93 -35.69
N LYS A 389 -72.37 38.24 -35.43
CA LYS A 389 -73.40 38.65 -34.42
CA LYS A 389 -73.40 38.61 -34.42
C LYS A 389 -72.97 38.18 -33.01
N TRP A 390 -71.93 38.82 -32.46
CA TRP A 390 -71.54 38.65 -31.02
C TRP A 390 -72.69 39.07 -30.11
N LYS A 391 -72.97 38.26 -29.09
CA LYS A 391 -73.97 38.52 -28.02
C LYS A 391 -73.56 39.81 -27.31
N GLN A 392 -74.51 40.74 -27.08
CA GLN A 392 -74.26 42.05 -26.45
C GLN A 392 -74.98 42.12 -25.10
N GLY A 393 -74.42 42.86 -24.14
CA GLY A 393 -75.12 43.24 -22.89
C GLY A 393 -75.32 42.07 -21.96
N MET A 394 -74.43 41.09 -22.06
CA MET A 394 -74.38 39.88 -21.22
C MET A 394 -72.98 39.80 -20.59
N LEU A 395 -72.92 39.31 -19.35
CA LEU A 395 -71.69 39.14 -18.52
C LEU A 395 -70.69 38.20 -19.20
N ILE A 396 -71.08 37.48 -20.25
CA ILE A 396 -70.23 36.47 -20.96
CA ILE A 396 -70.21 36.48 -20.94
C ILE A 396 -70.26 36.74 -22.47
N ARG A 397 -69.13 36.57 -23.18
CA ARG A 397 -69.08 36.79 -24.65
C ARG A 397 -69.25 35.48 -25.41
N GLY A 398 -69.58 35.58 -26.70
CA GLY A 398 -69.79 34.45 -27.63
C GLY A 398 -70.62 34.88 -28.82
N LEU A 399 -70.69 34.06 -29.88
CA LEU A 399 -71.43 34.36 -31.13
C LEU A 399 -72.83 33.76 -31.05
N GLU A 400 -73.82 34.44 -31.64
CA GLU A 400 -75.25 34.00 -31.72
C GLU A 400 -75.42 33.07 -32.92
N ARG A 401 -74.53 33.20 -33.91
CA ARG A 401 -74.51 32.33 -35.12
CA ARG A 401 -74.51 32.35 -35.13
C ARG A 401 -73.09 32.33 -35.70
N GLN A 402 -72.64 31.16 -36.12
CA GLN A 402 -71.29 30.93 -36.70
C GLN A 402 -71.46 30.08 -37.96
N ILE A 403 -71.81 30.69 -39.08
CA ILE A 403 -72.10 29.96 -40.35
C ILE A 403 -70.76 29.42 -40.85
N VAL A 404 -70.64 28.10 -41.04
CA VAL A 404 -69.37 27.47 -41.53
C VAL A 404 -69.64 26.72 -42.85
N SER A 405 -68.57 26.59 -43.64
CA SER A 405 -68.51 25.82 -44.92
C SER A 405 -67.43 24.75 -44.80
N TRP A 406 -67.59 23.63 -45.52
CA TRP A 406 -66.58 22.53 -45.60
C TRP A 406 -66.76 21.76 -46.90
N ALA B 1 36.82 20.90 42.83
CA ALA B 1 37.12 19.74 41.95
C ALA B 1 36.44 19.97 40.60
N ALA B 2 36.84 19.22 39.56
CA ALA B 2 36.28 19.41 38.20
C ALA B 2 34.89 18.77 38.13
N THR B 3 33.85 19.59 38.26
CA THR B 3 32.44 19.11 38.29
C THR B 3 31.97 18.89 36.85
N HIS B 4 32.67 18.06 36.08
CA HIS B 4 32.38 17.90 34.63
C HIS B 4 31.83 16.52 34.31
N THR B 5 31.60 15.65 35.31
CA THR B 5 31.23 14.24 35.01
C THR B 5 29.90 13.85 35.68
N GLY B 6 29.02 13.30 34.86
CA GLY B 6 27.80 12.57 35.27
C GLY B 6 27.63 11.43 34.26
N PRO B 7 27.07 10.26 34.64
CA PRO B 7 27.11 9.12 33.73
C PRO B 7 26.37 9.42 32.41
N THR B 8 26.97 9.08 31.26
CA THR B 8 26.34 9.20 29.91
C THR B 8 25.81 7.82 29.51
N PRO B 9 24.91 7.66 28.51
CA PRO B 9 24.52 6.32 28.05
C PRO B 9 25.71 5.38 27.68
N ALA B 10 26.84 5.91 27.21
CA ALA B 10 28.08 5.14 26.88
C ALA B 10 28.79 4.66 28.15
N ASP B 11 28.89 5.52 29.16
CA ASP B 11 29.38 5.17 30.54
C ASP B 11 28.54 4.05 31.16
N ALA B 12 27.24 3.95 30.85
CA ALA B 12 26.29 3.04 31.54
C ALA B 12 26.15 1.71 30.81
N VAL B 13 26.86 1.51 29.71
CA VAL B 13 26.91 0.17 29.06
C VAL B 13 27.67 -0.75 30.02
N PRO B 14 27.11 -1.90 30.45
CA PRO B 14 27.84 -2.78 31.37
C PRO B 14 29.07 -3.42 30.72
N ALA B 15 30.02 -3.84 31.54
CA ALA B 15 31.17 -4.66 31.07
C ALA B 15 30.65 -6.09 30.95
N TYR B 16 31.12 -6.77 29.91
CA TYR B 16 30.82 -8.19 29.62
C TYR B 16 32.16 -8.93 29.52
N PRO B 17 32.33 -10.14 30.10
CA PRO B 17 31.32 -10.78 30.95
C PRO B 17 30.90 -10.00 32.21
N PHE B 18 29.68 -10.28 32.70
CA PHE B 18 28.96 -9.58 33.79
C PHE B 18 29.53 -9.94 35.17
N SER B 19 30.23 -11.07 35.25
CA SER B 19 30.78 -11.62 36.50
C SER B 19 31.81 -12.71 36.19
N LEU B 20 32.85 -12.79 37.03
CA LEU B 20 33.69 -13.99 37.24
C LEU B 20 32.79 -15.22 37.26
N PRO B 21 33.00 -16.21 36.35
CA PRO B 21 32.14 -17.38 36.27
C PRO B 21 32.39 -18.32 37.46
N HIS B 22 31.33 -18.97 37.95
CA HIS B 22 31.38 -19.97 39.05
C HIS B 22 30.90 -21.33 38.55
N ALA B 23 31.81 -22.31 38.46
CA ALA B 23 31.52 -23.69 37.99
C ALA B 23 30.85 -23.67 36.61
N LEU B 24 29.67 -24.28 36.45
CA LEU B 24 28.89 -24.34 35.20
C LEU B 24 27.58 -23.55 35.34
N ASP B 25 27.50 -22.68 36.36
CA ASP B 25 26.35 -21.75 36.60
C ASP B 25 26.34 -20.68 35.50
N LEU B 26 25.17 -20.12 35.22
CA LEU B 26 25.00 -18.96 34.32
C LEU B 26 24.67 -17.74 35.18
N ASP B 27 25.28 -16.59 34.93
CA ASP B 27 24.87 -15.32 35.58
C ASP B 27 23.36 -15.13 35.36
N PRO B 28 22.56 -14.90 36.42
CA PRO B 28 21.10 -14.73 36.28
C PRO B 28 20.67 -13.65 35.28
N HIS B 29 21.55 -12.68 35.05
CA HIS B 29 21.28 -11.49 34.18
C HIS B 29 20.85 -11.96 32.79
N TYR B 30 21.33 -13.12 32.32
CA TYR B 30 21.05 -13.64 30.96
C TYR B 30 19.54 -13.90 30.84
N ALA B 31 18.96 -14.62 31.80
CA ALA B 31 17.50 -14.87 31.85
C ALA B 31 16.77 -13.52 31.87
N GLU B 32 17.21 -12.58 32.70
CA GLU B 32 16.60 -11.22 32.84
C GLU B 32 16.54 -10.58 31.46
N LEU B 33 17.66 -10.57 30.72
CA LEU B 33 17.78 -9.98 29.36
C LEU B 33 16.89 -10.75 28.37
N ARG B 34 16.96 -12.07 28.38
CA ARG B 34 16.15 -12.88 27.44
C ARG B 34 14.70 -12.39 27.52
N ARG B 35 14.15 -12.28 28.74
CA ARG B 35 12.76 -11.84 29.02
C ARG B 35 12.52 -10.41 28.55
N ASP B 36 13.44 -9.47 28.81
CA ASP B 36 13.14 -8.01 28.79
C ASP B 36 14.06 -7.22 27.89
N GLU B 37 15.21 -7.73 27.46
CA GLU B 37 16.20 -6.91 26.72
C GLU B 37 17.06 -7.81 25.85
N PRO B 38 16.45 -8.55 24.91
CA PRO B 38 17.10 -9.72 24.31
C PRO B 38 18.38 -9.39 23.53
N VAL B 39 18.57 -8.08 23.29
CA VAL B 39 19.67 -7.46 22.51
C VAL B 39 19.96 -6.13 23.20
N SER B 40 21.19 -5.95 23.69
CA SER B 40 21.60 -4.87 24.62
C SER B 40 23.10 -4.61 24.45
N ARG B 41 23.50 -3.33 24.48
N ARG B 41 23.51 -3.34 24.46
CA ARG B 41 24.91 -2.90 24.36
CA ARG B 41 24.93 -2.94 24.29
C ARG B 41 25.67 -3.43 25.59
C ARG B 41 25.68 -3.37 25.56
N VAL B 42 26.89 -3.91 25.37
CA VAL B 42 27.85 -4.28 26.44
C VAL B 42 29.21 -3.81 25.93
N ARG B 43 30.14 -3.63 26.86
CA ARG B 43 31.53 -3.21 26.58
C ARG B 43 32.43 -4.43 26.81
N LEU B 44 33.05 -4.92 25.76
CA LEU B 44 33.85 -6.17 25.85
C LEU B 44 35.19 -5.83 26.48
N PRO B 45 35.97 -6.85 26.93
CA PRO B 45 37.27 -6.66 27.58
C PRO B 45 38.36 -5.93 26.78
N TYR B 46 38.44 -6.12 25.46
CA TYR B 46 39.47 -5.52 24.59
C TYR B 46 38.79 -4.95 23.36
N GLY B 47 39.53 -4.20 22.54
CA GLY B 47 38.97 -3.42 21.42
C GLY B 47 38.22 -2.21 21.96
N GLU B 48 37.83 -1.30 21.07
CA GLU B 48 37.22 0.00 21.44
CA GLU B 48 37.21 -0.01 21.49
C GLU B 48 35.73 -0.03 21.09
N GLY B 49 34.91 0.73 21.83
CA GLY B 49 33.49 0.93 21.51
C GLY B 49 32.59 -0.05 22.23
N THR B 50 31.37 -0.26 21.73
CA THR B 50 30.38 -1.21 22.30
C THR B 50 30.00 -2.29 21.29
N ALA B 51 29.36 -3.33 21.79
CA ALA B 51 28.85 -4.51 21.04
C ALA B 51 27.45 -4.86 21.55
N TRP B 52 26.54 -5.27 20.66
CA TRP B 52 25.24 -5.84 21.09
C TRP B 52 25.48 -7.28 21.58
N LEU B 53 25.09 -7.58 22.81
CA LEU B 53 25.05 -8.97 23.33
C LEU B 53 23.70 -9.53 22.96
N VAL B 54 23.68 -10.57 22.12
CA VAL B 54 22.51 -11.43 21.78
C VAL B 54 22.36 -12.54 22.84
N THR B 55 21.14 -12.82 23.29
CA THR B 55 20.83 -13.78 24.39
C THR B 55 19.79 -14.82 23.96
N ARG B 56 19.09 -14.55 22.86
CA ARG B 56 17.93 -15.38 22.42
C ARG B 56 18.34 -16.25 21.23
N MET B 57 17.64 -17.37 21.06
CA MET B 57 17.96 -18.38 20.02
C MET B 57 17.69 -17.80 18.63
N SER B 58 16.54 -17.18 18.40
CA SER B 58 16.14 -16.64 17.08
C SER B 58 17.17 -15.63 16.60
N ASP B 59 17.65 -14.75 17.49
CA ASP B 59 18.64 -13.71 17.13
C ASP B 59 20.01 -14.39 16.87
N ALA B 60 20.47 -15.25 17.79
CA ALA B 60 21.72 -16.06 17.64
C ALA B 60 21.81 -16.66 16.23
N ARG B 61 20.74 -17.28 15.76
CA ARG B 61 20.72 -17.94 14.43
C ARG B 61 20.86 -16.87 13.34
N ILE B 62 20.36 -15.65 13.55
CA ILE B 62 20.48 -14.56 12.54
C ILE B 62 21.94 -14.13 12.43
N VAL B 63 22.59 -13.91 13.58
CA VAL B 63 23.98 -13.37 13.67
C VAL B 63 24.97 -14.38 13.09
N LEU B 64 24.85 -15.63 13.52
CA LEU B 64 25.75 -16.74 13.13
C LEU B 64 25.50 -17.17 11.67
N GLY B 65 24.32 -16.85 11.11
CA GLY B 65 23.75 -17.54 9.93
C GLY B 65 23.74 -16.72 8.65
N ASP B 66 23.52 -15.41 8.76
CA ASP B 66 23.32 -14.45 7.64
C ASP B 66 24.68 -14.02 7.07
N SER B 67 24.84 -14.00 5.74
CA SER B 67 26.02 -13.42 5.03
C SER B 67 26.18 -11.92 5.31
N ARG B 68 25.21 -11.30 6.01
CA ARG B 68 25.19 -9.84 6.30
C ARG B 68 25.93 -9.53 7.59
N PHE B 69 26.44 -10.57 8.24
CA PHE B 69 27.31 -10.50 9.42
C PHE B 69 28.66 -11.10 9.05
N SER B 70 29.75 -10.35 9.22
CA SER B 70 31.12 -10.75 8.78
C SER B 70 32.01 -10.90 10.01
N THR B 71 32.86 -11.92 10.02
CA THR B 71 33.89 -12.18 11.05
C THR B 71 35.22 -11.58 10.58
N ALA B 72 35.45 -11.54 9.26
CA ALA B 72 36.69 -11.01 8.67
C ALA B 72 36.84 -9.54 9.05
N ALA B 73 35.70 -8.87 9.19
CA ALA B 73 35.55 -7.48 9.66
C ALA B 73 36.14 -7.33 11.07
N ALA B 74 35.94 -8.31 11.95
CA ALA B 74 36.23 -8.17 13.40
C ALA B 74 37.73 -8.31 13.68
N THR B 75 38.57 -8.33 12.65
CA THR B 75 40.05 -8.49 12.77
C THR B 75 40.67 -7.14 13.05
N ASP B 76 39.93 -6.06 12.78
CA ASP B 76 40.33 -4.68 13.16
C ASP B 76 40.67 -4.69 14.65
N PRO B 77 41.89 -4.29 15.04
CA PRO B 77 42.27 -4.21 16.46
C PRO B 77 41.35 -3.32 17.30
N ALA B 78 40.61 -2.43 16.63
CA ALA B 78 39.61 -1.50 17.23
C ALA B 78 38.36 -2.27 17.67
N THR B 79 37.99 -3.33 16.94
CA THR B 79 36.73 -4.10 17.12
C THR B 79 36.72 -4.79 18.48
N PRO B 80 35.59 -4.73 19.22
CA PRO B 80 35.47 -5.48 20.46
C PRO B 80 35.85 -6.96 20.30
N ARG B 81 36.31 -7.55 21.39
CA ARG B 81 36.63 -8.99 21.47
C ARG B 81 36.76 -9.40 22.92
N MET B 82 36.63 -10.71 23.17
CA MET B 82 36.54 -11.31 24.52
C MET B 82 37.95 -11.60 25.06
N PHE B 83 38.95 -11.36 24.22
CA PHE B 83 40.31 -11.90 24.38
C PHE B 83 41.33 -10.87 23.91
N PRO B 84 42.56 -10.94 24.44
CA PRO B 84 43.54 -9.86 24.28
C PRO B 84 44.23 -9.65 22.93
N THR B 85 44.71 -10.69 22.25
CA THR B 85 45.32 -10.54 20.91
C THR B 85 44.23 -10.11 19.93
N PRO B 86 44.44 -9.10 19.07
CA PRO B 86 43.57 -8.89 17.90
C PRO B 86 43.46 -10.17 17.06
N PRO B 87 42.25 -10.54 16.58
CA PRO B 87 42.08 -11.78 15.81
C PRO B 87 43.04 -11.99 14.63
N GLU B 88 43.55 -13.21 14.55
CA GLU B 88 44.45 -13.66 13.46
C GLU B 88 43.65 -13.66 12.16
N PRO B 89 44.04 -12.82 11.16
CA PRO B 89 43.33 -12.77 9.89
C PRO B 89 43.28 -14.10 9.14
N ASP B 90 44.34 -14.89 9.25
CA ASP B 90 44.49 -16.17 8.50
C ASP B 90 43.73 -17.29 9.21
N GLY B 91 43.20 -17.04 10.43
CA GLY B 91 42.40 -18.01 11.20
C GLY B 91 41.08 -18.33 10.51
N VAL B 92 40.57 -19.56 10.64
CA VAL B 92 39.27 -19.97 10.01
CA VAL B 92 39.28 -19.98 10.03
C VAL B 92 38.16 -19.05 10.50
N LEU B 93 38.16 -18.73 11.80
CA LEU B 93 37.04 -17.96 12.44
C LEU B 93 36.94 -16.60 11.75
N ALA B 94 38.07 -16.09 11.25
CA ALA B 94 38.18 -14.70 10.76
C ALA B 94 37.95 -14.66 9.25
N GLN B 95 37.42 -15.76 8.69
CA GLN B 95 37.08 -15.86 7.24
C GLN B 95 35.56 -15.80 7.04
N ASP B 96 35.15 -15.08 6.00
CA ASP B 96 33.75 -15.10 5.47
C ASP B 96 33.72 -15.93 4.21
N PRO B 97 32.60 -16.66 3.94
CA PRO B 97 32.42 -17.39 2.70
C PRO B 97 32.44 -16.38 1.57
N PRO B 98 32.98 -16.70 0.36
CA PRO B 98 33.42 -18.06 0.01
C PRO B 98 34.86 -18.48 0.33
N ASP B 99 35.74 -17.56 0.71
CA ASP B 99 37.13 -17.90 1.13
C ASP B 99 37.07 -18.98 2.21
N HIS B 100 36.10 -18.85 3.12
CA HIS B 100 35.93 -19.69 4.33
CA HIS B 100 35.92 -19.70 4.34
C HIS B 100 35.57 -21.12 3.93
N THR B 101 34.73 -21.26 2.91
CA THR B 101 34.23 -22.55 2.40
C THR B 101 35.42 -23.34 1.83
N ARG B 102 36.24 -22.68 1.00
CA ARG B 102 37.47 -23.24 0.38
C ARG B 102 38.50 -23.66 1.43
N LEU B 103 38.56 -22.97 2.56
CA LEU B 103 39.51 -23.30 3.64
C LEU B 103 38.98 -24.53 4.38
N ARG B 104 37.69 -24.51 4.71
CA ARG B 104 37.00 -25.65 5.39
C ARG B 104 37.15 -26.91 4.54
N ARG B 105 37.29 -26.78 3.22
CA ARG B 105 37.28 -27.96 2.30
C ARG B 105 38.56 -28.78 2.44
N LEU B 106 39.67 -28.17 2.87
CA LEU B 106 40.95 -28.91 3.02
C LEU B 106 40.79 -30.10 3.94
N VAL B 107 40.01 -29.91 5.01
CA VAL B 107 39.91 -30.86 6.16
C VAL B 107 38.49 -31.41 6.22
N GLY B 108 37.54 -30.78 5.52
CA GLY B 108 36.10 -31.05 5.70
C GLY B 108 35.76 -32.53 5.62
N LYS B 109 36.39 -33.26 4.70
CA LYS B 109 36.07 -34.70 4.43
CA LYS B 109 36.07 -34.70 4.43
CA LYS B 109 36.07 -34.70 4.43
C LYS B 109 36.35 -35.57 5.67
N ALA B 110 37.46 -35.34 6.36
CA ALA B 110 37.83 -36.15 7.53
C ALA B 110 36.84 -35.96 8.68
N PHE B 111 36.05 -34.88 8.66
CA PHE B 111 35.18 -34.53 9.81
C PHE B 111 33.73 -34.82 9.47
N THR B 112 33.42 -35.29 8.25
CA THR B 112 32.06 -35.79 7.88
C THR B 112 31.66 -36.83 8.92
N ALA B 113 30.36 -36.99 9.19
CA ALA B 113 29.86 -37.95 10.20
C ALA B 113 30.22 -39.39 9.81
N ARG B 114 30.32 -39.69 8.51
CA ARG B 114 30.68 -41.04 7.96
CA ARG B 114 30.63 -41.08 8.06
C ARG B 114 32.10 -41.40 8.39
N ARG B 115 33.05 -40.53 8.02
CA ARG B 115 34.50 -40.72 8.31
CA ARG B 115 34.49 -40.76 8.30
C ARG B 115 34.71 -40.84 9.82
N VAL B 116 33.94 -40.08 10.60
CA VAL B 116 34.10 -40.01 12.07
C VAL B 116 33.52 -41.28 12.71
N GLU B 117 32.46 -41.83 12.11
CA GLU B 117 31.85 -43.12 12.56
C GLU B 117 32.85 -44.27 12.26
N GLU B 118 33.62 -44.19 11.16
CA GLU B 118 34.71 -45.17 10.86
C GLU B 118 35.78 -45.15 11.98
N MET B 119 35.71 -44.19 12.92
CA MET B 119 36.71 -44.01 14.01
C MET B 119 36.25 -44.69 15.30
N ARG B 120 34.96 -44.95 15.47
CA ARG B 120 34.44 -45.42 16.78
C ARG B 120 35.31 -46.56 17.32
N PRO B 121 35.65 -47.62 16.53
CA PRO B 121 36.47 -48.72 17.00
C PRO B 121 37.81 -48.31 17.64
N ARG B 122 38.64 -47.54 16.93
CA ARG B 122 39.93 -47.05 17.47
CA ARG B 122 39.93 -47.01 17.44
C ARG B 122 39.63 -46.19 18.71
N VAL B 123 38.60 -45.35 18.65
CA VAL B 123 38.25 -44.44 19.78
C VAL B 123 37.86 -45.28 21.00
N ARG B 124 37.13 -46.38 20.81
CA ARG B 124 36.60 -47.24 21.91
C ARG B 124 37.77 -47.96 22.61
N SER B 125 38.74 -48.43 21.81
CA SER B 125 39.99 -49.13 22.24
C SER B 125 40.82 -48.27 23.19
N LEU B 126 41.01 -47.01 22.79
CA LEU B 126 41.72 -45.96 23.56
C LEU B 126 41.05 -45.83 24.93
N VAL B 127 39.74 -45.60 24.92
CA VAL B 127 38.93 -45.40 26.15
C VAL B 127 39.21 -46.58 27.09
N ASP B 128 39.11 -47.79 26.55
CA ASP B 128 39.08 -49.04 27.37
C ASP B 128 40.46 -49.14 28.02
N SER B 129 41.49 -48.97 27.20
CA SER B 129 42.91 -49.12 27.59
C SER B 129 43.22 -48.14 28.72
N LEU B 130 42.83 -46.88 28.55
CA LEU B 130 43.08 -45.81 29.54
C LEU B 130 42.30 -46.14 30.81
N LEU B 131 41.11 -46.72 30.67
CA LEU B 131 40.27 -47.15 31.83
C LEU B 131 40.85 -48.42 32.44
N ASP B 132 41.57 -49.23 31.67
CA ASP B 132 42.36 -50.36 32.21
C ASP B 132 43.41 -49.75 33.14
N ASP B 133 44.12 -48.72 32.66
CA ASP B 133 45.20 -48.02 33.40
C ASP B 133 44.66 -47.46 34.72
N MET B 134 43.38 -47.06 34.75
CA MET B 134 42.79 -46.36 35.92
C MET B 134 42.43 -47.41 36.98
N VAL B 135 42.00 -48.61 36.57
CA VAL B 135 41.60 -49.69 37.53
CA VAL B 135 41.61 -49.69 37.52
C VAL B 135 42.88 -50.25 38.18
N ALA B 136 43.97 -50.36 37.40
CA ALA B 136 45.34 -50.71 37.84
C ALA B 136 45.78 -49.77 38.98
N HIS B 137 45.65 -48.44 38.81
CA HIS B 137 45.98 -47.42 39.85
C HIS B 137 45.07 -47.59 41.07
N GLY B 138 43.80 -47.92 40.87
CA GLY B 138 42.85 -48.22 41.98
C GLY B 138 42.12 -46.97 42.48
N SER B 139 40.92 -47.17 43.03
CA SER B 139 40.03 -46.09 43.54
C SER B 139 40.51 -45.56 44.88
N PRO B 140 40.42 -44.23 45.13
CA PRO B 140 40.05 -43.25 44.11
C PRO B 140 41.20 -42.67 43.27
N ALA B 141 40.88 -42.07 42.11
CA ALA B 141 41.89 -41.44 41.20
C ALA B 141 41.31 -40.20 40.50
N ASP B 142 42.21 -39.43 39.87
CA ASP B 142 41.91 -38.20 39.09
C ASP B 142 41.47 -38.62 37.70
N LEU B 143 40.17 -38.47 37.40
CA LEU B 143 39.55 -38.76 36.09
C LEU B 143 40.24 -37.92 35.01
N VAL B 144 40.86 -36.80 35.40
CA VAL B 144 41.48 -35.86 34.41
C VAL B 144 42.87 -36.38 34.02
N GLU B 145 43.60 -37.01 34.93
CA GLU B 145 44.94 -37.55 34.60
C GLU B 145 44.75 -38.78 33.70
N PHE B 146 43.73 -39.59 34.01
CA PHE B 146 43.57 -40.97 33.52
C PHE B 146 42.71 -41.03 32.24
N LEU B 147 41.69 -40.18 32.17
CA LEU B 147 40.70 -40.19 31.05
C LEU B 147 40.75 -38.89 30.26
N ALA B 148 40.33 -37.78 30.89
CA ALA B 148 39.86 -36.55 30.20
C ALA B 148 40.98 -35.94 29.36
N VAL B 149 42.22 -36.02 29.81
CA VAL B 149 43.38 -35.44 29.07
C VAL B 149 43.91 -36.42 28.03
N PRO B 150 44.31 -37.65 28.42
CA PRO B 150 45.00 -38.56 27.51
C PRO B 150 44.15 -38.97 26.28
N PHE B 151 42.84 -39.17 26.47
CA PHE B 151 41.91 -39.68 25.43
C PHE B 151 41.87 -38.68 24.27
N PRO B 152 41.29 -37.46 24.44
CA PRO B 152 41.21 -36.48 23.36
C PRO B 152 42.56 -36.15 22.71
N VAL B 153 43.63 -36.01 23.50
CA VAL B 153 44.98 -35.60 23.00
CA VAL B 153 45.00 -35.63 23.03
C VAL B 153 45.46 -36.72 22.06
N ALA B 154 45.31 -37.97 22.50
CA ALA B 154 45.61 -39.19 21.73
C ALA B 154 44.79 -39.17 20.43
N VAL B 155 43.46 -38.99 20.53
CA VAL B 155 42.56 -39.08 19.34
C VAL B 155 42.97 -38.03 18.33
N ILE B 156 43.20 -36.79 18.76
CA ILE B 156 43.47 -35.66 17.83
C ILE B 156 44.87 -35.82 17.24
N CYS B 157 45.83 -36.31 18.03
CA CYS B 157 47.26 -36.44 17.62
C CYS B 157 47.38 -37.52 16.54
N GLU B 158 46.67 -38.64 16.73
CA GLU B 158 46.57 -39.74 15.73
CA GLU B 158 46.61 -39.74 15.71
C GLU B 158 45.93 -39.20 14.45
N LEU B 159 44.82 -38.46 14.59
CA LEU B 159 44.07 -37.90 13.43
C LEU B 159 44.95 -36.91 12.67
N LEU B 160 45.60 -35.94 13.33
CA LEU B 160 46.41 -34.90 12.64
C LEU B 160 47.77 -35.47 12.20
N GLY B 161 48.45 -36.23 13.07
CA GLY B 161 49.85 -36.67 12.86
C GLY B 161 50.82 -35.87 13.71
N VAL B 162 50.36 -35.41 14.86
CA VAL B 162 51.16 -34.63 15.84
C VAL B 162 51.78 -35.65 16.79
N PRO B 163 53.11 -35.61 17.01
CA PRO B 163 53.76 -36.49 17.99
C PRO B 163 53.33 -36.28 19.47
N LEU B 164 52.95 -37.36 20.14
CA LEU B 164 52.53 -37.37 21.58
C LEU B 164 53.66 -36.92 22.53
N GLU B 165 54.92 -36.94 22.10
CA GLU B 165 56.04 -36.47 22.97
C GLU B 165 55.97 -34.92 23.05
N ASP B 166 55.42 -34.27 22.03
CA ASP B 166 55.33 -32.78 21.95
C ASP B 166 54.18 -32.24 22.81
N ARG B 167 53.56 -33.08 23.64
CA ARG B 167 52.34 -32.73 24.43
CA ARG B 167 52.34 -32.72 24.43
C ARG B 167 52.67 -31.55 25.36
N ASP B 168 53.83 -31.57 26.01
CA ASP B 168 54.17 -30.53 27.00
CA ASP B 168 54.33 -30.54 26.96
C ASP B 168 54.26 -29.16 26.30
N LEU B 169 54.54 -29.13 24.99
CA LEU B 169 54.64 -27.86 24.23
C LEU B 169 53.24 -27.44 23.80
N PHE B 170 52.55 -28.24 23.00
CA PHE B 170 51.27 -27.80 22.37
C PHE B 170 50.16 -27.66 23.42
N ARG B 171 50.21 -28.37 24.55
CA ARG B 171 49.20 -28.14 25.63
C ARG B 171 49.46 -26.79 26.30
N THR B 172 50.73 -26.43 26.50
CA THR B 172 51.10 -25.11 27.07
C THR B 172 50.57 -24.03 26.13
N PHE B 173 50.94 -24.15 24.85
CA PHE B 173 50.57 -23.20 23.78
C PHE B 173 49.05 -23.03 23.75
N SER B 174 48.33 -24.14 23.75
CA SER B 174 46.86 -24.23 23.59
C SER B 174 46.20 -23.50 24.76
N ASP B 175 46.52 -23.88 26.00
CA ASP B 175 45.98 -23.20 27.22
C ASP B 175 46.12 -21.68 27.08
N ALA B 176 47.31 -21.20 26.74
CA ALA B 176 47.65 -19.76 26.66
C ALA B 176 46.75 -19.05 25.66
N MET B 177 46.54 -19.68 24.51
CA MET B 177 45.77 -19.10 23.39
C MET B 177 44.28 -19.10 23.73
N LEU B 178 43.86 -19.84 24.75
CA LEU B 178 42.45 -19.81 25.20
C LEU B 178 42.34 -19.04 26.51
N SER B 179 43.32 -18.20 26.84
CA SER B 179 43.22 -17.36 28.06
C SER B 179 42.43 -16.09 27.75
N SER B 180 41.55 -15.72 28.68
CA SER B 180 40.75 -14.45 28.68
C SER B 180 41.53 -13.38 29.43
N THR B 181 41.92 -13.65 30.69
CA THR B 181 42.51 -12.67 31.63
C THR B 181 43.93 -13.02 32.13
N ARG B 182 44.42 -14.25 31.93
CA ARG B 182 45.71 -14.72 32.54
C ARG B 182 46.90 -13.96 31.97
N LEU B 183 47.10 -14.03 30.65
CA LEU B 183 48.29 -13.47 29.97
C LEU B 183 47.89 -12.21 29.21
N THR B 184 48.87 -11.58 28.57
CA THR B 184 48.75 -10.28 27.85
C THR B 184 48.77 -10.49 26.33
N ALA B 185 48.40 -9.47 25.57
CA ALA B 185 48.57 -9.43 24.10
C ALA B 185 49.94 -10.02 23.77
N ALA B 186 50.99 -9.54 24.45
CA ALA B 186 52.42 -9.74 24.10
C ALA B 186 52.86 -11.18 24.38
N GLU B 187 52.57 -11.66 25.60
CA GLU B 187 52.83 -13.05 26.06
C GLU B 187 52.15 -14.04 25.10
N ILE B 188 50.84 -13.89 24.91
CA ILE B 188 50.00 -14.74 24.02
C ILE B 188 50.53 -14.69 22.58
N GLN B 189 50.94 -13.51 22.12
CA GLN B 189 51.34 -13.30 20.71
C GLN B 189 52.63 -14.08 20.42
N ARG B 190 53.53 -14.19 21.41
CA ARG B 190 54.82 -14.92 21.22
CA ARG B 190 54.82 -14.92 21.23
C ARG B 190 54.50 -16.41 21.14
N VAL B 191 53.56 -16.89 21.97
CA VAL B 191 53.02 -18.28 21.93
C VAL B 191 52.54 -18.58 20.50
N GLN B 192 51.76 -17.68 19.89
CA GLN B 192 51.21 -17.91 18.53
C GLN B 192 52.39 -18.07 17.56
N GLN B 193 53.37 -17.17 17.61
CA GLN B 193 54.54 -17.23 16.69
CA GLN B 193 54.52 -17.24 16.68
C GLN B 193 55.22 -18.60 16.88
N ASP B 194 55.39 -19.02 18.12
CA ASP B 194 55.99 -20.34 18.44
C ASP B 194 55.11 -21.44 17.82
N PHE B 195 53.80 -21.45 18.12
CA PHE B 195 52.86 -22.52 17.66
C PHE B 195 52.92 -22.58 16.15
N MET B 196 52.90 -21.41 15.52
CA MET B 196 52.85 -21.26 14.04
C MET B 196 54.10 -21.88 13.42
N VAL B 197 55.24 -21.74 14.10
CA VAL B 197 56.58 -22.21 13.63
C VAL B 197 56.66 -23.73 13.79
N TYR B 198 56.23 -24.22 14.96
CA TYR B 198 56.13 -25.66 15.30
C TYR B 198 55.30 -26.41 14.24
N MET B 199 54.14 -25.84 13.91
CA MET B 199 53.12 -26.48 13.05
C MET B 199 53.58 -26.36 11.60
N ASP B 200 54.24 -25.26 11.23
CA ASP B 200 54.85 -25.13 9.88
C ASP B 200 55.89 -26.27 9.76
N GLY B 201 56.54 -26.60 10.88
CA GLY B 201 57.51 -27.72 10.99
C GLY B 201 56.91 -29.02 10.51
N LEU B 202 55.82 -29.44 11.17
CA LEU B 202 55.07 -30.69 10.87
C LEU B 202 54.56 -30.69 9.42
N VAL B 203 53.95 -29.61 8.93
CA VAL B 203 53.37 -29.68 7.57
C VAL B 203 54.53 -29.76 6.56
N ALA B 204 55.68 -29.16 6.85
CA ALA B 204 56.84 -29.10 5.91
C ALA B 204 57.38 -30.52 5.65
N GLN B 205 57.46 -31.34 6.70
CA GLN B 205 57.94 -32.76 6.68
C GLN B 205 57.26 -33.59 5.58
N ARG B 206 56.05 -33.24 5.17
CA ARG B 206 55.15 -34.17 4.42
C ARG B 206 54.92 -33.70 2.98
N ARG B 207 55.67 -32.71 2.47
CA ARG B 207 55.44 -32.17 1.10
CA ARG B 207 55.45 -32.17 1.10
C ARG B 207 56.00 -33.14 0.05
N ASP B 208 57.18 -33.76 0.33
CA ASP B 208 57.87 -34.71 -0.58
CA ASP B 208 57.86 -34.72 -0.58
C ASP B 208 57.91 -36.11 0.07
N ALA B 209 57.18 -36.30 1.18
CA ALA B 209 57.01 -37.61 1.89
C ALA B 209 55.55 -37.77 2.29
N PRO B 210 54.61 -37.88 1.31
CA PRO B 210 53.18 -37.79 1.60
C PRO B 210 52.73 -38.82 2.65
N THR B 211 51.89 -38.39 3.60
CA THR B 211 51.38 -39.23 4.73
C THR B 211 49.85 -39.34 4.60
N GLU B 212 49.24 -40.31 5.30
CA GLU B 212 47.77 -40.48 5.42
CA GLU B 212 47.75 -40.41 5.40
C GLU B 212 47.32 -39.87 6.76
N ASP B 213 47.98 -38.79 7.18
CA ASP B 213 47.62 -37.90 8.30
C ASP B 213 46.76 -36.76 7.77
N LEU B 214 46.06 -36.05 8.64
CA LEU B 214 45.30 -34.84 8.26
C LEU B 214 46.29 -33.72 7.90
N LEU B 215 47.45 -33.69 8.54
CA LEU B 215 48.60 -32.81 8.16
C LEU B 215 49.16 -33.25 6.80
N GLY B 216 48.94 -34.51 6.40
CA GLY B 216 49.24 -34.98 5.04
C GLY B 216 48.53 -34.12 4.00
N ALA B 217 47.23 -33.90 4.18
CA ALA B 217 46.33 -33.11 3.28
C ALA B 217 46.73 -31.63 3.29
N LEU B 218 47.13 -31.11 4.46
CA LEU B 218 47.61 -29.71 4.61
C LEU B 218 48.83 -29.54 3.69
N ALA B 219 49.78 -30.48 3.78
CA ALA B 219 51.07 -30.45 3.04
C ALA B 219 50.83 -30.49 1.53
N LEU B 220 49.83 -31.23 1.06
CA LEU B 220 49.46 -31.26 -0.39
C LEU B 220 49.13 -29.83 -0.84
N ALA B 221 48.27 -29.14 -0.09
CA ALA B 221 47.67 -27.83 -0.42
C ALA B 221 48.72 -26.72 -0.38
N THR B 222 49.80 -26.86 0.39
CA THR B 222 50.93 -25.88 0.34
C THR B 222 51.51 -25.87 -1.08
N ASP B 223 51.44 -26.99 -1.82
CA ASP B 223 52.06 -27.13 -3.17
CA ASP B 223 52.05 -27.15 -3.17
C ASP B 223 51.01 -26.89 -4.26
N ASN B 224 49.90 -27.65 -4.27
CA ASN B 224 49.03 -27.85 -5.46
CA ASN B 224 49.04 -27.85 -5.47
C ASN B 224 47.81 -26.91 -5.47
N ASP B 225 47.59 -26.13 -4.39
CA ASP B 225 46.51 -25.11 -4.35
CA ASP B 225 46.52 -25.11 -4.33
C ASP B 225 47.14 -23.72 -4.49
N ASP B 226 46.40 -22.78 -5.11
CA ASP B 226 46.89 -21.42 -5.46
CA ASP B 226 46.91 -21.42 -5.43
C ASP B 226 46.14 -20.36 -4.64
N HIS B 227 44.80 -20.49 -4.49
CA HIS B 227 43.96 -19.47 -3.79
CA HIS B 227 43.95 -19.50 -3.77
C HIS B 227 44.29 -19.45 -2.28
N LEU B 228 44.66 -20.60 -1.69
CA LEU B 228 45.01 -20.72 -0.25
C LEU B 228 46.48 -20.37 -0.06
N THR B 229 46.79 -19.52 0.91
CA THR B 229 48.18 -19.18 1.32
C THR B 229 48.68 -20.22 2.31
N LYS B 230 49.97 -20.15 2.61
CA LYS B 230 50.65 -21.04 3.60
CA LYS B 230 50.65 -21.03 3.60
C LYS B 230 50.14 -20.67 5.01
N GLY B 231 49.98 -19.37 5.27
CA GLY B 231 49.44 -18.87 6.54
C GLY B 231 48.08 -19.49 6.83
N GLU B 232 47.13 -19.29 5.90
CA GLU B 232 45.76 -19.86 5.90
C GLU B 232 45.82 -21.34 6.29
N ILE B 233 46.72 -22.10 5.64
CA ILE B 233 46.86 -23.58 5.78
C ILE B 233 47.45 -23.96 7.14
N VAL B 234 48.67 -23.52 7.48
CA VAL B 234 49.31 -23.81 8.79
C VAL B 234 48.34 -23.46 9.92
N ASN B 235 47.60 -22.37 9.79
CA ASN B 235 46.70 -21.90 10.89
C ASN B 235 45.60 -22.94 11.12
N MET B 236 45.15 -23.65 10.08
CA MET B 236 44.12 -24.69 10.20
C MET B 236 44.59 -25.80 11.15
N GLY B 237 45.83 -26.27 10.98
CA GLY B 237 46.44 -27.29 11.87
C GLY B 237 46.49 -26.82 13.31
N VAL B 238 46.91 -25.58 13.51
CA VAL B 238 47.04 -24.98 14.87
C VAL B 238 45.66 -24.97 15.55
N TYR B 239 44.60 -24.52 14.85
CA TYR B 239 43.24 -24.35 15.44
C TYR B 239 42.68 -25.74 15.70
N LEU B 240 42.90 -26.67 14.75
CA LEU B 240 42.41 -28.07 14.83
C LEU B 240 43.03 -28.75 16.06
N LEU B 241 44.35 -28.64 16.20
CA LEU B 241 45.07 -29.23 17.36
C LEU B 241 44.53 -28.62 18.66
N ILE B 242 44.43 -27.28 18.73
CA ILE B 242 43.93 -26.59 19.95
C ILE B 242 42.52 -27.08 20.25
N ALA B 243 41.61 -26.95 19.27
CA ALA B 243 40.16 -27.16 19.46
C ALA B 243 39.90 -28.64 19.78
N GLY B 244 40.60 -29.52 19.05
CA GLY B 244 40.46 -30.98 19.09
C GLY B 244 40.52 -31.53 20.50
N HIS B 245 41.51 -31.10 21.28
CA HIS B 245 41.69 -31.60 22.67
C HIS B 245 41.01 -30.65 23.66
N GLU B 246 41.19 -29.33 23.54
CA GLU B 246 40.83 -28.34 24.60
C GLU B 246 39.34 -28.41 24.96
N THR B 247 38.50 -28.62 23.95
CA THR B 247 37.03 -28.75 24.05
C THR B 247 36.72 -30.03 24.83
N SER B 248 37.01 -31.17 24.20
CA SER B 248 36.66 -32.53 24.67
C SER B 248 37.17 -32.74 26.10
N VAL B 249 38.42 -32.36 26.39
CA VAL B 249 39.03 -32.51 27.75
C VAL B 249 38.08 -31.87 28.75
N ASN B 250 37.79 -30.58 28.55
CA ASN B 250 36.97 -29.78 29.49
C ASN B 250 35.55 -30.36 29.53
N GLN B 251 35.02 -30.68 28.36
CA GLN B 251 33.61 -31.12 28.17
C GLN B 251 33.41 -32.46 28.89
N ILE B 252 34.36 -33.40 28.81
CA ILE B 252 34.29 -34.68 29.57
C ILE B 252 34.15 -34.39 31.07
N THR B 253 34.94 -33.46 31.63
CA THR B 253 34.90 -33.14 33.08
C THR B 253 33.57 -32.46 33.40
N ASN B 254 33.03 -31.65 32.48
CA ASN B 254 31.78 -30.91 32.71
C ASN B 254 30.61 -31.90 32.75
N LEU B 255 30.59 -32.90 31.86
CA LEU B 255 29.45 -33.87 31.80
C LEU B 255 29.48 -34.76 33.06
N VAL B 256 30.65 -35.29 33.39
CA VAL B 256 30.80 -36.16 34.60
C VAL B 256 30.33 -35.35 35.81
N HIS B 257 30.78 -34.10 35.93
CA HIS B 257 30.37 -33.20 37.04
C HIS B 257 28.85 -33.07 37.10
N LEU B 258 28.18 -32.85 35.97
CA LEU B 258 26.69 -32.73 35.94
C LEU B 258 26.07 -34.08 36.34
N LEU B 259 26.63 -35.21 35.88
CA LEU B 259 26.08 -36.57 36.13
C LEU B 259 26.18 -36.97 37.61
N LEU B 260 27.19 -36.50 38.36
CA LEU B 260 27.53 -37.04 39.71
C LEU B 260 27.16 -36.08 40.86
N THR B 261 26.96 -34.78 40.60
CA THR B 261 26.46 -33.80 41.61
C THR B 261 24.95 -33.91 41.81
N GLU B 262 24.26 -34.65 40.91
CA GLU B 262 22.87 -35.13 41.10
C GLU B 262 22.82 -36.57 40.58
N ARG B 263 23.33 -37.52 41.35
CA ARG B 263 23.74 -38.86 40.84
C ARG B 263 22.60 -39.53 40.08
N LYS B 264 21.33 -39.19 40.38
CA LYS B 264 20.14 -39.80 39.75
CA LYS B 264 20.14 -39.82 39.74
C LYS B 264 20.32 -39.80 38.23
N ARG B 265 20.83 -38.67 37.71
CA ARG B 265 21.21 -38.49 36.28
C ARG B 265 22.13 -39.64 35.84
N TYR B 266 23.23 -39.88 36.57
CA TYR B 266 24.20 -40.97 36.28
C TYR B 266 23.53 -42.33 36.50
N GLU B 267 22.72 -42.44 37.55
CA GLU B 267 21.91 -43.65 37.85
C GLU B 267 21.00 -43.99 36.65
N SER B 268 20.48 -42.99 35.93
CA SER B 268 19.57 -43.23 34.78
C SER B 268 20.37 -43.76 33.57
N LEU B 269 21.69 -43.57 33.54
CA LEU B 269 22.48 -43.99 32.35
C LEU B 269 22.93 -45.44 32.53
N VAL B 270 23.22 -45.88 33.76
CA VAL B 270 23.37 -47.32 34.16
C VAL B 270 22.15 -48.11 33.64
N ALA B 271 20.94 -47.79 34.13
CA ALA B 271 19.64 -48.41 33.78
C ALA B 271 19.50 -48.62 32.27
N ASP B 272 19.73 -47.55 31.51
CA ASP B 272 19.61 -47.54 30.03
C ASP B 272 20.85 -46.83 29.47
N PRO B 273 21.92 -47.57 29.12
CA PRO B 273 23.08 -47.00 28.43
C PRO B 273 22.89 -46.54 26.97
N ALA B 274 21.76 -46.87 26.35
CA ALA B 274 21.48 -46.44 24.96
C ALA B 274 21.01 -44.98 24.98
N LEU B 275 20.58 -44.51 26.15
CA LEU B 275 20.15 -43.12 26.49
C LEU B 275 21.33 -42.14 26.43
N VAL B 276 22.56 -42.66 26.49
CA VAL B 276 23.80 -41.85 26.59
C VAL B 276 23.84 -40.80 25.48
N PRO B 277 23.75 -41.15 24.17
CA PRO B 277 23.79 -40.14 23.10
C PRO B 277 22.82 -38.96 23.26
N ALA B 278 21.60 -39.22 23.70
CA ALA B 278 20.58 -38.17 23.91
C ALA B 278 20.98 -37.33 25.13
N ALA B 279 21.39 -37.96 26.23
CA ALA B 279 21.93 -37.28 27.44
C ALA B 279 23.11 -36.36 27.05
N VAL B 280 24.01 -36.86 26.19
CA VAL B 280 25.14 -36.06 25.65
C VAL B 280 24.62 -34.78 24.99
N GLU B 281 23.57 -34.84 24.15
CA GLU B 281 23.06 -33.62 23.46
C GLU B 281 22.50 -32.65 24.50
N GLU B 282 21.81 -33.19 25.50
CA GLU B 282 21.08 -32.38 26.50
C GLU B 282 22.12 -31.65 27.38
N MET B 283 23.25 -32.30 27.63
CA MET B 283 24.31 -31.74 28.51
C MET B 283 25.16 -30.75 27.73
N LEU B 284 25.25 -30.89 26.40
CA LEU B 284 25.91 -29.90 25.52
C LEU B 284 25.08 -28.61 25.54
N ARG B 285 23.75 -28.71 25.54
CA ARG B 285 22.84 -27.54 25.64
C ARG B 285 23.02 -26.89 27.01
N TYR B 286 23.10 -27.71 28.06
CA TYR B 286 23.02 -27.26 29.47
C TYR B 286 24.35 -26.62 29.88
N THR B 287 25.44 -26.94 29.19
CA THR B 287 26.81 -26.66 29.68
C THR B 287 27.36 -25.41 29.00
N PRO B 288 27.63 -24.34 29.76
CA PRO B 288 28.36 -23.19 29.22
C PRO B 288 29.83 -23.52 29.01
N LEU B 289 30.15 -24.36 28.02
CA LEU B 289 31.56 -24.67 27.70
C LEU B 289 32.26 -23.36 27.36
N VAL B 290 31.79 -22.66 26.35
CA VAL B 290 32.26 -21.26 26.08
C VAL B 290 31.69 -20.41 27.22
N SER B 291 32.57 -19.92 28.09
CA SER B 291 32.27 -19.32 29.42
C SER B 291 31.42 -18.06 29.24
N ALA B 292 31.79 -17.23 28.27
CA ALA B 292 31.12 -15.95 27.97
C ALA B 292 31.33 -15.61 26.50
N GLY B 293 30.29 -15.16 25.81
CA GLY B 293 30.47 -14.45 24.53
C GLY B 293 31.00 -15.39 23.46
N SER B 294 31.65 -14.82 22.46
CA SER B 294 31.81 -15.47 21.14
C SER B 294 32.86 -14.72 20.35
N PHE B 295 33.42 -15.36 19.33
CA PHE B 295 34.09 -14.61 18.25
C PHE B 295 33.07 -13.58 17.76
N VAL B 296 33.48 -12.35 17.49
CA VAL B 296 32.50 -11.24 17.22
C VAL B 296 32.14 -11.22 15.73
N ARG B 297 30.87 -10.88 15.48
CA ARG B 297 30.29 -10.62 14.14
C ARG B 297 30.01 -9.11 13.98
N VAL B 298 30.44 -8.52 12.86
CA VAL B 298 30.21 -7.12 12.42
C VAL B 298 29.18 -7.12 11.28
N ALA B 299 28.09 -6.36 11.41
CA ALA B 299 27.10 -6.21 10.33
C ALA B 299 27.76 -5.54 9.13
N THR B 300 27.44 -5.99 7.92
CA THR B 300 27.91 -5.42 6.64
C THR B 300 26.75 -4.63 5.99
N GLU B 301 25.52 -4.91 6.44
CA GLU B 301 24.24 -4.22 6.11
C GLU B 301 23.40 -4.13 7.38
N ASP B 302 22.38 -3.27 7.43
CA ASP B 302 21.41 -3.29 8.56
C ASP B 302 20.73 -4.66 8.56
N VAL B 303 20.44 -5.19 9.73
CA VAL B 303 19.84 -6.54 9.95
C VAL B 303 18.84 -6.39 11.08
N GLU B 304 17.56 -6.70 10.82
CA GLU B 304 16.47 -6.62 11.85
CA GLU B 304 16.46 -6.63 11.83
C GLU B 304 16.63 -7.83 12.78
N LEU B 305 16.85 -7.57 14.06
CA LEU B 305 16.76 -8.59 15.14
C LEU B 305 15.43 -8.40 15.87
N SER B 306 15.10 -9.25 16.85
CA SER B 306 13.82 -9.24 17.59
C SER B 306 13.39 -7.82 17.98
N THR B 307 14.30 -7.01 18.53
CA THR B 307 13.96 -5.73 19.22
C THR B 307 14.83 -4.55 18.77
N VAL B 308 15.82 -4.78 17.91
CA VAL B 308 16.75 -3.75 17.35
C VAL B 308 17.06 -4.10 15.90
N THR B 309 17.27 -3.07 15.09
CA THR B 309 18.01 -3.16 13.82
C THR B 309 19.47 -2.87 14.12
N VAL B 310 20.33 -3.88 14.08
CA VAL B 310 21.81 -3.67 14.12
C VAL B 310 22.18 -2.91 12.83
N ARG B 311 23.03 -1.90 12.92
CA ARG B 311 23.39 -1.06 11.76
C ARG B 311 24.69 -1.57 11.17
N ALA B 312 24.84 -1.48 9.85
CA ALA B 312 26.08 -1.88 9.16
C ALA B 312 27.24 -1.22 9.90
N GLY B 313 28.12 -2.02 10.50
CA GLY B 313 29.35 -1.54 11.14
C GLY B 313 29.33 -1.81 12.62
N GLU B 314 28.15 -2.10 13.16
CA GLU B 314 27.97 -2.43 14.60
C GLU B 314 28.37 -3.89 14.82
N PRO B 315 29.09 -4.18 15.92
CA PRO B 315 29.48 -5.54 16.26
C PRO B 315 28.47 -6.17 17.22
N CYS B 316 28.21 -7.48 17.02
CA CYS B 316 27.45 -8.32 17.99
C CYS B 316 28.30 -9.50 18.42
N VAL B 317 27.99 -9.95 19.64
CA VAL B 317 28.57 -11.16 20.29
C VAL B 317 27.38 -11.98 20.76
N VAL B 318 27.54 -13.30 20.85
CA VAL B 318 26.45 -14.26 21.16
C VAL B 318 26.90 -15.03 22.39
N HIS B 319 26.02 -15.23 23.38
CA HIS B 319 26.24 -16.22 24.46
C HIS B 319 25.46 -17.49 24.13
N PHE B 320 26.13 -18.45 23.50
CA PHE B 320 25.61 -19.81 23.17
C PHE B 320 24.81 -20.37 24.36
N ALA B 321 25.34 -20.33 25.57
CA ALA B 321 24.69 -20.99 26.72
C ALA B 321 23.32 -20.34 26.96
N SER B 322 23.21 -19.04 26.67
CA SER B 322 21.96 -18.27 26.89
C SER B 322 20.92 -18.73 25.88
N ALA B 323 21.24 -18.67 24.59
CA ALA B 323 20.44 -19.24 23.48
C ALA B 323 19.99 -20.66 23.86
N ASN B 324 20.83 -21.43 24.53
CA ASN B 324 20.50 -22.85 24.83
C ASN B 324 19.62 -22.96 26.09
N ARG B 325 19.24 -21.82 26.68
CA ARG B 325 18.27 -21.81 27.81
C ARG B 325 17.03 -21.00 27.43
N ASP B 326 16.70 -20.89 26.12
CA ASP B 326 15.64 -19.99 25.59
C ASP B 326 14.26 -20.64 25.73
N GLU B 327 13.45 -20.19 26.69
CA GLU B 327 12.12 -20.77 27.05
C GLU B 327 11.17 -20.76 25.86
N GLU B 328 11.38 -19.87 24.89
CA GLU B 328 10.64 -19.90 23.59
C GLU B 328 10.86 -21.26 22.92
N VAL B 329 12.05 -21.87 23.07
CA VAL B 329 12.50 -23.05 22.27
C VAL B 329 12.42 -24.34 23.09
N PHE B 330 13.01 -24.39 24.27
CA PHE B 330 13.02 -25.60 25.14
C PHE B 330 12.03 -25.38 26.28
N ASP B 331 11.19 -26.38 26.57
CA ASP B 331 10.34 -26.39 27.78
C ASP B 331 11.25 -26.70 28.98
N HIS B 332 10.96 -26.10 30.14
CA HIS B 332 11.69 -26.27 31.43
C HIS B 332 13.21 -26.23 31.14
N ALA B 333 13.63 -25.18 30.42
CA ALA B 333 14.98 -25.01 29.85
C ALA B 333 16.04 -25.06 30.95
N ASP B 334 15.72 -24.56 32.15
CA ASP B 334 16.61 -24.48 33.34
CA ASP B 334 16.72 -24.49 33.25
C ASP B 334 16.85 -25.87 33.93
N GLU B 335 16.17 -26.89 33.42
CA GLU B 335 16.23 -28.27 33.96
C GLU B 335 16.77 -29.22 32.87
N LEU B 336 17.64 -30.13 33.29
CA LEU B 336 18.38 -31.13 32.46
C LEU B 336 17.54 -32.40 32.32
N ASP B 337 16.96 -32.63 31.13
CA ASP B 337 16.07 -33.78 30.81
C ASP B 337 16.62 -34.54 29.60
N PHE B 338 16.84 -35.86 29.75
CA PHE B 338 17.47 -36.74 28.71
C PHE B 338 16.40 -37.31 27.76
N HIS B 339 15.12 -37.03 28.05
CA HIS B 339 13.96 -37.52 27.27
C HIS B 339 13.20 -36.35 26.62
N ARG B 340 13.91 -35.33 26.14
CA ARG B 340 13.31 -34.22 25.34
C ARG B 340 13.08 -34.71 23.91
N GLU B 341 11.99 -34.29 23.26
CA GLU B 341 11.61 -34.82 21.93
CA GLU B 341 11.62 -34.83 21.92
C GLU B 341 12.63 -34.35 20.87
N ARG B 342 12.84 -33.04 20.73
CA ARG B 342 13.59 -32.47 19.56
CA ARG B 342 13.57 -32.46 19.57
C ARG B 342 14.98 -31.98 19.98
N ASN B 343 15.07 -31.02 20.91
CA ASN B 343 16.37 -30.47 21.45
C ASN B 343 17.27 -29.83 20.38
N PRO B 344 16.87 -28.70 19.75
CA PRO B 344 17.67 -28.06 18.70
C PRO B 344 18.66 -27.01 19.21
N HIS B 345 19.72 -27.44 19.89
CA HIS B 345 20.68 -26.54 20.59
C HIS B 345 21.62 -25.87 19.56
N ILE B 346 22.47 -24.94 20.02
CA ILE B 346 23.59 -24.36 19.19
C ILE B 346 24.92 -24.47 19.92
N ALA B 347 25.07 -25.41 20.85
CA ALA B 347 26.34 -25.69 21.56
C ALA B 347 27.51 -25.84 20.57
N PHE B 348 27.28 -26.24 19.32
CA PHE B 348 28.33 -26.32 18.26
C PHE B 348 28.21 -25.14 17.27
N GLY B 349 27.58 -24.05 17.71
CA GLY B 349 27.32 -22.87 16.88
C GLY B 349 26.27 -23.12 15.81
N HIS B 350 26.37 -22.40 14.69
CA HIS B 350 25.31 -22.29 13.66
C HIS B 350 25.84 -21.50 12.45
N GLY B 351 25.35 -21.83 11.27
CA GLY B 351 25.76 -21.13 10.03
C GLY B 351 27.17 -21.52 9.63
N ALA B 352 27.84 -20.63 8.91
CA ALA B 352 29.09 -20.92 8.17
C ALA B 352 30.09 -21.63 9.08
N HIS B 353 30.28 -21.08 10.29
CA HIS B 353 31.31 -21.51 11.27
CA HIS B 353 31.32 -21.52 11.27
C HIS B 353 30.78 -22.59 12.23
N HIS B 354 29.77 -23.38 11.82
CA HIS B 354 29.33 -24.57 12.61
C HIS B 354 30.60 -25.35 13.00
N CYS B 355 30.66 -25.85 14.22
CA CYS B 355 31.85 -26.61 14.69
C CYS B 355 32.21 -27.70 13.68
N ILE B 356 33.37 -27.60 13.05
CA ILE B 356 33.86 -28.58 12.03
C ILE B 356 34.07 -29.93 12.71
N GLY B 357 34.13 -29.97 14.05
CA GLY B 357 34.53 -31.18 14.79
C GLY B 357 33.40 -31.81 15.55
N ALA B 358 32.18 -31.29 15.39
CA ALA B 358 31.02 -31.59 16.26
C ALA B 358 30.79 -33.10 16.30
N GLN B 359 31.06 -33.78 15.19
CA GLN B 359 30.84 -35.24 15.05
C GLN B 359 31.88 -35.94 15.91
N LEU B 360 33.15 -35.62 15.69
CA LEU B 360 34.26 -36.16 16.51
C LEU B 360 34.01 -35.86 18.00
N GLY B 361 33.59 -34.64 18.33
CA GLY B 361 33.27 -34.26 19.72
C GLY B 361 32.21 -35.16 20.32
N ARG B 362 31.17 -35.48 19.54
CA ARG B 362 30.02 -36.30 20.01
C ARG B 362 30.48 -37.74 20.19
N LEU B 363 31.25 -38.26 19.23
CA LEU B 363 31.85 -39.61 19.34
C LEU B 363 32.59 -39.65 20.69
N GLU B 364 33.55 -38.75 20.86
CA GLU B 364 34.51 -38.73 22.00
C GLU B 364 33.67 -38.83 23.28
N LEU B 365 32.59 -38.04 23.41
CA LEU B 365 31.85 -37.91 24.69
C LEU B 365 30.98 -39.16 24.89
N GLN B 366 30.44 -39.71 23.80
CA GLN B 366 29.56 -40.89 23.80
C GLN B 366 30.36 -42.10 24.27
N GLU B 367 31.48 -42.36 23.60
CA GLU B 367 32.35 -43.51 23.92
C GLU B 367 32.87 -43.38 25.35
N ALA B 368 33.22 -42.19 25.81
CA ALA B 368 33.71 -41.96 27.19
C ALA B 368 32.59 -42.25 28.21
N LEU B 369 31.38 -41.71 28.03
CA LEU B 369 30.29 -41.94 29.03
C LEU B 369 29.84 -43.41 29.00
N SER B 370 29.58 -43.99 27.83
CA SER B 370 29.08 -45.38 27.70
C SER B 370 30.00 -46.32 28.48
N ALA B 371 31.32 -46.21 28.27
CA ALA B 371 32.36 -46.98 28.99
C ALA B 371 32.16 -46.82 30.50
N LEU B 372 32.00 -45.59 30.99
CA LEU B 372 31.90 -45.29 32.45
C LEU B 372 30.64 -45.92 33.02
N VAL B 373 29.49 -45.63 32.43
CA VAL B 373 28.17 -46.09 32.94
CA VAL B 373 28.15 -46.08 32.92
C VAL B 373 28.07 -47.62 32.86
N ARG B 374 28.72 -48.23 31.86
CA ARG B 374 28.71 -49.71 31.67
C ARG B 374 29.69 -50.36 32.64
N ARG B 375 30.92 -49.84 32.75
CA ARG B 375 32.06 -50.47 33.49
C ARG B 375 32.10 -50.03 34.97
N PHE B 376 31.46 -48.92 35.35
CA PHE B 376 31.65 -48.32 36.71
C PHE B 376 30.33 -47.75 37.21
N PRO B 377 29.31 -48.60 37.40
CA PRO B 377 28.01 -48.17 37.92
C PRO B 377 28.03 -47.62 39.36
N THR B 378 29.14 -47.82 40.08
CA THR B 378 29.38 -47.34 41.47
C THR B 378 30.08 -45.96 41.49
N LEU B 379 30.39 -45.40 40.31
CA LEU B 379 31.18 -44.15 40.18
C LEU B 379 30.60 -43.06 41.08
N ASP B 380 31.45 -42.33 41.80
CA ASP B 380 31.02 -41.16 42.59
C ASP B 380 32.17 -40.15 42.69
N LEU B 381 31.79 -38.88 42.81
CA LEU B 381 32.66 -37.75 43.21
C LEU B 381 33.31 -38.07 44.57
N ALA B 382 34.65 -38.01 44.65
CA ALA B 382 35.45 -38.52 45.78
C ALA B 382 36.32 -37.40 46.37
N GLU B 383 35.89 -36.15 46.17
CA GLU B 383 36.52 -34.93 46.74
C GLU B 383 35.41 -33.90 46.92
N PRO B 384 35.58 -32.91 47.83
CA PRO B 384 34.43 -32.12 48.28
C PRO B 384 34.10 -31.14 47.14
N VAL B 385 32.81 -31.04 46.79
CA VAL B 385 32.31 -30.19 45.67
C VAL B 385 32.97 -28.82 45.79
N ALA B 386 32.82 -28.19 46.96
CA ALA B 386 33.26 -26.82 47.31
C ALA B 386 34.77 -26.61 47.03
N GLY B 387 35.54 -27.70 46.94
CA GLY B 387 37.00 -27.68 46.74
C GLY B 387 37.40 -27.86 45.28
N LEU B 388 36.46 -28.13 44.38
CA LEU B 388 36.75 -28.46 42.95
C LEU B 388 37.56 -27.33 42.32
N LYS B 389 38.64 -27.68 41.64
CA LYS B 389 39.61 -26.71 41.07
CA LYS B 389 39.60 -26.69 41.08
C LYS B 389 39.20 -26.36 39.64
N TRP B 390 38.21 -25.47 39.48
CA TRP B 390 37.71 -24.98 38.16
C TRP B 390 38.76 -24.09 37.52
N LYS B 391 39.13 -24.37 36.27
CA LYS B 391 40.12 -23.53 35.54
C LYS B 391 39.67 -22.06 35.62
N GLN B 392 40.57 -21.16 36.02
CA GLN B 392 40.34 -19.69 36.04
C GLN B 392 41.01 -19.05 34.82
N GLY B 393 40.46 -17.90 34.38
CA GLY B 393 41.10 -16.98 33.41
C GLY B 393 41.08 -17.50 31.98
N MET B 394 40.20 -18.47 31.70
CA MET B 394 40.14 -19.15 30.38
C MET B 394 38.84 -18.79 29.69
N LEU B 395 38.87 -18.77 28.36
CA LEU B 395 37.70 -18.54 27.49
C LEU B 395 36.69 -19.69 27.60
N ILE B 396 37.07 -20.84 28.16
CA ILE B 396 36.18 -22.04 28.33
C ILE B 396 36.26 -22.55 29.76
N ARG B 397 35.27 -23.33 30.20
CA ARG B 397 35.23 -23.87 31.59
C ARG B 397 35.53 -25.38 31.58
N GLY B 398 36.15 -25.84 32.68
CA GLY B 398 36.61 -27.22 32.88
C GLY B 398 37.29 -27.37 34.24
N LEU B 399 37.39 -28.61 34.72
CA LEU B 399 38.06 -28.93 36.00
C LEU B 399 39.53 -29.27 35.75
N GLU B 400 40.42 -28.77 36.61
CA GLU B 400 41.90 -28.96 36.52
C GLU B 400 42.24 -30.32 37.18
N ARG B 401 41.41 -30.81 38.10
CA ARG B 401 41.39 -32.24 38.53
C ARG B 401 39.95 -32.66 38.90
N GLN B 402 39.67 -33.97 38.92
CA GLN B 402 38.33 -34.53 39.22
C GLN B 402 38.52 -35.95 39.79
N ILE B 403 38.55 -36.06 41.11
CA ILE B 403 38.82 -37.36 41.80
C ILE B 403 37.51 -38.10 42.03
N VAL B 404 37.46 -39.33 41.54
CA VAL B 404 36.24 -40.19 41.52
C VAL B 404 36.61 -41.52 42.21
N SER B 405 35.59 -42.19 42.74
CA SER B 405 35.68 -43.51 43.38
C SER B 405 34.73 -44.49 42.68
N TRP B 406 35.10 -45.76 42.58
CA TRP B 406 34.21 -46.84 42.07
C TRP B 406 34.20 -47.98 43.09
N THR C 8 12.98 58.32 42.04
N THR C 8 20.75 54.56 41.52
CA THR C 8 13.64 56.98 41.96
CA THR C 8 20.26 55.46 40.44
C THR C 8 14.43 56.86 40.67
C THR C 8 21.31 55.57 39.34
N PRO C 9 15.78 56.99 40.70
N PRO C 9 22.61 55.40 39.65
CA PRO C 9 16.60 56.86 39.50
CA PRO C 9 23.64 55.14 38.65
C PRO C 9 16.65 55.41 39.00
C PRO C 9 23.63 53.66 38.27
N ALA C 10 16.64 55.23 37.67
N ALA C 10 23.08 52.85 39.16
CA ALA C 10 16.76 53.95 36.92
CA ALA C 10 22.90 51.38 39.03
C ALA C 10 18.24 53.65 36.65
C ALA C 10 21.94 51.09 37.87
N ASP C 11 18.62 52.36 36.67
N ASP C 11 20.98 51.99 37.67
CA ASP C 11 20.04 51.91 36.69
CA ASP C 11 19.94 51.92 36.60
C ASP C 11 20.60 51.95 35.27
C ASP C 11 20.61 51.93 35.22
N ALA C 12 21.74 52.64 35.07
CA ALA C 12 22.32 52.99 33.75
C ALA C 12 23.09 51.80 33.14
N VAL C 13 22.39 50.75 32.74
CA VAL C 13 22.99 49.51 32.19
C VAL C 13 22.33 49.15 30.85
N PRO C 14 23.02 48.40 29.95
CA PRO C 14 22.42 47.93 28.71
C PRO C 14 21.24 46.96 28.88
N ALA C 15 20.30 47.05 27.94
CA ALA C 15 19.19 46.09 27.76
C ALA C 15 19.76 44.71 27.42
N TYR C 16 19.19 43.64 28.00
CA TYR C 16 19.48 42.23 27.65
C TYR C 16 18.18 41.49 27.41
N PRO C 17 17.98 40.79 26.28
CA PRO C 17 19.00 40.63 25.23
C PRO C 17 19.49 41.85 24.43
N PHE C 18 20.69 41.72 23.89
CA PHE C 18 21.42 42.78 23.13
C PHE C 18 20.81 43.04 21.75
N SER C 19 20.03 42.11 21.17
CA SER C 19 19.62 42.13 19.74
C SER C 19 18.60 41.05 19.38
N LEU C 20 17.88 41.25 18.27
CA LEU C 20 17.05 40.19 17.62
C LEU C 20 18.03 39.12 17.18
N PRO C 21 17.89 37.88 17.69
CA PRO C 21 18.82 36.81 17.31
C PRO C 21 18.58 36.36 15.86
N HIS C 22 19.65 36.08 15.11
CA HIS C 22 19.58 35.56 13.71
C HIS C 22 19.99 34.09 13.71
N ALA C 23 19.07 33.19 13.35
CA ALA C 23 19.32 31.73 13.22
C ALA C 23 20.00 31.23 14.50
N LEU C 24 21.17 30.57 14.38
CA LEU C 24 21.99 30.05 15.50
C LEU C 24 23.24 30.90 15.66
N ASP C 25 23.23 32.12 15.14
CA ASP C 25 24.35 33.08 15.30
C ASP C 25 24.36 33.54 16.77
N LEU C 26 25.56 33.79 17.32
CA LEU C 26 25.79 34.46 18.62
C LEU C 26 25.99 35.95 18.36
N ASP C 27 25.45 36.82 19.22
CA ASP C 27 25.81 38.25 19.22
C ASP C 27 27.34 38.34 19.34
N PRO C 28 28.05 39.10 18.47
CA PRO C 28 29.49 39.26 18.63
C PRO C 28 29.86 40.00 19.93
N HIS C 29 28.89 40.54 20.66
CA HIS C 29 29.12 41.27 21.94
C HIS C 29 29.56 40.30 23.06
N TYR C 30 29.09 39.05 23.05
CA TYR C 30 29.44 38.02 24.06
C TYR C 30 30.96 37.78 24.07
N ALA C 31 31.57 37.71 22.88
CA ALA C 31 33.03 37.51 22.72
C ALA C 31 33.78 38.69 23.38
N GLU C 32 33.29 39.91 23.17
CA GLU C 32 33.89 41.14 23.75
C GLU C 32 33.85 41.01 25.27
N LEU C 33 32.67 40.70 25.80
CA LEU C 33 32.42 40.66 27.26
C LEU C 33 33.32 39.61 27.90
N ARG C 34 33.55 38.48 27.20
CA ARG C 34 34.43 37.40 27.73
C ARG C 34 35.87 37.88 27.85
N ARG C 35 36.34 38.65 26.87
CA ARG C 35 37.70 39.24 26.87
C ARG C 35 37.81 40.34 27.94
N ASP C 36 36.91 41.32 27.97
CA ASP C 36 37.15 42.63 28.65
C ASP C 36 36.22 42.83 29.86
N GLU C 37 34.99 42.32 29.82
CA GLU C 37 33.96 42.57 30.87
C GLU C 37 33.13 41.30 31.06
N PRO C 38 33.67 40.30 31.80
CA PRO C 38 33.10 38.96 31.85
C PRO C 38 31.82 38.85 32.70
N VAL C 39 31.79 39.47 33.87
CA VAL C 39 30.53 39.81 34.59
C VAL C 39 30.25 41.29 34.29
N SER C 40 29.00 41.64 33.98
CA SER C 40 28.54 42.99 33.52
C SER C 40 27.06 43.16 33.86
N ARG C 41 26.66 44.32 34.40
CA ARG C 41 25.26 44.58 34.84
CA ARG C 41 25.25 44.59 34.83
C ARG C 41 24.39 44.83 33.60
N VAL C 42 23.18 44.26 33.56
CA VAL C 42 22.21 44.36 32.42
C VAL C 42 20.80 44.56 32.95
N ARG C 43 19.91 45.07 32.10
CA ARG C 43 18.45 45.20 32.36
C ARG C 43 17.75 44.09 31.57
N LEU C 44 17.23 43.08 32.27
CA LEU C 44 16.48 42.00 31.59
C LEU C 44 15.13 42.57 31.18
N PRO C 45 14.39 41.88 30.29
CA PRO C 45 13.11 42.36 29.79
C PRO C 45 11.91 42.42 30.74
N TYR C 46 11.90 41.72 31.87
CA TYR C 46 10.75 41.75 32.80
C TYR C 46 11.28 41.77 34.23
N GLY C 47 10.42 42.03 35.21
CA GLY C 47 10.83 42.37 36.59
C GLY C 47 11.43 43.76 36.67
N GLU C 48 11.81 44.21 37.87
CA GLU C 48 12.47 45.50 38.14
C GLU C 48 13.98 45.27 38.27
N GLY C 49 14.78 46.30 38.00
CA GLY C 49 16.18 46.37 38.44
C GLY C 49 17.14 45.76 37.45
N THR C 50 18.26 45.26 37.96
CA THR C 50 19.37 44.76 37.10
CA THR C 50 19.44 44.81 37.18
C THR C 50 19.78 43.35 37.53
N ALA C 51 20.50 42.69 36.64
CA ALA C 51 21.07 41.34 36.88
C ALA C 51 22.52 41.34 36.37
N TRP C 52 23.40 40.64 37.08
CA TRP C 52 24.77 40.36 36.59
C TRP C 52 24.68 39.32 35.47
N LEU C 53 25.10 39.67 34.25
CA LEU C 53 25.21 38.74 33.10
C LEU C 53 26.59 38.09 33.12
N VAL C 54 26.61 36.76 33.18
CA VAL C 54 27.84 35.90 33.26
C VAL C 54 28.13 35.27 31.90
N THR C 55 29.35 35.40 31.38
CA THR C 55 29.68 34.97 29.99
C THR C 55 30.85 33.97 29.96
N ARG C 56 31.70 33.92 30.98
CA ARG C 56 32.85 32.98 31.01
C ARG C 56 32.38 31.65 31.62
N MET C 57 33.09 30.54 31.35
CA MET C 57 32.72 29.21 31.90
C MET C 57 32.91 29.19 33.43
N SER C 58 34.09 29.60 33.92
CA SER C 58 34.42 29.68 35.37
C SER C 58 33.26 30.30 36.17
N ASP C 59 32.75 31.44 35.71
CA ASP C 59 31.68 32.21 36.40
C ASP C 59 30.37 31.42 36.27
N ALA C 60 30.11 30.85 35.08
CA ALA C 60 28.90 30.03 34.80
C ALA C 60 28.82 28.89 35.83
N ARG C 61 29.90 28.16 36.03
CA ARG C 61 29.96 26.99 36.95
C ARG C 61 29.78 27.44 38.40
N ILE C 62 30.16 28.68 38.73
CA ILE C 62 29.98 29.21 40.11
C ILE C 62 28.50 29.52 40.34
N VAL C 63 27.87 30.27 39.43
CA VAL C 63 26.43 30.68 39.49
C VAL C 63 25.54 29.44 39.53
N LEU C 64 25.84 28.47 38.69
CA LEU C 64 25.02 27.24 38.52
C LEU C 64 25.34 26.24 39.62
N GLY C 65 26.62 26.21 40.05
CA GLY C 65 27.20 25.18 40.92
C GLY C 65 27.03 25.47 42.39
N ASP C 66 27.17 26.73 42.80
CA ASP C 66 27.38 27.09 44.22
C ASP C 66 26.04 27.19 44.94
N SER C 67 25.88 26.49 46.06
CA SER C 67 24.65 26.52 46.89
C SER C 67 24.44 27.90 47.54
N ARG C 68 25.32 28.88 47.32
CA ARG C 68 25.09 30.28 47.78
C ARG C 68 24.20 31.02 46.76
N PHE C 69 23.79 30.35 45.69
CA PHE C 69 22.79 30.88 44.72
C PHE C 69 21.48 30.10 44.88
N SER C 70 20.37 30.83 45.08
CA SER C 70 18.98 30.30 45.17
C SER C 70 18.17 30.67 43.92
N THR C 71 17.37 29.72 43.42
CA THR C 71 16.43 29.93 42.29
C THR C 71 15.02 30.15 42.87
N ALA C 72 14.75 29.70 44.09
CA ALA C 72 13.49 29.96 44.82
C ALA C 72 13.37 31.47 45.11
N ALA C 73 14.49 32.12 45.42
CA ALA C 73 14.58 33.58 45.67
C ALA C 73 14.02 34.38 44.49
N ALA C 74 14.09 33.81 43.28
CA ALA C 74 13.81 34.53 42.01
C ALA C 74 12.35 34.37 41.60
N THR C 75 11.49 33.87 42.48
CA THR C 75 10.03 33.76 42.23
C THR C 75 9.35 35.11 42.45
N ASP C 76 10.03 36.05 43.11
CA ASP C 76 9.52 37.42 43.39
C ASP C 76 9.21 38.11 42.06
N PRO C 77 7.99 38.67 41.87
CA PRO C 77 7.65 39.35 40.61
C PRO C 77 8.63 40.48 40.27
N ALA C 78 9.33 40.99 41.28
CA ALA C 78 10.26 42.14 41.20
C ALA C 78 11.65 41.66 40.78
N THR C 79 12.01 40.41 41.07
CA THR C 79 13.23 39.78 40.52
C THR C 79 13.21 39.89 39.00
N PRO C 80 14.32 40.32 38.37
CA PRO C 80 14.45 40.24 36.91
C PRO C 80 14.25 38.81 36.39
N ARG C 81 13.85 38.70 35.12
CA ARG C 81 13.65 37.42 34.42
C ARG C 81 13.64 37.67 32.92
N MET C 82 13.77 36.61 32.14
CA MET C 82 13.91 36.67 30.66
C MET C 82 12.52 36.58 30.02
N PHE C 83 11.48 36.33 30.82
CA PHE C 83 10.14 35.89 30.35
C PHE C 83 9.04 36.63 31.13
N PRO C 84 7.83 36.80 30.52
CA PRO C 84 6.87 37.82 30.96
C PRO C 84 6.27 37.56 32.36
N THR C 85 5.74 36.35 32.54
CA THR C 85 5.11 35.81 33.78
C THR C 85 6.15 35.69 34.88
N PRO C 86 5.83 36.05 36.15
CA PRO C 86 6.73 35.74 37.27
C PRO C 86 6.79 34.22 37.42
N PRO C 87 7.95 33.63 37.79
CA PRO C 87 8.13 32.18 37.70
C PRO C 87 7.20 31.43 38.65
N GLU C 88 6.82 30.21 38.24
CA GLU C 88 5.93 29.29 39.01
CA GLU C 88 5.93 29.30 39.03
C GLU C 88 6.72 28.76 40.22
N PRO C 89 6.40 29.18 41.46
CA PRO C 89 7.16 28.71 42.62
C PRO C 89 7.22 27.18 42.80
N ASP C 90 6.19 26.46 42.37
CA ASP C 90 6.08 24.97 42.45
C ASP C 90 6.98 24.30 41.40
N GLY C 91 7.43 25.03 40.37
CA GLY C 91 8.26 24.48 39.27
C GLY C 91 9.62 24.03 39.78
N VAL C 92 10.13 22.92 39.26
CA VAL C 92 11.39 22.25 39.75
C VAL C 92 12.52 23.27 39.67
N LEU C 93 12.56 24.00 38.57
CA LEU C 93 13.61 24.99 38.24
C LEU C 93 13.67 26.10 39.30
N ALA C 94 12.58 26.36 40.04
CA ALA C 94 12.52 27.43 41.07
C ALA C 94 12.47 26.85 42.51
N GLN C 95 13.11 25.71 42.71
CA GLN C 95 13.30 25.06 44.05
C GLN C 95 14.78 24.96 44.39
N ASP C 96 15.13 25.17 45.66
CA ASP C 96 16.47 24.88 46.22
C ASP C 96 16.38 23.56 46.99
N PRO C 97 17.49 22.81 47.16
CA PRO C 97 17.49 21.64 48.04
C PRO C 97 17.22 22.04 49.49
N PRO C 98 16.51 21.20 50.28
CA PRO C 98 16.27 19.80 49.95
C PRO C 98 15.03 19.45 49.10
N ASP C 99 14.05 20.35 49.00
CA ASP C 99 12.79 20.08 48.26
C ASP C 99 13.16 19.74 46.80
N HIS C 100 14.04 20.52 46.16
CA HIS C 100 14.50 20.25 44.78
CA HIS C 100 14.53 20.26 44.78
C HIS C 100 14.98 18.79 44.69
N THR C 101 15.70 18.35 45.71
CA THR C 101 16.33 17.01 45.71
C THR C 101 15.23 15.96 45.78
N ARG C 102 14.18 16.19 46.58
CA ARG C 102 13.02 15.27 46.76
C ARG C 102 12.22 15.16 45.46
N LEU C 103 12.10 16.26 44.70
CA LEU C 103 11.41 16.26 43.38
C LEU C 103 12.22 15.45 42.37
N ARG C 104 13.53 15.64 42.34
CA ARG C 104 14.48 14.97 41.41
CA ARG C 104 14.38 14.95 41.34
C ARG C 104 14.48 13.47 41.70
N ARG C 105 14.41 13.13 42.99
CA ARG C 105 14.42 11.72 43.49
C ARG C 105 13.11 11.05 43.04
N LEU C 106 12.07 11.85 42.83
CA LEU C 106 10.71 11.35 42.51
C LEU C 106 10.64 10.72 41.12
N VAL C 107 11.40 11.25 40.17
CA VAL C 107 11.32 10.86 38.71
C VAL C 107 12.71 10.47 38.20
N GLY C 108 13.77 10.79 38.94
CA GLY C 108 15.16 10.55 38.53
C GLY C 108 15.37 9.13 38.01
N LYS C 109 14.76 8.15 38.65
CA LYS C 109 15.05 6.72 38.34
CA LYS C 109 15.02 6.72 38.34
C LYS C 109 14.91 6.50 36.83
N ALA C 110 13.91 7.14 36.21
CA ALA C 110 13.48 6.95 34.79
C ALA C 110 14.46 7.58 33.80
N PHE C 111 15.37 8.45 34.24
CA PHE C 111 16.21 9.32 33.37
C PHE C 111 17.71 9.05 33.58
N THR C 112 18.06 8.02 34.37
CA THR C 112 19.45 7.56 34.61
C THR C 112 20.07 7.03 33.32
N ALA C 113 21.39 7.00 33.22
CA ALA C 113 22.08 6.55 32.00
C ALA C 113 21.65 5.11 31.69
N ARG C 114 21.52 4.26 32.72
CA ARG C 114 21.14 2.82 32.56
C ARG C 114 19.78 2.74 31.87
N ARG C 115 18.74 3.32 32.49
CA ARG C 115 17.36 3.27 31.95
C ARG C 115 17.34 3.83 30.54
N VAL C 116 18.00 4.97 30.30
CA VAL C 116 18.02 5.59 28.96
C VAL C 116 18.72 4.64 27.98
N GLU C 117 19.88 4.08 28.33
CA GLU C 117 20.55 3.13 27.39
C GLU C 117 19.58 1.99 27.04
N GLU C 118 18.80 1.47 28.00
CA GLU C 118 17.83 0.35 27.76
C GLU C 118 16.72 0.76 26.78
N MET C 119 16.70 2.02 26.37
CA MET C 119 15.64 2.52 25.46
C MET C 119 16.11 2.44 24.02
N ARG C 120 17.41 2.24 23.79
CA ARG C 120 17.99 2.45 22.44
C ARG C 120 17.21 1.64 21.42
N PRO C 121 16.99 0.33 21.64
CA PRO C 121 16.26 -0.50 20.67
C PRO C 121 14.87 0.04 20.29
N ARG C 122 14.07 0.42 21.28
CA ARG C 122 12.71 0.98 21.04
CA ARG C 122 12.70 0.98 21.07
C ARG C 122 12.84 2.31 20.32
N VAL C 123 13.72 3.17 20.82
CA VAL C 123 13.95 4.53 20.25
C VAL C 123 14.42 4.38 18.79
N ARG C 124 15.43 3.54 18.53
CA ARG C 124 15.89 3.29 17.14
C ARG C 124 14.75 2.71 16.30
N SER C 125 14.00 1.74 16.81
CA SER C 125 12.89 1.08 16.06
C SER C 125 11.90 2.16 15.59
N LEU C 126 11.74 3.22 16.38
CA LEU C 126 10.68 4.25 16.21
C LEU C 126 11.13 5.28 15.18
N VAL C 127 12.40 5.66 15.24
CA VAL C 127 13.10 6.56 14.28
C VAL C 127 13.01 5.94 12.88
N ASP C 128 13.33 4.64 12.79
CA ASP C 128 13.34 3.91 11.50
C ASP C 128 11.92 3.90 10.97
N SER C 129 10.95 3.70 11.84
CA SER C 129 9.51 3.71 11.45
C SER C 129 9.15 5.07 10.84
N LEU C 130 9.54 6.15 11.50
CA LEU C 130 9.20 7.52 11.06
C LEU C 130 9.93 7.82 9.74
N LEU C 131 11.22 7.52 9.65
CA LEU C 131 11.97 7.77 8.39
C LEU C 131 11.34 6.94 7.26
N ASP C 132 10.81 5.74 7.56
CA ASP C 132 10.07 4.95 6.54
C ASP C 132 8.91 5.80 6.00
N ASP C 133 8.09 6.38 6.88
CA ASP C 133 6.91 7.20 6.49
C ASP C 133 7.37 8.31 5.54
N MET C 134 8.55 8.88 5.80
CA MET C 134 9.08 10.02 5.02
C MET C 134 9.53 9.57 3.62
N VAL C 135 10.07 8.36 3.47
CA VAL C 135 10.58 7.91 2.14
C VAL C 135 9.36 7.54 1.30
N ALA C 136 8.27 7.11 1.93
CA ALA C 136 6.99 6.75 1.27
C ALA C 136 6.36 8.00 0.65
N HIS C 137 6.38 9.13 1.40
CA HIS C 137 5.99 10.48 0.91
C HIS C 137 6.87 10.91 -0.26
N GLY C 138 8.18 10.59 -0.20
CA GLY C 138 9.14 10.89 -1.28
C GLY C 138 9.75 12.26 -1.11
N SER C 139 10.93 12.48 -1.72
CA SER C 139 11.66 13.77 -1.70
C SER C 139 10.97 14.74 -2.66
N PRO C 140 10.99 16.06 -2.37
CA PRO C 140 11.53 16.58 -1.12
C PRO C 140 10.40 16.55 -0.07
N ALA C 141 10.77 16.69 1.20
CA ALA C 141 9.86 16.48 2.37
C ALA C 141 10.33 17.31 3.55
N ASP C 142 9.36 17.77 4.37
CA ASP C 142 9.64 18.63 5.55
C ASP C 142 10.07 17.74 6.72
N LEU C 143 11.32 17.90 7.20
CA LEU C 143 11.94 17.01 8.21
C LEU C 143 11.38 17.29 9.61
N VAL C 144 10.86 18.50 9.84
CA VAL C 144 10.13 18.85 11.11
C VAL C 144 8.91 17.94 11.23
N GLU C 145 8.06 17.90 10.20
CA GLU C 145 6.78 17.15 10.17
C GLU C 145 7.04 15.65 10.37
N PHE C 146 8.05 15.12 9.67
CA PHE C 146 8.24 13.67 9.46
C PHE C 146 9.10 13.05 10.57
N LEU C 147 9.98 13.84 11.20
CA LEU C 147 10.96 13.31 12.19
C LEU C 147 11.05 14.21 13.43
N ALA C 148 11.39 15.50 13.26
CA ALA C 148 11.73 16.40 14.39
C ALA C 148 10.58 16.52 15.40
N VAL C 149 9.33 16.72 14.98
CA VAL C 149 8.20 16.78 15.95
C VAL C 149 7.80 15.37 16.40
N PRO C 150 7.43 14.43 15.50
CA PRO C 150 6.86 13.16 15.94
C PRO C 150 7.73 12.24 16.82
N PHE C 151 9.04 12.19 16.60
CA PHE C 151 9.96 11.26 17.34
C PHE C 151 10.08 11.67 18.80
N PRO C 152 10.49 12.92 19.16
CA PRO C 152 10.56 13.30 20.57
C PRO C 152 9.19 13.20 21.27
N VAL C 153 8.12 13.60 20.59
CA VAL C 153 6.76 13.59 21.18
C VAL C 153 6.39 12.15 21.54
N ALA C 154 6.66 11.19 20.64
CA ALA C 154 6.37 9.75 20.89
C ALA C 154 7.15 9.27 22.11
N VAL C 155 8.45 9.54 22.17
CA VAL C 155 9.33 9.10 23.29
C VAL C 155 8.76 9.63 24.61
N ILE C 156 8.46 10.93 24.72
CA ILE C 156 8.04 11.56 26.01
C ILE C 156 6.62 11.13 26.35
N CYS C 157 5.76 10.97 25.34
CA CYS C 157 4.37 10.52 25.54
C CYS C 157 4.38 9.11 26.15
N GLU C 158 5.21 8.20 25.61
CA GLU C 158 5.33 6.83 26.15
C GLU C 158 5.92 6.91 27.56
N LEU C 159 7.06 7.59 27.73
CA LEU C 159 7.77 7.60 29.03
C LEU C 159 6.82 8.09 30.14
N LEU C 160 6.04 9.14 29.89
CA LEU C 160 5.18 9.75 30.94
C LEU C 160 3.86 9.01 30.98
N GLY C 161 3.36 8.59 29.82
CA GLY C 161 2.00 8.06 29.66
C GLY C 161 1.00 9.18 29.43
N VAL C 162 1.26 9.99 28.41
CA VAL C 162 0.34 11.06 27.92
C VAL C 162 -0.25 10.52 26.63
N PRO C 163 -1.55 10.79 26.34
CA PRO C 163 -2.17 10.37 25.09
C PRO C 163 -1.47 11.02 23.89
N LEU C 164 -0.86 10.20 23.04
CA LEU C 164 -0.23 10.65 21.78
C LEU C 164 -1.20 11.54 20.99
N GLU C 165 -2.50 11.37 21.20
CA GLU C 165 -3.57 12.10 20.45
C GLU C 165 -3.82 13.49 21.05
N ASP C 166 -3.13 13.88 22.13
CA ASP C 166 -3.30 15.20 22.78
C ASP C 166 -2.14 16.10 22.40
N ARG C 167 -1.37 15.71 21.38
CA ARG C 167 -0.18 16.46 20.91
C ARG C 167 -0.50 17.94 20.67
N ASP C 168 -1.50 18.27 19.84
CA ASP C 168 -1.83 19.67 19.47
C ASP C 168 -2.13 20.47 20.73
N LEU C 169 -2.85 19.87 21.67
CA LEU C 169 -3.20 20.54 22.94
C LEU C 169 -1.91 20.90 23.67
N PHE C 170 -1.05 19.93 23.94
CA PHE C 170 0.10 20.19 24.83
C PHE C 170 1.20 20.92 24.07
N ARG C 171 1.23 20.80 22.75
CA ARG C 171 2.21 21.56 21.91
C ARG C 171 1.85 23.05 21.96
N THR C 172 0.56 23.38 21.83
CA THR C 172 0.01 24.77 21.95
C THR C 172 0.36 25.34 23.32
N PHE C 173 0.12 24.57 24.39
CA PHE C 173 0.38 25.00 25.78
C PHE C 173 1.88 25.29 25.91
N SER C 174 2.71 24.34 25.45
CA SER C 174 4.19 24.38 25.57
C SER C 174 4.77 25.59 24.86
N ASP C 175 4.44 25.80 23.58
CA ASP C 175 4.94 26.91 22.75
C ASP C 175 4.71 28.21 23.52
N ALA C 176 3.50 28.38 24.06
CA ALA C 176 3.05 29.60 24.76
C ALA C 176 3.85 29.78 26.05
N MET C 177 4.10 28.70 26.78
CA MET C 177 4.81 28.79 28.08
C MET C 177 6.29 29.07 27.86
N LEU C 178 6.77 28.82 26.65
CA LEU C 178 8.16 29.14 26.25
C LEU C 178 8.20 30.45 25.45
N SER C 179 7.19 31.31 25.58
CA SER C 179 7.17 32.64 24.91
C SER C 179 8.11 33.62 25.63
N SER C 180 8.78 34.47 24.86
CA SER C 180 9.67 35.54 25.39
C SER C 180 9.03 36.91 25.14
N THR C 181 8.49 37.11 23.95
CA THR C 181 7.94 38.42 23.49
C THR C 181 6.61 38.23 22.75
N ARG C 182 6.29 36.99 22.36
CA ARG C 182 5.15 36.66 21.47
C ARG C 182 3.84 37.10 22.16
N LEU C 183 3.54 36.53 23.33
CA LEU C 183 2.28 36.81 24.06
C LEU C 183 2.61 37.53 25.36
N THR C 184 1.55 37.92 26.06
CA THR C 184 1.54 38.76 27.28
C THR C 184 1.56 37.88 28.53
N ALA C 185 1.85 38.49 29.67
CA ALA C 185 1.93 37.78 30.98
C ALA C 185 0.58 37.11 31.23
N ALA C 186 -0.52 37.78 30.95
CA ALA C 186 -1.90 37.25 31.16
C ALA C 186 -2.13 35.96 30.34
N GLU C 187 -1.94 35.97 29.01
CA GLU C 187 -2.27 34.75 28.21
CA GLU C 187 -2.22 34.77 28.16
C GLU C 187 -1.38 33.59 28.67
N ILE C 188 -0.11 33.85 28.99
CA ILE C 188 0.81 32.78 29.47
C ILE C 188 0.34 32.31 30.86
N GLN C 189 -0.07 33.23 31.73
CA GLN C 189 -0.59 32.89 33.08
C GLN C 189 -1.80 31.97 32.90
N ARG C 190 -2.66 32.24 31.91
CA ARG C 190 -3.85 31.41 31.57
C ARG C 190 -3.40 30.00 31.18
N VAL C 191 -2.46 29.90 30.25
CA VAL C 191 -1.96 28.58 29.78
C VAL C 191 -1.41 27.79 30.96
N GLN C 192 -0.64 28.43 31.83
CA GLN C 192 -0.07 27.73 33.01
C GLN C 192 -1.22 27.05 33.75
N GLN C 193 -2.21 27.82 34.20
CA GLN C 193 -3.37 27.32 34.98
C GLN C 193 -4.08 26.21 34.19
N ASP C 194 -4.14 26.35 32.86
CA ASP C 194 -4.85 25.39 31.97
C ASP C 194 -4.05 24.09 31.89
N PHE C 195 -2.73 24.17 31.66
CA PHE C 195 -1.80 22.99 31.63
C PHE C 195 -1.87 22.24 32.97
N MET C 196 -1.86 22.95 34.09
CA MET C 196 -1.88 22.37 35.47
C MET C 196 -3.13 21.49 35.59
N VAL C 197 -4.26 22.09 35.24
CA VAL C 197 -5.61 21.46 35.31
C VAL C 197 -5.62 20.20 34.43
N TYR C 198 -5.07 20.27 33.22
CA TYR C 198 -4.91 19.15 32.26
C TYR C 198 -4.07 18.04 32.89
N MET C 199 -2.86 18.38 33.34
CA MET C 199 -1.92 17.39 33.89
C MET C 199 -2.48 16.82 35.20
N ASP C 200 -3.10 17.66 36.04
CA ASP C 200 -3.77 17.20 37.29
C ASP C 200 -4.82 16.14 36.93
N GLY C 201 -5.67 16.44 35.95
CA GLY C 201 -6.65 15.50 35.39
C GLY C 201 -5.98 14.18 35.03
N LEU C 202 -4.85 14.23 34.29
CA LEU C 202 -4.20 12.99 33.76
C LEU C 202 -3.72 12.12 34.95
N VAL C 203 -3.17 12.72 36.02
CA VAL C 203 -2.57 11.90 37.10
C VAL C 203 -3.72 11.32 37.93
N ALA C 204 -4.90 11.94 37.85
CA ALA C 204 -6.12 11.51 38.58
C ALA C 204 -6.82 10.36 37.84
N GLN C 205 -6.43 10.08 36.59
CA GLN C 205 -6.88 8.88 35.85
C GLN C 205 -6.47 7.62 36.62
N ARG C 206 -5.36 7.69 37.35
CA ARG C 206 -4.63 6.50 37.87
C ARG C 206 -4.89 6.35 39.37
N ARG C 207 -5.95 7.00 39.87
CA ARG C 207 -6.26 6.95 41.33
CA ARG C 207 -6.29 6.96 41.32
C ARG C 207 -6.70 5.53 41.68
N ASP C 208 -7.57 4.93 40.87
CA ASP C 208 -8.03 3.54 41.08
C ASP C 208 -7.54 2.63 39.95
N ALA C 209 -6.68 3.15 39.07
CA ALA C 209 -6.06 2.40 37.93
C ALA C 209 -4.60 2.81 37.74
N PRO C 210 -3.69 2.35 38.63
CA PRO C 210 -2.25 2.52 38.47
C PRO C 210 -1.72 2.24 37.05
N THR C 211 -0.67 2.97 36.64
CA THR C 211 0.07 2.75 35.38
C THR C 211 1.56 2.69 35.65
N GLU C 212 2.29 2.03 34.75
CA GLU C 212 3.74 1.76 34.85
C GLU C 212 4.45 2.84 34.02
N ASP C 213 4.52 4.06 34.55
CA ASP C 213 5.07 5.25 33.84
C ASP C 213 5.15 6.40 34.84
N LEU C 214 5.73 7.53 34.44
CA LEU C 214 6.00 8.63 35.38
C LEU C 214 4.70 9.20 35.91
N LEU C 215 3.70 9.47 35.06
CA LEU C 215 2.42 9.93 35.64
C LEU C 215 1.96 8.91 36.69
N GLY C 216 2.19 7.62 36.45
CA GLY C 216 1.97 6.56 37.44
C GLY C 216 2.59 6.90 38.79
N ALA C 217 3.86 7.29 38.81
CA ALA C 217 4.64 7.52 40.05
C ALA C 217 4.20 8.81 40.72
N LEU C 218 3.81 9.83 39.94
CA LEU C 218 3.41 11.14 40.48
C LEU C 218 2.08 10.94 41.24
N ALA C 219 1.23 10.04 40.76
CA ALA C 219 -0.08 9.70 41.38
C ALA C 219 0.15 8.99 42.71
N LEU C 220 1.19 8.16 42.82
CA LEU C 220 1.51 7.50 44.11
C LEU C 220 2.13 8.50 45.09
N ALA C 221 2.88 9.47 44.58
CA ALA C 221 3.50 10.55 45.37
C ALA C 221 2.40 11.48 45.92
N THR C 222 1.32 11.72 45.18
CA THR C 222 0.23 12.64 45.59
C THR C 222 -0.57 12.05 46.76
N ASP C 223 -0.69 10.72 46.84
CA ASP C 223 -1.50 10.02 47.88
CA ASP C 223 -1.50 10.05 47.90
C ASP C 223 -0.65 9.89 49.16
N ASN C 224 0.62 9.48 49.04
CA ASN C 224 1.47 8.99 50.16
CA ASN C 224 1.42 9.03 50.23
C ASN C 224 2.47 10.07 50.63
N ASP C 225 3.10 10.79 49.70
CA ASP C 225 4.19 11.78 50.01
C ASP C 225 3.67 12.84 51.00
N ASP C 226 4.44 13.12 52.06
CA ASP C 226 4.09 14.06 53.18
C ASP C 226 4.95 15.31 53.11
N HIS C 227 5.91 15.37 52.18
CA HIS C 227 6.94 16.45 52.11
C HIS C 227 6.69 17.39 50.94
N LEU C 228 6.14 16.87 49.84
CA LEU C 228 5.85 17.63 48.61
C LEU C 228 4.35 17.93 48.50
N THR C 229 4.00 19.12 48.00
CA THR C 229 2.60 19.52 47.70
C THR C 229 2.18 18.84 46.39
N LYS C 230 0.86 18.76 46.16
CA LYS C 230 0.28 18.23 44.89
CA LYS C 230 0.24 18.25 44.90
C LYS C 230 0.71 19.14 43.74
N GLY C 231 0.84 20.45 44.00
CA GLY C 231 1.28 21.43 42.99
C GLY C 231 2.67 21.08 42.51
N GLU C 232 3.57 20.86 43.48
CA GLU C 232 4.99 20.54 43.21
C GLU C 232 5.02 19.27 42.35
N ILE C 233 4.16 18.30 42.66
CA ILE C 233 4.17 16.94 42.03
C ILE C 233 3.61 17.01 40.60
N VAL C 234 2.41 17.59 40.41
CA VAL C 234 1.75 17.67 39.09
C VAL C 234 2.56 18.60 38.17
N ASN C 235 3.19 19.61 38.75
CA ASN C 235 3.98 20.61 38.01
C ASN C 235 5.18 19.91 37.34
N MET C 236 5.71 18.85 37.95
CA MET C 236 6.81 18.04 37.36
C MET C 236 6.31 17.35 36.08
N GLY C 237 5.11 16.76 36.10
CA GLY C 237 4.44 16.31 34.86
C GLY C 237 4.44 17.38 33.77
N VAL C 238 4.02 18.61 34.09
CA VAL C 238 3.97 19.73 33.10
C VAL C 238 5.38 19.98 32.56
N TYR C 239 6.36 20.22 33.45
CA TYR C 239 7.73 20.63 33.03
C TYR C 239 8.37 19.48 32.25
N LEU C 240 8.16 18.24 32.67
CA LEU C 240 8.76 17.06 31.97
C LEU C 240 8.23 16.96 30.55
N LEU C 241 6.93 17.22 30.36
CA LEU C 241 6.25 17.08 29.05
C LEU C 241 6.66 18.24 28.12
N ILE C 242 6.73 19.49 28.63
CA ILE C 242 7.23 20.66 27.85
C ILE C 242 8.68 20.35 27.44
N ALA C 243 9.53 20.21 28.44
CA ALA C 243 10.98 20.09 28.22
C ALA C 243 11.28 18.85 27.38
N GLY C 244 10.53 17.76 27.61
CA GLY C 244 10.74 16.45 26.95
C GLY C 244 10.61 16.48 25.43
N HIS C 245 9.87 17.43 24.84
CA HIS C 245 9.77 17.54 23.37
CA HIS C 245 9.75 17.54 23.37
C HIS C 245 10.29 18.88 22.87
N GLU C 246 10.13 19.97 23.62
CA GLU C 246 10.46 21.31 23.06
C GLU C 246 11.95 21.37 22.70
N THR C 247 12.80 20.78 23.54
CA THR C 247 14.28 20.84 23.37
C THR C 247 14.70 19.94 22.19
N SER C 248 14.39 18.65 22.27
CA SER C 248 14.86 17.62 21.31
C SER C 248 14.35 17.93 19.91
N VAL C 249 13.12 18.45 19.79
CA VAL C 249 12.53 18.88 18.50
C VAL C 249 13.41 19.97 17.89
N ASN C 250 13.65 21.06 18.64
CA ASN C 250 14.38 22.23 18.10
C ASN C 250 15.80 21.76 17.73
N GLN C 251 16.40 20.95 18.61
CA GLN C 251 17.84 20.56 18.49
C GLN C 251 18.05 19.62 17.30
N ILE C 252 17.06 18.80 16.94
CA ILE C 252 17.22 17.97 15.71
C ILE C 252 17.33 18.91 14.52
N THR C 253 16.51 19.96 14.46
CA THR C 253 16.54 20.92 13.33
C THR C 253 17.86 21.68 13.37
N ASN C 254 18.33 22.10 14.56
CA ASN C 254 19.58 22.89 14.67
C ASN C 254 20.76 22.01 14.25
N LEU C 255 20.83 20.79 14.78
CA LEU C 255 21.93 19.85 14.44
C LEU C 255 21.88 19.65 12.93
N VAL C 256 20.74 19.25 12.37
CA VAL C 256 20.64 18.98 10.91
C VAL C 256 21.03 20.25 10.14
N HIS C 257 20.60 21.42 10.59
CA HIS C 257 20.95 22.73 9.97
C HIS C 257 22.46 22.90 9.89
N LEU C 258 23.13 22.87 11.03
CA LEU C 258 24.62 22.99 11.08
C LEU C 258 25.25 22.03 10.08
N LEU C 259 24.75 20.79 9.97
CA LEU C 259 25.42 19.69 9.21
C LEU C 259 25.24 19.92 7.71
N LEU C 260 24.05 20.37 7.29
CA LEU C 260 23.70 20.63 5.87
C LEU C 260 24.19 22.01 5.42
N THR C 261 24.33 22.98 6.32
CA THR C 261 24.76 24.36 5.97
C THR C 261 26.20 24.33 5.45
N GLU C 262 27.09 23.61 6.13
CA GLU C 262 28.42 23.23 5.59
C GLU C 262 28.42 21.71 5.40
N ARG C 263 28.01 21.24 4.22
CA ARG C 263 27.73 19.78 4.00
C ARG C 263 28.98 18.95 4.28
N LYS C 264 30.15 19.55 4.45
CA LYS C 264 31.39 18.81 4.80
CA LYS C 264 31.38 18.80 4.80
C LYS C 264 31.24 18.11 6.16
N ARG C 265 30.53 18.75 7.09
CA ARG C 265 30.30 18.14 8.42
C ARG C 265 29.46 16.87 8.26
N TYR C 266 28.39 16.94 7.48
CA TYR C 266 27.51 15.78 7.20
C TYR C 266 28.30 14.65 6.52
N GLU C 267 29.02 14.98 5.44
CA GLU C 267 29.92 14.04 4.71
C GLU C 267 30.90 13.39 5.70
N SER C 268 31.47 14.15 6.63
CA SER C 268 32.41 13.62 7.67
C SER C 268 31.73 12.51 8.49
N LEU C 269 30.40 12.58 8.66
CA LEU C 269 29.65 11.59 9.47
C LEU C 269 29.24 10.42 8.58
N VAL C 270 28.93 10.69 7.31
CA VAL C 270 28.55 9.63 6.32
C VAL C 270 29.72 8.66 6.18
N ALA C 271 30.95 9.19 6.11
CA ALA C 271 32.18 8.39 6.07
C ALA C 271 32.34 7.56 7.36
N ASP C 272 32.30 8.20 8.53
CA ASP C 272 32.48 7.50 9.83
C ASP C 272 31.27 7.78 10.72
N PRO C 273 30.22 6.92 10.67
CA PRO C 273 29.02 7.19 11.44
C PRO C 273 29.20 6.93 12.94
N ALA C 274 30.34 6.37 13.33
CA ALA C 274 30.72 6.18 14.75
C ALA C 274 31.12 7.52 15.34
N LEU C 275 31.25 8.54 14.50
CA LEU C 275 31.67 9.89 14.92
C LEU C 275 30.50 10.64 15.59
N VAL C 276 29.27 10.16 15.40
CA VAL C 276 27.99 10.88 15.67
C VAL C 276 27.94 11.29 17.14
N PRO C 277 28.22 10.39 18.10
CA PRO C 277 28.11 10.74 19.51
C PRO C 277 28.96 11.98 19.89
N ALA C 278 30.20 12.06 19.38
CA ALA C 278 31.13 13.19 19.62
C ALA C 278 30.65 14.43 18.84
N ALA C 279 30.18 14.23 17.61
CA ALA C 279 29.53 15.27 16.79
C ALA C 279 28.37 15.89 17.60
N VAL C 280 27.55 15.07 18.25
CA VAL C 280 26.37 15.56 19.01
C VAL C 280 26.84 16.43 20.18
N GLU C 281 27.86 16.00 20.92
CA GLU C 281 28.43 16.79 22.04
C GLU C 281 28.86 18.16 21.54
N GLU C 282 29.57 18.16 20.41
CA GLU C 282 30.21 19.37 19.83
C GLU C 282 29.13 20.30 19.28
N MET C 283 28.03 19.75 18.77
CA MET C 283 26.94 20.63 18.25
C MET C 283 26.03 21.06 19.39
N LEU C 284 25.84 20.20 20.40
CA LEU C 284 25.25 20.61 21.69
C LEU C 284 25.98 21.85 22.22
N ARG C 285 27.31 21.90 22.13
CA ARG C 285 28.15 23.00 22.67
C ARG C 285 27.96 24.24 21.80
N TYR C 286 27.98 24.04 20.48
CA TYR C 286 28.03 25.12 19.46
C TYR C 286 26.66 25.78 19.25
N THR C 287 25.59 25.13 19.68
CA THR C 287 24.21 25.60 19.40
C THR C 287 23.69 26.36 20.61
N PRO C 288 23.29 27.64 20.39
CA PRO C 288 22.55 28.41 21.38
C PRO C 288 21.08 28.00 21.22
N LEU C 289 20.71 26.88 21.81
CA LEU C 289 19.31 26.44 21.85
C LEU C 289 18.55 27.39 22.78
N VAL C 290 19.08 27.64 23.98
CA VAL C 290 18.51 28.71 24.84
C VAL C 290 18.95 30.00 24.17
N SER C 291 17.99 30.79 23.70
CA SER C 291 18.22 31.91 22.75
C SER C 291 19.05 32.98 23.43
N ALA C 292 18.73 33.25 24.70
CA ALA C 292 19.40 34.27 25.54
C ALA C 292 19.03 34.10 27.03
N GLY C 293 20.02 34.30 27.89
CA GLY C 293 19.82 34.29 29.35
C GLY C 293 19.54 32.90 29.89
N SER C 294 19.01 32.87 31.10
CA SER C 294 18.80 31.64 31.90
C SER C 294 17.79 31.93 32.98
N PHE C 295 17.28 30.87 33.60
CA PHE C 295 16.50 31.05 34.85
C PHE C 295 17.44 31.75 35.83
N VAL C 296 16.93 32.74 36.56
CA VAL C 296 17.80 33.69 37.31
C VAL C 296 18.16 33.05 38.65
N ARG C 297 19.42 33.18 39.04
CA ARG C 297 19.92 32.77 40.37
C ARG C 297 20.09 34.04 41.19
N VAL C 298 19.58 34.07 42.42
CA VAL C 298 19.83 35.17 43.40
C VAL C 298 20.72 34.66 44.54
N ALA C 299 21.86 35.31 44.75
CA ALA C 299 22.77 35.08 45.90
C ALA C 299 22.03 35.21 47.23
N THR C 300 22.34 34.34 48.19
CA THR C 300 21.89 34.39 49.61
C THR C 300 23.04 34.81 50.53
N GLU C 301 24.28 34.55 50.10
CA GLU C 301 25.53 35.07 50.73
C GLU C 301 26.35 35.74 49.63
N ASP C 302 27.25 36.65 49.97
CA ASP C 302 28.28 37.13 49.02
C ASP C 302 29.00 35.92 48.40
N VAL C 303 29.41 36.07 47.14
CA VAL C 303 30.00 35.02 46.27
C VAL C 303 30.96 35.72 45.31
N GLU C 304 32.12 35.11 45.03
CA GLU C 304 33.22 35.77 44.27
CA GLU C 304 33.23 35.76 44.28
C GLU C 304 33.26 35.19 42.86
N LEU C 305 33.06 36.03 41.85
CA LEU C 305 33.28 35.63 40.44
C LEU C 305 34.65 36.20 40.02
N SER C 306 35.06 35.97 38.77
CA SER C 306 36.34 36.46 38.19
C SER C 306 36.57 37.93 38.58
N THR C 307 35.67 38.83 38.17
CA THR C 307 35.91 40.30 38.16
C THR C 307 34.99 41.06 39.13
N VAL C 308 34.28 40.38 40.02
CA VAL C 308 33.30 41.08 40.91
C VAL C 308 32.85 40.09 41.97
N THR C 309 32.46 40.64 43.12
CA THR C 309 31.86 39.91 44.25
C THR C 309 30.36 40.23 44.26
N VAL C 310 29.53 39.21 43.99
CA VAL C 310 28.04 39.32 43.96
C VAL C 310 27.56 39.39 45.42
N ARG C 311 27.01 40.53 45.83
CA ARG C 311 26.37 40.73 47.16
C ARG C 311 25.13 39.85 47.27
N ALA C 312 24.78 39.41 48.48
CA ALA C 312 23.53 38.69 48.75
C ALA C 312 22.36 39.53 48.23
N GLY C 313 21.45 38.92 47.47
CA GLY C 313 20.21 39.58 47.03
C GLY C 313 20.27 40.10 45.61
N GLU C 314 21.47 40.14 45.01
CA GLU C 314 21.67 40.54 43.59
C GLU C 314 21.44 39.32 42.71
N PRO C 315 20.54 39.38 41.72
CA PRO C 315 20.41 38.31 40.73
C PRO C 315 21.57 38.25 39.73
N CYS C 316 21.93 37.04 39.29
CA CYS C 316 22.81 36.78 38.12
C CYS C 316 22.03 35.94 37.13
N VAL C 317 22.58 35.84 35.92
CA VAL C 317 21.95 35.21 34.74
C VAL C 317 23.09 34.73 33.84
N VAL C 318 23.00 33.51 33.30
CA VAL C 318 24.07 32.86 32.51
C VAL C 318 23.67 32.91 31.04
N HIS C 319 24.59 33.14 30.11
CA HIS C 319 24.36 32.80 28.68
C HIS C 319 25.13 31.51 28.38
N PHE C 320 24.43 30.39 28.42
CA PHE C 320 25.05 29.04 28.37
C PHE C 320 25.95 29.01 27.13
N ALA C 321 25.47 29.51 25.99
CA ALA C 321 26.15 29.34 24.69
C ALA C 321 27.48 30.09 24.68
N SER C 322 27.59 31.18 25.46
CA SER C 322 28.83 32.00 25.62
C SER C 322 29.84 31.21 26.43
N ALA C 323 29.45 30.72 27.61
CA ALA C 323 30.25 29.76 28.41
C ALA C 323 30.81 28.69 27.46
N ASN C 324 29.98 28.13 26.58
CA ASN C 324 30.39 27.04 25.66
C ASN C 324 31.33 27.57 24.59
N ARG C 325 31.52 28.88 24.51
CA ARG C 325 32.32 29.50 23.43
C ARG C 325 33.61 30.09 24.01
N ASP C 326 33.91 29.78 25.30
CA ASP C 326 34.98 30.38 26.14
C ASP C 326 36.35 29.88 25.70
N GLU C 327 37.12 30.75 25.01
CA GLU C 327 38.40 30.36 24.37
CA GLU C 327 38.41 30.42 24.38
C GLU C 327 39.41 29.92 25.44
N GLU C 328 39.18 30.26 26.70
CA GLU C 328 40.00 29.81 27.86
C GLU C 328 39.71 28.33 28.20
N VAL C 329 38.71 27.69 27.57
CA VAL C 329 38.32 26.27 27.84
C VAL C 329 38.38 25.44 26.55
N PHE C 330 38.05 26.03 25.40
CA PHE C 330 37.99 25.30 24.11
C PHE C 330 39.01 25.91 23.15
N ASP C 331 39.98 25.10 22.71
CA ASP C 331 40.87 25.46 21.59
C ASP C 331 39.96 25.71 20.36
N HIS C 332 40.27 26.77 19.60
CA HIS C 332 39.51 27.22 18.39
C HIS C 332 38.01 27.11 18.66
N ALA C 333 37.53 27.76 19.72
CA ALA C 333 36.13 27.73 20.22
C ALA C 333 35.14 28.16 19.14
N ASP C 334 35.58 29.06 18.27
CA ASP C 334 34.66 29.59 17.23
CA ASP C 334 34.90 29.65 17.08
C ASP C 334 34.42 28.53 16.15
N GLU C 335 35.15 27.41 16.15
CA GLU C 335 35.04 26.35 15.10
C GLU C 335 34.27 25.14 15.62
N LEU C 336 33.50 24.51 14.72
CA LEU C 336 32.98 23.12 14.88
C LEU C 336 34.12 22.13 14.60
N ASP C 337 34.61 21.44 15.64
CA ASP C 337 35.60 20.34 15.53
C ASP C 337 35.00 19.08 16.16
N PHE C 338 34.69 18.05 15.35
CA PHE C 338 34.12 16.77 15.82
C PHE C 338 35.21 15.86 16.38
N HIS C 339 36.47 16.33 16.45
CA HIS C 339 37.60 15.54 17.00
C HIS C 339 38.25 16.24 18.20
N ARG C 340 37.49 17.03 18.97
CA ARG C 340 37.96 17.57 20.26
C ARG C 340 38.23 16.41 21.22
N GLU C 341 39.31 16.51 21.99
CA GLU C 341 39.67 15.45 22.96
CA GLU C 341 39.72 15.48 23.00
C GLU C 341 38.84 15.64 24.24
N ARG C 342 38.62 16.89 24.67
CA ARG C 342 37.99 17.18 26.00
CA ARG C 342 37.99 17.21 25.99
C ARG C 342 36.49 17.45 25.81
N ASN C 343 36.09 18.71 25.59
CA ASN C 343 34.66 19.14 25.42
C ASN C 343 33.85 19.11 26.72
N PRO C 344 34.24 19.84 27.78
CA PRO C 344 33.44 19.95 29.01
C PRO C 344 32.35 21.03 28.99
N HIS C 345 31.42 20.92 28.05
CA HIS C 345 30.39 21.94 27.75
C HIS C 345 29.33 21.98 28.86
N ILE C 346 28.48 23.02 28.87
CA ILE C 346 27.29 23.15 29.76
C ILE C 346 26.02 23.43 28.95
N ALA C 347 25.90 22.91 27.72
CA ALA C 347 24.64 22.87 26.95
C ALA C 347 23.49 22.29 27.79
N PHE C 348 23.80 21.53 28.84
CA PHE C 348 22.82 20.82 29.68
C PHE C 348 22.82 21.42 31.08
N GLY C 349 23.40 22.61 31.24
CA GLY C 349 23.48 23.27 32.55
C GLY C 349 24.55 22.64 33.41
N HIS C 350 24.43 22.79 34.73
CA HIS C 350 25.47 22.38 35.69
C HIS C 350 24.97 22.60 37.12
N GLY C 351 25.48 21.80 38.04
CA GLY C 351 25.06 21.84 39.46
C GLY C 351 23.68 21.23 39.64
N ALA C 352 23.01 21.59 40.73
CA ALA C 352 21.78 20.92 41.21
C ALA C 352 20.79 20.76 40.06
N HIS C 353 20.59 21.81 39.25
CA HIS C 353 19.54 21.93 38.20
CA HIS C 353 19.54 21.91 38.21
C HIS C 353 20.06 21.43 36.85
N HIS C 354 21.16 20.69 36.83
CA HIS C 354 21.66 20.02 35.60
C HIS C 354 20.51 19.29 34.94
N CYS C 355 20.32 19.45 33.65
CA CYS C 355 19.24 18.80 32.87
C CYS C 355 19.00 17.37 33.35
N ILE C 356 17.77 17.09 33.79
CA ILE C 356 17.28 15.72 34.16
C ILE C 356 17.20 14.86 32.90
N GLY C 357 16.94 15.48 31.75
CA GLY C 357 16.75 14.75 30.48
C GLY C 357 18.02 14.53 29.69
N ALA C 358 19.17 14.95 30.21
CA ALA C 358 20.44 15.09 29.45
C ALA C 358 20.79 13.79 28.71
N GLN C 359 20.53 12.65 29.34
CA GLN C 359 20.88 11.32 28.76
C GLN C 359 19.84 10.96 27.70
N LEU C 360 18.56 11.22 27.98
CA LEU C 360 17.47 10.98 27.00
C LEU C 360 17.72 11.84 25.75
N GLY C 361 18.03 13.13 25.95
CA GLY C 361 18.33 14.04 24.84
C GLY C 361 19.55 13.58 24.04
N ARG C 362 20.60 13.14 24.72
CA ARG C 362 21.80 12.57 24.06
C ARG C 362 21.37 11.38 23.20
N LEU C 363 20.56 10.47 23.76
CA LEU C 363 20.09 9.28 23.03
C LEU C 363 19.28 9.70 21.80
N GLU C 364 18.23 10.50 21.98
CA GLU C 364 17.32 10.91 20.87
C GLU C 364 18.16 11.46 19.71
N LEU C 365 19.13 12.34 20.00
CA LEU C 365 19.91 13.02 18.93
C LEU C 365 20.81 11.99 18.23
N GLN C 366 21.50 11.15 19.00
CA GLN C 366 22.45 10.14 18.45
C GLN C 366 21.68 9.23 17.49
N GLU C 367 20.51 8.74 17.88
CA GLU C 367 19.71 7.80 17.05
C GLU C 367 19.08 8.54 15.86
N ALA C 368 18.74 9.82 15.99
CA ALA C 368 18.10 10.61 14.90
C ALA C 368 19.13 10.87 13.81
N LEU C 369 20.34 11.29 14.20
CA LEU C 369 21.44 11.64 13.27
C LEU C 369 21.97 10.38 12.62
N SER C 370 22.38 9.42 13.43
CA SER C 370 22.99 8.15 12.96
C SER C 370 22.11 7.60 11.82
N ALA C 371 20.81 7.42 12.13
CA ALA C 371 19.75 6.94 11.20
C ALA C 371 19.83 7.72 9.88
N LEU C 372 19.78 9.07 9.97
CA LEU C 372 19.83 10.00 8.81
C LEU C 372 21.10 9.76 8.00
N VAL C 373 22.24 9.85 8.67
CA VAL C 373 23.61 9.78 8.08
C VAL C 373 23.85 8.42 7.41
N ARG C 374 23.45 7.31 8.03
CA ARG C 374 23.67 5.96 7.45
C ARG C 374 22.70 5.68 6.29
N ARG C 375 21.46 6.20 6.33
CA ARG C 375 20.36 5.83 5.40
C ARG C 375 20.06 6.89 4.35
N PHE C 376 20.54 8.14 4.52
CA PHE C 376 20.34 9.25 3.55
C PHE C 376 21.65 10.01 3.35
N PRO C 377 22.70 9.37 2.78
CA PRO C 377 23.98 10.05 2.56
C PRO C 377 23.89 11.18 1.50
N THR C 378 22.77 11.28 0.77
CA THR C 378 22.48 12.28 -0.31
C THR C 378 21.71 13.48 0.23
N LEU C 379 21.33 13.45 1.51
CA LEU C 379 20.42 14.42 2.19
C LEU C 379 20.92 15.85 1.99
N ASP C 380 20.10 16.73 1.43
CA ASP C 380 20.48 18.16 1.28
C ASP C 380 19.28 19.04 1.69
N LEU C 381 19.57 20.26 2.13
CA LEU C 381 18.51 21.28 2.35
C LEU C 381 17.91 21.63 0.98
N ALA C 382 16.59 21.81 0.91
CA ALA C 382 15.83 21.84 -0.35
C ALA C 382 14.86 23.03 -0.35
N GLU C 383 15.20 24.08 0.41
CA GLU C 383 14.53 25.40 0.48
C GLU C 383 15.66 26.40 0.71
N PRO C 384 15.59 27.65 0.20
CA PRO C 384 16.68 28.61 0.40
C PRO C 384 16.95 28.96 1.87
N VAL C 385 18.24 29.12 2.19
CA VAL C 385 18.83 29.37 3.55
C VAL C 385 18.35 30.73 4.07
N ALA C 386 18.09 31.66 3.14
CA ALA C 386 17.59 33.03 3.41
C ALA C 386 16.12 33.01 3.81
N GLY C 387 15.38 31.94 3.48
CA GLY C 387 13.92 31.81 3.68
C GLY C 387 13.53 30.95 4.87
N LEU C 388 14.51 30.27 5.49
CA LEU C 388 14.26 29.37 6.66
C LEU C 388 13.31 30.08 7.64
N LYS C 389 12.22 29.41 8.02
CA LYS C 389 11.23 29.91 8.99
C LYS C 389 11.74 29.62 10.42
N TRP C 390 12.72 30.40 10.91
CA TRP C 390 13.28 30.36 12.29
C TRP C 390 12.22 30.82 13.30
N LYS C 391 12.09 30.14 14.44
CA LYS C 391 11.01 30.41 15.41
C LYS C 391 11.22 31.81 16.00
N GLN C 392 10.31 32.73 15.69
CA GLN C 392 10.34 34.11 16.25
C GLN C 392 9.74 34.09 17.65
N GLY C 393 10.43 34.69 18.63
CA GLY C 393 9.80 35.25 19.84
C GLY C 393 9.67 34.25 20.96
N MET C 394 10.54 33.23 21.00
CA MET C 394 10.57 32.21 22.08
C MET C 394 11.92 32.22 22.79
N LEU C 395 11.95 31.59 23.98
CA LEU C 395 13.11 31.53 24.89
C LEU C 395 14.13 30.56 24.31
N ILE C 396 13.74 29.77 23.32
CA ILE C 396 14.65 28.80 22.64
C ILE C 396 14.51 29.00 21.13
N ARG C 397 15.37 28.33 20.37
CA ARG C 397 15.57 28.55 18.91
C ARG C 397 15.39 27.25 18.14
N GLY C 398 15.05 27.36 16.85
CA GLY C 398 14.80 26.21 15.98
C GLY C 398 13.92 26.59 14.81
N LEU C 399 13.63 25.63 13.93
CA LEU C 399 12.95 25.85 12.63
C LEU C 399 11.48 25.43 12.72
N GLU C 400 10.57 26.28 12.23
CA GLU C 400 9.12 25.94 12.09
C GLU C 400 9.01 24.82 11.05
N ARG C 401 9.92 24.82 10.08
CA ARG C 401 9.96 23.86 8.95
C ARG C 401 11.37 23.82 8.37
N GLN C 402 11.80 22.65 7.92
CA GLN C 402 13.12 22.40 7.29
C GLN C 402 12.98 21.38 6.17
N ILE C 403 12.78 21.83 4.92
CA ILE C 403 12.50 20.93 3.76
C ILE C 403 13.83 20.37 3.25
N VAL C 404 13.93 19.04 3.22
CA VAL C 404 15.14 18.32 2.76
C VAL C 404 14.79 17.44 1.55
N SER C 405 15.77 17.24 0.68
CA SER C 405 15.76 16.30 -0.47
C SER C 405 16.79 15.19 -0.20
N TRP C 406 16.69 14.08 -0.93
CA TRP C 406 17.67 12.95 -0.88
C TRP C 406 17.56 12.11 -2.16
N ASP D 11 -55.16 12.59 -17.62
CA ASP D 11 -54.50 12.66 -16.28
C ASP D 11 -55.30 11.84 -15.26
N ALA D 12 -56.63 11.96 -15.27
CA ALA D 12 -57.51 11.29 -14.29
C ALA D 12 -57.79 9.86 -14.75
N VAL D 13 -57.13 9.44 -15.83
CA VAL D 13 -57.21 8.03 -16.31
C VAL D 13 -56.58 7.12 -15.25
N PRO D 14 -57.28 6.04 -14.83
CA PRO D 14 -56.75 5.12 -13.81
C PRO D 14 -55.48 4.40 -14.31
N ALA D 15 -54.80 3.73 -13.38
CA ALA D 15 -53.49 3.06 -13.66
C ALA D 15 -53.71 1.64 -14.16
N TYR D 16 -53.04 1.25 -15.26
CA TYR D 16 -53.05 -0.15 -15.78
C TYR D 16 -51.64 -0.74 -15.78
N PRO D 17 -51.43 -1.95 -15.23
CA PRO D 17 -52.47 -2.71 -14.50
C PRO D 17 -53.04 -2.04 -13.24
N PHE D 18 -54.19 -2.55 -12.78
CA PHE D 18 -55.05 -1.96 -11.73
C PHE D 18 -54.44 -2.30 -10.36
N SER D 19 -54.39 -3.60 -10.06
CA SER D 19 -53.67 -4.19 -8.90
C SER D 19 -52.49 -5.03 -9.42
N LEU D 20 -51.46 -5.21 -8.59
CA LEU D 20 -50.38 -6.22 -8.82
CA LEU D 20 -50.38 -6.23 -8.83
C LEU D 20 -51.01 -7.62 -8.79
N PRO D 21 -50.58 -8.57 -9.65
CA PRO D 21 -51.34 -9.80 -9.86
C PRO D 21 -51.15 -10.81 -8.72
N HIS D 22 -52.21 -11.27 -8.09
CA HIS D 22 -52.13 -12.38 -7.10
C HIS D 22 -52.53 -13.72 -7.74
N ALA D 23 -51.55 -14.63 -7.90
CA ALA D 23 -51.77 -16.02 -8.34
C ALA D 23 -52.39 -16.02 -9.74
N LEU D 24 -53.47 -16.80 -9.92
CA LEU D 24 -54.23 -16.90 -11.18
C LEU D 24 -55.59 -16.21 -10.99
N ASP D 25 -55.71 -15.41 -9.93
CA ASP D 25 -56.96 -14.70 -9.62
C ASP D 25 -57.00 -13.44 -10.49
N LEU D 26 -58.20 -12.89 -10.67
CA LEU D 26 -58.48 -11.79 -11.62
CA LEU D 26 -58.49 -11.78 -11.63
C LEU D 26 -59.06 -10.58 -10.86
N ASP D 27 -58.48 -9.40 -11.10
CA ASP D 27 -58.88 -8.15 -10.40
C ASP D 27 -60.37 -7.89 -10.65
N PRO D 28 -61.21 -7.82 -9.59
CA PRO D 28 -62.66 -7.60 -9.76
C PRO D 28 -63.13 -6.35 -10.52
N HIS D 29 -62.25 -5.39 -10.82
CA HIS D 29 -62.56 -4.14 -11.56
CA HIS D 29 -62.62 -4.15 -11.55
C HIS D 29 -62.82 -4.48 -13.05
N TYR D 30 -62.50 -5.71 -13.45
CA TYR D 30 -62.67 -6.21 -14.84
C TYR D 30 -64.14 -6.54 -15.08
N ALA D 31 -64.74 -7.36 -14.20
CA ALA D 31 -66.17 -7.77 -14.24
C ALA D 31 -67.07 -6.54 -14.21
N GLU D 32 -66.75 -5.61 -13.30
CA GLU D 32 -67.49 -4.33 -13.13
CA GLU D 32 -67.49 -4.33 -13.13
C GLU D 32 -67.40 -3.56 -14.45
N LEU D 33 -66.19 -3.18 -14.87
CA LEU D 33 -65.96 -2.51 -16.17
C LEU D 33 -66.82 -3.18 -17.25
N ARG D 34 -66.87 -4.53 -17.24
CA ARG D 34 -67.56 -5.34 -18.28
C ARG D 34 -69.03 -4.91 -18.35
N ARG D 35 -69.69 -4.75 -17.21
CA ARG D 35 -71.11 -4.35 -17.12
CA ARG D 35 -71.12 -4.35 -17.13
C ARG D 35 -71.28 -2.86 -17.44
N ASP D 36 -70.48 -1.99 -16.79
CA ASP D 36 -70.80 -0.54 -16.66
C ASP D 36 -70.00 0.29 -17.66
N GLU D 37 -68.67 0.15 -17.71
CA GLU D 37 -67.84 0.92 -18.69
CA GLU D 37 -67.82 0.92 -18.68
C GLU D 37 -66.88 0.01 -19.45
N PRO D 38 -67.36 -0.66 -20.51
CA PRO D 38 -66.53 -1.60 -21.29
C PRO D 38 -65.26 -1.03 -21.92
N VAL D 39 -65.24 0.23 -22.36
CA VAL D 39 -64.02 0.84 -22.95
C VAL D 39 -63.61 2.04 -22.10
N SER D 40 -62.96 1.78 -20.97
CA SER D 40 -62.40 2.80 -20.04
C SER D 40 -61.04 3.28 -20.56
N ARG D 41 -60.84 4.60 -20.60
CA ARG D 41 -59.51 5.23 -20.88
CA ARG D 41 -59.53 5.24 -20.85
C ARG D 41 -58.61 4.89 -19.68
N VAL D 42 -57.32 4.60 -19.94
CA VAL D 42 -56.30 4.33 -18.88
C VAL D 42 -54.89 4.67 -19.37
N ARG D 43 -53.99 4.84 -18.41
CA ARG D 43 -52.56 5.16 -18.64
CA ARG D 43 -52.54 5.17 -18.58
C ARG D 43 -51.73 3.87 -18.52
N LEU D 44 -50.86 3.65 -19.50
CA LEU D 44 -50.04 2.41 -19.58
C LEU D 44 -48.70 2.65 -18.88
N PRO D 45 -48.09 1.59 -18.29
CA PRO D 45 -46.88 1.73 -17.47
C PRO D 45 -45.70 2.39 -18.21
N TYR D 46 -45.64 2.28 -19.52
CA TYR D 46 -44.56 2.92 -20.33
C TYR D 46 -45.24 3.67 -21.48
N GLY D 47 -44.52 4.63 -22.07
CA GLY D 47 -45.04 5.54 -23.11
C GLY D 47 -45.99 6.61 -22.58
N GLU D 48 -46.49 7.44 -23.52
CA GLU D 48 -47.42 8.56 -23.24
CA GLU D 48 -47.44 8.56 -23.27
CA GLU D 48 -47.42 8.56 -23.24
C GLU D 48 -48.73 8.00 -22.68
N GLY D 49 -49.56 8.88 -22.11
CA GLY D 49 -50.82 8.49 -21.45
C GLY D 49 -51.91 8.15 -22.45
N THR D 50 -53.07 7.72 -21.94
CA THR D 50 -54.32 7.51 -22.72
CA THR D 50 -54.33 7.50 -22.71
C THR D 50 -54.16 6.31 -23.66
N ALA D 51 -54.74 5.17 -23.26
CA ALA D 51 -55.04 4.01 -24.15
C ALA D 51 -56.37 3.40 -23.70
N TRP D 52 -57.23 3.04 -24.66
CA TRP D 52 -58.58 2.47 -24.37
C TRP D 52 -58.42 1.04 -23.86
N LEU D 53 -59.00 0.69 -22.71
CA LEU D 53 -58.98 -0.71 -22.22
C LEU D 53 -60.28 -1.41 -22.61
N VAL D 54 -60.16 -2.48 -23.41
CA VAL D 54 -61.28 -3.34 -23.91
C VAL D 54 -61.36 -4.60 -23.04
N THR D 55 -62.52 -4.89 -22.43
CA THR D 55 -62.70 -5.98 -21.42
C THR D 55 -63.78 -6.98 -21.84
N ARG D 56 -64.44 -6.70 -22.98
CA ARG D 56 -65.62 -7.45 -23.47
C ARG D 56 -65.24 -8.21 -24.75
N MET D 57 -65.82 -9.40 -24.93
CA MET D 57 -65.50 -10.39 -26.00
C MET D 57 -65.71 -9.76 -27.39
N SER D 58 -66.88 -9.15 -27.61
CA SER D 58 -67.27 -8.52 -28.91
C SER D 58 -66.20 -7.52 -29.35
N ASP D 59 -65.85 -6.58 -28.48
CA ASP D 59 -64.93 -5.45 -28.79
C ASP D 59 -63.51 -6.01 -28.96
N ALA D 60 -63.16 -7.00 -28.14
CA ALA D 60 -61.86 -7.70 -28.21
C ALA D 60 -61.67 -8.25 -29.62
N ARG D 61 -62.72 -8.85 -30.20
CA ARG D 61 -62.72 -9.38 -31.59
C ARG D 61 -62.55 -8.23 -32.60
N ILE D 62 -63.14 -7.05 -32.35
CA ILE D 62 -63.04 -5.91 -33.31
C ILE D 62 -61.59 -5.42 -33.34
N VAL D 63 -60.98 -5.20 -32.17
CA VAL D 63 -59.59 -4.68 -32.05
C VAL D 63 -58.60 -5.71 -32.60
N LEU D 64 -58.70 -6.96 -32.15
CA LEU D 64 -57.78 -8.04 -32.56
C LEU D 64 -57.98 -8.28 -34.07
N GLY D 65 -59.21 -8.17 -34.58
CA GLY D 65 -59.66 -8.68 -35.89
C GLY D 65 -59.59 -7.69 -37.04
N ASP D 66 -60.09 -6.46 -36.86
CA ASP D 66 -60.12 -5.42 -37.93
C ASP D 66 -58.71 -5.12 -38.46
N SER D 67 -58.57 -4.61 -39.68
CA SER D 67 -57.33 -4.04 -40.25
C SER D 67 -57.31 -2.51 -40.13
N ARG D 68 -58.37 -1.91 -39.60
CA ARG D 68 -58.38 -0.46 -39.28
C ARG D 68 -57.45 -0.26 -38.09
N PHE D 69 -57.38 -1.27 -37.21
CA PHE D 69 -56.45 -1.37 -36.04
C PHE D 69 -55.12 -2.03 -36.43
N SER D 70 -54.03 -1.45 -35.91
CA SER D 70 -52.64 -1.61 -36.45
C SER D 70 -51.64 -1.84 -35.31
N THR D 71 -50.70 -2.76 -35.51
CA THR D 71 -49.62 -3.12 -34.54
C THR D 71 -48.34 -2.39 -34.96
N ALA D 72 -47.99 -2.36 -36.25
CA ALA D 72 -46.86 -1.58 -36.80
C ALA D 72 -46.87 -0.13 -36.27
N ALA D 73 -48.04 0.44 -36.01
CA ALA D 73 -48.24 1.81 -35.50
C ALA D 73 -47.55 2.01 -34.15
N ALA D 74 -47.58 0.98 -33.29
CA ALA D 74 -47.18 1.06 -31.86
C ALA D 74 -45.67 0.85 -31.71
N THR D 75 -44.94 0.72 -32.82
CA THR D 75 -43.46 0.71 -32.85
C THR D 75 -42.95 2.04 -32.29
N ASP D 76 -43.69 3.13 -32.56
CA ASP D 76 -43.39 4.51 -32.10
C ASP D 76 -43.19 4.52 -30.58
N PRO D 77 -42.02 5.00 -30.09
CA PRO D 77 -41.69 4.96 -28.66
C PRO D 77 -42.71 5.68 -27.78
N ALA D 78 -43.37 6.69 -28.34
CA ALA D 78 -44.37 7.54 -27.66
C ALA D 78 -45.56 6.68 -27.21
N THR D 79 -46.08 5.90 -28.16
CA THR D 79 -47.29 5.07 -28.05
C THR D 79 -47.23 4.25 -26.77
N PRO D 80 -48.29 4.25 -25.94
CA PRO D 80 -48.31 3.41 -24.74
C PRO D 80 -47.92 1.94 -25.01
N ARG D 81 -47.55 1.24 -23.93
CA ARG D 81 -47.15 -0.19 -23.96
C ARG D 81 -47.23 -0.71 -22.54
N MET D 82 -47.38 -2.02 -22.38
CA MET D 82 -47.51 -2.68 -21.06
C MET D 82 -46.12 -3.12 -20.58
N PHE D 83 -45.11 -2.92 -21.40
CA PHE D 83 -43.74 -3.49 -21.19
C PHE D 83 -42.71 -2.38 -21.38
N PRO D 84 -41.60 -2.42 -20.60
CA PRO D 84 -40.63 -1.32 -20.58
C PRO D 84 -40.03 -0.88 -21.94
N THR D 85 -39.51 -1.82 -22.71
CA THR D 85 -38.74 -1.45 -23.93
C THR D 85 -39.71 -1.03 -25.05
N PRO D 86 -39.36 -0.04 -25.91
CA PRO D 86 -40.11 0.18 -27.15
C PRO D 86 -40.03 -0.97 -28.14
N PRO D 87 -41.16 -1.41 -28.74
CA PRO D 87 -41.24 -2.62 -29.57
C PRO D 87 -40.40 -2.73 -30.86
N GLU D 88 -39.90 -3.94 -31.14
CA GLU D 88 -38.98 -4.17 -32.29
C GLU D 88 -39.82 -4.17 -33.57
N PRO D 89 -39.69 -3.14 -34.42
CA PRO D 89 -40.32 -3.12 -35.76
C PRO D 89 -40.17 -4.38 -36.63
N ASP D 90 -39.10 -5.16 -36.43
CA ASP D 90 -38.86 -6.42 -37.17
C ASP D 90 -39.59 -7.59 -36.49
N GLY D 91 -40.09 -7.40 -35.26
CA GLY D 91 -40.89 -8.42 -34.54
C GLY D 91 -42.14 -8.80 -35.31
N VAL D 92 -42.47 -10.10 -35.35
CA VAL D 92 -43.71 -10.61 -36.01
C VAL D 92 -44.88 -9.78 -35.52
N LEU D 93 -44.97 -9.70 -34.19
CA LEU D 93 -46.12 -9.16 -33.43
C LEU D 93 -46.36 -7.68 -33.77
N ALA D 94 -45.40 -7.04 -34.43
CA ALA D 94 -45.35 -5.59 -34.67
C ALA D 94 -45.44 -5.30 -36.17
N GLN D 95 -46.14 -6.18 -36.87
CA GLN D 95 -46.32 -6.15 -38.35
C GLN D 95 -47.82 -6.29 -38.63
N ASP D 96 -48.29 -5.64 -39.70
CA ASP D 96 -49.72 -5.68 -40.12
C ASP D 96 -49.77 -6.42 -41.44
N PRO D 97 -50.87 -7.14 -41.73
CA PRO D 97 -51.05 -7.75 -43.05
C PRO D 97 -51.08 -6.63 -44.10
N PRO D 98 -50.61 -6.89 -45.33
CA PRO D 98 -50.22 -8.22 -45.78
C PRO D 98 -48.76 -8.61 -45.46
N ASP D 99 -47.92 -7.65 -45.08
CA ASP D 99 -46.49 -7.87 -44.74
CA ASP D 99 -46.48 -7.89 -44.77
C ASP D 99 -46.40 -8.99 -43.69
N HIS D 100 -47.23 -8.90 -42.67
CA HIS D 100 -47.31 -9.87 -41.54
CA HIS D 100 -47.31 -9.87 -41.54
C HIS D 100 -47.62 -11.27 -42.07
N THR D 101 -48.56 -11.35 -43.03
CA THR D 101 -49.10 -12.61 -43.59
C THR D 101 -47.94 -13.38 -44.24
N ARG D 102 -47.11 -12.67 -45.00
CA ARG D 102 -45.96 -13.19 -45.79
C ARG D 102 -44.84 -13.66 -44.84
N LEU D 103 -44.77 -13.06 -43.66
CA LEU D 103 -43.81 -13.38 -42.58
C LEU D 103 -44.18 -14.72 -41.93
N ARG D 104 -45.47 -14.96 -41.68
CA ARG D 104 -45.96 -16.21 -41.04
C ARG D 104 -45.93 -17.39 -42.03
N ARG D 105 -45.65 -17.15 -43.31
CA ARG D 105 -45.51 -18.22 -44.35
CA ARG D 105 -45.53 -18.24 -44.34
C ARG D 105 -44.13 -18.87 -44.28
N LEU D 106 -43.19 -18.24 -43.58
CA LEU D 106 -41.82 -18.76 -43.38
CA LEU D 106 -41.82 -18.77 -43.41
C LEU D 106 -41.88 -20.09 -42.63
N VAL D 107 -42.68 -20.09 -41.56
CA VAL D 107 -42.77 -21.22 -40.58
C VAL D 107 -44.22 -21.66 -40.47
N GLY D 108 -45.06 -21.29 -41.44
CA GLY D 108 -46.50 -21.40 -41.28
C GLY D 108 -46.93 -22.85 -41.29
N LYS D 109 -46.31 -23.63 -42.19
CA LYS D 109 -46.66 -25.04 -42.45
CA LYS D 109 -46.62 -25.05 -42.46
C LYS D 109 -46.46 -25.86 -41.17
N ALA D 110 -45.34 -25.63 -40.48
CA ALA D 110 -44.86 -26.43 -39.32
C ALA D 110 -45.88 -26.44 -38.19
N PHE D 111 -46.81 -25.49 -38.17
CA PHE D 111 -47.74 -25.28 -37.04
C PHE D 111 -49.20 -25.45 -37.49
N THR D 112 -49.45 -25.94 -38.72
CA THR D 112 -50.79 -26.42 -39.14
C THR D 112 -51.22 -27.53 -38.17
N ALA D 113 -52.51 -27.63 -37.88
CA ALA D 113 -53.04 -28.62 -36.91
C ALA D 113 -52.62 -30.03 -37.34
N ARG D 114 -52.55 -30.31 -38.66
CA ARG D 114 -52.15 -31.63 -39.20
CA ARG D 114 -52.14 -31.64 -39.19
C ARG D 114 -50.70 -31.94 -38.77
N ARG D 115 -49.77 -31.04 -39.07
CA ARG D 115 -48.32 -31.28 -38.81
CA ARG D 115 -48.31 -31.26 -38.80
C ARG D 115 -48.05 -31.38 -37.30
N VAL D 116 -48.86 -30.71 -36.46
CA VAL D 116 -48.65 -30.77 -35.00
C VAL D 116 -49.11 -32.15 -34.52
N GLU D 117 -50.21 -32.68 -35.03
CA GLU D 117 -50.76 -33.99 -34.59
C GLU D 117 -49.76 -35.10 -34.98
N GLU D 118 -49.01 -34.89 -36.06
CA GLU D 118 -47.93 -35.82 -36.49
C GLU D 118 -46.87 -35.93 -35.37
N MET D 119 -46.72 -34.88 -34.54
CA MET D 119 -45.71 -34.81 -33.45
C MET D 119 -46.15 -35.63 -32.23
N ARG D 120 -47.43 -35.95 -32.08
CA ARG D 120 -47.95 -36.50 -30.80
C ARG D 120 -47.24 -37.79 -30.41
N PRO D 121 -46.84 -38.68 -31.33
CA PRO D 121 -46.07 -39.85 -30.91
C PRO D 121 -44.76 -39.47 -30.19
N ARG D 122 -43.89 -38.63 -30.79
CA ARG D 122 -42.57 -38.26 -30.18
CA ARG D 122 -42.57 -38.25 -30.20
C ARG D 122 -42.80 -37.43 -28.92
N VAL D 123 -43.89 -36.66 -28.85
CA VAL D 123 -44.19 -35.81 -27.66
C VAL D 123 -44.64 -36.70 -26.53
N ARG D 124 -45.53 -37.66 -26.82
CA ARG D 124 -46.04 -38.61 -25.80
C ARG D 124 -44.87 -39.40 -25.23
N SER D 125 -43.87 -39.70 -26.07
CA SER D 125 -42.65 -40.47 -25.71
C SER D 125 -41.77 -39.70 -24.73
N LEU D 126 -41.66 -38.38 -24.95
CA LEU D 126 -40.87 -37.44 -24.13
C LEU D 126 -41.52 -37.29 -22.75
N VAL D 127 -42.83 -37.04 -22.70
CA VAL D 127 -43.60 -36.92 -21.42
C VAL D 127 -43.38 -38.17 -20.57
N ASP D 128 -43.41 -39.35 -21.20
CA ASP D 128 -43.34 -40.66 -20.50
C ASP D 128 -41.96 -40.80 -19.86
N SER D 129 -40.94 -40.54 -20.67
CA SER D 129 -39.52 -40.53 -20.28
C SER D 129 -39.33 -39.63 -19.05
N LEU D 130 -39.80 -38.38 -19.10
CA LEU D 130 -39.54 -37.42 -18.00
C LEU D 130 -40.35 -37.85 -16.77
N LEU D 131 -41.52 -38.44 -16.96
CA LEU D 131 -42.34 -38.94 -15.81
C LEU D 131 -41.66 -40.18 -15.20
N ASP D 132 -41.01 -41.00 -16.03
CA ASP D 132 -40.18 -42.16 -15.57
C ASP D 132 -39.10 -41.60 -14.62
N ASP D 133 -38.25 -40.69 -15.13
CA ASP D 133 -37.21 -39.93 -14.37
C ASP D 133 -37.72 -39.45 -13.00
N MET D 134 -38.97 -39.01 -12.93
CA MET D 134 -39.52 -38.38 -11.70
C MET D 134 -40.05 -39.43 -10.73
N VAL D 135 -40.42 -40.64 -11.17
CA VAL D 135 -40.83 -41.69 -10.19
C VAL D 135 -39.56 -42.38 -9.67
N ALA D 136 -38.41 -42.18 -10.34
CA ALA D 136 -37.07 -42.67 -9.95
C ALA D 136 -36.49 -41.81 -8.81
N HIS D 137 -36.97 -40.56 -8.70
CA HIS D 137 -36.67 -39.61 -7.59
CA HIS D 137 -36.67 -39.61 -7.59
C HIS D 137 -37.66 -39.85 -6.44
N GLY D 138 -38.86 -40.34 -6.77
CA GLY D 138 -39.89 -40.68 -5.77
C GLY D 138 -40.54 -39.45 -5.17
N SER D 139 -41.77 -39.62 -4.71
CA SER D 139 -42.62 -38.61 -4.02
C SER D 139 -41.89 -38.10 -2.78
N PRO D 140 -41.98 -36.79 -2.41
CA PRO D 140 -42.45 -35.72 -3.30
C PRO D 140 -41.35 -35.09 -4.17
N ALA D 141 -41.76 -34.41 -5.25
CA ALA D 141 -40.90 -33.91 -6.34
C ALA D 141 -41.38 -32.55 -6.86
N ASP D 142 -40.45 -31.76 -7.39
CA ASP D 142 -40.78 -30.47 -8.04
C ASP D 142 -41.22 -30.75 -9.49
N LEU D 143 -42.51 -30.59 -9.77
CA LEU D 143 -43.14 -30.83 -11.09
C LEU D 143 -42.57 -29.84 -12.11
N VAL D 144 -42.08 -28.70 -11.64
CA VAL D 144 -41.46 -27.66 -12.51
C VAL D 144 -40.12 -28.19 -13.03
N GLU D 145 -39.28 -28.72 -12.13
CA GLU D 145 -37.90 -29.16 -12.45
C GLU D 145 -37.99 -30.41 -13.33
N PHE D 146 -38.98 -31.26 -13.07
CA PHE D 146 -39.13 -32.61 -13.67
C PHE D 146 -39.96 -32.58 -14.96
N LEU D 147 -41.00 -31.76 -15.07
CA LEU D 147 -41.95 -31.77 -16.22
C LEU D 147 -42.00 -30.42 -16.95
N ALA D 148 -42.48 -29.40 -16.25
CA ALA D 148 -42.95 -28.10 -16.82
C ALA D 148 -41.84 -27.41 -17.61
N VAL D 149 -40.59 -27.53 -17.20
CA VAL D 149 -39.47 -26.83 -17.89
C VAL D 149 -38.90 -27.73 -18.98
N PRO D 150 -38.45 -28.97 -18.70
CA PRO D 150 -37.72 -29.76 -19.68
C PRO D 150 -38.53 -30.16 -20.92
N PHE D 151 -39.82 -30.47 -20.72
CA PHE D 151 -40.74 -30.98 -21.78
C PHE D 151 -40.88 -29.94 -22.90
N PRO D 152 -41.54 -28.78 -22.68
CA PRO D 152 -41.64 -27.75 -23.72
C PRO D 152 -40.28 -27.35 -24.32
N VAL D 153 -39.27 -27.22 -23.46
CA VAL D 153 -37.89 -26.81 -23.86
C VAL D 153 -37.40 -27.81 -24.91
N ALA D 154 -37.58 -29.10 -24.63
CA ALA D 154 -37.21 -30.21 -25.52
C ALA D 154 -37.90 -30.04 -26.87
N VAL D 155 -39.23 -29.87 -26.84
CA VAL D 155 -40.08 -29.82 -28.07
C VAL D 155 -39.66 -28.64 -28.94
N ILE D 156 -39.53 -27.44 -28.37
CA ILE D 156 -39.20 -26.23 -29.18
C ILE D 156 -37.78 -26.39 -29.72
N CYS D 157 -36.85 -26.91 -28.93
CA CYS D 157 -35.43 -27.08 -29.35
C CYS D 157 -35.33 -28.03 -30.53
N GLU D 158 -36.04 -29.16 -30.47
CA GLU D 158 -36.07 -30.16 -31.57
C GLU D 158 -36.64 -29.48 -32.83
N LEU D 159 -37.84 -28.90 -32.71
CA LEU D 159 -38.55 -28.28 -33.85
C LEU D 159 -37.70 -27.17 -34.45
N LEU D 160 -37.08 -26.33 -33.62
CA LEU D 160 -36.32 -25.16 -34.12
C LEU D 160 -34.97 -25.63 -34.65
N GLY D 161 -34.29 -26.50 -33.90
CA GLY D 161 -32.87 -26.85 -34.19
C GLY D 161 -31.96 -26.24 -33.15
N VAL D 162 -32.42 -26.16 -31.90
CA VAL D 162 -31.70 -25.38 -30.85
C VAL D 162 -31.03 -26.38 -29.90
N PRO D 163 -29.72 -26.22 -29.60
CA PRO D 163 -29.03 -27.13 -28.69
C PRO D 163 -29.73 -27.10 -27.32
N LEU D 164 -30.17 -28.26 -26.85
CA LEU D 164 -30.85 -28.44 -25.54
C LEU D 164 -29.85 -28.09 -24.41
N GLU D 165 -28.59 -27.87 -24.75
CA GLU D 165 -27.46 -27.54 -23.84
CA GLU D 165 -27.53 -27.55 -23.75
C GLU D 165 -27.44 -26.04 -23.54
N ASP D 166 -28.05 -25.25 -24.43
CA ASP D 166 -28.17 -23.77 -24.33
C ASP D 166 -29.40 -23.41 -23.49
N ARG D 167 -30.00 -24.39 -22.81
CA ARG D 167 -31.28 -24.19 -22.11
C ARG D 167 -31.22 -22.89 -21.29
N ASP D 168 -30.29 -22.82 -20.34
CA ASP D 168 -30.19 -21.75 -19.30
C ASP D 168 -29.81 -20.43 -19.96
N LEU D 169 -29.02 -20.48 -21.03
CA LEU D 169 -28.66 -19.26 -21.79
C LEU D 169 -29.94 -18.59 -22.31
N PHE D 170 -30.84 -19.31 -22.99
CA PHE D 170 -32.06 -18.70 -23.59
C PHE D 170 -33.14 -18.55 -22.51
N ARG D 171 -33.28 -19.50 -21.58
CA ARG D 171 -34.18 -19.35 -20.40
C ARG D 171 -33.89 -18.00 -19.71
N THR D 172 -32.64 -17.57 -19.66
CA THR D 172 -32.24 -16.30 -18.98
C THR D 172 -32.70 -15.12 -19.85
N PHE D 173 -32.46 -15.16 -21.17
CA PHE D 173 -32.84 -14.09 -22.12
C PHE D 173 -34.36 -13.99 -22.21
N SER D 174 -35.01 -15.14 -22.37
CA SER D 174 -36.47 -15.26 -22.43
C SER D 174 -37.06 -14.54 -21.21
N ASP D 175 -36.77 -15.06 -20.01
CA ASP D 175 -37.34 -14.57 -18.72
C ASP D 175 -37.20 -13.03 -18.66
N ALA D 176 -36.16 -12.46 -19.27
CA ALA D 176 -35.85 -11.00 -19.20
C ALA D 176 -36.74 -10.21 -20.18
N MET D 177 -36.70 -10.60 -21.47
CA MET D 177 -37.48 -9.99 -22.58
C MET D 177 -38.97 -10.06 -22.29
N LEU D 178 -39.39 -10.85 -21.29
CA LEU D 178 -40.82 -10.92 -20.88
C LEU D 178 -41.03 -10.29 -19.51
N SER D 179 -40.38 -9.16 -19.23
CA SER D 179 -40.43 -8.54 -17.87
C SER D 179 -41.45 -7.41 -17.84
N SER D 180 -42.38 -7.48 -16.89
CA SER D 180 -43.33 -6.39 -16.61
C SER D 180 -42.54 -5.23 -15.98
N THR D 181 -41.90 -5.49 -14.82
CA THR D 181 -41.31 -4.42 -13.97
C THR D 181 -39.82 -4.67 -13.68
N ARG D 182 -39.48 -5.85 -13.13
CA ARG D 182 -38.12 -6.22 -12.62
CA ARG D 182 -38.13 -6.18 -12.58
C ARG D 182 -37.03 -5.44 -13.36
N LEU D 183 -37.05 -5.45 -14.69
CA LEU D 183 -35.92 -4.93 -15.52
C LEU D 183 -36.28 -3.61 -16.20
N THR D 184 -35.25 -2.88 -16.63
CA THR D 184 -35.36 -1.55 -17.31
C THR D 184 -35.09 -1.74 -18.80
N ALA D 185 -35.60 -0.80 -19.61
CA ALA D 185 -35.38 -0.71 -21.08
C ALA D 185 -33.90 -0.90 -21.42
N ALA D 186 -33.01 -0.33 -20.59
CA ALA D 186 -31.54 -0.34 -20.80
C ALA D 186 -31.03 -1.78 -20.77
N GLU D 187 -31.40 -2.53 -19.72
CA GLU D 187 -30.95 -3.93 -19.51
C GLU D 187 -31.60 -4.82 -20.57
N ILE D 188 -32.91 -4.70 -20.71
CA ILE D 188 -33.74 -5.51 -21.63
C ILE D 188 -33.26 -5.33 -23.07
N GLN D 189 -32.91 -4.11 -23.50
CA GLN D 189 -32.39 -3.84 -24.87
CA GLN D 189 -32.43 -3.92 -24.90
C GLN D 189 -31.10 -4.62 -25.11
N ARG D 190 -30.21 -4.66 -24.11
CA ARG D 190 -28.86 -5.29 -24.26
CA ARG D 190 -28.87 -5.29 -24.20
C ARG D 190 -29.04 -6.82 -24.37
N VAL D 191 -30.04 -7.40 -23.68
CA VAL D 191 -30.43 -8.85 -23.80
C VAL D 191 -30.96 -9.11 -25.22
N GLN D 192 -31.74 -8.16 -25.74
CA GLN D 192 -32.32 -8.22 -27.11
C GLN D 192 -31.22 -8.27 -28.15
N GLN D 193 -30.22 -7.38 -28.05
CA GLN D 193 -29.06 -7.32 -28.98
CA GLN D 193 -29.11 -7.37 -29.06
C GLN D 193 -28.30 -8.66 -28.88
N ASP D 194 -28.27 -9.24 -27.67
CA ASP D 194 -27.61 -10.55 -27.42
C ASP D 194 -28.42 -11.66 -28.08
N PHE D 195 -29.69 -11.88 -27.68
CA PHE D 195 -30.57 -12.95 -28.23
C PHE D 195 -30.48 -12.90 -29.77
N MET D 196 -30.51 -11.70 -30.34
CA MET D 196 -30.51 -11.49 -31.80
C MET D 196 -29.26 -12.15 -32.42
N VAL D 197 -28.07 -11.80 -31.94
CA VAL D 197 -26.78 -12.31 -32.49
C VAL D 197 -26.60 -13.78 -32.11
N TYR D 198 -27.12 -14.21 -30.94
CA TYR D 198 -27.18 -15.65 -30.58
C TYR D 198 -27.86 -16.39 -31.73
N MET D 199 -29.05 -15.92 -32.10
CA MET D 199 -29.84 -16.49 -33.22
C MET D 199 -29.08 -16.32 -34.52
N ASP D 200 -28.64 -15.10 -34.84
CA ASP D 200 -28.01 -14.80 -36.16
C ASP D 200 -26.86 -15.79 -36.40
N GLY D 201 -26.09 -16.11 -35.35
CA GLY D 201 -24.99 -17.08 -35.39
C GLY D 201 -25.50 -18.51 -35.52
N LEU D 202 -26.63 -18.81 -34.89
CA LEU D 202 -27.25 -20.16 -34.99
C LEU D 202 -27.74 -20.38 -36.42
N VAL D 203 -28.41 -19.40 -37.06
CA VAL D 203 -28.88 -19.56 -38.46
C VAL D 203 -27.66 -19.47 -39.38
N ALA D 204 -26.57 -18.89 -38.89
CA ALA D 204 -25.26 -18.76 -39.60
C ALA D 204 -24.60 -20.14 -39.79
N GLN D 205 -24.95 -21.12 -38.97
CA GLN D 205 -24.35 -22.48 -39.03
C GLN D 205 -25.08 -23.33 -40.07
N ARG D 206 -26.30 -22.95 -40.44
CA ARG D 206 -27.04 -23.63 -41.54
C ARG D 206 -26.54 -23.10 -42.89
N ARG D 207 -25.76 -22.01 -42.90
CA ARG D 207 -25.27 -21.39 -44.17
CA ARG D 207 -25.22 -21.36 -44.13
C ARG D 207 -24.23 -22.32 -44.81
N ASP D 208 -23.49 -23.09 -44.00
CA ASP D 208 -22.50 -24.08 -44.51
CA ASP D 208 -22.51 -24.10 -44.51
C ASP D 208 -23.26 -25.35 -44.98
N ALA D 209 -23.97 -26.00 -44.06
CA ALA D 209 -24.74 -27.25 -44.28
C ALA D 209 -26.16 -27.08 -43.73
N PRO D 210 -27.21 -27.05 -44.58
CA PRO D 210 -28.58 -26.84 -44.12
C PRO D 210 -29.04 -27.92 -43.13
N THR D 211 -30.12 -27.65 -42.38
CA THR D 211 -30.75 -28.61 -41.42
C THR D 211 -32.23 -28.80 -41.80
N GLU D 212 -32.81 -29.93 -41.39
CA GLU D 212 -34.25 -30.23 -41.61
CA GLU D 212 -34.25 -30.30 -41.58
C GLU D 212 -35.01 -29.89 -40.31
N ASP D 213 -35.14 -28.58 -40.05
CA ASP D 213 -35.83 -27.99 -38.87
C ASP D 213 -36.08 -26.51 -39.19
N LEU D 214 -36.73 -25.76 -38.29
CA LEU D 214 -37.20 -24.39 -38.63
C LEU D 214 -36.04 -23.40 -38.77
N LEU D 215 -34.99 -23.50 -37.96
CA LEU D 215 -33.78 -22.66 -38.18
C LEU D 215 -33.27 -22.91 -39.61
N GLY D 216 -33.40 -24.15 -40.11
CA GLY D 216 -33.07 -24.52 -41.50
C GLY D 216 -33.88 -23.74 -42.50
N ALA D 217 -35.21 -23.74 -42.34
CA ALA D 217 -36.17 -22.97 -43.17
C ALA D 217 -35.68 -21.51 -43.24
N LEU D 218 -35.51 -20.88 -42.06
CA LEU D 218 -35.09 -19.45 -41.89
C LEU D 218 -33.76 -19.20 -42.60
N ALA D 219 -32.78 -20.08 -42.39
CA ALA D 219 -31.48 -20.06 -43.11
C ALA D 219 -31.74 -19.90 -44.61
N LEU D 220 -32.45 -20.84 -45.24
CA LEU D 220 -32.76 -20.84 -46.69
C LEU D 220 -33.48 -19.54 -47.08
N ALA D 221 -34.27 -18.95 -46.17
CA ALA D 221 -35.03 -17.69 -46.37
C ALA D 221 -34.06 -16.54 -46.71
N THR D 222 -32.95 -16.42 -45.98
CA THR D 222 -31.99 -15.28 -46.08
C THR D 222 -31.52 -15.12 -47.53
N ASP D 223 -31.25 -16.23 -48.24
CA ASP D 223 -30.70 -16.24 -49.63
CA ASP D 223 -30.71 -16.20 -49.62
C ASP D 223 -31.86 -16.14 -50.64
N ASN D 224 -32.85 -17.04 -50.55
CA ASN D 224 -33.92 -17.22 -51.56
CA ASN D 224 -33.92 -17.22 -51.56
C ASN D 224 -34.91 -16.05 -51.51
N ASP D 225 -35.50 -15.79 -50.33
CA ASP D 225 -36.62 -14.82 -50.16
CA ASP D 225 -36.63 -14.82 -50.15
C ASP D 225 -36.08 -13.39 -50.19
N ASP D 226 -36.75 -12.51 -50.94
CA ASP D 226 -36.29 -11.12 -51.22
CA ASP D 226 -36.30 -11.13 -51.24
C ASP D 226 -37.13 -10.12 -50.43
N HIS D 227 -38.42 -10.42 -50.21
CA HIS D 227 -39.39 -9.51 -49.54
CA HIS D 227 -39.38 -9.50 -49.55
C HIS D 227 -39.03 -9.35 -48.06
N LEU D 228 -38.47 -10.40 -47.43
CA LEU D 228 -38.21 -10.44 -45.96
CA LEU D 228 -38.20 -10.45 -45.96
C LEU D 228 -36.78 -9.97 -45.67
N THR D 229 -36.62 -9.11 -44.67
CA THR D 229 -35.30 -8.56 -44.20
C THR D 229 -34.68 -9.57 -43.24
N LYS D 230 -33.36 -9.51 -43.10
CA LYS D 230 -32.56 -10.46 -42.27
CA LYS D 230 -32.58 -10.47 -42.28
C LYS D 230 -33.02 -10.34 -40.81
N GLY D 231 -33.43 -9.14 -40.41
CA GLY D 231 -33.89 -8.82 -39.04
C GLY D 231 -35.25 -9.43 -38.75
N GLU D 232 -36.14 -9.40 -39.73
CA GLU D 232 -37.55 -9.88 -39.63
C GLU D 232 -37.53 -11.40 -39.37
N ILE D 233 -36.62 -12.07 -40.09
CA ILE D 233 -36.29 -13.53 -40.08
C ILE D 233 -35.66 -13.93 -38.74
N VAL D 234 -34.45 -13.42 -38.44
CA VAL D 234 -33.71 -13.77 -37.18
C VAL D 234 -34.66 -13.61 -36.01
N ASN D 235 -35.51 -12.58 -36.07
CA ASN D 235 -36.36 -12.13 -34.95
C ASN D 235 -37.49 -13.12 -34.74
N MET D 236 -37.88 -13.84 -35.80
CA MET D 236 -38.87 -14.95 -35.76
C MET D 236 -38.33 -16.09 -34.89
N GLY D 237 -37.09 -16.52 -35.15
CA GLY D 237 -36.38 -17.52 -34.34
C GLY D 237 -36.37 -17.16 -32.86
N VAL D 238 -36.07 -15.90 -32.54
CA VAL D 238 -36.05 -15.40 -31.13
C VAL D 238 -37.46 -15.55 -30.54
N TYR D 239 -38.50 -15.18 -31.28
CA TYR D 239 -39.88 -15.05 -30.73
C TYR D 239 -40.45 -16.47 -30.57
N LEU D 240 -40.14 -17.34 -31.54
CA LEU D 240 -40.58 -18.76 -31.53
C LEU D 240 -39.93 -19.47 -30.35
N LEU D 241 -38.63 -19.20 -30.12
CA LEU D 241 -37.87 -19.77 -28.98
C LEU D 241 -38.50 -19.28 -27.67
N ILE D 242 -38.67 -17.97 -27.48
CA ILE D 242 -39.26 -17.43 -26.21
C ILE D 242 -40.69 -17.97 -26.02
N ALA D 243 -41.51 -17.81 -27.06
CA ALA D 243 -42.95 -18.10 -27.02
C ALA D 243 -43.10 -19.61 -26.81
N GLY D 244 -42.23 -20.37 -27.48
CA GLY D 244 -42.29 -21.84 -27.59
C GLY D 244 -42.21 -22.54 -26.25
N HIS D 245 -41.49 -21.95 -25.28
CA HIS D 245 -41.31 -22.57 -23.95
C HIS D 245 -42.00 -21.72 -22.88
N GLU D 246 -41.89 -20.39 -22.92
CA GLU D 246 -42.36 -19.55 -21.77
C GLU D 246 -43.85 -19.85 -21.53
N THR D 247 -44.63 -19.98 -22.60
CA THR D 247 -46.10 -20.20 -22.60
C THR D 247 -46.48 -21.51 -21.92
N SER D 248 -46.03 -22.65 -22.45
CA SER D 248 -46.44 -24.02 -22.03
C SER D 248 -45.88 -24.35 -20.65
N VAL D 249 -44.65 -23.90 -20.37
CA VAL D 249 -43.96 -24.11 -19.06
C VAL D 249 -44.85 -23.52 -17.96
N ASN D 250 -45.25 -22.26 -18.12
CA ASN D 250 -46.11 -21.57 -17.13
C ASN D 250 -47.47 -22.25 -17.14
N GLN D 251 -47.99 -22.54 -18.32
CA GLN D 251 -49.39 -23.00 -18.50
C GLN D 251 -49.53 -24.42 -17.94
N ILE D 252 -48.49 -25.24 -18.02
CA ILE D 252 -48.48 -26.59 -17.38
C ILE D 252 -48.65 -26.40 -15.88
N THR D 253 -47.94 -25.45 -15.27
CA THR D 253 -47.99 -25.19 -13.81
C THR D 253 -49.37 -24.59 -13.46
N ASN D 254 -49.89 -23.67 -14.28
CA ASN D 254 -51.21 -23.03 -14.09
C ASN D 254 -52.35 -24.07 -14.14
N LEU D 255 -52.30 -25.07 -15.03
CA LEU D 255 -53.42 -26.06 -15.18
C LEU D 255 -53.43 -26.96 -13.94
N VAL D 256 -52.27 -27.50 -13.60
CA VAL D 256 -52.10 -28.44 -12.45
C VAL D 256 -52.57 -27.73 -11.18
N HIS D 257 -52.25 -26.43 -11.05
CA HIS D 257 -52.65 -25.63 -9.88
C HIS D 257 -54.18 -25.73 -9.73
N LEU D 258 -54.91 -25.29 -10.76
CA LEU D 258 -56.40 -25.25 -10.77
C LEU D 258 -56.97 -26.63 -10.49
N LEU D 259 -56.35 -27.68 -11.02
CA LEU D 259 -56.81 -29.08 -10.83
C LEU D 259 -56.68 -29.52 -9.38
N LEU D 260 -55.51 -29.28 -8.78
CA LEU D 260 -55.20 -29.82 -7.43
C LEU D 260 -55.93 -29.03 -6.36
N THR D 261 -55.99 -27.69 -6.45
CA THR D 261 -56.96 -26.91 -5.63
C THR D 261 -58.36 -27.38 -6.07
N GLU D 262 -59.27 -27.66 -5.14
CA GLU D 262 -60.56 -28.35 -5.49
CA GLU D 262 -60.55 -28.38 -5.47
C GLU D 262 -60.25 -29.62 -6.31
N ARG D 263 -59.71 -30.63 -5.65
CA ARG D 263 -59.23 -31.87 -6.28
C ARG D 263 -60.34 -32.56 -7.07
N LYS D 264 -61.61 -32.35 -6.69
CA LYS D 264 -62.77 -32.87 -7.47
CA LYS D 264 -62.74 -32.90 -7.47
C LYS D 264 -62.56 -32.63 -8.97
N ARG D 265 -61.91 -31.52 -9.34
CA ARG D 265 -61.57 -31.21 -10.76
C ARG D 265 -60.58 -32.26 -11.30
N TYR D 266 -59.45 -32.47 -10.62
CA TYR D 266 -58.44 -33.53 -10.93
C TYR D 266 -59.13 -34.89 -11.06
N GLU D 267 -60.01 -35.23 -10.10
CA GLU D 267 -60.62 -36.58 -9.96
C GLU D 267 -61.46 -36.93 -11.19
N SER D 268 -62.26 -35.98 -11.67
CA SER D 268 -63.15 -36.17 -12.86
C SER D 268 -62.27 -36.45 -14.07
N LEU D 269 -61.14 -35.76 -14.20
CA LEU D 269 -60.14 -36.05 -15.26
C LEU D 269 -59.53 -37.44 -15.01
N VAL D 270 -59.23 -37.81 -13.76
CA VAL D 270 -58.71 -39.17 -13.40
C VAL D 270 -59.77 -40.20 -13.82
N ALA D 271 -61.05 -39.88 -13.57
CA ALA D 271 -62.22 -40.76 -13.85
C ALA D 271 -62.41 -40.97 -15.36
N ASP D 272 -62.43 -39.89 -16.17
CA ASP D 272 -62.61 -39.95 -17.64
C ASP D 272 -61.45 -39.26 -18.36
N PRO D 273 -60.30 -39.94 -18.61
CA PRO D 273 -59.15 -39.29 -19.26
C PRO D 273 -59.44 -38.70 -20.65
N ALA D 274 -60.53 -39.09 -21.30
CA ALA D 274 -60.96 -38.51 -22.61
C ALA D 274 -61.53 -37.10 -22.41
N LEU D 275 -61.72 -36.67 -21.17
CA LEU D 275 -62.23 -35.31 -20.82
C LEU D 275 -61.07 -34.29 -20.77
N VAL D 276 -59.82 -34.76 -20.83
CA VAL D 276 -58.61 -33.89 -20.73
C VAL D 276 -58.63 -32.78 -21.79
N PRO D 277 -58.77 -33.09 -23.11
CA PRO D 277 -58.75 -32.05 -24.15
C PRO D 277 -59.74 -30.89 -23.95
N ALA D 278 -60.96 -31.20 -23.50
CA ALA D 278 -62.04 -30.22 -23.17
C ALA D 278 -61.61 -29.33 -22.02
N ALA D 279 -61.02 -29.91 -20.97
CA ALA D 279 -60.59 -29.19 -19.75
C ALA D 279 -59.41 -28.26 -20.06
N VAL D 280 -58.51 -28.67 -20.96
CA VAL D 280 -57.43 -27.76 -21.46
C VAL D 280 -58.11 -26.49 -22.00
N GLU D 281 -59.13 -26.63 -22.85
CA GLU D 281 -59.84 -25.48 -23.48
C GLU D 281 -60.49 -24.65 -22.37
N GLU D 282 -61.22 -25.30 -21.46
CA GLU D 282 -61.95 -24.60 -20.36
C GLU D 282 -60.95 -23.86 -19.49
N MET D 283 -59.83 -24.51 -19.14
CA MET D 283 -58.79 -23.89 -18.28
C MET D 283 -58.07 -22.80 -19.06
N LEU D 284 -57.76 -23.00 -20.35
CA LEU D 284 -57.14 -21.95 -21.20
C LEU D 284 -58.00 -20.69 -21.12
N ARG D 285 -59.32 -20.86 -21.05
CA ARG D 285 -60.28 -19.76 -20.87
C ARG D 285 -60.11 -19.16 -19.47
N TYR D 286 -60.21 -20.01 -18.42
CA TYR D 286 -60.30 -19.57 -17.00
C TYR D 286 -58.97 -18.92 -16.55
N THR D 287 -57.91 -18.98 -17.36
CA THR D 287 -56.54 -18.72 -16.87
C THR D 287 -55.98 -17.45 -17.50
N PRO D 288 -55.59 -16.49 -16.65
CA PRO D 288 -54.88 -15.30 -17.11
C PRO D 288 -53.42 -15.62 -17.35
N LEU D 289 -53.09 -16.33 -18.44
CA LEU D 289 -51.65 -16.53 -18.77
C LEU D 289 -51.02 -15.16 -18.89
N VAL D 290 -51.46 -14.35 -19.85
CA VAL D 290 -51.01 -12.93 -19.98
C VAL D 290 -51.59 -12.22 -18.77
N SER D 291 -50.73 -11.55 -17.98
CA SER D 291 -51.05 -11.10 -16.60
C SER D 291 -52.02 -9.92 -16.69
N ALA D 292 -51.67 -8.96 -17.53
CA ALA D 292 -52.44 -7.72 -17.78
C ALA D 292 -52.22 -7.26 -19.22
N GLY D 293 -53.30 -6.90 -19.89
CA GLY D 293 -53.21 -6.17 -21.18
C GLY D 293 -52.67 -7.09 -22.26
N SER D 294 -52.02 -6.48 -23.25
CA SER D 294 -51.79 -7.07 -24.59
C SER D 294 -50.85 -6.18 -25.39
N PHE D 295 -50.25 -6.69 -26.46
CA PHE D 295 -49.60 -5.80 -27.45
C PHE D 295 -50.67 -4.80 -27.90
N VAL D 296 -50.25 -3.60 -28.27
CA VAL D 296 -51.14 -2.43 -28.39
C VAL D 296 -51.52 -2.26 -29.86
N ARG D 297 -52.80 -1.98 -30.09
CA ARG D 297 -53.37 -1.66 -31.42
C ARG D 297 -53.85 -0.22 -31.45
N VAL D 298 -53.49 0.46 -32.53
CA VAL D 298 -53.73 1.92 -32.78
C VAL D 298 -54.61 2.04 -34.04
N ALA D 299 -55.83 2.53 -33.86
CA ALA D 299 -56.78 2.82 -34.96
C ALA D 299 -56.06 3.65 -36.02
N THR D 300 -56.24 3.33 -37.31
CA THR D 300 -55.78 4.15 -38.47
C THR D 300 -57.01 4.82 -39.12
N GLU D 301 -58.16 4.69 -38.45
CA GLU D 301 -59.49 5.15 -38.93
C GLU D 301 -60.45 5.01 -37.75
N ASP D 302 -61.49 5.83 -37.67
CA ASP D 302 -62.46 5.76 -36.56
C ASP D 302 -63.07 4.34 -36.64
N VAL D 303 -63.41 3.75 -35.49
CA VAL D 303 -63.86 2.34 -35.39
C VAL D 303 -64.86 2.21 -34.24
N GLU D 304 -66.08 1.77 -34.54
CA GLU D 304 -67.18 1.75 -33.52
CA GLU D 304 -67.18 1.74 -33.52
C GLU D 304 -67.09 0.49 -32.63
N LEU D 305 -66.70 0.71 -31.38
CA LEU D 305 -66.76 -0.35 -30.36
C LEU D 305 -68.13 -0.28 -29.68
N SER D 306 -68.33 -1.06 -28.62
CA SER D 306 -69.65 -1.18 -27.97
C SER D 306 -70.14 0.20 -27.53
N THR D 307 -69.34 0.92 -26.76
CA THR D 307 -69.80 2.16 -26.08
C THR D 307 -69.05 3.36 -26.62
N VAL D 308 -67.98 3.17 -27.38
CA VAL D 308 -67.16 4.34 -27.82
C VAL D 308 -66.87 4.18 -29.30
N THR D 309 -66.53 5.28 -29.97
CA THR D 309 -65.97 5.22 -31.32
C THR D 309 -64.51 5.67 -31.20
N VAL D 310 -63.59 4.71 -31.15
CA VAL D 310 -62.13 5.00 -31.09
C VAL D 310 -61.75 5.75 -32.36
N ARG D 311 -60.84 6.71 -32.28
CA ARG D 311 -60.52 7.59 -33.43
C ARG D 311 -59.11 7.27 -33.93
N ALA D 312 -58.82 7.61 -35.17
CA ALA D 312 -57.51 7.32 -35.80
C ALA D 312 -56.40 7.86 -34.90
N GLY D 313 -55.39 7.04 -34.60
CA GLY D 313 -54.26 7.42 -33.73
C GLY D 313 -54.53 7.08 -32.28
N GLU D 314 -55.74 6.65 -31.92
CA GLU D 314 -56.03 6.38 -30.49
C GLU D 314 -55.56 4.96 -30.14
N PRO D 315 -54.68 4.80 -29.12
CA PRO D 315 -54.34 3.47 -28.59
C PRO D 315 -55.43 2.67 -27.87
N CYS D 316 -55.45 1.37 -28.18
CA CYS D 316 -56.34 0.35 -27.57
C CYS D 316 -55.50 -0.80 -27.02
N VAL D 317 -56.05 -1.48 -26.02
CA VAL D 317 -55.38 -2.61 -25.33
C VAL D 317 -56.47 -3.52 -24.76
N VAL D 318 -56.30 -4.83 -24.95
CA VAL D 318 -57.32 -5.86 -24.63
C VAL D 318 -56.82 -6.64 -23.43
N HIS D 319 -57.71 -7.02 -22.51
CA HIS D 319 -57.38 -8.04 -21.50
C HIS D 319 -58.11 -9.34 -21.88
N PHE D 320 -57.38 -10.29 -22.45
CA PHE D 320 -57.96 -11.55 -22.98
C PHE D 320 -58.75 -12.26 -21.89
N ALA D 321 -58.19 -12.36 -20.69
CA ALA D 321 -58.78 -13.14 -19.58
C ALA D 321 -60.15 -12.56 -19.23
N SER D 322 -60.31 -11.23 -19.32
CA SER D 322 -61.62 -10.56 -19.04
C SER D 322 -62.64 -11.00 -20.10
N ALA D 323 -62.25 -10.93 -21.37
CA ALA D 323 -63.08 -11.35 -22.52
C ALA D 323 -63.45 -12.82 -22.37
N ASN D 324 -62.65 -13.59 -21.64
CA ASN D 324 -62.90 -15.04 -21.46
C ASN D 324 -63.89 -15.26 -20.31
N ARG D 325 -64.33 -14.20 -19.62
CA ARG D 325 -65.30 -14.32 -18.51
C ARG D 325 -66.52 -13.44 -18.80
N ASP D 326 -66.77 -13.13 -20.08
CA ASP D 326 -67.88 -12.24 -20.56
C ASP D 326 -69.21 -13.00 -20.44
N GLU D 327 -70.05 -12.61 -19.47
CA GLU D 327 -71.32 -13.31 -19.13
C GLU D 327 -72.23 -13.36 -20.35
N GLU D 328 -72.06 -12.44 -21.29
CA GLU D 328 -72.87 -12.37 -22.54
CA GLU D 328 -72.90 -12.39 -22.53
C GLU D 328 -72.58 -13.59 -23.43
N VAL D 329 -71.35 -14.13 -23.37
CA VAL D 329 -70.89 -15.22 -24.31
C VAL D 329 -70.66 -16.56 -23.58
N PHE D 330 -70.44 -16.60 -22.27
CA PHE D 330 -70.28 -17.86 -21.50
C PHE D 330 -71.38 -17.94 -20.43
N ASP D 331 -71.99 -19.10 -20.25
CA ASP D 331 -72.91 -19.36 -19.11
C ASP D 331 -72.07 -19.73 -17.88
N HIS D 332 -72.41 -19.22 -16.69
CA HIS D 332 -71.64 -19.42 -15.42
C HIS D 332 -70.16 -19.17 -15.68
N ALA D 333 -69.81 -17.98 -16.15
CA ALA D 333 -68.44 -17.60 -16.57
C ALA D 333 -67.44 -17.82 -15.42
N ASP D 334 -67.79 -17.50 -14.17
CA ASP D 334 -66.90 -17.62 -12.99
CA ASP D 334 -66.82 -17.60 -13.02
C ASP D 334 -66.53 -19.08 -12.68
N GLU D 335 -67.29 -20.06 -13.21
CA GLU D 335 -67.03 -21.50 -12.83
CA GLU D 335 -67.09 -21.49 -12.84
C GLU D 335 -66.26 -22.24 -13.92
N LEU D 336 -65.54 -23.30 -13.49
CA LEU D 336 -64.81 -24.21 -14.41
C LEU D 336 -65.77 -25.35 -14.82
N ASP D 337 -66.45 -25.22 -15.96
CA ASP D 337 -67.27 -26.32 -16.52
C ASP D 337 -66.48 -26.96 -17.66
N PHE D 338 -66.12 -28.24 -17.48
CA PHE D 338 -65.45 -29.08 -18.51
C PHE D 338 -66.50 -29.66 -19.47
N HIS D 339 -67.77 -29.63 -19.07
CA HIS D 339 -68.91 -30.20 -19.83
C HIS D 339 -69.64 -29.11 -20.63
N ARG D 340 -69.26 -27.82 -20.44
CA ARG D 340 -69.90 -26.69 -21.16
C ARG D 340 -69.78 -26.99 -22.66
N GLU D 341 -70.88 -26.86 -23.40
CA GLU D 341 -71.03 -27.41 -24.77
CA GLU D 341 -71.04 -27.41 -24.78
C GLU D 341 -70.38 -26.46 -25.80
N ARG D 342 -70.39 -25.16 -25.51
CA ARG D 342 -69.75 -24.16 -26.41
CA ARG D 342 -69.84 -24.08 -26.39
C ARG D 342 -68.79 -23.25 -25.62
N ASN D 343 -67.60 -23.03 -26.22
CA ASN D 343 -66.44 -22.39 -25.56
C ASN D 343 -65.55 -21.64 -26.55
N PRO D 344 -66.01 -20.49 -27.09
CA PRO D 344 -65.25 -19.72 -28.08
C PRO D 344 -64.28 -18.72 -27.45
N HIS D 345 -63.34 -19.21 -26.64
CA HIS D 345 -62.35 -18.40 -25.86
C HIS D 345 -61.36 -17.73 -26.82
N ILE D 346 -60.64 -16.70 -26.39
CA ILE D 346 -59.51 -16.09 -27.15
C ILE D 346 -58.19 -16.16 -26.35
N ALA D 347 -58.00 -17.22 -25.55
CA ALA D 347 -56.75 -17.52 -24.82
C ALA D 347 -55.54 -17.54 -25.76
N PHE D 348 -55.77 -17.79 -27.07
CA PHE D 348 -54.74 -17.76 -28.14
C PHE D 348 -54.87 -16.51 -29.01
N GLY D 349 -55.66 -15.54 -28.55
CA GLY D 349 -55.90 -14.29 -29.30
C GLY D 349 -56.96 -14.44 -30.38
N HIS D 350 -56.80 -13.71 -31.48
CA HIS D 350 -57.81 -13.58 -32.55
CA HIS D 350 -57.82 -13.57 -32.55
C HIS D 350 -57.26 -12.72 -33.68
N GLY D 351 -57.69 -13.00 -34.91
CA GLY D 351 -57.27 -12.17 -36.04
C GLY D 351 -55.84 -12.49 -36.43
N ALA D 352 -55.20 -11.59 -37.15
CA ALA D 352 -53.90 -11.82 -37.83
C ALA D 352 -52.94 -12.50 -36.86
N HIS D 353 -52.77 -11.96 -35.65
CA HIS D 353 -51.75 -12.40 -34.65
CA HIS D 353 -51.75 -12.40 -34.66
C HIS D 353 -52.30 -13.53 -33.78
N HIS D 354 -53.32 -14.26 -34.25
CA HIS D 354 -53.72 -15.53 -33.58
C HIS D 354 -52.47 -16.38 -33.38
N CYS D 355 -52.35 -17.01 -32.21
CA CYS D 355 -51.15 -17.76 -31.78
C CYS D 355 -50.71 -18.74 -32.87
N ILE D 356 -49.45 -18.63 -33.32
CA ILE D 356 -48.92 -19.56 -34.36
C ILE D 356 -48.76 -20.95 -33.73
N GLY D 357 -48.57 -21.05 -32.43
CA GLY D 357 -48.32 -22.35 -31.76
C GLY D 357 -49.54 -22.88 -31.06
N ALA D 358 -50.74 -22.38 -31.38
CA ALA D 358 -51.96 -22.74 -30.63
C ALA D 358 -52.15 -24.25 -30.65
N GLN D 359 -51.97 -24.86 -31.82
CA GLN D 359 -52.11 -26.33 -31.98
C GLN D 359 -50.98 -27.06 -31.22
N LEU D 360 -49.76 -26.54 -31.23
CA LEU D 360 -48.62 -27.11 -30.48
C LEU D 360 -48.81 -26.96 -28.97
N GLY D 361 -49.29 -25.79 -28.53
CA GLY D 361 -49.56 -25.53 -27.10
C GLY D 361 -50.66 -26.43 -26.60
N ARG D 362 -51.60 -26.75 -27.49
CA ARG D 362 -52.78 -27.59 -27.19
C ARG D 362 -52.28 -29.04 -27.04
N LEU D 363 -51.38 -29.45 -27.94
CA LEU D 363 -50.81 -30.82 -27.98
C LEU D 363 -50.08 -31.07 -26.67
N GLU D 364 -49.24 -30.11 -26.27
CA GLU D 364 -48.31 -30.24 -25.11
C GLU D 364 -49.13 -30.38 -23.84
N LEU D 365 -50.07 -29.48 -23.62
CA LEU D 365 -50.91 -29.46 -22.40
C LEU D 365 -51.72 -30.76 -22.38
N GLN D 366 -52.15 -31.20 -23.55
CA GLN D 366 -52.97 -32.43 -23.70
C GLN D 366 -52.16 -33.65 -23.26
N GLU D 367 -50.93 -33.81 -23.77
CA GLU D 367 -50.05 -34.98 -23.51
C GLU D 367 -49.46 -34.88 -22.09
N ALA D 368 -49.26 -33.67 -21.56
CA ALA D 368 -48.76 -33.44 -20.20
C ALA D 368 -49.82 -33.86 -19.16
N LEU D 369 -51.03 -33.30 -19.22
CA LEU D 369 -52.15 -33.55 -18.27
C LEU D 369 -52.62 -35.01 -18.36
N SER D 370 -52.72 -35.53 -19.58
CA SER D 370 -53.33 -36.84 -19.90
C SER D 370 -52.48 -37.93 -19.24
N ALA D 371 -51.15 -37.83 -19.41
CA ALA D 371 -50.12 -38.75 -18.87
C ALA D 371 -50.18 -38.77 -17.34
N LEU D 372 -50.39 -37.60 -16.71
CA LEU D 372 -50.51 -37.42 -15.23
C LEU D 372 -51.79 -38.06 -14.71
N VAL D 373 -52.94 -37.53 -15.14
CA VAL D 373 -54.28 -37.96 -14.68
C VAL D 373 -54.41 -39.49 -14.78
N ARG D 374 -53.61 -40.12 -15.65
CA ARG D 374 -53.70 -41.57 -15.96
C ARG D 374 -52.80 -42.40 -15.04
N ARG D 375 -51.55 -41.95 -14.89
CA ARG D 375 -50.42 -42.66 -14.25
C ARG D 375 -50.34 -42.35 -12.74
N PHE D 376 -50.70 -41.14 -12.31
CA PHE D 376 -50.70 -40.70 -10.88
C PHE D 376 -52.08 -40.24 -10.46
N PRO D 377 -53.09 -41.13 -10.29
CA PRO D 377 -54.41 -40.71 -9.80
C PRO D 377 -54.34 -40.14 -8.37
N THR D 378 -53.25 -40.47 -7.68
CA THR D 378 -52.98 -40.15 -6.25
C THR D 378 -52.40 -38.75 -6.09
N LEU D 379 -52.26 -37.96 -7.17
CA LEU D 379 -51.43 -36.72 -7.17
C LEU D 379 -52.09 -35.64 -6.32
N ASP D 380 -51.25 -34.84 -5.63
CA ASP D 380 -51.66 -33.71 -4.76
C ASP D 380 -50.48 -32.76 -4.53
N LEU D 381 -50.79 -31.48 -4.25
CA LEU D 381 -49.79 -30.46 -3.85
CA LEU D 381 -49.80 -30.45 -3.84
C LEU D 381 -49.19 -30.87 -2.50
N ALA D 382 -47.85 -30.91 -2.41
CA ALA D 382 -47.11 -31.39 -1.23
C ALA D 382 -46.41 -30.24 -0.50
N GLU D 383 -46.48 -29.01 -1.01
CA GLU D 383 -46.13 -27.77 -0.27
C GLU D 383 -47.42 -27.01 0.06
N PRO D 384 -47.40 -25.98 0.93
CA PRO D 384 -48.63 -25.29 1.33
C PRO D 384 -48.99 -24.19 0.33
N VAL D 385 -50.27 -23.80 0.30
CA VAL D 385 -50.82 -22.82 -0.69
C VAL D 385 -50.09 -21.47 -0.56
N ALA D 386 -50.18 -20.80 0.59
CA ALA D 386 -49.56 -19.46 0.82
C ALA D 386 -48.06 -19.51 0.46
N GLY D 387 -47.45 -20.70 0.48
CA GLY D 387 -46.04 -20.93 0.13
C GLY D 387 -45.73 -20.70 -1.34
N LEU D 388 -46.72 -20.88 -2.23
CA LEU D 388 -46.49 -20.96 -3.70
CA LEU D 388 -46.51 -20.94 -3.71
C LEU D 388 -45.67 -19.76 -4.19
N LYS D 389 -44.65 -20.04 -5.00
CA LYS D 389 -43.71 -19.05 -5.58
CA LYS D 389 -43.74 -19.01 -5.55
C LYS D 389 -44.23 -18.59 -6.96
N TRP D 390 -45.25 -17.73 -6.98
CA TRP D 390 -45.80 -17.12 -8.22
C TRP D 390 -44.76 -16.19 -8.86
N LYS D 391 -44.31 -16.50 -10.08
CA LYS D 391 -43.41 -15.60 -10.86
C LYS D 391 -43.99 -14.20 -10.74
N GLN D 392 -43.20 -13.23 -10.26
CA GLN D 392 -43.57 -11.81 -10.05
CA GLN D 392 -43.63 -11.81 -10.12
C GLN D 392 -42.72 -10.94 -10.98
N GLY D 393 -43.30 -9.91 -11.59
CA GLY D 393 -42.60 -8.89 -12.38
C GLY D 393 -42.48 -9.25 -13.85
N MET D 394 -43.28 -10.22 -14.33
CA MET D 394 -43.29 -10.65 -15.75
C MET D 394 -44.70 -10.48 -16.34
N LEU D 395 -44.74 -10.16 -17.63
CA LEU D 395 -45.94 -10.00 -18.50
C LEU D 395 -46.89 -11.20 -18.40
N ILE D 396 -46.39 -12.37 -18.00
CA ILE D 396 -47.16 -13.64 -17.94
C ILE D 396 -47.11 -14.17 -16.50
N ARG D 397 -48.04 -15.05 -16.09
CA ARG D 397 -48.11 -15.64 -14.73
C ARG D 397 -47.67 -17.11 -14.79
N GLY D 398 -47.56 -17.79 -13.64
CA GLY D 398 -47.11 -19.20 -13.50
C GLY D 398 -46.12 -19.40 -12.35
N LEU D 399 -46.04 -20.61 -11.80
CA LEU D 399 -45.20 -20.95 -10.61
C LEU D 399 -43.72 -21.15 -10.95
N GLU D 400 -42.87 -20.88 -9.96
CA GLU D 400 -41.39 -20.97 -10.08
C GLU D 400 -40.91 -22.31 -9.53
N ARG D 401 -41.73 -22.93 -8.67
CA ARG D 401 -41.57 -24.31 -8.16
C ARG D 401 -42.95 -24.82 -7.71
N GLN D 402 -43.25 -26.10 -7.97
CA GLN D 402 -44.55 -26.73 -7.62
C GLN D 402 -44.32 -28.16 -7.14
N ILE D 403 -44.56 -28.44 -5.87
CA ILE D 403 -44.16 -29.71 -5.20
C ILE D 403 -45.41 -30.57 -5.01
N VAL D 404 -45.30 -31.82 -5.44
CA VAL D 404 -46.45 -32.74 -5.66
C VAL D 404 -46.03 -34.13 -5.18
N SER D 405 -47.02 -34.94 -4.82
CA SER D 405 -46.85 -36.24 -4.13
C SER D 405 -47.82 -37.26 -4.72
N TRP D 406 -47.50 -38.55 -4.60
CA TRP D 406 -48.30 -39.67 -5.17
C TRP D 406 -48.01 -40.97 -4.44
N ALA E 12 1.62 1.59 -53.07
CA ALA E 12 1.56 2.96 -52.44
C ALA E 12 0.76 2.91 -51.12
N VAL E 13 0.69 1.74 -50.47
CA VAL E 13 -0.27 1.44 -49.36
C VAL E 13 0.24 2.09 -48.08
N PRO E 14 -0.54 2.97 -47.41
CA PRO E 14 -0.06 3.69 -46.23
C PRO E 14 -0.09 2.85 -44.94
N ALA E 15 0.95 2.98 -44.11
CA ALA E 15 1.05 2.28 -42.82
C ALA E 15 0.03 2.88 -41.84
N TYR E 16 -0.64 2.02 -41.08
CA TYR E 16 -1.45 2.36 -39.90
C TYR E 16 -0.81 1.68 -38.67
N PRO E 17 -0.65 2.34 -37.51
CA PRO E 17 -0.96 3.75 -37.31
C PRO E 17 -0.15 4.72 -38.19
N PHE E 18 -0.69 5.92 -38.43
CA PHE E 18 -0.18 6.94 -39.40
C PHE E 18 0.94 7.78 -38.78
N SER E 19 0.89 8.01 -37.46
CA SER E 19 1.88 8.80 -36.69
C SER E 19 2.02 8.23 -35.28
N LEU E 20 3.08 8.64 -34.55
CA LEU E 20 3.18 8.41 -33.08
C LEU E 20 2.19 9.35 -32.39
N PRO E 21 1.25 8.82 -31.57
CA PRO E 21 0.23 9.66 -30.94
C PRO E 21 0.80 10.70 -29.95
N HIS E 22 0.33 11.95 -30.02
CA HIS E 22 0.58 13.03 -29.04
C HIS E 22 -0.69 13.16 -28.18
N ALA E 23 -0.57 12.97 -26.87
CA ALA E 23 -1.68 13.16 -25.89
C ALA E 23 -2.94 12.44 -26.40
N LEU E 24 -4.11 13.10 -26.34
CA LEU E 24 -5.41 12.54 -26.81
C LEU E 24 -5.79 13.18 -28.15
N ASP E 25 -4.79 13.68 -28.90
CA ASP E 25 -5.00 14.30 -30.23
C ASP E 25 -5.18 13.19 -31.25
N LEU E 26 -6.16 13.37 -32.12
CA LEU E 26 -6.39 12.52 -33.31
C LEU E 26 -5.61 13.13 -34.47
N ASP E 27 -4.89 12.29 -35.22
CA ASP E 27 -4.23 12.63 -36.51
C ASP E 27 -5.29 13.30 -37.40
N PRO E 28 -5.03 14.50 -37.99
CA PRO E 28 -6.03 15.14 -38.86
C PRO E 28 -6.32 14.37 -40.15
N HIS E 29 -5.57 13.29 -40.41
CA HIS E 29 -5.74 12.35 -41.55
C HIS E 29 -7.07 11.60 -41.41
N TYR E 30 -7.63 11.50 -40.20
CA TYR E 30 -8.85 10.71 -39.94
C TYR E 30 -10.05 11.43 -40.59
N ALA E 31 -10.30 12.70 -40.20
CA ALA E 31 -11.36 13.57 -40.78
C ALA E 31 -11.19 13.69 -42.31
N GLU E 32 -9.95 13.91 -42.78
CA GLU E 32 -9.65 13.87 -44.23
CA GLU E 32 -9.65 13.86 -44.24
C GLU E 32 -10.21 12.56 -44.80
N LEU E 33 -9.79 11.41 -44.26
CA LEU E 33 -10.29 10.08 -44.72
C LEU E 33 -11.83 9.99 -44.53
N ARG E 34 -12.36 10.63 -43.48
CA ARG E 34 -13.78 10.47 -43.09
C ARG E 34 -14.68 11.14 -44.14
N ARG E 35 -14.22 12.22 -44.78
CA ARG E 35 -14.99 12.99 -45.81
CA ARG E 35 -15.02 12.96 -45.81
C ARG E 35 -14.63 12.48 -47.22
N ASP E 36 -13.33 12.36 -47.51
CA ASP E 36 -12.76 12.05 -48.86
C ASP E 36 -12.92 10.54 -49.20
N GLU E 37 -12.53 9.62 -48.30
CA GLU E 37 -12.58 8.13 -48.53
C GLU E 37 -12.82 7.35 -47.23
N PRO E 38 -14.09 7.27 -46.74
CA PRO E 38 -14.45 6.52 -45.53
C PRO E 38 -13.88 5.10 -45.31
N VAL E 39 -13.46 4.42 -46.38
CA VAL E 39 -12.85 3.07 -46.31
C VAL E 39 -11.60 3.05 -47.20
N SER E 40 -10.44 3.28 -46.58
CA SER E 40 -9.08 3.28 -47.19
C SER E 40 -8.41 1.92 -46.98
N ARG E 41 -7.50 1.59 -47.89
CA ARG E 41 -6.53 0.48 -47.73
C ARG E 41 -5.39 0.93 -46.80
N VAL E 42 -5.03 0.11 -45.79
CA VAL E 42 -3.88 0.36 -44.86
C VAL E 42 -3.07 -0.92 -44.61
N ARG E 43 -1.78 -0.77 -44.27
CA ARG E 43 -0.85 -1.86 -43.89
CA ARG E 43 -0.86 -1.87 -43.89
C ARG E 43 -0.64 -1.82 -42.37
N LEU E 44 -1.27 -2.76 -41.65
CA LEU E 44 -1.16 -2.92 -40.17
C LEU E 44 0.24 -3.38 -39.82
N PRO E 45 0.75 -3.05 -38.61
CA PRO E 45 2.15 -3.28 -38.26
C PRO E 45 2.61 -4.75 -38.12
N TYR E 46 1.67 -5.69 -38.05
CA TYR E 46 1.97 -7.14 -37.95
C TYR E 46 0.95 -7.90 -38.79
N GLY E 47 1.20 -9.17 -39.09
CA GLY E 47 0.43 -9.98 -40.06
C GLY E 47 0.92 -9.74 -41.48
N GLU E 48 0.21 -10.28 -42.49
CA GLU E 48 0.68 -10.24 -43.89
CA GLU E 48 0.63 -10.35 -43.92
C GLU E 48 -0.39 -9.62 -44.79
N GLY E 49 0.07 -8.95 -45.86
CA GLY E 49 -0.81 -8.30 -46.83
C GLY E 49 -1.37 -7.01 -46.26
N THR E 50 -2.70 -6.83 -46.37
CA THR E 50 -3.36 -5.50 -46.27
C THR E 50 -4.79 -5.63 -45.75
N ALA E 51 -5.31 -4.55 -45.14
CA ALA E 51 -6.62 -4.48 -44.44
C ALA E 51 -7.37 -3.18 -44.81
N TRP E 52 -8.68 -3.13 -44.53
CA TRP E 52 -9.56 -1.94 -44.70
C TRP E 52 -9.59 -1.16 -43.40
N LEU E 53 -9.34 0.16 -43.44
CA LEU E 53 -9.55 1.06 -42.27
C LEU E 53 -10.88 1.80 -42.44
N VAL E 54 -11.89 1.35 -41.70
CA VAL E 54 -13.24 2.00 -41.58
C VAL E 54 -13.11 3.22 -40.65
N THR E 55 -13.62 4.40 -41.06
CA THR E 55 -13.42 5.69 -40.34
C THR E 55 -14.74 6.35 -39.94
N ARG E 56 -15.89 5.86 -40.41
CA ARG E 56 -17.20 6.55 -40.25
CA ARG E 56 -17.20 6.54 -40.26
C ARG E 56 -18.16 5.68 -39.43
N MET E 57 -19.00 6.34 -38.63
CA MET E 57 -19.92 5.70 -37.65
C MET E 57 -20.70 4.55 -38.31
N SER E 58 -21.55 4.87 -39.29
CA SER E 58 -22.43 3.95 -40.05
C SER E 58 -21.70 2.66 -40.47
N ASP E 59 -20.55 2.81 -41.16
CA ASP E 59 -19.66 1.71 -41.61
C ASP E 59 -19.22 0.87 -40.41
N ALA E 60 -18.59 1.51 -39.42
CA ALA E 60 -18.09 0.87 -38.18
C ALA E 60 -19.19 -0.03 -37.59
N ARG E 61 -20.44 0.45 -37.57
CA ARG E 61 -21.61 -0.28 -36.98
C ARG E 61 -21.93 -1.58 -37.74
N ILE E 62 -21.65 -1.65 -39.06
CA ILE E 62 -21.95 -2.84 -39.90
C ILE E 62 -20.86 -3.89 -39.67
N VAL E 63 -19.59 -3.43 -39.68
CA VAL E 63 -18.37 -4.25 -39.41
C VAL E 63 -18.52 -4.96 -38.06
N LEU E 64 -18.87 -4.19 -37.00
CA LEU E 64 -18.95 -4.69 -35.60
C LEU E 64 -20.27 -5.44 -35.40
N GLY E 65 -21.29 -5.13 -36.22
CA GLY E 65 -22.69 -5.55 -36.03
C GLY E 65 -23.02 -6.86 -36.71
N ASP E 66 -22.59 -7.03 -37.97
CA ASP E 66 -23.11 -8.07 -38.90
C ASP E 66 -22.46 -9.43 -38.65
N SER E 67 -23.27 -10.50 -38.67
CA SER E 67 -22.87 -11.92 -38.53
C SER E 67 -22.07 -12.39 -39.76
N ARG E 68 -21.86 -11.48 -40.73
CA ARG E 68 -21.08 -11.77 -41.97
CA ARG E 68 -21.08 -11.73 -41.97
C ARG E 68 -19.58 -11.62 -41.66
N PHE E 69 -19.26 -10.90 -40.58
CA PHE E 69 -17.88 -10.64 -40.10
C PHE E 69 -17.55 -11.58 -38.93
N SER E 70 -16.38 -12.20 -38.98
CA SER E 70 -15.84 -13.15 -37.97
C SER E 70 -14.54 -12.57 -37.38
N THR E 71 -14.45 -12.51 -36.05
CA THR E 71 -13.22 -12.18 -35.30
C THR E 71 -12.37 -13.46 -35.13
N ALA E 72 -13.02 -14.63 -35.13
CA ALA E 72 -12.38 -15.97 -35.03
C ALA E 72 -11.54 -16.25 -36.28
N ALA E 73 -11.86 -15.57 -37.38
CA ALA E 73 -11.20 -15.72 -38.69
C ALA E 73 -9.92 -14.87 -38.70
N ALA E 74 -9.65 -14.18 -37.59
CA ALA E 74 -8.49 -13.28 -37.40
C ALA E 74 -7.42 -13.96 -36.55
N THR E 75 -7.69 -15.18 -36.08
CA THR E 75 -6.76 -16.03 -35.29
C THR E 75 -5.57 -16.41 -36.17
N ASP E 76 -5.84 -16.68 -37.46
CA ASP E 76 -4.80 -16.95 -38.48
C ASP E 76 -3.73 -15.86 -38.37
N PRO E 77 -2.45 -16.22 -38.08
CA PRO E 77 -1.34 -15.26 -37.96
C PRO E 77 -1.04 -14.52 -39.26
N ALA E 78 -1.51 -15.07 -40.38
CA ALA E 78 -1.64 -14.39 -41.68
C ALA E 78 -2.33 -13.04 -41.50
N THR E 79 -3.61 -13.05 -41.09
CA THR E 79 -4.52 -11.88 -41.23
C THR E 79 -3.86 -10.73 -40.47
N PRO E 80 -3.84 -9.52 -41.07
CA PRO E 80 -3.27 -8.35 -40.42
C PRO E 80 -3.91 -8.03 -39.06
N ARG E 81 -3.16 -7.33 -38.20
CA ARG E 81 -3.54 -7.04 -36.79
C ARG E 81 -2.58 -6.00 -36.21
N MET E 82 -3.02 -5.33 -35.15
CA MET E 82 -2.38 -4.08 -34.62
C MET E 82 -1.27 -4.43 -33.63
N PHE E 83 -1.25 -5.68 -33.17
CA PHE E 83 -0.41 -6.16 -32.04
C PHE E 83 0.44 -7.35 -32.49
N PRO E 84 1.62 -7.58 -31.85
CA PRO E 84 2.67 -8.45 -32.37
C PRO E 84 2.43 -9.95 -32.28
N THR E 85 1.77 -10.43 -31.22
CA THR E 85 1.42 -11.87 -31.10
C THR E 85 0.23 -12.15 -32.01
N PRO E 86 0.17 -13.32 -32.70
CA PRO E 86 -1.08 -13.75 -33.34
C PRO E 86 -2.21 -13.86 -32.31
N PRO E 87 -3.49 -13.58 -32.64
CA PRO E 87 -4.55 -13.53 -31.64
C PRO E 87 -4.85 -14.86 -30.94
N GLU E 88 -5.18 -14.79 -29.65
CA GLU E 88 -5.37 -15.96 -28.77
C GLU E 88 -6.72 -16.59 -29.11
N PRO E 89 -6.76 -17.81 -29.70
CA PRO E 89 -8.02 -18.41 -30.16
C PRO E 89 -9.05 -18.73 -29.06
N ASP E 90 -8.60 -18.99 -27.83
CA ASP E 90 -9.49 -19.32 -26.67
C ASP E 90 -9.94 -18.03 -25.93
N GLY E 91 -9.66 -16.84 -26.48
CA GLY E 91 -10.06 -15.53 -25.92
C GLY E 91 -11.39 -15.06 -26.48
N VAL E 92 -12.21 -14.35 -25.68
CA VAL E 92 -13.57 -13.86 -26.08
C VAL E 92 -13.50 -13.09 -27.40
N LEU E 93 -12.51 -12.23 -27.58
CA LEU E 93 -12.47 -11.37 -28.79
C LEU E 93 -12.42 -12.26 -30.03
N ALA E 94 -11.73 -13.41 -29.97
CA ALA E 94 -11.54 -14.29 -31.15
C ALA E 94 -12.61 -15.38 -31.21
N GLN E 95 -13.74 -15.22 -30.50
CA GLN E 95 -14.95 -16.06 -30.67
C GLN E 95 -16.01 -15.30 -31.46
N ASP E 96 -16.81 -16.03 -32.26
CA ASP E 96 -18.05 -15.53 -32.92
C ASP E 96 -19.28 -16.06 -32.19
N PRO E 97 -20.46 -15.42 -32.31
CA PRO E 97 -21.70 -16.05 -31.85
C PRO E 97 -21.92 -17.34 -32.65
N PRO E 98 -22.43 -18.44 -32.05
CA PRO E 98 -22.91 -18.46 -30.67
C PRO E 98 -21.93 -18.91 -29.57
N ASP E 99 -20.77 -19.47 -29.94
CA ASP E 99 -19.72 -19.89 -28.98
C ASP E 99 -19.47 -18.69 -28.06
N HIS E 100 -19.13 -17.54 -28.65
CA HIS E 100 -18.91 -16.25 -27.95
CA HIS E 100 -18.93 -16.24 -27.96
C HIS E 100 -19.97 -16.07 -26.86
N THR E 101 -21.24 -16.20 -27.24
CA THR E 101 -22.41 -15.94 -26.36
C THR E 101 -22.37 -16.90 -25.16
N ARG E 102 -22.01 -18.17 -25.39
CA ARG E 102 -22.03 -19.22 -24.34
C ARG E 102 -20.90 -18.96 -23.34
N LEU E 103 -19.79 -18.42 -23.85
CA LEU E 103 -18.57 -18.06 -23.09
C LEU E 103 -18.88 -16.85 -22.22
N ARG E 104 -19.48 -15.83 -22.84
CA ARG E 104 -19.93 -14.59 -22.18
C ARG E 104 -20.86 -14.87 -20.99
N ARG E 105 -21.61 -15.98 -21.02
CA ARG E 105 -22.72 -16.34 -20.08
CA ARG E 105 -22.70 -16.18 -20.03
C ARG E 105 -22.17 -16.80 -18.72
N LEU E 106 -20.92 -17.28 -18.66
CA LEU E 106 -20.23 -17.73 -17.41
CA LEU E 106 -20.39 -17.77 -17.36
C LEU E 106 -20.18 -16.59 -16.41
N VAL E 107 -20.02 -15.40 -16.95
CA VAL E 107 -19.60 -14.18 -16.22
C VAL E 107 -20.69 -13.11 -16.30
N GLY E 108 -21.53 -13.15 -17.35
CA GLY E 108 -22.47 -12.10 -17.77
C GLY E 108 -23.33 -11.54 -16.65
N LYS E 109 -23.78 -12.39 -15.71
CA LYS E 109 -24.75 -12.00 -14.65
CA LYS E 109 -24.73 -12.02 -14.62
C LYS E 109 -24.11 -10.96 -13.69
N ALA E 110 -22.79 -11.00 -13.52
CA ALA E 110 -22.03 -10.11 -12.60
C ALA E 110 -21.88 -8.68 -13.16
N PHE E 111 -22.15 -8.48 -14.44
CA PHE E 111 -21.87 -7.23 -15.19
C PHE E 111 -23.16 -6.61 -15.73
N THR E 112 -24.32 -7.12 -15.32
CA THR E 112 -25.65 -6.50 -15.59
C THR E 112 -25.70 -5.14 -14.89
N ALA E 113 -26.48 -4.22 -15.44
CA ALA E 113 -26.59 -2.84 -14.92
C ALA E 113 -26.99 -2.88 -13.45
N ARG E 114 -27.82 -3.86 -13.05
CA ARG E 114 -28.42 -3.90 -11.68
C ARG E 114 -27.45 -4.57 -10.71
N ARG E 115 -26.50 -5.37 -11.18
CA ARG E 115 -25.48 -5.99 -10.29
C ARG E 115 -24.34 -4.98 -10.09
N VAL E 116 -24.00 -4.25 -11.14
CA VAL E 116 -23.02 -3.14 -11.07
C VAL E 116 -23.59 -2.07 -10.12
N GLU E 117 -24.87 -1.73 -10.23
CA GLU E 117 -25.50 -0.74 -9.31
C GLU E 117 -25.24 -1.13 -7.85
N GLU E 118 -25.46 -2.39 -7.49
CA GLU E 118 -25.29 -2.88 -6.10
C GLU E 118 -23.85 -2.62 -5.61
N MET E 119 -22.88 -2.41 -6.52
CA MET E 119 -21.45 -2.24 -6.16
CA MET E 119 -21.45 -2.24 -6.17
C MET E 119 -21.16 -0.80 -5.71
N ARG E 120 -22.01 0.16 -6.06
CA ARG E 120 -21.75 1.61 -5.80
C ARG E 120 -21.33 1.87 -4.35
N PRO E 121 -22.01 1.37 -3.29
CA PRO E 121 -21.51 1.55 -1.92
C PRO E 121 -20.02 1.25 -1.75
N ARG E 122 -19.60 0.01 -2.00
CA ARG E 122 -18.19 -0.46 -1.91
C ARG E 122 -17.28 0.44 -2.78
N VAL E 123 -17.61 0.58 -4.06
CA VAL E 123 -16.83 1.41 -5.05
C VAL E 123 -16.76 2.86 -4.56
N ARG E 124 -17.75 3.35 -3.84
CA ARG E 124 -17.76 4.75 -3.32
C ARG E 124 -16.88 4.85 -2.07
N SER E 125 -16.97 3.88 -1.16
CA SER E 125 -16.18 3.76 0.08
C SER E 125 -14.68 3.81 -0.26
N LEU E 126 -14.28 2.97 -1.21
CA LEU E 126 -12.89 2.80 -1.68
C LEU E 126 -12.38 4.12 -2.28
N VAL E 127 -13.20 4.79 -3.10
CA VAL E 127 -12.87 6.11 -3.71
C VAL E 127 -12.49 7.11 -2.61
N ASP E 128 -13.34 7.29 -1.60
CA ASP E 128 -13.15 8.28 -0.50
C ASP E 128 -11.88 7.94 0.30
N SER E 129 -11.60 6.65 0.49
CA SER E 129 -10.44 6.14 1.27
C SER E 129 -9.13 6.56 0.60
N LEU E 130 -9.04 6.37 -0.72
CA LEU E 130 -7.87 6.74 -1.52
C LEU E 130 -7.73 8.27 -1.59
N LEU E 131 -8.83 9.01 -1.57
CA LEU E 131 -8.76 10.50 -1.58
C LEU E 131 -8.37 10.98 -0.18
N ASP E 132 -8.75 10.25 0.87
CA ASP E 132 -8.32 10.55 2.27
C ASP E 132 -6.81 10.35 2.33
N ASP E 133 -6.33 9.21 1.82
CA ASP E 133 -4.89 8.84 1.72
C ASP E 133 -4.13 10.01 1.07
N MET E 134 -4.73 10.65 0.05
CA MET E 134 -4.13 11.73 -0.77
C MET E 134 -4.13 13.08 -0.02
N VAL E 135 -5.15 13.38 0.80
CA VAL E 135 -5.26 14.68 1.55
C VAL E 135 -4.21 14.67 2.67
N ALA E 136 -3.87 13.47 3.18
CA ALA E 136 -2.91 13.21 4.29
C ALA E 136 -1.46 13.37 3.80
N HIS E 137 -1.25 13.20 2.49
CA HIS E 137 0.01 13.52 1.76
C HIS E 137 0.08 15.03 1.53
N GLY E 138 -1.07 15.65 1.23
CA GLY E 138 -1.19 17.09 1.00
C GLY E 138 -0.76 17.47 -0.41
N SER E 139 -1.14 18.67 -0.86
CA SER E 139 -0.88 19.20 -2.22
C SER E 139 0.58 19.63 -2.37
N PRO E 140 1.18 19.58 -3.59
CA PRO E 140 0.66 18.78 -4.70
C PRO E 140 1.01 17.29 -4.54
N ALA E 141 0.22 16.43 -5.20
CA ALA E 141 0.24 14.95 -5.08
C ALA E 141 -0.06 14.33 -6.45
N ASP E 142 0.35 13.07 -6.64
CA ASP E 142 0.21 12.33 -7.93
C ASP E 142 -1.12 11.55 -7.94
N LEU E 143 -2.03 11.93 -8.84
CA LEU E 143 -3.41 11.37 -8.95
C LEU E 143 -3.37 9.94 -9.47
N VAL E 144 -2.30 9.59 -10.20
CA VAL E 144 -2.07 8.20 -10.70
C VAL E 144 -1.59 7.33 -9.55
N GLU E 145 -0.81 7.87 -8.60
CA GLU E 145 -0.35 7.10 -7.40
C GLU E 145 -1.55 6.86 -6.46
N PHE E 146 -2.32 7.89 -6.18
CA PHE E 146 -3.34 7.92 -5.10
C PHE E 146 -4.75 7.57 -5.60
N LEU E 147 -5.04 7.62 -6.90
CA LEU E 147 -6.43 7.30 -7.35
C LEU E 147 -6.44 6.42 -8.60
N ALA E 148 -5.88 6.89 -9.71
CA ALA E 148 -6.08 6.27 -11.04
C ALA E 148 -5.58 4.81 -11.04
N VAL E 149 -4.43 4.50 -10.43
CA VAL E 149 -3.98 3.09 -10.41
C VAL E 149 -4.76 2.35 -9.33
N PRO E 150 -4.72 2.73 -8.03
CA PRO E 150 -5.25 1.86 -6.96
C PRO E 150 -6.75 1.55 -6.94
N PHE E 151 -7.63 2.52 -7.27
CA PHE E 151 -9.11 2.36 -7.20
C PHE E 151 -9.57 1.32 -8.22
N PRO E 152 -9.34 1.47 -9.55
CA PRO E 152 -9.80 0.47 -10.51
C PRO E 152 -9.30 -0.96 -10.23
N VAL E 153 -8.02 -1.12 -9.84
CA VAL E 153 -7.38 -2.46 -9.64
C VAL E 153 -7.93 -3.07 -8.36
N ALA E 154 -8.19 -2.25 -7.33
CA ALA E 154 -8.79 -2.69 -6.06
C ALA E 154 -10.23 -3.14 -6.34
N VAL E 155 -10.95 -2.47 -7.24
CA VAL E 155 -12.36 -2.81 -7.56
C VAL E 155 -12.39 -4.15 -8.32
N ILE E 156 -11.60 -4.32 -9.38
CA ILE E 156 -11.57 -5.57 -10.18
C ILE E 156 -11.00 -6.75 -9.37
N CYS E 157 -10.11 -6.49 -8.41
CA CYS E 157 -9.56 -7.55 -7.52
C CYS E 157 -10.65 -8.07 -6.58
N GLU E 158 -11.40 -7.19 -5.89
CA GLU E 158 -12.55 -7.61 -5.03
C GLU E 158 -13.57 -8.41 -5.86
N LEU E 159 -13.78 -8.03 -7.11
CA LEU E 159 -14.82 -8.66 -7.99
C LEU E 159 -14.42 -10.08 -8.39
N LEU E 160 -13.22 -10.27 -8.92
CA LEU E 160 -12.68 -11.59 -9.36
C LEU E 160 -12.31 -12.43 -8.13
N GLY E 161 -11.81 -11.80 -7.07
CA GLY E 161 -11.24 -12.49 -5.89
C GLY E 161 -9.75 -12.72 -6.07
N VAL E 162 -9.08 -11.76 -6.68
CA VAL E 162 -7.61 -11.78 -6.92
C VAL E 162 -6.95 -11.06 -5.75
N PRO E 163 -5.86 -11.61 -5.18
CA PRO E 163 -5.19 -10.93 -4.07
C PRO E 163 -4.63 -9.59 -4.55
N LEU E 164 -4.70 -8.56 -3.71
CA LEU E 164 -4.12 -7.24 -4.06
C LEU E 164 -2.59 -7.33 -4.04
N GLU E 165 -2.03 -8.23 -3.22
CA GLU E 165 -0.56 -8.35 -2.99
C GLU E 165 0.17 -8.65 -4.32
N ASP E 166 -0.48 -9.37 -5.24
CA ASP E 166 0.13 -9.83 -6.52
C ASP E 166 0.04 -8.73 -7.61
N ARG E 167 -0.13 -7.46 -7.23
CA ARG E 167 -0.23 -6.32 -8.19
C ARG E 167 1.06 -6.23 -9.00
N ASP E 168 2.22 -6.46 -8.37
CA ASP E 168 3.55 -6.46 -9.03
C ASP E 168 3.53 -7.38 -10.26
N LEU E 169 2.94 -8.58 -10.13
CA LEU E 169 2.90 -9.57 -11.25
C LEU E 169 1.86 -9.16 -12.28
N PHE E 170 0.61 -8.95 -11.87
CA PHE E 170 -0.51 -8.88 -12.84
C PHE E 170 -0.50 -7.52 -13.56
N ARG E 171 0.11 -6.48 -12.98
CA ARG E 171 0.20 -5.16 -13.67
C ARG E 171 1.32 -5.20 -14.72
N THR E 172 2.49 -5.76 -14.39
CA THR E 172 3.60 -5.98 -15.36
C THR E 172 3.08 -6.79 -16.56
N PHE E 173 2.33 -7.86 -16.30
CA PHE E 173 1.78 -8.78 -17.33
C PHE E 173 0.79 -8.03 -18.23
N SER E 174 -0.09 -7.20 -17.65
CA SER E 174 -1.15 -6.45 -18.37
C SER E 174 -0.53 -5.30 -19.19
N ASP E 175 0.36 -4.51 -18.61
CA ASP E 175 1.09 -3.45 -19.35
C ASP E 175 1.85 -4.10 -20.52
N ALA E 176 2.24 -5.36 -20.38
CA ALA E 176 3.06 -6.10 -21.37
C ALA E 176 2.15 -6.62 -22.48
N MET E 177 1.01 -7.18 -22.11
CA MET E 177 0.10 -7.85 -23.06
C MET E 177 -0.68 -6.81 -23.89
N LEU E 178 -0.46 -5.52 -23.62
CA LEU E 178 -1.13 -4.39 -24.31
C LEU E 178 -0.12 -3.57 -25.12
N SER E 179 1.10 -4.09 -25.30
CA SER E 179 2.18 -3.45 -26.10
C SER E 179 1.75 -3.42 -27.57
N SER E 180 2.07 -2.33 -28.26
CA SER E 180 2.08 -2.29 -29.75
C SER E 180 3.52 -2.53 -30.23
N THR E 181 4.46 -1.74 -29.69
CA THR E 181 5.84 -1.58 -30.22
C THR E 181 6.88 -1.67 -29.10
N ARG E 182 6.44 -1.84 -27.85
CA ARG E 182 7.28 -1.90 -26.62
C ARG E 182 8.12 -3.19 -26.65
N LEU E 183 7.46 -4.33 -26.87
CA LEU E 183 8.07 -5.68 -26.74
C LEU E 183 7.90 -6.43 -28.07
N THR E 184 8.64 -7.52 -28.23
CA THR E 184 8.54 -8.48 -29.36
C THR E 184 7.36 -9.42 -29.13
N ALA E 185 6.96 -10.18 -30.13
CA ALA E 185 5.94 -11.24 -29.97
C ALA E 185 6.39 -12.21 -28.86
N ALA E 186 7.67 -12.60 -28.83
CA ALA E 186 8.13 -13.70 -27.97
C ALA E 186 8.26 -13.24 -26.50
N GLU E 187 8.57 -11.95 -26.25
CA GLU E 187 8.59 -11.37 -24.87
C GLU E 187 7.16 -11.35 -24.31
N ILE E 188 6.17 -11.17 -25.20
CA ILE E 188 4.72 -11.07 -24.84
C ILE E 188 4.16 -12.49 -24.69
N GLN E 189 4.47 -13.41 -25.63
CA GLN E 189 4.02 -14.83 -25.59
C GLN E 189 4.40 -15.45 -24.24
N ARG E 190 5.63 -15.24 -23.77
CA ARG E 190 6.16 -15.80 -22.49
CA ARG E 190 6.16 -15.78 -22.48
C ARG E 190 5.34 -15.22 -21.32
N VAL E 191 4.86 -13.98 -21.45
CA VAL E 191 3.98 -13.35 -20.42
C VAL E 191 2.61 -14.04 -20.48
N GLN E 192 2.01 -14.21 -21.67
CA GLN E 192 0.67 -14.88 -21.83
C GLN E 192 0.71 -16.22 -21.07
N GLN E 193 1.79 -16.98 -21.24
CA GLN E 193 1.94 -18.31 -20.59
CA GLN E 193 1.96 -18.30 -20.59
C GLN E 193 2.06 -18.12 -19.07
N ASP E 194 2.84 -17.13 -18.63
CA ASP E 194 3.08 -16.90 -17.18
C ASP E 194 1.75 -16.41 -16.55
N PHE E 195 0.92 -15.71 -17.31
CA PHE E 195 -0.39 -15.17 -16.86
C PHE E 195 -1.40 -16.32 -16.71
N MET E 196 -1.57 -17.06 -17.81
CA MET E 196 -2.35 -18.31 -17.88
C MET E 196 -2.09 -19.16 -16.64
N VAL E 197 -0.82 -19.36 -16.29
CA VAL E 197 -0.39 -20.28 -15.20
C VAL E 197 -0.76 -19.66 -13.86
N TYR E 198 -0.56 -18.35 -13.70
CA TYR E 198 -1.01 -17.61 -12.49
C TYR E 198 -2.52 -17.81 -12.32
N MET E 199 -3.29 -17.50 -13.38
CA MET E 199 -4.77 -17.41 -13.32
C MET E 199 -5.34 -18.80 -13.05
N ASP E 200 -4.79 -19.84 -13.70
CA ASP E 200 -5.25 -21.24 -13.47
C ASP E 200 -5.05 -21.55 -11.99
N GLY E 201 -3.90 -21.14 -11.44
CA GLY E 201 -3.58 -21.18 -10.01
C GLY E 201 -4.71 -20.63 -9.15
N LEU E 202 -5.36 -19.56 -9.61
CA LEU E 202 -6.48 -18.91 -8.88
C LEU E 202 -7.80 -19.67 -9.07
N VAL E 203 -8.14 -20.16 -10.27
CA VAL E 203 -9.48 -20.79 -10.51
C VAL E 203 -9.51 -22.22 -9.95
N ALA E 204 -8.36 -22.91 -9.93
CA ALA E 204 -8.28 -24.36 -9.63
C ALA E 204 -8.25 -24.62 -8.12
N GLN E 205 -8.24 -23.56 -7.29
CA GLN E 205 -8.19 -23.67 -5.81
C GLN E 205 -9.58 -23.47 -5.18
N ARG E 206 -10.60 -23.16 -5.99
CA ARG E 206 -11.97 -22.80 -5.52
C ARG E 206 -12.96 -23.92 -5.83
N ARG E 207 -12.49 -25.04 -6.37
CA ARG E 207 -13.36 -26.13 -6.89
C ARG E 207 -13.99 -26.89 -5.71
N ASP E 208 -13.25 -27.05 -4.59
CA ASP E 208 -13.71 -27.67 -3.31
C ASP E 208 -13.63 -26.65 -2.16
N ALA E 209 -13.71 -25.35 -2.46
CA ALA E 209 -13.87 -24.24 -1.48
C ALA E 209 -14.59 -23.07 -2.15
N PRO E 210 -15.84 -23.24 -2.63
CA PRO E 210 -16.49 -22.24 -3.49
C PRO E 210 -16.71 -20.93 -2.71
N THR E 211 -16.84 -19.80 -3.42
CA THR E 211 -16.84 -18.44 -2.81
C THR E 211 -17.72 -17.48 -3.63
N GLU E 212 -18.09 -16.35 -3.02
CA GLU E 212 -18.95 -15.28 -3.63
CA GLU E 212 -18.94 -15.29 -3.64
C GLU E 212 -18.05 -14.36 -4.47
N ASP E 213 -17.35 -14.94 -5.46
CA ASP E 213 -16.33 -14.30 -6.33
C ASP E 213 -16.56 -14.78 -7.75
N LEU E 214 -16.27 -13.95 -8.74
CA LEU E 214 -16.46 -14.28 -10.18
CA LEU E 214 -16.47 -14.27 -10.18
C LEU E 214 -15.57 -15.45 -10.59
N LEU E 215 -14.36 -15.54 -10.03
CA LEU E 215 -13.47 -16.70 -10.25
C LEU E 215 -14.17 -17.98 -9.78
N GLY E 216 -14.92 -17.89 -8.67
CA GLY E 216 -15.78 -18.98 -8.14
C GLY E 216 -16.67 -19.58 -9.22
N ALA E 217 -17.24 -18.73 -10.08
CA ALA E 217 -18.08 -19.12 -11.24
C ALA E 217 -17.22 -19.85 -12.27
N LEU E 218 -15.98 -19.39 -12.46
CA LEU E 218 -15.04 -20.02 -13.42
C LEU E 218 -14.71 -21.44 -12.95
N ALA E 219 -14.56 -21.64 -11.64
CA ALA E 219 -14.30 -22.95 -10.98
C ALA E 219 -15.49 -23.91 -11.11
N LEU E 220 -16.75 -23.43 -11.09
CA LEU E 220 -17.94 -24.30 -11.20
C LEU E 220 -18.28 -24.55 -12.68
N ALA E 221 -17.47 -24.04 -13.60
CA ALA E 221 -17.69 -24.24 -15.05
C ALA E 221 -16.62 -25.19 -15.61
N THR E 222 -15.46 -25.27 -14.95
CA THR E 222 -14.38 -26.22 -15.31
C THR E 222 -14.89 -27.66 -15.01
N ASP E 223 -15.86 -27.80 -14.10
CA ASP E 223 -16.52 -29.09 -13.72
C ASP E 223 -17.65 -29.43 -14.70
N ASN E 224 -18.43 -28.43 -15.14
CA ASN E 224 -19.61 -28.58 -16.05
C ASN E 224 -19.21 -28.23 -17.49
N ASP E 225 -18.23 -28.96 -18.06
CA ASP E 225 -17.59 -28.62 -19.36
CA ASP E 225 -17.58 -28.66 -19.36
C ASP E 225 -18.49 -29.11 -20.52
N ASP E 226 -19.75 -28.66 -20.54
CA ASP E 226 -20.71 -28.95 -21.63
CA ASP E 226 -20.72 -28.94 -21.63
C ASP E 226 -20.09 -28.52 -22.96
N HIS E 227 -19.86 -27.22 -23.14
CA HIS E 227 -19.29 -26.62 -24.37
CA HIS E 227 -19.28 -26.61 -24.37
C HIS E 227 -17.83 -26.18 -24.12
N LEU E 228 -17.55 -25.64 -22.93
CA LEU E 228 -16.32 -24.85 -22.62
C LEU E 228 -15.12 -25.73 -22.27
N THR E 229 -13.97 -25.43 -22.89
CA THR E 229 -12.62 -25.96 -22.53
C THR E 229 -12.11 -25.17 -21.31
N LYS E 230 -11.06 -25.68 -20.66
CA LYS E 230 -10.46 -25.08 -19.43
CA LYS E 230 -10.49 -25.07 -19.43
C LYS E 230 -9.75 -23.77 -19.82
N GLY E 231 -9.09 -23.78 -20.98
CA GLY E 231 -8.38 -22.63 -21.57
C GLY E 231 -9.29 -21.43 -21.79
N GLU E 232 -10.42 -21.64 -22.47
CA GLU E 232 -11.49 -20.64 -22.74
C GLU E 232 -11.88 -19.94 -21.42
N ILE E 233 -12.05 -20.73 -20.36
CA ILE E 233 -12.50 -20.28 -19.00
C ILE E 233 -11.35 -19.52 -18.32
N VAL E 234 -10.12 -20.02 -18.38
CA VAL E 234 -8.98 -19.36 -17.70
C VAL E 234 -8.73 -18.01 -18.39
N ASN E 235 -8.82 -17.92 -19.72
CA ASN E 235 -8.50 -16.65 -20.45
C ASN E 235 -9.54 -15.57 -20.06
N MET E 236 -10.80 -15.93 -19.90
CA MET E 236 -11.86 -14.99 -19.46
C MET E 236 -11.42 -14.27 -18.19
N GLY E 237 -10.75 -14.98 -17.27
CA GLY E 237 -10.20 -14.43 -16.02
C GLY E 237 -9.00 -13.53 -16.30
N VAL E 238 -8.15 -13.90 -17.26
CA VAL E 238 -6.94 -13.12 -17.64
C VAL E 238 -7.36 -11.82 -18.31
N TYR E 239 -8.38 -11.87 -19.17
CA TYR E 239 -8.82 -10.70 -20.00
C TYR E 239 -9.62 -9.72 -19.13
N LEU E 240 -10.43 -10.23 -18.20
CA LEU E 240 -11.21 -9.38 -17.25
C LEU E 240 -10.26 -8.63 -16.31
N LEU E 241 -9.26 -9.33 -15.75
CA LEU E 241 -8.19 -8.69 -14.93
C LEU E 241 -7.51 -7.61 -15.77
N ILE E 242 -7.05 -7.93 -16.99
CA ILE E 242 -6.32 -6.94 -17.83
C ILE E 242 -7.24 -5.75 -18.07
N ALA E 243 -8.41 -6.01 -18.64
CA ALA E 243 -9.39 -4.99 -19.07
C ALA E 243 -9.90 -4.21 -17.86
N GLY E 244 -10.27 -4.91 -16.78
CA GLY E 244 -10.98 -4.36 -15.62
C GLY E 244 -10.18 -3.27 -14.90
N HIS E 245 -8.88 -3.22 -15.13
CA HIS E 245 -8.00 -2.18 -14.56
C HIS E 245 -7.45 -1.31 -15.70
N GLU E 246 -6.71 -1.87 -16.68
CA GLU E 246 -6.02 -1.08 -17.74
C GLU E 246 -6.93 0.01 -18.35
N THR E 247 -8.20 -0.28 -18.62
CA THR E 247 -9.13 0.69 -19.26
C THR E 247 -9.40 1.87 -18.33
N SER E 248 -9.90 1.59 -17.12
CA SER E 248 -10.34 2.59 -16.10
C SER E 248 -9.15 3.37 -15.53
N VAL E 249 -7.97 2.75 -15.44
CA VAL E 249 -6.76 3.44 -14.88
C VAL E 249 -6.39 4.59 -15.81
N ASN E 250 -6.33 4.34 -17.12
CA ASN E 250 -5.92 5.35 -18.14
C ASN E 250 -7.07 6.34 -18.37
N GLN E 251 -8.31 5.89 -18.26
CA GLN E 251 -9.51 6.71 -18.57
C GLN E 251 -9.72 7.78 -17.50
N ILE E 252 -9.57 7.43 -16.21
CA ILE E 252 -9.50 8.40 -15.08
C ILE E 252 -8.48 9.49 -15.43
N THR E 253 -7.29 9.11 -15.91
CA THR E 253 -6.22 10.11 -16.21
C THR E 253 -6.72 10.97 -17.37
N ASN E 254 -7.29 10.34 -18.40
CA ASN E 254 -7.70 11.02 -19.66
C ASN E 254 -8.83 12.02 -19.35
N LEU E 255 -9.88 11.57 -18.67
CA LEU E 255 -11.05 12.42 -18.33
C LEU E 255 -10.59 13.61 -17.49
N VAL E 256 -9.73 13.37 -16.51
CA VAL E 256 -9.22 14.46 -15.62
C VAL E 256 -8.38 15.42 -16.47
N HIS E 257 -7.61 14.90 -17.42
CA HIS E 257 -6.75 15.74 -18.30
C HIS E 257 -7.64 16.71 -19.10
N LEU E 258 -8.68 16.22 -19.76
CA LEU E 258 -9.67 17.08 -20.49
C LEU E 258 -10.25 18.11 -19.52
N LEU E 259 -10.70 17.71 -18.34
CA LEU E 259 -11.39 18.63 -17.39
C LEU E 259 -10.43 19.75 -16.98
N LEU E 260 -9.14 19.46 -16.79
CA LEU E 260 -8.13 20.39 -16.19
C LEU E 260 -7.19 21.00 -17.24
N THR E 261 -7.52 20.95 -18.52
CA THR E 261 -6.77 21.70 -19.57
C THR E 261 -7.65 22.88 -20.01
N GLU E 262 -8.97 22.71 -19.98
CA GLU E 262 -9.99 23.80 -20.05
C GLU E 262 -10.81 23.78 -18.75
N ARG E 263 -10.27 24.31 -17.65
CA ARG E 263 -10.86 24.23 -16.28
C ARG E 263 -12.36 24.57 -16.36
N LYS E 264 -12.73 25.53 -17.19
CA LYS E 264 -14.11 25.85 -17.67
CA LYS E 264 -14.16 25.89 -17.43
C LYS E 264 -15.00 24.61 -17.59
N ARG E 265 -14.43 23.48 -18.02
CA ARG E 265 -15.11 22.16 -18.05
C ARG E 265 -15.28 21.65 -16.60
N TYR E 266 -14.20 21.55 -15.82
CA TYR E 266 -14.24 21.17 -14.38
C TYR E 266 -15.19 22.12 -13.63
N GLU E 267 -14.99 23.44 -13.81
CA GLU E 267 -15.74 24.52 -13.12
C GLU E 267 -17.26 24.30 -13.25
N SER E 268 -17.71 23.87 -14.43
CA SER E 268 -19.15 23.68 -14.77
C SER E 268 -19.70 22.42 -14.08
N LEU E 269 -18.84 21.45 -13.75
CA LEU E 269 -19.25 20.22 -13.01
C LEU E 269 -19.34 20.55 -11.51
N VAL E 270 -18.44 21.41 -11.00
CA VAL E 270 -18.43 21.81 -9.56
C VAL E 270 -19.67 22.67 -9.28
N ALA E 271 -20.06 23.51 -10.24
CA ALA E 271 -21.35 24.23 -10.24
C ALA E 271 -22.48 23.20 -10.14
N ASP E 272 -22.54 22.27 -11.11
CA ASP E 272 -23.62 21.27 -11.27
C ASP E 272 -23.05 19.85 -11.22
N PRO E 273 -22.79 19.31 -10.02
CA PRO E 273 -22.39 17.90 -9.86
C PRO E 273 -23.23 16.85 -10.61
N ALA E 274 -24.57 16.99 -10.59
CA ALA E 274 -25.54 16.05 -11.21
C ALA E 274 -25.27 15.85 -12.71
N LEU E 275 -24.46 16.72 -13.32
CA LEU E 275 -24.09 16.73 -14.76
C LEU E 275 -23.01 15.68 -15.10
N VAL E 276 -22.41 15.03 -14.09
CA VAL E 276 -21.27 14.09 -14.27
C VAL E 276 -21.64 12.98 -15.27
N PRO E 277 -22.63 12.09 -14.99
CA PRO E 277 -22.91 10.95 -15.86
C PRO E 277 -22.85 11.30 -17.35
N ALA E 278 -23.39 12.46 -17.69
CA ALA E 278 -23.51 13.02 -19.07
C ALA E 278 -22.14 13.50 -19.58
N ALA E 279 -21.29 14.06 -18.72
CA ALA E 279 -19.92 14.53 -19.07
C ALA E 279 -19.00 13.33 -19.35
N VAL E 280 -19.21 12.20 -18.64
CA VAL E 280 -18.40 10.96 -18.84
C VAL E 280 -18.74 10.33 -20.20
N GLU E 281 -20.02 10.23 -20.55
CA GLU E 281 -20.44 9.73 -21.90
C GLU E 281 -19.76 10.58 -22.97
N GLU E 282 -19.83 11.91 -22.83
CA GLU E 282 -19.27 12.87 -23.82
C GLU E 282 -17.75 12.68 -23.87
N MET E 283 -17.11 12.53 -22.72
CA MET E 283 -15.62 12.46 -22.66
C MET E 283 -15.16 11.08 -23.14
N LEU E 284 -15.98 10.04 -22.94
CA LEU E 284 -15.73 8.69 -23.52
C LEU E 284 -15.76 8.79 -25.05
N ARG E 285 -16.78 9.47 -25.61
CA ARG E 285 -16.95 9.72 -27.06
C ARG E 285 -15.72 10.45 -27.61
N TYR E 286 -15.24 11.46 -26.88
CA TYR E 286 -14.16 12.38 -27.33
C TYR E 286 -12.82 11.62 -27.31
N THR E 287 -12.51 11.01 -26.17
CA THR E 287 -11.19 10.45 -25.76
C THR E 287 -10.83 9.18 -26.53
N PRO E 288 -9.73 9.16 -27.32
CA PRO E 288 -9.30 7.95 -28.00
C PRO E 288 -8.56 6.95 -27.09
N LEU E 289 -9.27 6.25 -26.19
CA LEU E 289 -8.65 5.28 -25.26
C LEU E 289 -7.83 4.28 -26.08
N VAL E 290 -8.46 3.64 -27.07
CA VAL E 290 -7.74 2.78 -28.05
C VAL E 290 -6.93 3.69 -28.99
N SER E 291 -5.60 3.60 -28.93
CA SER E 291 -4.67 4.56 -29.62
C SER E 291 -4.97 4.59 -31.10
N ALA E 292 -5.18 3.42 -31.69
CA ALA E 292 -5.31 3.23 -33.15
C ALA E 292 -5.88 1.86 -33.42
N GLY E 293 -6.65 1.73 -34.50
CA GLY E 293 -7.22 0.46 -34.95
C GLY E 293 -8.10 -0.18 -33.90
N SER E 294 -8.19 -1.51 -33.97
CA SER E 294 -9.07 -2.41 -33.16
C SER E 294 -8.71 -3.86 -33.45
N PHE E 295 -9.36 -4.79 -32.74
CA PHE E 295 -9.33 -6.22 -33.10
C PHE E 295 -10.00 -6.37 -34.47
N VAL E 296 -9.32 -7.05 -35.40
CA VAL E 296 -9.71 -7.18 -36.82
C VAL E 296 -11.00 -8.02 -36.92
N ARG E 297 -11.90 -7.61 -37.81
CA ARG E 297 -13.01 -8.46 -38.33
C ARG E 297 -12.62 -8.92 -39.73
N VAL E 298 -12.98 -10.16 -40.09
CA VAL E 298 -12.84 -10.70 -41.48
C VAL E 298 -14.24 -11.08 -42.01
N ALA E 299 -14.56 -10.60 -43.22
CA ALA E 299 -15.78 -10.94 -43.99
C ALA E 299 -15.85 -12.46 -44.24
N THR E 300 -17.00 -13.11 -43.97
CA THR E 300 -17.28 -14.50 -44.41
C THR E 300 -17.99 -14.50 -45.77
N GLU E 301 -18.72 -13.41 -46.06
CA GLU E 301 -19.45 -13.24 -47.33
CA GLU E 301 -19.55 -13.20 -47.27
C GLU E 301 -19.19 -11.82 -47.85
N ASP E 302 -19.57 -11.55 -49.11
CA ASP E 302 -19.52 -10.19 -49.72
C ASP E 302 -20.42 -9.26 -48.89
N VAL E 303 -19.92 -8.06 -48.59
CA VAL E 303 -20.58 -7.05 -47.70
C VAL E 303 -20.30 -5.65 -48.27
N GLU E 304 -21.31 -4.78 -48.29
CA GLU E 304 -21.21 -3.45 -48.96
CA GLU E 304 -21.23 -3.45 -48.96
C GLU E 304 -21.22 -2.34 -47.90
N LEU E 305 -20.21 -1.46 -47.98
CA LEU E 305 -20.07 -0.29 -47.09
C LEU E 305 -20.39 0.98 -47.91
N SER E 306 -20.23 2.15 -47.29
CA SER E 306 -20.62 3.45 -47.88
C SER E 306 -19.95 3.63 -49.24
N THR E 307 -18.64 3.40 -49.31
CA THR E 307 -17.83 3.71 -50.51
C THR E 307 -17.23 2.46 -51.10
N VAL E 308 -17.20 1.35 -50.35
CA VAL E 308 -16.35 0.20 -50.78
C VAL E 308 -17.10 -1.12 -50.49
N THR E 309 -16.73 -2.15 -51.25
CA THR E 309 -17.21 -3.54 -51.02
C THR E 309 -16.06 -4.34 -50.39
N VAL E 310 -16.40 -5.15 -49.40
CA VAL E 310 -15.45 -6.07 -48.71
C VAL E 310 -15.75 -7.47 -49.22
N ARG E 311 -14.80 -8.06 -49.97
CA ARG E 311 -14.95 -9.43 -50.51
CA ARG E 311 -14.92 -9.44 -50.52
C ARG E 311 -14.58 -10.44 -49.42
N ALA E 312 -15.29 -11.58 -49.37
CA ALA E 312 -15.17 -12.63 -48.33
C ALA E 312 -13.71 -13.04 -48.11
N GLY E 313 -13.20 -12.85 -46.90
CA GLY E 313 -11.80 -13.13 -46.54
C GLY E 313 -10.97 -11.87 -46.44
N GLU E 314 -11.55 -10.70 -46.74
CA GLU E 314 -10.87 -9.39 -46.53
C GLU E 314 -11.11 -8.92 -45.10
N PRO E 315 -10.05 -8.41 -44.43
CA PRO E 315 -10.17 -7.93 -43.06
C PRO E 315 -10.35 -6.41 -43.00
N CYS E 316 -11.20 -5.96 -42.07
CA CYS E 316 -11.41 -4.52 -41.78
C CYS E 316 -11.01 -4.23 -40.34
N VAL E 317 -10.49 -3.02 -40.13
CA VAL E 317 -10.19 -2.46 -38.79
C VAL E 317 -11.01 -1.17 -38.62
N VAL E 318 -11.72 -1.05 -37.49
CA VAL E 318 -12.48 0.18 -37.11
C VAL E 318 -11.54 1.04 -36.25
N HIS E 319 -11.59 2.36 -36.39
CA HIS E 319 -10.99 3.29 -35.40
C HIS E 319 -12.12 4.01 -34.65
N PHE E 320 -12.49 3.46 -33.50
CA PHE E 320 -13.64 3.89 -32.66
C PHE E 320 -13.71 5.41 -32.56
N ALA E 321 -12.65 6.04 -32.08
CA ALA E 321 -12.61 7.48 -31.72
C ALA E 321 -12.96 8.37 -32.91
N SER E 322 -12.61 7.94 -34.13
CA SER E 322 -12.98 8.57 -35.43
C SER E 322 -14.50 8.47 -35.68
N ALA E 323 -15.07 7.27 -35.72
CA ALA E 323 -16.54 7.05 -35.76
C ALA E 323 -17.22 7.93 -34.70
N ASN E 324 -16.58 8.18 -33.57
CA ASN E 324 -17.11 9.07 -32.51
C ASN E 324 -16.77 10.53 -32.86
N ARG E 325 -16.31 10.80 -34.09
CA ARG E 325 -16.11 12.18 -34.63
C ARG E 325 -16.77 12.33 -36.01
N ASP E 326 -17.71 11.44 -36.38
CA ASP E 326 -18.46 11.56 -37.65
C ASP E 326 -19.34 12.82 -37.52
N GLU E 327 -19.12 13.84 -38.36
CA GLU E 327 -19.88 15.12 -38.27
CA GLU E 327 -19.87 15.14 -38.35
C GLU E 327 -21.36 14.87 -38.65
N GLU E 328 -21.64 13.77 -39.36
CA GLU E 328 -23.01 13.41 -39.82
C GLU E 328 -23.90 12.98 -38.65
N VAL E 329 -23.36 12.37 -37.60
CA VAL E 329 -24.17 11.87 -36.45
C VAL E 329 -23.90 12.75 -35.21
N PHE E 330 -22.90 13.64 -35.27
CA PHE E 330 -22.53 14.58 -34.17
C PHE E 330 -22.38 16.00 -34.71
N ASP E 331 -23.23 16.94 -34.26
CA ASP E 331 -23.09 18.38 -34.57
C ASP E 331 -21.88 18.93 -33.78
N HIS E 332 -21.03 19.73 -34.44
CA HIS E 332 -19.77 20.28 -33.86
C HIS E 332 -18.99 19.14 -33.17
N ALA E 333 -18.71 18.08 -33.95
CA ALA E 333 -18.14 16.78 -33.50
C ALA E 333 -16.79 16.96 -32.79
N ASP E 334 -16.06 18.05 -33.08
CA ASP E 334 -14.67 18.26 -32.58
CA ASP E 334 -14.66 18.32 -32.61
C ASP E 334 -14.68 19.18 -31.35
N GLU E 335 -15.87 19.60 -30.88
CA GLU E 335 -16.03 20.35 -29.61
CA GLU E 335 -16.04 20.35 -29.61
C GLU E 335 -16.50 19.38 -28.52
N LEU E 336 -16.13 19.64 -27.26
CA LEU E 336 -16.52 18.82 -26.10
C LEU E 336 -17.68 19.55 -25.39
N ASP E 337 -18.88 18.95 -25.40
CA ASP E 337 -20.18 19.60 -25.06
C ASP E 337 -21.00 18.68 -24.14
N PHE E 338 -20.93 18.88 -22.82
CA PHE E 338 -21.55 18.00 -21.79
C PHE E 338 -23.08 18.11 -21.79
N HIS E 339 -23.67 18.86 -22.74
CA HIS E 339 -25.15 19.12 -22.75
C HIS E 339 -25.78 18.63 -24.06
N ARG E 340 -25.08 17.80 -24.82
CA ARG E 340 -25.61 17.26 -26.11
C ARG E 340 -26.91 16.53 -25.82
N GLU E 341 -27.90 16.66 -26.71
CA GLU E 341 -29.21 15.96 -26.55
CA GLU E 341 -29.21 15.96 -26.55
C GLU E 341 -29.04 14.47 -26.84
N ARG E 342 -28.16 14.11 -27.79
CA ARG E 342 -27.95 12.68 -28.12
CA ARG E 342 -27.95 12.68 -28.12
C ARG E 342 -26.45 12.33 -28.18
N ASN E 343 -26.10 11.17 -27.61
CA ASN E 343 -24.72 10.61 -27.70
C ASN E 343 -24.79 9.11 -28.00
N PRO E 344 -24.85 8.66 -29.26
CA PRO E 344 -24.76 7.23 -29.56
C PRO E 344 -23.32 6.85 -29.91
N HIS E 345 -22.37 7.17 -29.01
CA HIS E 345 -20.92 6.88 -29.20
C HIS E 345 -20.72 5.36 -29.16
N ILE E 346 -19.60 4.89 -29.71
CA ILE E 346 -19.17 3.46 -29.68
C ILE E 346 -17.84 3.39 -28.93
N ALA E 347 -17.62 4.26 -27.95
CA ALA E 347 -16.45 4.20 -27.03
C ALA E 347 -16.33 2.78 -26.48
N PHE E 348 -17.46 2.08 -26.29
CA PHE E 348 -17.57 0.73 -25.68
C PHE E 348 -17.88 -0.34 -26.74
N GLY E 349 -17.58 -0.07 -28.01
CA GLY E 349 -17.77 -1.00 -29.12
C GLY E 349 -19.24 -1.11 -29.54
N HIS E 350 -19.57 -2.19 -30.23
CA HIS E 350 -20.89 -2.39 -30.87
C HIS E 350 -21.06 -3.87 -31.24
N GLY E 351 -22.29 -4.36 -31.24
CA GLY E 351 -22.59 -5.71 -31.71
C GLY E 351 -22.21 -6.75 -30.68
N ALA E 352 -21.72 -7.90 -31.14
CA ALA E 352 -21.53 -9.09 -30.29
C ALA E 352 -20.49 -8.77 -29.22
N HIS E 353 -19.45 -8.00 -29.59
CA HIS E 353 -18.27 -7.69 -28.72
CA HIS E 353 -18.28 -7.69 -28.71
C HIS E 353 -18.40 -6.29 -28.10
N HIS E 354 -19.63 -5.83 -27.81
CA HIS E 354 -19.88 -4.61 -26.99
C HIS E 354 -19.19 -4.81 -25.64
N CYS E 355 -18.45 -3.82 -25.13
CA CYS E 355 -17.71 -3.95 -23.83
C CYS E 355 -18.62 -4.59 -22.79
N ILE E 356 -18.21 -5.75 -22.26
CA ILE E 356 -18.90 -6.49 -21.16
C ILE E 356 -18.85 -5.68 -19.85
N GLY E 357 -17.94 -4.73 -19.73
CA GLY E 357 -17.71 -4.04 -18.45
C GLY E 357 -18.24 -2.62 -18.45
N ALA E 358 -18.74 -2.14 -19.59
CA ALA E 358 -19.15 -0.74 -19.82
C ALA E 358 -19.92 -0.19 -18.61
N GLN E 359 -20.75 -1.01 -17.97
CA GLN E 359 -21.56 -0.59 -16.79
C GLN E 359 -20.64 -0.23 -15.63
N LEU E 360 -19.78 -1.18 -15.23
CA LEU E 360 -18.72 -1.00 -14.20
C LEU E 360 -17.79 0.16 -14.55
N GLY E 361 -17.39 0.29 -15.82
CA GLY E 361 -16.55 1.40 -16.30
C GLY E 361 -17.21 2.75 -16.02
N ARG E 362 -18.50 2.86 -16.36
CA ARG E 362 -19.34 4.06 -16.10
C ARG E 362 -19.47 4.29 -14.59
N LEU E 363 -19.72 3.24 -13.81
CA LEU E 363 -19.82 3.37 -12.33
C LEU E 363 -18.51 3.95 -11.78
N GLU E 364 -17.39 3.37 -12.20
CA GLU E 364 -16.02 3.71 -11.71
C GLU E 364 -15.71 5.16 -12.05
N LEU E 365 -15.94 5.60 -13.29
CA LEU E 365 -15.52 6.95 -13.77
C LEU E 365 -16.41 8.00 -13.12
N GLN E 366 -17.70 7.70 -12.99
CA GLN E 366 -18.71 8.59 -12.37
C GLN E 366 -18.45 8.73 -10.87
N GLU E 367 -18.25 7.64 -10.14
CA GLU E 367 -18.02 7.71 -8.68
C GLU E 367 -16.70 8.46 -8.39
N ALA E 368 -15.75 8.39 -9.33
CA ALA E 368 -14.39 8.96 -9.23
C ALA E 368 -14.46 10.48 -9.40
N LEU E 369 -15.04 10.91 -10.53
CA LEU E 369 -15.05 12.35 -10.91
CA LEU E 369 -15.13 12.33 -10.97
C LEU E 369 -16.06 13.11 -10.03
N SER E 370 -17.18 12.48 -9.64
CA SER E 370 -18.24 13.08 -8.78
C SER E 370 -17.65 13.42 -7.41
N ALA E 371 -16.73 12.58 -6.92
CA ALA E 371 -16.06 12.71 -5.61
C ALA E 371 -15.06 13.86 -5.70
N LEU E 372 -14.24 13.89 -6.76
CA LEU E 372 -13.25 14.96 -7.02
C LEU E 372 -13.94 16.31 -6.98
N VAL E 373 -15.03 16.41 -7.74
CA VAL E 373 -15.76 17.66 -8.11
C VAL E 373 -16.49 18.19 -6.88
N ARG E 374 -16.87 17.31 -5.96
CA ARG E 374 -17.59 17.65 -4.70
C ARG E 374 -16.59 18.01 -3.61
N ARG E 375 -15.44 17.32 -3.57
CA ARG E 375 -14.47 17.39 -2.45
C ARG E 375 -13.32 18.35 -2.79
N PHE E 376 -12.88 18.38 -4.05
CA PHE E 376 -11.74 19.20 -4.56
C PHE E 376 -12.25 20.18 -5.62
N PRO E 377 -13.08 21.18 -5.24
CA PRO E 377 -13.54 22.20 -6.18
C PRO E 377 -12.38 23.08 -6.70
N THR E 378 -11.35 23.22 -5.87
CA THR E 378 -10.10 23.97 -6.13
C THR E 378 -9.14 23.16 -7.00
N LEU E 379 -9.46 21.91 -7.36
CA LEU E 379 -8.51 20.96 -8.01
C LEU E 379 -7.98 21.59 -9.31
N ASP E 380 -6.68 21.43 -9.59
CA ASP E 380 -6.05 21.93 -10.84
C ASP E 380 -4.74 21.16 -11.09
N LEU E 381 -4.40 21.03 -12.38
CA LEU E 381 -3.16 20.37 -12.87
C LEU E 381 -1.96 21.20 -12.41
N ALA E 382 -1.12 20.61 -11.54
CA ALA E 382 0.03 21.28 -10.88
C ALA E 382 1.35 20.76 -11.47
N GLU E 383 1.41 20.54 -12.78
CA GLU E 383 2.66 20.20 -13.51
C GLU E 383 2.54 20.73 -14.93
N PRO E 384 3.62 21.29 -15.50
CA PRO E 384 3.69 21.61 -16.93
C PRO E 384 3.08 20.59 -17.90
N VAL E 385 2.32 21.08 -18.89
CA VAL E 385 1.53 20.25 -19.84
C VAL E 385 2.45 19.61 -20.87
N ALA E 386 3.38 20.38 -21.44
CA ALA E 386 4.27 19.92 -22.53
C ALA E 386 5.19 18.81 -22.01
N GLY E 387 5.40 18.74 -20.69
CA GLY E 387 6.21 17.72 -19.99
C GLY E 387 5.43 16.44 -19.68
N LEU E 388 4.10 16.45 -19.69
CA LEU E 388 3.23 15.32 -19.24
C LEU E 388 3.79 13.99 -19.78
N LYS E 389 3.84 12.95 -18.93
CA LYS E 389 4.40 11.62 -19.29
CA LYS E 389 4.39 11.62 -19.26
C LYS E 389 3.29 10.70 -19.82
N TRP E 390 2.97 10.85 -21.10
CA TRP E 390 1.98 10.00 -21.83
C TRP E 390 2.61 8.64 -22.13
N LYS E 391 1.98 7.57 -21.64
CA LYS E 391 2.34 6.15 -21.94
C LYS E 391 2.63 6.03 -23.44
N GLN E 392 3.65 5.26 -23.81
CA GLN E 392 4.14 5.17 -25.22
C GLN E 392 4.46 3.71 -25.60
N GLY E 393 4.05 3.30 -26.80
CA GLY E 393 4.34 1.96 -27.33
C GLY E 393 3.28 0.97 -26.89
N MET E 394 2.10 1.48 -26.55
CA MET E 394 0.95 0.66 -26.07
C MET E 394 -0.29 0.84 -26.96
N LEU E 395 -1.16 -0.17 -26.92
CA LEU E 395 -2.45 -0.22 -27.64
C LEU E 395 -3.46 0.76 -27.04
N ILE E 396 -3.17 1.38 -25.90
CA ILE E 396 -4.10 2.40 -25.34
C ILE E 396 -3.32 3.63 -24.89
N ARG E 397 -4.01 4.76 -24.71
CA ARG E 397 -3.43 6.04 -24.23
C ARG E 397 -3.83 6.24 -22.77
N GLY E 398 -2.92 6.83 -21.99
CA GLY E 398 -3.12 7.27 -20.59
C GLY E 398 -1.88 7.95 -20.06
N LEU E 399 -1.93 8.50 -18.85
CA LEU E 399 -0.83 9.25 -18.19
C LEU E 399 -0.07 8.34 -17.21
N GLU E 400 1.26 8.29 -17.38
CA GLU E 400 2.23 7.63 -16.47
C GLU E 400 2.20 8.34 -15.10
N ARG E 401 2.19 9.67 -15.06
CA ARG E 401 1.83 10.41 -13.82
C ARG E 401 1.07 11.70 -14.17
N GLN E 402 0.38 12.26 -13.17
CA GLN E 402 -0.52 13.43 -13.32
C GLN E 402 -0.60 14.18 -11.99
N ILE E 403 0.41 15.02 -11.71
CA ILE E 403 0.49 15.79 -10.44
C ILE E 403 -0.55 16.91 -10.49
N VAL E 404 -1.33 17.04 -9.41
CA VAL E 404 -2.48 17.98 -9.28
C VAL E 404 -2.32 18.74 -7.95
N SER E 405 -3.22 19.69 -7.65
CA SER E 405 -3.21 20.50 -6.39
C SER E 405 -4.62 20.93 -5.99
N TRP E 406 -4.79 21.25 -4.71
CA TRP E 406 -6.06 21.77 -4.14
C TRP E 406 -5.76 22.82 -3.06
N ALA F 10 85.87 -29.29 -9.05
CA ALA F 10 85.08 -29.34 -10.32
C ALA F 10 83.87 -28.39 -10.24
N ASP F 11 83.77 -27.55 -9.21
CA ASP F 11 82.52 -26.82 -8.86
C ASP F 11 82.38 -25.64 -9.81
N ALA F 12 83.47 -24.91 -10.07
CA ALA F 12 83.58 -23.86 -11.11
C ALA F 12 82.70 -22.65 -10.74
N VAL F 13 82.77 -22.23 -9.48
CA VAL F 13 82.01 -21.05 -8.97
C VAL F 13 82.97 -20.15 -8.21
N PRO F 14 82.64 -18.85 -8.06
CA PRO F 14 83.44 -17.93 -7.26
C PRO F 14 83.66 -18.38 -5.81
N ALA F 15 84.70 -17.85 -5.16
CA ALA F 15 84.95 -18.03 -3.72
C ALA F 15 84.12 -17.00 -2.94
N TYR F 16 83.67 -17.39 -1.75
CA TYR F 16 82.98 -16.48 -0.78
C TYR F 16 83.66 -16.60 0.58
N PRO F 17 84.04 -15.48 1.25
CA PRO F 17 83.70 -14.12 0.82
C PRO F 17 84.46 -13.66 -0.44
N PHE F 18 84.03 -12.55 -1.02
CA PHE F 18 84.51 -12.09 -2.36
C PHE F 18 85.85 -11.38 -2.23
N SER F 19 86.19 -10.91 -1.02
CA SER F 19 87.42 -10.13 -0.77
C SER F 19 87.62 -9.80 0.72
N LEU F 20 88.80 -9.27 1.03
CA LEU F 20 89.20 -8.74 2.38
CA LEU F 20 89.18 -8.75 2.38
C LEU F 20 88.28 -7.58 2.75
N PRO F 21 87.56 -7.63 3.90
CA PRO F 21 86.75 -6.50 4.36
C PRO F 21 87.61 -5.27 4.73
N HIS F 22 87.09 -4.06 4.50
CA HIS F 22 87.71 -2.78 4.95
CA HIS F 22 87.71 -2.77 4.91
C HIS F 22 86.68 -1.95 5.71
N ALA F 23 87.07 -1.44 6.88
CA ALA F 23 86.22 -0.64 7.79
C ALA F 23 84.81 -1.24 7.83
N LEU F 24 83.75 -0.45 7.57
CA LEU F 24 82.35 -0.93 7.45
C LEU F 24 81.93 -0.84 5.99
N ASP F 25 82.88 -1.01 5.06
CA ASP F 25 82.64 -0.91 3.59
CA ASP F 25 82.61 -0.89 3.60
C ASP F 25 82.00 -2.20 3.09
N LEU F 26 80.79 -2.10 2.51
CA LEU F 26 80.18 -3.22 1.75
C LEU F 26 81.01 -3.42 0.47
N ASP F 27 81.33 -4.65 0.09
CA ASP F 27 81.90 -4.96 -1.26
C ASP F 27 80.86 -4.54 -2.30
N PRO F 28 81.25 -3.77 -3.35
CA PRO F 28 80.29 -3.37 -4.39
C PRO F 28 79.78 -4.50 -5.31
N HIS F 29 80.31 -5.73 -5.16
CA HIS F 29 79.88 -6.94 -5.92
C HIS F 29 78.54 -7.46 -5.36
N TYR F 30 78.17 -7.16 -4.11
CA TYR F 30 76.83 -7.45 -3.54
C TYR F 30 75.77 -6.71 -4.37
N ALA F 31 75.98 -5.41 -4.61
CA ALA F 31 75.06 -4.52 -5.35
C ALA F 31 74.83 -5.05 -6.78
N GLU F 32 75.85 -5.67 -7.40
CA GLU F 32 75.76 -6.26 -8.77
C GLU F 32 74.84 -7.48 -8.75
N LEU F 33 75.02 -8.38 -7.77
CA LEU F 33 74.22 -9.63 -7.65
C LEU F 33 72.74 -9.28 -7.43
N ARG F 34 72.44 -8.46 -6.43
CA ARG F 34 71.03 -8.05 -6.14
C ARG F 34 70.33 -7.75 -7.47
N ARG F 35 71.00 -7.04 -8.41
CA ARG F 35 70.33 -6.63 -9.69
CA ARG F 35 70.38 -6.61 -9.72
C ARG F 35 70.48 -7.65 -10.84
N ASP F 36 71.61 -8.33 -10.98
CA ASP F 36 71.82 -9.18 -12.19
C ASP F 36 71.61 -10.66 -11.85
N GLU F 37 72.36 -11.18 -10.88
CA GLU F 37 72.25 -12.59 -10.41
C GLU F 37 71.91 -12.62 -8.93
N PRO F 38 70.61 -12.53 -8.54
CA PRO F 38 70.22 -12.41 -7.14
C PRO F 38 70.62 -13.61 -6.26
N VAL F 39 70.56 -14.83 -6.83
CA VAL F 39 70.96 -16.08 -6.12
C VAL F 39 72.10 -16.73 -6.92
N SER F 40 73.35 -16.35 -6.62
CA SER F 40 74.60 -16.93 -7.19
C SER F 40 75.00 -18.18 -6.40
N ARG F 41 75.65 -19.14 -7.07
CA ARG F 41 76.22 -20.35 -6.42
C ARG F 41 77.70 -20.09 -6.06
N VAL F 42 78.11 -20.34 -4.81
CA VAL F 42 79.47 -19.99 -4.30
C VAL F 42 80.05 -21.14 -3.48
N ARG F 43 81.39 -21.16 -3.37
CA ARG F 43 82.18 -22.06 -2.46
CA ARG F 43 82.17 -22.06 -2.45
C ARG F 43 82.61 -21.25 -1.22
N LEU F 44 82.15 -21.69 -0.04
CA LEU F 44 82.43 -21.05 1.28
C LEU F 44 83.77 -21.57 1.80
N PRO F 45 84.42 -20.87 2.76
CA PRO F 45 85.82 -21.15 3.12
C PRO F 45 86.14 -22.55 3.66
N TYR F 46 85.20 -23.18 4.36
CA TYR F 46 85.38 -24.52 4.99
C TYR F 46 84.15 -25.38 4.72
N GLY F 47 84.28 -26.69 4.88
CA GLY F 47 83.30 -27.67 4.39
C GLY F 47 83.59 -27.99 2.94
N GLU F 48 82.80 -28.88 2.35
CA GLU F 48 83.02 -29.38 0.97
CA GLU F 48 83.01 -29.38 0.96
C GLU F 48 81.84 -28.90 0.10
N GLY F 49 81.89 -29.17 -1.21
CA GLY F 49 80.86 -28.76 -2.17
C GLY F 49 80.57 -27.27 -2.12
N THR F 50 79.31 -26.90 -2.35
CA THR F 50 78.90 -25.54 -2.78
C THR F 50 77.57 -25.13 -2.13
N ALA F 51 77.24 -23.84 -2.19
CA ALA F 51 76.06 -23.23 -1.52
C ALA F 51 75.52 -22.04 -2.31
N TRP F 52 74.20 -21.81 -2.24
CA TRP F 52 73.52 -20.64 -2.85
C TRP F 52 73.72 -19.42 -1.96
N LEU F 53 74.48 -18.43 -2.45
CA LEU F 53 74.52 -17.09 -1.84
C LEU F 53 73.21 -16.37 -2.18
N VAL F 54 72.57 -15.82 -1.15
CA VAL F 54 71.28 -15.09 -1.22
C VAL F 54 71.56 -13.65 -0.79
N THR F 55 71.16 -12.67 -1.59
CA THR F 55 71.56 -11.24 -1.43
C THR F 55 70.34 -10.33 -1.33
N ARG F 56 69.19 -10.72 -1.88
CA ARG F 56 67.97 -9.86 -1.90
C ARG F 56 67.14 -10.13 -0.64
N MET F 57 66.32 -9.15 -0.23
CA MET F 57 65.54 -9.21 1.03
C MET F 57 64.40 -10.24 0.91
N SER F 58 63.72 -10.28 -0.24
CA SER F 58 62.60 -11.24 -0.52
C SER F 58 63.07 -12.68 -0.27
N ASP F 59 64.27 -13.02 -0.77
CA ASP F 59 64.85 -14.39 -0.73
C ASP F 59 65.27 -14.71 0.71
N ALA F 60 66.10 -13.87 1.34
CA ALA F 60 66.53 -13.92 2.76
C ALA F 60 65.39 -14.35 3.69
N ARG F 61 64.26 -13.64 3.68
CA ARG F 61 63.05 -13.94 4.50
C ARG F 61 62.49 -15.34 4.18
N ILE F 62 62.82 -15.93 3.03
CA ILE F 62 62.42 -17.33 2.69
C ILE F 62 63.41 -18.30 3.36
N VAL F 63 64.72 -18.04 3.26
CA VAL F 63 65.79 -18.93 3.81
C VAL F 63 65.72 -18.91 5.34
N LEU F 64 65.59 -17.73 5.93
CA LEU F 64 65.57 -17.53 7.41
C LEU F 64 64.17 -17.88 7.96
N GLY F 65 63.13 -17.72 7.15
CA GLY F 65 61.72 -17.74 7.60
C GLY F 65 60.97 -18.99 7.19
N ASP F 66 61.49 -19.77 6.24
CA ASP F 66 60.76 -20.95 5.71
C ASP F 66 61.19 -22.20 6.49
N SER F 67 60.21 -22.94 7.02
CA SER F 67 60.37 -24.21 7.78
C SER F 67 60.99 -25.31 6.92
N ARG F 68 60.96 -25.16 5.60
CA ARG F 68 61.57 -26.16 4.66
C ARG F 68 63.10 -26.04 4.72
N PHE F 69 63.63 -25.05 5.46
CA PHE F 69 65.08 -24.86 5.74
C PHE F 69 65.41 -25.35 7.16
N SER F 70 66.46 -26.16 7.27
CA SER F 70 66.97 -26.79 8.51
C SER F 70 68.41 -26.34 8.76
N THR F 71 68.68 -25.77 9.94
CA THR F 71 70.04 -25.46 10.45
C THR F 71 70.65 -26.74 11.02
N ALA F 72 69.81 -27.63 11.54
CA ALA F 72 70.21 -28.95 12.10
C ALA F 72 70.96 -29.76 11.04
N ALA F 73 70.45 -29.78 9.81
CA ALA F 73 71.05 -30.45 8.63
C ALA F 73 72.51 -30.01 8.41
N ALA F 74 72.86 -28.81 8.88
CA ALA F 74 74.08 -28.06 8.50
C ALA F 74 75.28 -28.43 9.36
N THR F 75 75.09 -29.37 10.30
CA THR F 75 76.08 -29.79 11.31
C THR F 75 77.01 -30.86 10.73
N ASP F 76 76.59 -31.54 9.66
CA ASP F 76 77.47 -32.45 8.88
C ASP F 76 78.79 -31.70 8.64
N PRO F 77 79.98 -32.25 9.00
CA PRO F 77 81.26 -31.58 8.71
C PRO F 77 81.52 -31.25 7.23
N ALA F 78 80.82 -31.93 6.31
CA ALA F 78 80.99 -31.73 4.85
C ALA F 78 80.09 -30.59 4.36
N THR F 79 79.20 -30.08 5.20
CA THR F 79 78.29 -28.99 4.81
C THR F 79 79.10 -27.70 4.80
N PRO F 80 79.03 -26.90 3.71
CA PRO F 80 79.72 -25.61 3.64
C PRO F 80 79.48 -24.73 4.88
N ARG F 81 80.49 -23.97 5.30
CA ARG F 81 80.38 -23.07 6.47
C ARG F 81 81.38 -21.94 6.36
N MET F 82 81.12 -20.82 7.03
CA MET F 82 82.01 -19.63 7.02
C MET F 82 83.18 -19.83 8.01
N PHE F 83 82.98 -20.67 9.02
CA PHE F 83 83.91 -20.87 10.16
C PHE F 83 84.58 -22.23 10.08
N PRO F 84 85.83 -22.38 10.61
CA PRO F 84 86.67 -23.54 10.34
C PRO F 84 86.25 -24.84 11.02
N THR F 85 85.52 -24.76 12.16
CA THR F 85 85.14 -25.89 13.05
C THR F 85 83.72 -26.38 12.77
N PRO F 86 83.54 -27.63 12.32
CA PRO F 86 82.21 -28.12 11.96
C PRO F 86 81.25 -27.75 13.09
N PRO F 87 80.05 -27.19 12.77
CA PRO F 87 79.24 -26.51 13.78
C PRO F 87 78.92 -27.41 14.98
N GLU F 88 78.62 -26.80 16.12
CA GLU F 88 78.27 -27.57 17.36
CA GLU F 88 78.26 -27.50 17.41
C GLU F 88 76.78 -27.92 17.34
N PRO F 89 76.44 -29.23 17.30
CA PRO F 89 75.04 -29.65 17.24
C PRO F 89 74.10 -29.22 18.38
N ASP F 90 74.61 -28.98 19.59
CA ASP F 90 73.82 -28.58 20.79
C ASP F 90 73.58 -27.06 20.83
N GLY F 91 74.11 -26.29 19.87
CA GLY F 91 73.93 -24.83 19.77
C GLY F 91 72.55 -24.46 19.24
N VAL F 92 71.93 -23.41 19.79
CA VAL F 92 70.54 -22.98 19.45
C VAL F 92 70.45 -22.80 17.94
N LEU F 93 71.43 -22.08 17.40
CA LEU F 93 71.58 -21.80 15.96
C LEU F 93 71.49 -23.10 15.14
N ALA F 94 71.97 -24.23 15.67
CA ALA F 94 72.00 -25.52 14.93
C ALA F 94 70.90 -26.48 15.39
N GLN F 95 69.80 -25.96 15.97
CA GLN F 95 68.60 -26.74 16.38
C GLN F 95 67.41 -26.30 15.54
N ASP F 96 66.58 -27.24 15.07
CA ASP F 96 65.27 -26.94 14.45
C ASP F 96 64.17 -27.16 15.47
N PRO F 97 62.96 -26.57 15.28
CA PRO F 97 61.81 -26.87 16.13
C PRO F 97 61.47 -28.36 16.06
N PRO F 98 60.91 -28.97 17.13
CA PRO F 98 60.47 -28.24 18.32
C PRO F 98 61.54 -28.03 19.42
N ASP F 99 62.61 -28.82 19.40
CA ASP F 99 63.73 -28.75 20.37
C ASP F 99 64.22 -27.31 20.41
N HIS F 100 64.34 -26.68 19.24
CA HIS F 100 64.77 -25.27 19.11
C HIS F 100 63.85 -24.37 19.94
N THR F 101 62.54 -24.59 19.81
CA THR F 101 61.49 -23.76 20.41
C THR F 101 61.54 -23.95 21.94
N ARG F 102 61.73 -25.20 22.41
CA ARG F 102 61.88 -25.56 23.85
C ARG F 102 63.08 -24.83 24.47
N LEU F 103 64.21 -24.76 23.76
CA LEU F 103 65.44 -24.06 24.23
C LEU F 103 65.17 -22.56 24.36
N ARG F 104 64.58 -21.95 23.32
CA ARG F 104 64.15 -20.53 23.35
C ARG F 104 63.28 -20.29 24.57
N ARG F 105 62.28 -21.15 24.81
CA ARG F 105 61.27 -20.93 25.89
C ARG F 105 61.95 -20.83 27.27
N LEU F 106 63.12 -21.46 27.48
CA LEU F 106 63.84 -21.51 28.80
C LEU F 106 64.17 -20.10 29.29
N VAL F 107 64.81 -19.31 28.44
CA VAL F 107 65.48 -18.02 28.81
C VAL F 107 64.73 -16.84 28.17
N GLY F 108 63.81 -17.12 27.26
CA GLY F 108 63.08 -16.11 26.46
C GLY F 108 62.32 -15.11 27.32
N LYS F 109 61.74 -15.56 28.45
CA LYS F 109 60.85 -14.70 29.27
CA LYS F 109 60.87 -14.72 29.31
C LYS F 109 61.65 -13.47 29.75
N ALA F 110 62.99 -13.56 29.75
CA ALA F 110 63.94 -12.53 30.23
C ALA F 110 64.43 -11.58 29.14
N PHE F 111 64.07 -11.83 27.87
CA PHE F 111 64.55 -11.01 26.72
C PHE F 111 63.36 -10.32 26.04
N THR F 112 62.20 -10.37 26.69
CA THR F 112 60.96 -9.75 26.17
C THR F 112 61.15 -8.23 26.20
N ALA F 113 60.45 -7.53 25.32
CA ALA F 113 60.28 -6.06 25.26
C ALA F 113 60.07 -5.49 26.67
N ARG F 114 59.13 -6.04 27.44
CA ARG F 114 58.66 -5.40 28.70
C ARG F 114 59.79 -5.51 29.75
N ARG F 115 60.48 -6.66 29.81
CA ARG F 115 61.61 -6.97 30.74
C ARG F 115 62.88 -6.18 30.39
N VAL F 116 63.12 -5.93 29.10
CA VAL F 116 64.30 -5.14 28.64
C VAL F 116 64.09 -3.64 28.93
N GLU F 117 62.89 -3.09 28.71
CA GLU F 117 62.57 -1.69 29.10
C GLU F 117 62.64 -1.56 30.63
N GLU F 118 62.37 -2.63 31.38
CA GLU F 118 62.35 -2.58 32.87
CA GLU F 118 62.35 -2.65 32.88
C GLU F 118 63.77 -2.52 33.44
N MET F 119 64.81 -2.70 32.61
CA MET F 119 66.23 -2.66 33.07
C MET F 119 66.95 -1.48 32.40
N ARG F 120 66.20 -0.46 31.94
CA ARG F 120 66.77 0.78 31.37
C ARG F 120 67.28 1.71 32.47
N PRO F 121 66.59 1.86 33.63
CA PRO F 121 67.16 2.58 34.78
C PRO F 121 68.54 2.05 35.22
N ARG F 122 68.69 0.73 35.37
CA ARG F 122 69.98 0.10 35.77
CA ARG F 122 69.99 0.12 35.78
C ARG F 122 71.02 0.36 34.67
N VAL F 123 70.59 0.26 33.39
CA VAL F 123 71.48 0.42 32.20
C VAL F 123 71.86 1.90 32.03
N ARG F 124 70.92 2.83 32.27
CA ARG F 124 71.18 4.30 32.25
CA ARG F 124 71.19 4.30 32.23
C ARG F 124 72.31 4.63 33.23
N SER F 125 72.15 4.17 34.47
CA SER F 125 73.08 4.41 35.60
C SER F 125 74.50 3.87 35.32
N LEU F 126 74.63 2.63 34.82
CA LEU F 126 75.96 1.96 34.62
CA LEU F 126 75.97 1.99 34.66
C LEU F 126 76.75 2.67 33.53
N VAL F 127 76.07 3.29 32.56
CA VAL F 127 76.71 4.05 31.43
C VAL F 127 77.26 5.37 31.98
N ASP F 128 76.46 6.09 32.78
CA ASP F 128 76.85 7.40 33.38
CA ASP F 128 76.84 7.40 33.39
C ASP F 128 77.99 7.16 34.38
N SER F 129 77.91 6.08 35.17
CA SER F 129 78.94 5.64 36.16
C SER F 129 80.27 5.34 35.47
N LEU F 130 80.24 4.65 34.32
CA LEU F 130 81.45 4.18 33.58
C LEU F 130 82.05 5.32 32.76
N LEU F 131 81.22 6.27 32.35
CA LEU F 131 81.67 7.49 31.63
C LEU F 131 82.41 8.39 32.63
N ASP F 132 81.91 8.53 33.86
CA ASP F 132 82.63 9.25 34.95
C ASP F 132 84.12 8.87 34.91
N ASP F 133 84.41 7.55 34.90
CA ASP F 133 85.78 7.00 34.95
C ASP F 133 86.57 7.53 33.75
N MET F 134 85.88 7.84 32.66
CA MET F 134 86.44 8.31 31.37
C MET F 134 86.53 9.84 31.37
N VAL F 135 85.96 10.51 32.37
CA VAL F 135 86.24 11.96 32.62
C VAL F 135 87.53 12.04 33.44
N ALA F 136 87.63 11.22 34.49
CA ALA F 136 88.77 11.15 35.43
C ALA F 136 90.12 10.95 34.69
N HIS F 137 90.09 10.30 33.51
CA HIS F 137 91.25 10.14 32.59
C HIS F 137 91.46 11.44 31.80
N GLY F 138 90.39 11.92 31.13
CA GLY F 138 90.41 13.14 30.29
C GLY F 138 90.93 12.84 28.89
N SER F 139 90.64 13.73 27.93
CA SER F 139 90.96 13.57 26.49
C SER F 139 92.46 13.41 26.28
N PRO F 140 92.92 12.55 25.34
CA PRO F 140 92.05 11.66 24.60
C PRO F 140 91.95 10.29 25.27
N ALA F 141 90.82 9.59 25.09
CA ALA F 141 90.49 8.30 25.75
C ALA F 141 90.13 7.23 24.71
N ASP F 142 90.29 5.96 25.10
CA ASP F 142 89.86 4.76 24.34
C ASP F 142 88.41 4.42 24.73
N LEU F 143 87.45 4.69 23.84
CA LEU F 143 86.00 4.34 24.06
CA LEU F 143 86.01 4.33 24.07
C LEU F 143 85.89 2.84 24.36
N VAL F 144 86.77 2.03 23.75
CA VAL F 144 86.79 0.55 23.90
C VAL F 144 87.24 0.14 25.31
N GLU F 145 88.00 0.97 26.05
CA GLU F 145 88.47 0.65 27.43
CA GLU F 145 88.46 0.60 27.42
C GLU F 145 87.39 1.01 28.45
N PHE F 146 86.71 2.15 28.27
CA PHE F 146 85.83 2.75 29.32
C PHE F 146 84.33 2.47 29.10
N LEU F 147 83.88 2.14 27.89
CA LEU F 147 82.43 1.92 27.56
C LEU F 147 82.24 0.66 26.71
N ALA F 148 82.77 0.64 25.49
CA ALA F 148 82.46 -0.38 24.45
C ALA F 148 82.60 -1.80 25.01
N VAL F 149 83.68 -2.09 25.75
CA VAL F 149 83.91 -3.44 26.35
C VAL F 149 83.20 -3.56 27.72
N PRO F 150 83.50 -2.72 28.73
CA PRO F 150 82.93 -2.92 30.07
C PRO F 150 81.40 -2.88 30.22
N PHE F 151 80.69 -2.11 29.41
CA PHE F 151 79.22 -1.85 29.55
C PHE F 151 78.41 -3.08 29.11
N PRO F 152 78.60 -3.60 27.88
CA PRO F 152 77.94 -4.83 27.43
C PRO F 152 78.27 -6.06 28.30
N VAL F 153 79.51 -6.09 28.81
CA VAL F 153 80.05 -7.20 29.67
C VAL F 153 79.28 -7.22 30.99
N ALA F 154 79.21 -6.08 31.69
CA ALA F 154 78.60 -5.99 33.04
C ALA F 154 77.11 -6.36 32.96
N VAL F 155 76.47 -6.05 31.83
CA VAL F 155 75.01 -6.35 31.60
C VAL F 155 74.85 -7.86 31.42
N ILE F 156 75.61 -8.50 30.52
CA ILE F 156 75.44 -9.96 30.23
C ILE F 156 75.81 -10.77 31.48
N CYS F 157 76.82 -10.35 32.25
CA CYS F 157 77.26 -10.99 33.53
C CYS F 157 76.19 -10.86 34.62
N GLU F 158 75.63 -9.68 34.89
CA GLU F 158 74.55 -9.56 35.93
C GLU F 158 73.28 -10.23 35.39
N LEU F 159 73.02 -10.15 34.08
CA LEU F 159 71.93 -10.91 33.42
C LEU F 159 72.15 -12.42 33.60
N LEU F 160 73.27 -12.97 33.12
CA LEU F 160 73.53 -14.43 33.13
C LEU F 160 73.81 -14.92 34.55
N GLY F 161 74.58 -14.17 35.34
CA GLY F 161 74.99 -14.56 36.70
C GLY F 161 76.41 -15.08 36.72
N VAL F 162 77.29 -14.41 35.97
CA VAL F 162 78.67 -14.87 35.66
C VAL F 162 79.63 -14.00 36.45
N PRO F 163 80.76 -14.57 36.92
CA PRO F 163 81.84 -13.77 37.50
C PRO F 163 82.46 -12.71 36.57
N LEU F 164 82.51 -11.46 37.05
CA LEU F 164 83.18 -10.34 36.35
C LEU F 164 84.70 -10.56 36.40
N GLU F 165 85.18 -11.31 37.40
CA GLU F 165 86.61 -11.65 37.59
CA GLU F 165 86.62 -11.62 37.58
C GLU F 165 87.11 -12.45 36.38
N ASP F 166 86.17 -13.00 35.59
CA ASP F 166 86.46 -13.94 34.47
C ASP F 166 86.35 -13.29 33.11
N ARG F 167 86.08 -11.98 33.02
CA ARG F 167 86.06 -11.22 31.74
CA ARG F 167 86.04 -11.23 31.73
C ARG F 167 87.16 -11.76 30.81
N ASP F 168 88.42 -11.64 31.24
CA ASP F 168 89.60 -11.94 30.40
CA ASP F 168 89.65 -11.99 30.48
C ASP F 168 89.51 -13.42 29.95
N LEU F 169 89.15 -14.35 30.85
CA LEU F 169 88.99 -15.79 30.53
C LEU F 169 88.03 -15.94 29.35
N PHE F 170 86.81 -15.42 29.46
CA PHE F 170 85.69 -15.77 28.55
C PHE F 170 85.66 -14.85 27.33
N ARG F 171 86.45 -13.78 27.34
CA ARG F 171 86.56 -12.90 26.13
C ARG F 171 87.57 -13.56 25.18
N THR F 172 88.53 -14.30 25.73
CA THR F 172 89.62 -14.98 24.99
C THR F 172 89.01 -16.18 24.26
N PHE F 173 88.20 -16.96 24.99
CA PHE F 173 87.31 -18.04 24.48
C PHE F 173 86.37 -17.48 23.40
N SER F 174 85.66 -16.39 23.71
CA SER F 174 84.71 -15.72 22.78
C SER F 174 85.43 -15.41 21.46
N ASP F 175 86.50 -14.62 21.52
CA ASP F 175 87.33 -14.27 20.33
CA ASP F 175 87.40 -14.30 20.36
C ASP F 175 87.56 -15.53 19.49
N ALA F 176 88.02 -16.62 20.12
CA ALA F 176 88.42 -17.89 19.47
C ALA F 176 87.26 -18.45 18.65
N MET F 177 86.04 -18.45 19.19
CA MET F 177 84.87 -19.12 18.58
C MET F 177 84.27 -18.20 17.50
N LEU F 178 84.52 -16.89 17.60
CA LEU F 178 84.12 -15.89 16.58
C LEU F 178 85.20 -15.73 15.50
N SER F 179 86.08 -16.71 15.31
CA SER F 179 87.20 -16.60 14.34
C SER F 179 86.81 -17.24 13.01
N SER F 180 87.30 -16.64 11.91
CA SER F 180 87.09 -17.07 10.49
C SER F 180 88.37 -17.72 9.93
N THR F 181 89.46 -16.96 9.79
CA THR F 181 90.74 -17.41 9.18
C THR F 181 91.90 -17.15 10.17
N ARG F 182 91.56 -16.87 11.43
CA ARG F 182 92.49 -16.33 12.45
CA ARG F 182 92.47 -16.33 12.48
C ARG F 182 93.11 -17.49 13.25
N LEU F 183 92.41 -18.62 13.34
CA LEU F 183 92.82 -19.79 14.16
C LEU F 183 92.51 -21.10 13.44
N THR F 184 93.30 -22.14 13.70
CA THR F 184 93.12 -23.52 13.16
C THR F 184 91.82 -24.09 13.75
N ALA F 185 91.22 -25.09 13.10
CA ALA F 185 89.95 -25.73 13.54
C ALA F 185 90.18 -26.53 14.82
N ALA F 186 91.38 -27.12 14.94
CA ALA F 186 91.81 -27.93 16.11
C ALA F 186 92.00 -27.03 17.34
N GLU F 187 92.42 -25.77 17.16
CA GLU F 187 92.62 -24.77 18.25
CA GLU F 187 92.62 -24.81 18.28
C GLU F 187 91.26 -24.29 18.77
N ILE F 188 90.31 -24.04 17.85
CA ILE F 188 88.94 -23.57 18.21
C ILE F 188 88.25 -24.71 18.94
N GLN F 189 88.41 -25.94 18.43
CA GLN F 189 87.69 -27.13 18.96
CA GLN F 189 87.69 -27.13 18.97
C GLN F 189 88.09 -27.37 20.42
N ARG F 190 89.30 -26.96 20.81
CA ARG F 190 89.79 -27.00 22.22
CA ARG F 190 89.76 -27.04 22.22
C ARG F 190 89.02 -25.97 23.05
N VAL F 191 89.11 -24.71 22.62
CA VAL F 191 88.45 -23.55 23.27
C VAL F 191 86.93 -23.83 23.39
N GLN F 192 86.34 -24.53 22.42
CA GLN F 192 84.91 -24.94 22.49
C GLN F 192 84.70 -25.90 23.66
N GLN F 193 85.46 -27.01 23.70
CA GLN F 193 85.35 -28.06 24.74
CA GLN F 193 85.27 -28.04 24.76
C GLN F 193 85.61 -27.43 26.11
N ASP F 194 86.57 -26.50 26.17
CA ASP F 194 87.05 -25.84 27.42
C ASP F 194 85.97 -24.86 27.92
N PHE F 195 85.32 -24.12 27.02
CA PHE F 195 84.21 -23.18 27.36
C PHE F 195 83.04 -23.98 27.92
N MET F 196 82.71 -25.11 27.27
CA MET F 196 81.62 -26.03 27.66
C MET F 196 81.82 -26.47 29.11
N VAL F 197 83.01 -26.96 29.40
CA VAL F 197 83.38 -27.49 30.74
C VAL F 197 83.32 -26.34 31.76
N TYR F 198 83.77 -25.15 31.36
CA TYR F 198 83.73 -23.93 32.22
C TYR F 198 82.27 -23.62 32.55
N MET F 199 81.39 -23.62 31.53
CA MET F 199 79.95 -23.31 31.70
C MET F 199 79.28 -24.45 32.50
N ASP F 200 79.61 -25.70 32.22
CA ASP F 200 79.04 -26.87 32.97
C ASP F 200 79.42 -26.71 34.46
N GLY F 201 80.65 -26.27 34.73
CA GLY F 201 81.11 -26.00 36.10
C GLY F 201 80.27 -24.94 36.78
N LEU F 202 79.92 -23.88 36.04
CA LEU F 202 79.24 -22.65 36.57
C LEU F 202 77.76 -22.92 36.85
N VAL F 203 77.10 -23.83 36.11
CA VAL F 203 75.70 -24.25 36.42
C VAL F 203 75.71 -25.27 37.56
N ALA F 204 76.82 -26.01 37.73
CA ALA F 204 77.06 -26.99 38.83
C ALA F 204 77.05 -26.28 40.19
N GLN F 205 77.44 -25.00 40.23
CA GLN F 205 77.52 -24.22 41.49
CA GLN F 205 77.52 -24.25 41.51
C GLN F 205 76.12 -23.93 42.04
N ARG F 206 75.08 -24.05 41.22
CA ARG F 206 73.71 -23.66 41.66
C ARG F 206 72.97 -24.88 42.19
N ARG F 207 73.66 -26.02 42.39
CA ARG F 207 73.05 -27.34 42.64
CA ARG F 207 73.01 -27.33 42.61
C ARG F 207 72.21 -27.32 43.92
N ASP F 208 72.78 -26.81 45.02
CA ASP F 208 72.03 -26.61 46.28
C ASP F 208 72.10 -25.13 46.66
N ALA F 209 72.45 -24.26 45.71
CA ALA F 209 72.61 -22.79 45.90
C ALA F 209 71.95 -22.03 44.74
N PRO F 210 70.61 -22.17 44.56
CA PRO F 210 69.91 -21.59 43.43
C PRO F 210 69.97 -20.06 43.39
N THR F 211 70.23 -19.51 42.20
CA THR F 211 70.42 -18.05 41.98
C THR F 211 69.25 -17.50 41.17
N GLU F 212 68.93 -16.22 41.33
CA GLU F 212 67.86 -15.56 40.55
CA GLU F 212 67.87 -15.51 40.56
C GLU F 212 68.52 -14.97 39.28
N ASP F 213 69.11 -15.89 38.51
CA ASP F 213 69.96 -15.67 37.30
C ASP F 213 69.37 -16.46 36.13
N LEU F 214 69.87 -16.22 34.93
CA LEU F 214 69.68 -17.15 33.79
C LEU F 214 70.39 -18.47 34.12
N LEU F 215 71.65 -18.43 34.51
CA LEU F 215 72.42 -19.66 34.83
C LEU F 215 71.69 -20.43 35.95
N GLY F 216 70.93 -19.72 36.78
CA GLY F 216 70.03 -20.32 37.78
C GLY F 216 68.95 -21.16 37.14
N ALA F 217 68.36 -20.67 36.04
CA ALA F 217 67.24 -21.27 35.30
C ALA F 217 67.72 -22.43 34.44
N LEU F 218 68.98 -22.41 33.98
CA LEU F 218 69.61 -23.52 33.24
C LEU F 218 69.88 -24.67 34.22
N ALA F 219 70.18 -24.37 35.49
CA ALA F 219 70.37 -25.38 36.55
C ALA F 219 69.05 -26.15 36.75
N LEU F 220 67.94 -25.46 36.94
CA LEU F 220 66.65 -26.13 37.24
C LEU F 220 66.24 -26.98 36.02
N ALA F 221 66.67 -26.59 34.81
CA ALA F 221 66.38 -27.30 33.55
C ALA F 221 67.21 -28.59 33.47
N THR F 222 68.47 -28.58 33.91
CA THR F 222 69.33 -29.80 33.94
C THR F 222 68.70 -30.82 34.92
N ASP F 223 68.01 -30.33 35.96
CA ASP F 223 67.43 -31.18 37.04
CA ASP F 223 67.44 -31.19 37.04
C ASP F 223 66.13 -31.84 36.55
N ASN F 224 65.26 -31.08 35.85
CA ASN F 224 63.88 -31.53 35.53
CA ASN F 224 63.88 -31.52 35.53
C ASN F 224 63.48 -31.11 34.11
N ASP F 225 64.31 -31.41 33.10
CA ASP F 225 63.92 -31.34 31.66
C ASP F 225 64.16 -32.71 31.03
N ASP F 226 63.11 -33.28 30.44
CA ASP F 226 63.05 -34.67 29.92
C ASP F 226 63.19 -34.67 28.41
N HIS F 227 63.11 -33.50 27.75
CA HIS F 227 63.22 -33.37 26.27
C HIS F 227 64.55 -32.73 25.86
N LEU F 228 65.30 -32.14 26.81
CA LEU F 228 66.55 -31.39 26.52
C LEU F 228 67.73 -32.05 27.23
N THR F 229 68.82 -32.23 26.49
CA THR F 229 70.10 -32.79 26.98
C THR F 229 70.83 -31.72 27.80
N LYS F 230 71.57 -32.15 28.81
CA LYS F 230 72.45 -31.26 29.62
C LYS F 230 73.31 -30.45 28.63
N GLY F 231 73.79 -31.10 27.56
CA GLY F 231 74.63 -30.45 26.52
C GLY F 231 73.93 -29.27 25.90
N GLU F 232 72.69 -29.49 25.45
CA GLU F 232 71.78 -28.46 24.85
C GLU F 232 71.66 -27.29 25.85
N ILE F 233 71.23 -27.56 27.07
CA ILE F 233 70.94 -26.51 28.11
C ILE F 233 72.21 -25.73 28.44
N VAL F 234 73.33 -26.42 28.63
CA VAL F 234 74.61 -25.76 29.01
C VAL F 234 75.08 -24.87 27.85
N ASN F 235 75.00 -25.37 26.61
CA ASN F 235 75.55 -24.64 25.42
C ASN F 235 74.77 -23.33 25.25
N MET F 236 73.56 -23.25 25.78
CA MET F 236 72.76 -22.01 25.78
C MET F 236 73.53 -20.92 26.54
N GLY F 237 74.08 -21.24 27.71
CA GLY F 237 74.86 -20.28 28.53
C GLY F 237 76.10 -19.78 27.80
N VAL F 238 76.85 -20.70 27.21
CA VAL F 238 78.05 -20.35 26.38
C VAL F 238 77.61 -19.37 25.30
N TYR F 239 76.57 -19.70 24.54
CA TYR F 239 76.14 -18.96 23.32
C TYR F 239 75.55 -17.60 23.72
N LEU F 240 74.87 -17.55 24.86
CA LEU F 240 74.29 -16.28 25.39
C LEU F 240 75.41 -15.35 25.84
N LEU F 241 76.40 -15.86 26.58
CA LEU F 241 77.54 -15.05 27.08
C LEU F 241 78.29 -14.42 25.91
N ILE F 242 78.69 -15.20 24.91
CA ILE F 242 79.46 -14.69 23.75
C ILE F 242 78.67 -13.57 23.09
N ALA F 243 77.43 -13.86 22.75
CA ALA F 243 76.57 -12.92 22.01
C ALA F 243 76.31 -11.68 22.86
N GLY F 244 75.95 -11.88 24.15
CA GLY F 244 75.59 -10.78 25.07
C GLY F 244 76.65 -9.70 25.10
N HIS F 245 77.93 -10.08 24.92
CA HIS F 245 79.04 -9.08 24.92
CA HIS F 245 79.03 -9.06 24.91
C HIS F 245 79.64 -8.90 23.51
N GLU F 246 79.91 -9.98 22.78
CA GLU F 246 80.66 -9.86 21.51
C GLU F 246 79.91 -9.00 20.47
N THR F 247 78.57 -9.06 20.37
CA THR F 247 77.81 -8.28 19.35
C THR F 247 77.83 -6.78 19.70
N SER F 248 77.42 -6.42 20.92
CA SER F 248 77.24 -5.01 21.37
C SER F 248 78.57 -4.26 21.53
N VAL F 249 79.65 -4.94 21.93
CA VAL F 249 80.98 -4.28 21.98
C VAL F 249 81.25 -3.77 20.57
N ASN F 250 81.22 -4.68 19.59
CA ASN F 250 81.64 -4.38 18.20
C ASN F 250 80.63 -3.38 17.59
N GLN F 251 79.36 -3.43 17.98
CA GLN F 251 78.33 -2.50 17.43
C GLN F 251 78.50 -1.10 18.02
N ILE F 252 78.79 -0.97 19.32
CA ILE F 252 78.93 0.37 19.96
C ILE F 252 80.00 1.13 19.17
N THR F 253 81.15 0.49 18.91
CA THR F 253 82.24 1.09 18.09
C THR F 253 81.63 1.50 16.75
N ASN F 254 81.02 0.54 16.05
CA ASN F 254 80.51 0.69 14.66
C ASN F 254 79.59 1.92 14.59
N LEU F 255 78.57 1.98 15.46
CA LEU F 255 77.65 3.15 15.52
C LEU F 255 78.54 4.39 15.57
N VAL F 256 79.31 4.52 16.66
CA VAL F 256 80.15 5.72 16.96
C VAL F 256 81.10 6.02 15.78
N HIS F 257 81.64 5.01 15.08
CA HIS F 257 82.50 5.26 13.89
C HIS F 257 81.70 5.92 12.77
N LEU F 258 80.49 5.44 12.49
CA LEU F 258 79.64 6.04 11.42
C LEU F 258 79.25 7.46 11.83
N LEU F 259 79.05 7.69 13.13
CA LEU F 259 78.60 9.00 13.69
C LEU F 259 79.72 10.06 13.65
N LEU F 260 81.00 9.67 13.54
CA LEU F 260 82.15 10.62 13.62
C LEU F 260 83.01 10.63 12.33
N THR F 261 82.77 9.76 11.34
CA THR F 261 83.46 9.82 10.01
C THR F 261 82.93 11.05 9.25
N GLU F 262 81.60 11.21 9.22
CA GLU F 262 80.92 12.47 8.83
CA GLU F 262 80.93 12.48 8.84
C GLU F 262 80.20 13.00 10.08
N ARG F 263 80.77 14.01 10.74
CA ARG F 263 80.37 14.47 12.10
C ARG F 263 78.99 15.14 12.12
N LYS F 264 78.38 15.42 10.96
CA LYS F 264 77.02 15.99 10.86
CA LYS F 264 77.02 16.02 10.91
C LYS F 264 76.01 14.99 11.44
N ARG F 265 76.31 13.70 11.31
CA ARG F 265 75.48 12.58 11.84
C ARG F 265 75.40 12.74 13.37
N TYR F 266 76.55 12.80 14.06
CA TYR F 266 76.60 12.97 15.53
C TYR F 266 75.96 14.32 15.90
N GLU F 267 76.11 15.35 15.05
CA GLU F 267 75.54 16.70 15.27
CA GLU F 267 75.52 16.70 15.30
C GLU F 267 73.99 16.61 15.20
N SER F 268 73.46 15.84 14.23
CA SER F 268 71.99 15.67 14.00
CA SER F 268 71.99 15.70 14.01
C SER F 268 71.31 15.09 15.23
N LEU F 269 72.01 14.20 15.95
CA LEU F 269 71.55 13.58 17.23
CA LEU F 269 71.55 13.58 17.23
C LEU F 269 71.69 14.62 18.36
N VAL F 270 72.86 15.28 18.34
CA VAL F 270 73.39 16.15 19.42
C VAL F 270 72.49 17.38 19.49
N ALA F 271 71.49 17.42 18.61
CA ALA F 271 70.47 18.50 18.68
C ALA F 271 69.61 18.15 19.87
N ASP F 272 69.92 17.02 20.54
CA ASP F 272 69.19 16.53 21.74
C ASP F 272 67.95 15.80 21.26
N PRO F 273 67.83 15.64 19.94
CA PRO F 273 66.63 15.01 19.38
C PRO F 273 66.59 13.55 19.84
N ALA F 274 65.40 13.04 20.14
CA ALA F 274 65.28 11.61 20.48
C ALA F 274 65.21 10.86 19.15
N LEU F 275 66.18 11.12 18.27
CA LEU F 275 66.25 10.39 16.98
C LEU F 275 67.13 9.17 17.25
N VAL F 276 67.57 9.01 18.49
CA VAL F 276 68.50 7.90 18.86
C VAL F 276 67.84 6.56 18.56
N PRO F 277 66.59 6.25 19.01
CA PRO F 277 65.94 4.99 18.61
C PRO F 277 65.93 4.76 17.09
N ALA F 278 65.39 5.72 16.33
CA ALA F 278 65.30 5.65 14.85
C ALA F 278 66.69 5.52 14.22
N ALA F 279 67.73 6.10 14.85
CA ALA F 279 69.13 6.17 14.36
C ALA F 279 69.84 4.84 14.59
N VAL F 280 69.62 4.23 15.76
CA VAL F 280 70.04 2.84 16.10
C VAL F 280 69.57 1.89 14.99
N GLU F 281 68.25 1.74 14.81
CA GLU F 281 67.64 0.88 13.76
C GLU F 281 68.33 1.13 12.41
N GLU F 282 68.37 2.40 11.98
CA GLU F 282 68.91 2.81 10.66
C GLU F 282 70.38 2.40 10.55
N MET F 283 71.15 2.52 11.63
CA MET F 283 72.61 2.28 11.61
CA MET F 283 72.61 2.28 11.64
C MET F 283 72.89 0.78 11.80
N LEU F 284 71.87 0.03 12.26
CA LEU F 284 71.89 -1.46 12.30
C LEU F 284 71.71 -1.96 10.86
N ARG F 285 70.73 -1.41 10.15
CA ARG F 285 70.55 -1.61 8.69
C ARG F 285 71.88 -1.37 7.97
N TYR F 286 72.55 -0.24 8.24
CA TYR F 286 73.71 0.25 7.44
C TYR F 286 75.00 -0.54 7.77
N THR F 287 75.17 -1.02 9.00
CA THR F 287 76.46 -1.64 9.47
C THR F 287 76.50 -3.12 9.12
N PRO F 288 77.58 -3.62 8.49
CA PRO F 288 77.72 -5.05 8.23
C PRO F 288 78.35 -5.76 9.43
N LEU F 289 77.66 -5.79 10.58
CA LEU F 289 78.22 -6.38 11.83
C LEU F 289 78.72 -7.79 11.54
N VAL F 290 77.91 -8.58 10.83
CA VAL F 290 78.38 -9.91 10.33
C VAL F 290 79.24 -9.64 9.09
N SER F 291 80.55 -9.84 9.18
CA SER F 291 81.53 -9.58 8.08
C SER F 291 80.96 -10.08 6.75
N ALA F 292 80.65 -11.37 6.69
CA ALA F 292 80.28 -12.14 5.48
C ALA F 292 79.45 -13.36 5.91
N GLY F 293 78.46 -13.74 5.10
CA GLY F 293 77.74 -15.03 5.25
C GLY F 293 76.78 -15.07 6.42
N SER F 294 76.37 -16.28 6.75
CA SER F 294 75.42 -16.65 7.83
C SER F 294 75.73 -18.10 8.24
N PHE F 295 75.18 -18.56 9.36
CA PHE F 295 75.03 -20.02 9.64
C PHE F 295 74.16 -20.56 8.51
N VAL F 296 74.47 -21.75 8.03
CA VAL F 296 73.90 -22.29 6.76
C VAL F 296 72.57 -23.00 7.06
N ARG F 297 71.58 -22.69 6.22
CA ARG F 297 70.27 -23.39 6.11
C ARG F 297 70.31 -24.36 4.93
N VAL F 298 70.08 -25.65 5.20
CA VAL F 298 69.98 -26.70 4.16
C VAL F 298 68.49 -26.94 3.91
N ALA F 299 68.08 -27.01 2.64
CA ALA F 299 66.70 -27.37 2.26
C ALA F 299 66.43 -28.83 2.66
N THR F 300 65.22 -29.13 3.11
CA THR F 300 64.74 -30.52 3.35
C THR F 300 63.63 -30.90 2.38
N GLU F 301 63.07 -29.87 1.70
CA GLU F 301 62.10 -29.98 0.58
C GLU F 301 62.52 -28.91 -0.43
N ASP F 302 62.11 -29.02 -1.70
CA ASP F 302 62.36 -27.97 -2.73
C ASP F 302 61.75 -26.63 -2.25
N VAL F 303 62.36 -25.50 -2.60
CA VAL F 303 61.93 -24.15 -2.12
C VAL F 303 62.15 -23.12 -3.23
N GLU F 304 61.12 -22.35 -3.58
CA GLU F 304 61.23 -21.38 -4.71
CA GLU F 304 61.23 -21.38 -4.71
C GLU F 304 61.79 -20.03 -4.23
N LEU F 305 62.96 -19.69 -4.76
CA LEU F 305 63.51 -18.33 -4.61
C LEU F 305 63.22 -17.58 -5.90
N SER F 306 63.57 -16.29 -5.95
CA SER F 306 63.24 -15.40 -7.08
C SER F 306 63.70 -16.02 -8.41
N THR F 307 64.94 -16.49 -8.48
CA THR F 307 65.53 -17.00 -9.76
C THR F 307 65.89 -18.48 -9.68
N VAL F 308 65.83 -19.10 -8.49
CA VAL F 308 66.34 -20.49 -8.35
C VAL F 308 65.34 -21.29 -7.52
N THR F 309 64.86 -22.39 -8.08
CA THR F 309 64.13 -23.42 -7.30
C THR F 309 65.23 -24.26 -6.63
N VAL F 310 65.34 -24.16 -5.30
CA VAL F 310 66.42 -24.75 -4.44
C VAL F 310 66.02 -26.17 -4.11
N ARG F 311 66.91 -27.14 -4.33
CA ARG F 311 66.59 -28.57 -4.20
C ARG F 311 66.75 -29.01 -2.75
N ALA F 312 65.89 -29.93 -2.28
CA ALA F 312 66.12 -30.66 -1.02
C ALA F 312 67.58 -31.09 -0.98
N GLY F 313 68.32 -30.71 0.06
CA GLY F 313 69.74 -31.08 0.26
C GLY F 313 70.71 -29.98 -0.10
N GLU F 314 70.23 -28.82 -0.58
CA GLU F 314 71.10 -27.74 -1.10
C GLU F 314 71.29 -26.68 -0.03
N PRO F 315 72.56 -26.40 0.35
CA PRO F 315 72.87 -25.41 1.37
C PRO F 315 72.63 -24.01 0.80
N CYS F 316 72.03 -23.13 1.59
CA CYS F 316 71.87 -21.69 1.29
C CYS F 316 72.56 -20.87 2.36
N VAL F 317 73.13 -19.74 1.97
CA VAL F 317 73.70 -18.74 2.91
C VAL F 317 73.17 -17.36 2.52
N VAL F 318 72.99 -16.49 3.50
CA VAL F 318 72.36 -15.14 3.34
C VAL F 318 73.37 -14.09 3.80
N HIS F 319 73.50 -12.97 3.10
CA HIS F 319 74.31 -11.83 3.61
C HIS F 319 73.36 -10.73 4.07
N PHE F 320 73.20 -10.58 5.38
CA PHE F 320 72.20 -9.68 5.99
C PHE F 320 72.41 -8.22 5.56
N ALA F 321 73.66 -7.78 5.42
CA ALA F 321 73.97 -6.40 5.03
C ALA F 321 73.44 -6.15 3.61
N SER F 322 73.68 -7.10 2.70
CA SER F 322 73.12 -7.05 1.31
C SER F 322 71.59 -6.88 1.39
N ALA F 323 70.89 -7.80 2.06
CA ALA F 323 69.43 -7.71 2.31
C ALA F 323 69.05 -6.31 2.83
N ASN F 324 69.97 -5.59 3.46
CA ASN F 324 69.69 -4.29 4.11
C ASN F 324 69.96 -3.14 3.14
N ARG F 325 70.52 -3.46 1.96
CA ARG F 325 70.72 -2.52 0.82
C ARG F 325 69.85 -2.94 -0.38
N ASP F 326 68.74 -3.67 -0.17
CA ASP F 326 67.82 -4.07 -1.27
C ASP F 326 67.11 -2.80 -1.75
N GLU F 327 67.41 -2.37 -2.98
CA GLU F 327 66.85 -1.13 -3.57
CA GLU F 327 66.85 -1.16 -3.66
C GLU F 327 65.31 -1.22 -3.63
N GLU F 328 64.77 -2.45 -3.74
CA GLU F 328 63.30 -2.70 -3.87
CA GLU F 328 63.31 -2.74 -3.86
C GLU F 328 62.63 -2.71 -2.48
N VAL F 329 63.38 -2.34 -1.44
CA VAL F 329 62.84 -2.27 -0.05
C VAL F 329 63.20 -0.92 0.58
N PHE F 330 64.41 -0.40 0.34
CA PHE F 330 64.90 0.86 0.95
C PHE F 330 65.19 1.90 -0.13
N ASP F 331 64.56 3.08 -0.04
CA ASP F 331 64.58 4.11 -1.13
C ASP F 331 66.01 4.62 -1.36
N HIS F 332 66.64 5.23 -0.35
CA HIS F 332 67.97 5.86 -0.50
C HIS F 332 69.04 4.89 -0.03
N ALA F 333 69.00 3.65 -0.50
CA ALA F 333 69.94 2.61 -0.05
C ALA F 333 71.37 3.09 -0.35
N ASP F 334 72.33 2.67 0.45
CA ASP F 334 73.75 3.10 0.37
C ASP F 334 73.86 4.46 1.08
N GLU F 335 72.78 4.94 1.74
CA GLU F 335 72.82 6.25 2.48
CA GLU F 335 72.83 6.24 2.49
C GLU F 335 72.13 6.20 3.86
N LEU F 336 72.80 6.85 4.84
CA LEU F 336 72.31 6.88 6.25
CA LEU F 336 72.31 6.89 6.26
C LEU F 336 71.26 7.98 6.49
N ASP F 337 69.98 7.56 6.51
CA ASP F 337 68.84 8.47 6.74
C ASP F 337 68.16 8.08 8.05
N PHE F 338 68.28 8.92 9.08
CA PHE F 338 67.62 8.75 10.41
C PHE F 338 66.12 9.07 10.35
N HIS F 339 65.61 9.49 9.19
CA HIS F 339 64.24 10.05 9.03
C HIS F 339 63.34 9.13 8.19
N ARG F 340 63.83 7.96 7.75
CA ARG F 340 63.01 6.96 7.00
C ARG F 340 61.75 6.63 7.81
N GLU F 341 60.61 6.49 7.12
CA GLU F 341 59.27 6.34 7.77
CA GLU F 341 59.29 6.34 7.79
C GLU F 341 59.10 4.87 8.20
N ARG F 342 59.57 3.95 7.34
CA ARG F 342 59.59 2.47 7.55
CA ARG F 342 59.60 2.48 7.61
C ARG F 342 61.03 1.95 7.36
N ASN F 343 61.46 1.03 8.22
CA ASN F 343 62.81 0.38 8.16
C ASN F 343 62.71 -1.06 8.64
N PRO F 344 62.22 -2.00 7.80
CA PRO F 344 62.19 -3.41 8.16
C PRO F 344 63.50 -4.16 7.89
N HIS F 345 64.62 -3.64 8.43
CA HIS F 345 65.97 -4.28 8.40
C HIS F 345 65.89 -5.69 9.00
N ILE F 346 66.85 -6.54 8.66
CA ILE F 346 67.03 -7.90 9.26
C ILE F 346 68.41 -8.01 9.91
N ALA F 347 68.97 -6.91 10.43
CA ALA F 347 70.26 -6.88 11.17
C ALA F 347 70.19 -7.83 12.37
N PHE F 348 68.98 -8.16 12.83
CA PHE F 348 68.68 -9.13 13.93
C PHE F 348 68.20 -10.46 13.37
N GLY F 349 68.32 -10.66 12.05
CA GLY F 349 67.83 -11.86 11.34
C GLY F 349 66.32 -11.90 11.25
N HIS F 350 65.75 -13.09 11.05
CA HIS F 350 64.34 -13.31 10.65
C HIS F 350 63.92 -14.73 10.97
N GLY F 351 62.66 -14.92 11.35
CA GLY F 351 62.05 -16.24 11.57
C GLY F 351 62.43 -16.84 12.91
N ALA F 352 62.58 -18.16 12.95
CA ALA F 352 62.77 -18.97 14.17
C ALA F 352 63.99 -18.44 14.95
N HIS F 353 65.12 -18.21 14.29
CA HIS F 353 66.41 -17.80 14.93
CA HIS F 353 66.41 -17.80 14.93
C HIS F 353 66.60 -16.28 14.99
N HIS F 354 65.54 -15.51 14.97
CA HIS F 354 65.67 -14.04 15.10
C HIS F 354 66.30 -13.75 16.47
N CYS F 355 67.33 -12.91 16.54
CA CYS F 355 68.10 -12.66 17.78
C CYS F 355 67.19 -12.56 19.01
N ILE F 356 67.42 -13.42 19.99
CA ILE F 356 66.63 -13.44 21.28
C ILE F 356 67.00 -12.18 22.06
N GLY F 357 68.21 -11.68 21.85
CA GLY F 357 68.74 -10.50 22.56
C GLY F 357 68.52 -9.21 21.78
N ALA F 358 67.63 -9.22 20.79
CA ALA F 358 67.41 -8.11 19.82
C ALA F 358 66.94 -6.87 20.57
N GLN F 359 66.07 -7.06 21.55
CA GLN F 359 65.56 -5.99 22.45
C GLN F 359 66.70 -5.43 23.30
N LEU F 360 67.46 -6.30 23.97
CA LEU F 360 68.60 -5.92 24.85
C LEU F 360 69.72 -5.28 24.03
N GLY F 361 69.96 -5.73 22.80
CA GLY F 361 70.89 -5.07 21.87
C GLY F 361 70.45 -3.65 21.52
N ARG F 362 69.13 -3.44 21.37
CA ARG F 362 68.52 -2.11 21.09
C ARG F 362 68.64 -1.19 22.32
N LEU F 363 68.43 -1.71 23.53
CA LEU F 363 68.58 -0.95 24.81
C LEU F 363 70.03 -0.53 25.06
N GLU F 364 71.00 -1.43 24.81
CA GLU F 364 72.45 -1.14 25.02
CA GLU F 364 72.44 -1.14 25.02
C GLU F 364 72.81 0.08 24.17
N LEU F 365 72.61 -0.01 22.85
CA LEU F 365 73.04 1.01 21.84
C LEU F 365 72.29 2.35 22.06
N GLN F 366 70.99 2.32 22.34
CA GLN F 366 70.15 3.53 22.59
C GLN F 366 70.72 4.33 23.75
N GLU F 367 70.97 3.68 24.88
CA GLU F 367 71.36 4.36 26.14
C GLU F 367 72.84 4.75 26.14
N ALA F 368 73.68 4.06 25.37
CA ALA F 368 75.11 4.45 25.19
C ALA F 368 75.19 5.73 24.37
N LEU F 369 74.50 5.80 23.23
CA LEU F 369 74.49 7.01 22.36
C LEU F 369 73.81 8.17 23.08
N SER F 370 72.72 7.92 23.80
CA SER F 370 71.95 8.98 24.49
C SER F 370 72.89 9.72 25.45
N ALA F 371 73.60 8.98 26.31
CA ALA F 371 74.51 9.56 27.32
C ALA F 371 75.64 10.31 26.63
N LEU F 372 76.23 9.72 25.59
CA LEU F 372 77.34 10.39 24.87
C LEU F 372 76.83 11.72 24.32
N VAL F 373 75.67 11.70 23.67
CA VAL F 373 75.08 12.94 23.07
C VAL F 373 75.02 14.01 24.15
N ARG F 374 74.46 13.68 25.31
CA ARG F 374 74.28 14.67 26.43
CA ARG F 374 74.29 14.67 26.42
C ARG F 374 75.64 15.03 27.05
N ARG F 375 76.39 14.05 27.52
CA ARG F 375 77.61 14.34 28.33
C ARG F 375 78.71 14.92 27.45
N PHE F 376 78.82 14.49 26.19
CA PHE F 376 79.95 14.90 25.32
C PHE F 376 79.47 15.27 23.92
N PRO F 377 78.78 16.41 23.71
CA PRO F 377 78.40 16.83 22.36
C PRO F 377 79.63 17.09 21.49
N THR F 378 80.73 17.53 22.10
CA THR F 378 82.00 17.89 21.41
C THR F 378 82.90 16.66 21.24
N LEU F 379 82.39 15.56 20.69
CA LEU F 379 83.18 14.30 20.61
C LEU F 379 83.64 14.09 19.16
N ASP F 380 84.92 13.80 18.97
CA ASP F 380 85.47 13.48 17.62
C ASP F 380 86.69 12.56 17.78
N LEU F 381 87.11 11.92 16.67
CA LEU F 381 88.28 11.01 16.65
C LEU F 381 89.54 11.79 17.04
N ALA F 382 90.43 11.13 17.81
CA ALA F 382 91.79 11.61 18.15
C ALA F 382 92.84 10.68 17.53
N GLU F 383 92.50 10.02 16.41
CA GLU F 383 93.41 9.20 15.57
CA GLU F 383 93.49 9.35 15.52
C GLU F 383 92.90 9.23 14.12
N PRO F 384 93.75 8.96 13.09
CA PRO F 384 93.32 9.01 11.69
C PRO F 384 92.49 7.80 11.21
N VAL F 385 91.51 8.06 10.34
CA VAL F 385 90.57 7.06 9.75
C VAL F 385 91.36 5.93 9.07
N ALA F 386 92.57 6.21 8.57
CA ALA F 386 93.48 5.22 7.93
C ALA F 386 94.30 4.48 8.99
N GLY F 387 94.53 5.12 10.14
CA GLY F 387 95.29 4.55 11.28
C GLY F 387 94.46 3.67 12.19
N LEU F 388 93.12 3.66 12.01
CA LEU F 388 92.14 2.88 12.82
C LEU F 388 92.45 1.38 12.69
N LYS F 389 92.54 0.68 13.82
CA LYS F 389 92.90 -0.76 13.87
CA LYS F 389 92.91 -0.76 13.89
C LYS F 389 91.63 -1.59 14.07
N TRP F 390 91.12 -2.15 12.95
CA TRP F 390 89.91 -3.02 12.85
C TRP F 390 90.30 -4.48 13.06
N LYS F 391 89.42 -5.28 13.67
CA LYS F 391 89.67 -6.71 14.00
C LYS F 391 89.71 -7.51 12.69
N GLN F 392 90.84 -8.17 12.41
CA GLN F 392 91.15 -8.73 11.02
CA GLN F 392 91.16 -8.74 11.03
C GLN F 392 90.53 -10.12 10.71
N GLY F 393 90.68 -11.12 11.58
CA GLY F 393 90.37 -12.49 11.11
C GLY F 393 89.08 -13.02 11.70
N MET F 394 88.12 -12.16 12.02
CA MET F 394 86.92 -12.58 12.79
C MET F 394 85.67 -12.55 11.92
N LEU F 395 84.66 -13.37 12.30
CA LEU F 395 83.32 -13.46 11.64
C LEU F 395 82.49 -12.19 11.84
N ILE F 396 82.92 -11.26 12.70
CA ILE F 396 82.24 -9.94 12.87
C ILE F 396 83.27 -8.80 12.75
N ARG F 397 82.79 -7.60 12.45
CA ARG F 397 83.61 -6.38 12.25
C ARG F 397 83.52 -5.51 13.51
N GLY F 398 84.67 -5.02 13.95
CA GLY F 398 84.76 -4.06 15.07
C GLY F 398 86.16 -3.49 15.23
N LEU F 399 86.24 -2.37 15.95
CA LEU F 399 87.50 -1.64 16.24
C LEU F 399 88.12 -2.22 17.51
N GLU F 400 89.33 -2.81 17.36
CA GLU F 400 90.22 -3.19 18.49
C GLU F 400 90.25 -2.02 19.49
N ARG F 401 90.49 -0.80 18.98
CA ARG F 401 90.55 0.45 19.79
CA ARG F 401 90.58 0.45 19.78
C ARG F 401 90.05 1.63 18.95
N GLN F 402 89.31 2.54 19.60
CA GLN F 402 88.70 3.76 19.00
C GLN F 402 88.91 4.93 19.96
N ILE F 403 89.96 5.74 19.73
CA ILE F 403 90.41 6.84 20.64
C ILE F 403 89.62 8.11 20.26
N VAL F 404 89.20 8.90 21.25
CA VAL F 404 88.34 10.12 21.07
C VAL F 404 88.80 11.25 21.99
N SER F 405 88.37 12.48 21.68
CA SER F 405 88.58 13.74 22.45
C SER F 405 87.22 14.35 22.79
N TRP F 406 87.18 15.38 23.64
CA TRP F 406 85.97 16.21 23.90
C TRP F 406 86.33 17.52 24.62
CHA HEM G . -67.33 28.92 -11.72
CHB HEM G . -65.44 29.44 -16.10
CHC HEM G . -67.87 25.38 -17.41
CHD HEM G . -70.38 25.72 -13.38
C1A HEM G . -66.57 29.36 -12.74
C2A HEM G . -65.61 30.38 -12.56
C3A HEM G . -65.07 30.53 -13.81
C4A HEM G . -65.71 29.65 -14.74
CMA HEM G . -64.00 31.52 -14.12
CAA HEM G . -65.23 31.09 -11.25
CBA HEM G . -66.16 32.18 -10.65
CGA HEM G . -65.68 32.96 -9.41
O1A HEM G . -65.08 32.47 -8.41
O2A HEM G . -65.93 34.20 -9.36
C1B HEM G . -65.92 28.35 -16.86
C2B HEM G . -65.48 27.98 -18.16
C3B HEM G . -66.18 26.84 -18.52
C4B HEM G . -67.02 26.49 -17.40
CMB HEM G . -64.48 28.75 -18.94
CAB HEM G . -66.21 25.98 -19.69
CBB HEM G . -65.48 26.22 -20.74
C1C HEM G . -68.79 25.08 -16.43
C2C HEM G . -69.73 24.03 -16.40
C3C HEM G . -70.46 24.16 -15.22
C4C HEM G . -69.94 25.30 -14.59
CMC HEM G . -69.88 22.98 -17.46
CAC HEM G . -71.50 23.31 -14.60
CBC HEM G . -71.74 22.08 -15.00
C1D HEM G . -69.65 26.64 -12.72
C2D HEM G . -70.12 26.87 -11.36
C3D HEM G . -69.29 27.73 -10.84
C4D HEM G . -68.32 27.99 -11.96
CMD HEM G . -71.29 26.29 -10.61
CAD HEM G . -69.42 28.30 -9.43
CBD HEM G . -69.03 27.36 -8.31
CGD HEM G . -68.81 27.99 -6.95
O1D HEM G . -69.33 29.09 -6.62
O2D HEM G . -68.10 27.35 -6.11
NA HEM G . -66.63 28.93 -14.06
NB HEM G . -66.79 27.43 -16.52
NC HEM G . -68.93 25.83 -15.34
ND HEM G . -68.45 27.16 -13.06
FE HEM G . -67.73 27.39 -14.71
C1 DEB H . -72.21 36.16 -12.06
C2 DEB H . -73.72 35.80 -12.18
C3 DEB H . -74.03 34.37 -11.70
C4 DEB H . -74.21 33.37 -12.86
C5 DEB H . -74.09 31.91 -12.38
C6 DEB H . -72.65 31.42 -12.32
C7 DEB H . -72.13 31.00 -13.71
C8 DEB H . -70.65 30.57 -13.72
C9 DEB H . -69.74 31.62 -13.11
C10 DEB H . -69.29 32.80 -13.94
C11 DEB H . -69.68 34.09 -13.21
C12 DEB H . -69.51 35.37 -14.04
C13 DEB H . -70.17 36.51 -13.28
C14 DEB H . -69.93 37.86 -13.91
C15 DEB H . -69.80 38.94 -12.89
O16 DEB H . -71.61 36.25 -13.25
O17 DEB H . -71.64 36.40 -11.03
C18 DEB H . -74.57 36.85 -11.49
O19 DEB H . -75.18 34.31 -10.82
C20 DEB H . -75.51 33.65 -13.62
O21 DEB H . -74.86 31.00 -13.17
C22 DEB H . -72.46 30.32 -11.30
C23 DEB H . -70.22 30.16 -15.10
O24 DEB H . -69.45 31.59 -11.94
C25 DEB H . -67.80 32.76 -14.22
O26 DEB H . -68.98 34.23 -11.98
C27 DEB H . -70.07 35.25 -15.46
C FMT I . -82.06 29.89 -40.90
O1 FMT I . -82.29 31.04 -40.60
O2 FMT I . -82.88 28.89 -40.67
C FMT J . -50.87 24.97 -10.62
O1 FMT J . -51.70 25.58 -9.99
O2 FMT J . -50.99 24.60 -11.85
C FMT K . -57.22 24.05 -13.25
O1 FMT K . -58.25 24.69 -13.39
O2 FMT K . -56.02 24.52 -12.98
CHA HEM L . 33.79 -23.88 16.32
CHB HEM L . 31.91 -26.00 20.16
CHC HEM L . 34.75 -29.83 19.43
CHD HEM L . 37.05 -27.41 16.04
C1A HEM L . 32.99 -24.13 17.39
C2A HEM L . 31.95 -23.26 17.86
C3A HEM L . 31.45 -23.90 18.93
C4A HEM L . 32.16 -25.10 19.15
CMA HEM L . 30.30 -23.40 19.80
CAA HEM L . 31.35 -21.95 17.37
CBA HEM L . 32.26 -20.90 16.79
CGA HEM L . 31.55 -19.59 16.51
O1A HEM L . 30.77 -19.50 15.56
O2A HEM L . 31.75 -18.58 17.23
C1B HEM L . 32.53 -27.26 20.29
C2B HEM L . 32.17 -28.22 21.27
C3B HEM L . 32.98 -29.30 21.07
C4B HEM L . 33.81 -28.96 19.92
CMB HEM L . 31.11 -28.02 22.30
CAB HEM L . 33.12 -30.61 21.71
CBB HEM L . 32.34 -31.03 22.68
C1C HEM L . 35.62 -29.51 18.43
C2C HEM L . 36.57 -30.39 17.93
C3C HEM L . 37.24 -29.69 16.96
C4C HEM L . 36.67 -28.40 16.90
CMC HEM L . 36.78 -31.82 18.41
CAC HEM L . 38.34 -30.19 16.11
CBC HEM L . 38.78 -31.44 16.15
C1D HEM L . 36.32 -26.26 15.86
C2D HEM L . 36.71 -25.30 14.84
C3D HEM L . 35.81 -24.32 14.91
C4D HEM L . 34.87 -24.69 15.97
CMD HEM L . 37.89 -25.36 13.93
CAD HEM L . 35.81 -23.09 14.04
CBD HEM L . 35.19 -23.49 12.70
CGD HEM L . 35.09 -22.35 11.67
O1D HEM L . 35.57 -21.23 11.95
O2D HEM L . 34.52 -22.52 10.55
NA HEM L . 33.09 -25.25 18.19
NB HEM L . 33.49 -27.75 19.52
NC HEM L . 35.68 -28.34 17.81
ND HEM L . 35.21 -25.88 16.50
FE HEM L . 34.32 -26.80 17.90
C1 DEB M . 38.07 -17.69 20.39
C2 DEB M . 39.59 -17.99 20.37
C3 DEB M . 39.97 -19.01 19.29
C4 DEB M . 40.27 -20.45 19.74
C5 DEB M . 40.18 -21.43 18.55
C6 DEB M . 38.78 -21.93 18.23
C7 DEB M . 38.33 -23.04 19.18
C8 DEB M . 36.89 -23.49 18.98
C9 DEB M . 35.99 -22.29 18.93
C10 DEB M . 35.59 -21.66 20.24
C11 DEB M . 35.95 -20.18 20.25
C12 DEB M . 35.54 -19.50 21.56
C13 DEB M . 36.03 -18.07 21.60
C14 DEB M . 35.60 -17.34 22.86
C15 DEB M . 35.05 -15.98 22.59
O16 DEB M . 37.48 -18.12 21.52
O17 DEB M . 37.49 -17.08 19.52
C18 DEB M . 40.33 -16.66 20.20
O19 DEB M . 41.11 -18.52 18.55
C20 DEB M . 41.63 -20.54 20.44
O21 DEB M . 41.00 -22.58 18.73
C22 DEB M . 38.66 -22.36 16.78
C23 DEB M . 36.45 -24.48 20.05
O24 DEB M . 35.61 -21.77 17.90
C25 DEB M . 34.11 -21.88 20.40
O26 DEB M . 35.35 -19.46 19.17
C27 DEB M . 35.98 -20.31 22.78
CHA HEM N . 17.06 21.68 32.54
CHB HEM N . 19.08 21.75 28.12
CHC HEM N . 16.47 17.83 27.01
CHD HEM N . 14.16 18.20 31.13
C1A HEM N . 17.86 22.00 31.46
C2A HEM N . 18.86 23.00 31.52
C3A HEM N . 19.43 23.01 30.27
C4A HEM N . 18.78 22.07 29.45
CMA HEM N . 20.57 23.87 29.82
CAA HEM N . 19.22 23.75 32.79
CBA HEM N . 19.35 25.28 32.76
CGA HEM N . 19.30 25.91 34.15
O1A HEM N . 19.72 25.33 35.17
O2A HEM N . 18.84 27.07 34.25
C1B HEM N . 18.51 20.66 27.44
C2B HEM N . 18.87 20.26 26.13
C3B HEM N . 18.12 19.16 25.82
C4B HEM N . 17.32 18.90 27.01
CMB HEM N . 19.87 20.95 25.25
CAB HEM N . 18.04 18.25 24.65
CBB HEM N . 18.89 18.28 23.67
C1C HEM N . 15.64 17.57 28.02
C2C HEM N . 14.73 16.49 28.04
C3C HEM N . 14.05 16.63 29.25
C4C HEM N . 14.58 17.77 29.92
CMC HEM N . 14.58 15.45 26.94
CAC HEM N . 13.02 15.82 29.88
CBC HEM N . 12.72 14.63 29.42
C1D HEM N . 14.79 19.19 31.82
C2D HEM N . 14.32 19.56 33.15
C3D HEM N . 15.12 20.53 33.58
C4D HEM N . 16.08 20.73 32.48
CMD HEM N . 13.16 18.97 33.92
CAD HEM N . 14.96 21.21 34.94
CBD HEM N . 16.03 20.73 35.88
CGD HEM N . 15.87 21.20 37.32
O1D HEM N . 15.47 22.35 37.66
O2D HEM N . 16.20 20.41 38.22
NA HEM N . 17.83 21.46 30.21
NB HEM N . 17.60 19.82 27.91
NC HEM N . 15.56 18.30 29.15
ND HEM N . 15.84 19.92 31.45
FE HEM N . 16.76 19.87 29.80
C1 DEB O . 12.51 29.14 31.62
C2 DEB O . 11.03 28.76 31.46
C3 DEB O . 10.73 27.33 32.00
C4 DEB O . 10.50 26.27 30.91
C5 DEB O . 10.53 24.83 31.50
C6 DEB O . 11.92 24.21 31.67
C7 DEB O . 12.53 23.73 30.34
C8 DEB O . 13.98 23.25 30.42
C9 DEB O . 14.90 24.37 30.90
C10 DEB O . 15.25 25.46 29.92
C11 DEB O . 14.89 26.82 30.56
C12 DEB O . 15.14 28.04 29.68
C13 DEB O . 14.58 29.30 30.37
C14 DEB O . 14.97 30.59 29.70
C15 DEB O . 15.46 31.64 30.67
O16 DEB O . 13.12 29.23 30.42
O17 DEB O . 13.05 29.33 32.67
C18 DEB O . 10.22 29.87 32.11
O19 DEB O . 9.59 27.27 32.87
C20 DEB O . 9.23 26.55 30.11
O21 DEB O . 9.75 23.93 30.72
C22 DEB O . 11.90 23.07 32.68
C23 DEB O . 14.46 22.71 29.09
O24 DEB O . 15.31 24.41 32.05
C25 DEB O . 16.71 25.35 29.50
O26 DEB O . 15.58 27.04 31.79
C27 DEB O . 14.59 27.82 28.26
C FMT P . 36.38 2.28 8.85
O1 FMT P . 36.47 1.59 7.85
O2 FMT P . 35.61 1.99 9.86
CHA HEM Q . -49.27 -15.07 -29.93
CHB HEM Q . -51.20 -17.42 -26.20
CHC HEM Q . -48.26 -21.12 -27.16
CHD HEM Q . -45.93 -18.49 -30.40
C1A HEM Q . -50.06 -15.41 -28.87
C2A HEM Q . -51.15 -14.63 -28.39
C3A HEM Q . -51.69 -15.29 -27.36
C4A HEM Q . -50.94 -16.46 -27.17
CMA HEM Q . -52.86 -14.87 -26.51
CAA HEM Q . -51.70 -13.36 -29.00
CBA HEM Q . -51.03 -12.05 -28.63
CGA HEM Q . -51.74 -10.88 -29.25
O1A HEM Q . -51.76 -10.73 -30.49
O2A HEM Q . -52.28 -10.04 -28.49
C1B HEM Q . -50.54 -18.64 -26.17
C2B HEM Q . -50.85 -19.65 -25.23
C3B HEM Q . -50.01 -20.68 -25.49
C4B HEM Q . -49.22 -20.27 -26.64
CMB HEM Q . -51.88 -19.58 -24.15
CAB HEM Q . -49.89 -22.01 -24.89
CBB HEM Q . -50.78 -22.46 -24.02
C1C HEM Q . -47.37 -20.76 -28.12
C2C HEM Q . -46.38 -21.59 -28.61
C3C HEM Q . -45.69 -20.81 -29.54
C4C HEM Q . -46.30 -19.53 -29.59
CMC HEM Q . -46.16 -23.03 -28.16
CAC HEM Q . -44.59 -21.19 -30.43
CBC HEM Q . -44.26 -22.47 -30.62
C1D HEM Q . -46.69 -17.34 -30.49
C2D HEM Q . -46.31 -16.28 -31.42
C3D HEM Q . -47.24 -15.34 -31.32
C4D HEM Q . -48.19 -15.82 -30.32
CMD HEM Q . -45.12 -16.24 -32.34
CAD HEM Q . -47.22 -14.06 -32.08
CBD HEM Q . -48.31 -14.05 -33.13
CGD HEM Q . -47.91 -13.08 -34.24
O1D HEM Q . -47.08 -12.16 -34.03
O2D HEM Q . -48.40 -13.20 -35.39
NA HEM Q . -49.96 -16.54 -28.11
NB HEM Q . -49.58 -19.07 -27.00
NC HEM Q . -47.32 -19.55 -28.70
ND HEM Q . -47.82 -17.02 -29.87
FE HEM Q . -48.72 -18.04 -28.57
C1 DEB R . -45.29 -8.86 -25.39
C2 DEB R . -43.75 -9.06 -25.46
C3 DEB R . -43.30 -9.96 -26.64
C4 DEB R . -42.94 -11.41 -26.26
C5 DEB R . -42.88 -12.32 -27.51
C6 DEB R . -44.23 -12.97 -27.89
C7 DEB R . -44.73 -14.07 -26.94
C8 DEB R . -46.11 -14.64 -27.30
C9 DEB R . -47.13 -13.53 -27.32
C10 DEB R . -47.71 -13.08 -26.00
C11 DEB R . -47.35 -11.60 -25.82
C12 DEB R . -47.92 -10.97 -24.54
C13 DEB R . -47.39 -9.53 -24.40
C14 DEB R . -47.88 -8.85 -23.14
C15 DEB R . -48.07 -7.37 -23.32
O16 DEB R . -45.93 -9.56 -24.42
O17 DEB R . -45.89 -8.10 -26.10
C18 DEB R . -43.05 -7.69 -25.53
O19 DEB R . -42.20 -9.36 -27.36
C20 DEB R . -41.64 -11.48 -25.44
O21 DEB R . -41.90 -13.33 -27.38
C22 DEB R . -44.17 -13.47 -29.33
C23 DEB R . -46.55 -15.74 -26.35
O24 DEB R . -47.44 -12.95 -28.36
C25 DEB R . -49.21 -13.36 -25.93
O26 DEB R . -47.77 -10.84 -26.96
C27 DEB R . -47.64 -11.81 -23.30
C FMT S . -33.28 -21.63 -11.91
O1 FMT S . -34.27 -21.00 -11.59
O2 FMT S . -32.08 -21.39 -11.47
CHA HEM T . -14.40 -4.78 -25.02
CHB HEM T . -13.77 -0.08 -24.28
CHC HEM T . -14.07 -0.87 -19.46
CHD HEM T . -13.67 -5.60 -20.35
C1A HEM T . -14.29 -3.44 -25.21
C2A HEM T . -14.32 -2.86 -26.49
C3A HEM T . -14.13 -1.54 -26.28
C4A HEM T . -13.96 -1.30 -24.88
CMA HEM T . -14.09 -0.51 -27.39
CAA HEM T . -14.56 -3.54 -27.85
CBA HEM T . -13.39 -4.35 -28.44
CGA HEM T . -13.48 -4.54 -29.95
O1A HEM T . -14.54 -5.03 -30.41
O2A HEM T . -12.48 -4.24 -30.70
C1B HEM T . -13.81 0.11 -22.89
C2B HEM T . -13.75 1.41 -22.31
C3B HEM T . -13.85 1.24 -20.95
C4B HEM T . -13.96 -0.22 -20.70
CMB HEM T . -13.62 2.74 -23.02
CAB HEM T . -13.80 2.40 -20.05
CBB HEM T . -13.74 2.32 -18.72
C1C HEM T . -14.00 -2.26 -19.26
C2C HEM T . -14.06 -2.94 -18.02
C3C HEM T . -13.93 -4.29 -18.27
C4C HEM T . -13.80 -4.41 -19.68
CMC HEM T . -14.23 -2.30 -16.68
CAC HEM T . -13.96 -5.45 -17.35
CBC HEM T . -14.22 -5.42 -16.04
C1D HEM T . -13.84 -5.73 -21.70
C2D HEM T . -13.84 -7.07 -22.34
C3D HEM T . -14.05 -6.82 -23.66
C4D HEM T . -14.20 -5.36 -23.79
CMD HEM T . -13.64 -8.43 -21.69
CAD HEM T . -14.15 -7.83 -24.79
CBD HEM T . -15.56 -8.39 -24.76
CGD HEM T . -15.83 -9.33 -25.92
O1D HEM T . -14.97 -9.49 -26.84
O2D HEM T . -16.95 -9.91 -25.90
NA HEM T . -14.07 -2.49 -24.23
NB HEM T . -13.94 -0.80 -21.91
NC HEM T . -13.85 -3.18 -20.24
ND HEM T . -14.07 -4.74 -22.59
FE HEM T . -14.11 -2.87 -22.27
C1 DEB U . -6.43 -5.97 -28.20
C2 DEB U . -5.65 -6.64 -27.06
C3 DEB U . -6.58 -7.43 -26.12
C4 DEB U . -6.68 -6.89 -24.68
C5 DEB U . -7.90 -7.45 -23.91
C6 DEB U . -9.25 -6.77 -24.20
C7 DEB U . -9.43 -5.41 -23.50
C8 DEB U . -10.67 -4.60 -23.92
C9 DEB U . -10.70 -4.46 -25.43
C10 DEB U . -9.84 -3.39 -26.06
C11 DEB U . -9.03 -4.02 -27.18
C12 DEB U . -8.08 -3.05 -27.90
C13 DEB U . -7.21 -3.79 -28.91
C14 DEB U . -6.38 -2.85 -29.77
C15 DEB U . -5.98 -3.43 -31.10
O16 DEB U . -6.29 -4.64 -28.17
O17 DEB U . -7.07 -6.58 -29.02
C18 DEB U . -4.50 -7.48 -27.63
O19 DEB U . -6.16 -8.81 -26.11
C20 DEB U . -5.37 -7.15 -23.91
O21 DEB U . -7.74 -7.36 -22.50
C22 DEB U . -10.41 -7.71 -23.87
C23 DEB U . -10.71 -3.25 -23.23
O24 DEB U . -11.33 -5.24 -26.15
C25 DEB U . -10.73 -2.23 -26.55
O26 DEB U . -9.91 -4.60 -28.14
C27 DEB U . -7.25 -2.24 -26.91
C FMT V . 10.09 -19.12 -17.80
O1 FMT V . 9.11 -18.59 -17.33
O2 FMT V . 11.26 -19.27 -17.20
CHA HEM W . 70.97 -14.55 16.79
CHB HEM W . 72.47 -10.12 15.54
CHC HEM W . 72.64 -8.91 20.31
CHD HEM W . 72.02 -13.59 21.43
C1A HEM W . 71.30 -13.43 16.05
C2A HEM W . 71.26 -13.37 14.64
C3A HEM W . 71.69 -12.12 14.29
C4A HEM W . 72.02 -11.43 15.47
CMA HEM W . 71.79 -11.58 12.90
CAA HEM W . 70.77 -14.47 13.69
CBA HEM W . 71.91 -15.17 12.93
CGA HEM W . 71.44 -16.34 12.08
O1A HEM W . 70.26 -16.77 12.20
O2A HEM W . 72.30 -16.84 11.29
C1B HEM W . 72.62 -9.41 16.76
C2B HEM W . 72.95 -8.03 16.82
C3B HEM W . 73.01 -7.66 18.14
C4B HEM W . 72.66 -8.89 18.91
CMB HEM W . 73.18 -7.15 15.61
CAB HEM W . 73.31 -6.36 18.80
CBB HEM W . 73.61 -5.24 18.14
C1C HEM W . 72.51 -10.07 21.05
C2C HEM W . 72.50 -10.17 22.44
C3C HEM W . 72.34 -11.52 22.75
C4C HEM W . 72.24 -12.22 21.54
CMC HEM W . 72.65 -9.00 23.38
CAC HEM W . 72.21 -12.18 24.07
CBC HEM W . 72.05 -11.55 25.21
C1D HEM W . 71.67 -14.21 20.23
C2D HEM W . 71.31 -15.62 20.18
C3D HEM W . 71.02 -15.90 18.89
C4D HEM W . 71.18 -14.63 18.17
CMD HEM W . 71.27 -16.61 21.32
CAD HEM W . 70.60 -17.24 18.34
CBD HEM W . 69.08 -17.42 18.38
CGD HEM W . 68.65 -18.75 17.78
O1D HEM W . 69.48 -19.47 17.16
O2D HEM W . 67.45 -19.13 17.91
NA HEM W . 71.77 -12.23 16.56
NB HEM W . 72.45 -9.87 18.02
NC HEM W . 72.34 -11.31 20.51
ND HEM W . 71.58 -13.64 19.01
FE HEM W . 71.94 -11.84 18.52
C1 DEB X . 78.11 -18.44 13.71
C2 DEB X . 78.98 -18.98 14.86
C3 DEB X . 78.13 -19.03 16.14
C4 DEB X . 78.57 -17.99 17.17
C5 DEB X . 77.53 -17.84 18.30
C6 DEB X . 76.29 -17.02 17.92
C7 DEB X . 76.48 -15.49 18.03
C8 DEB X . 75.31 -14.64 17.52
C9 DEB X . 74.92 -15.03 16.10
C10 DEB X . 75.70 -14.47 14.94
C11 DEB X . 76.17 -15.62 14.03
C12 DEB X . 77.25 -15.24 13.01
C13 DEB X . 77.73 -16.52 12.33
C14 DEB X . 78.54 -16.29 11.06
C15 DEB X . 78.90 -17.57 10.38
O16 DEB X . 78.56 -17.23 13.28
O17 DEB X . 77.15 -19.01 13.28
C18 DEB X . 79.59 -20.33 14.51
O19 DEB X . 78.18 -20.33 16.74
C20 DEB X . 79.97 -18.32 17.68
O21 DEB X . 78.12 -17.32 19.50
C22 DEB X . 75.06 -17.48 18.69
C23 DEB X . 75.59 -13.15 17.63
O24 DEB X . 74.02 -15.81 15.88
C25 DEB X . 74.84 -13.48 14.18
O26 DEB X . 75.06 -16.21 13.34
C27 DEB X . 78.40 -14.44 13.63
#